data_6HUF
#
_entry.id   6HUF
#
_cell.length_a   130.420
_cell.length_b   132.410
_cell.length_c   230.590
_cell.angle_alpha   90.00
_cell.angle_beta   103.57
_cell.angle_gamma   90.00
#
_symmetry.space_group_name_H-M   'C 1 2 1'
#
loop_
_entity.id
_entity.type
_entity.pdbx_description
1 polymer 'Ras-related protein Rab-27A'
2 non-polymer 'MAGNESIUM ION'
3 non-polymer 'PHOSPHOAMINOPHOSPHONIC ACID-GUANYLATE ESTER'
4 water water
#
_entity_poly.entity_id   1
_entity_poly.type   'polypeptide(L)'
_entity_poly.pdbx_seq_one_letter_code
;GSDGDYDYLIKFLALGDSGVGKTSVLYQYTDGKFNSKFITTVGIDFREKTIYRNDKRIKLQLWDTAGLERFRSLTTAFFR
DAMGFLLLFDLTNEESFLNVRNWISQLKTHAYSENPDIVLCGNKSDLEDERVVAAAEARQLAEHYGIPYFETSAANGTNI
SQAIEMLLDLIMKRMERSVDKS
;
_entity_poly.pdbx_strand_id   A,O,N,B,E,C,K,M,D,P,F,J,G,I,H,L
#
# COMPACT_ATOMS: atom_id res chain seq x y z
N TYR A 8 -85.50 12.11 4.86
CA TYR A 8 -84.77 12.28 3.56
C TYR A 8 -83.29 12.58 3.81
N LEU A 9 -82.84 12.50 5.07
CA LEU A 9 -81.53 11.91 5.45
C LEU A 9 -81.62 10.42 5.12
N ILE A 10 -80.76 9.93 4.23
CA ILE A 10 -80.71 8.48 3.87
C ILE A 10 -79.36 7.94 4.33
N LYS A 11 -79.38 6.88 5.15
CA LYS A 11 -78.19 6.21 5.71
C LYS A 11 -78.10 4.79 5.16
N PHE A 12 -76.95 4.42 4.60
CA PHE A 12 -76.58 3.02 4.35
C PHE A 12 -75.12 2.78 4.76
N LEU A 13 -74.74 1.52 4.80
CA LEU A 13 -73.46 1.03 5.38
C LEU A 13 -72.71 0.24 4.32
N ALA A 14 -71.43 0.56 4.09
CA ALA A 14 -70.51 -0.18 3.20
C ALA A 14 -69.71 -1.17 4.04
N LEU A 15 -69.68 -2.43 3.65
CA LEU A 15 -68.98 -3.47 4.43
C LEU A 15 -68.47 -4.55 3.48
N GLY A 16 -67.74 -5.50 4.03
CA GLY A 16 -66.92 -6.48 3.30
C GLY A 16 -65.61 -6.70 4.01
N ASP A 17 -64.63 -7.30 3.34
CA ASP A 17 -63.35 -7.72 3.95
C ASP A 17 -62.35 -6.57 3.85
N SER A 18 -61.26 -6.67 4.59
CA SER A 18 -60.11 -5.73 4.56
C SER A 18 -59.41 -5.87 3.20
N GLY A 19 -59.32 -4.76 2.45
CA GLY A 19 -58.56 -4.66 1.19
C GLY A 19 -59.47 -4.55 -0.02
N VAL A 20 -60.76 -4.81 0.18
CA VAL A 20 -61.81 -4.77 -0.87
C VAL A 20 -61.72 -3.42 -1.61
N GLY A 21 -61.87 -2.33 -0.86
CA GLY A 21 -61.72 -0.95 -1.35
C GLY A 21 -62.94 -0.10 -1.06
N LYS A 22 -63.60 -0.32 0.09
CA LYS A 22 -64.90 0.34 0.42
C LYS A 22 -64.64 1.77 0.91
N THR A 23 -63.42 2.10 1.32
CA THR A 23 -63.01 3.47 1.68
C THR A 23 -62.73 4.23 0.38
N SER A 24 -62.01 3.60 -0.55
CA SER A 24 -61.63 4.19 -1.86
C SER A 24 -62.89 4.41 -2.69
N VAL A 25 -63.89 3.53 -2.53
CA VAL A 25 -65.15 3.51 -3.32
C VAL A 25 -66.05 4.64 -2.85
N LEU A 26 -66.18 4.88 -1.55
CA LEU A 26 -67.06 5.97 -1.05
C LEU A 26 -66.48 7.32 -1.48
N TYR A 27 -65.15 7.45 -1.50
CA TYR A 27 -64.46 8.71 -1.86
C TYR A 27 -64.59 8.96 -3.37
N GLN A 28 -64.53 7.91 -4.21
CA GLN A 28 -64.76 8.05 -5.68
C GLN A 28 -66.15 8.64 -5.88
N TYR A 29 -67.14 8.22 -5.08
CA TYR A 29 -68.55 8.66 -5.22
C TYR A 29 -68.72 10.07 -4.64
N THR A 30 -68.40 10.27 -3.37
CA THR A 30 -68.53 11.57 -2.67
C THR A 30 -67.81 12.66 -3.49
N ASP A 31 -66.56 12.41 -3.90
CA ASP A 31 -65.60 13.45 -4.38
C ASP A 31 -65.12 13.20 -5.81
N GLY A 32 -65.55 12.13 -6.48
CA GLY A 32 -65.34 11.93 -7.93
C GLY A 32 -63.88 11.76 -8.32
N LYS A 33 -63.02 11.32 -7.40
CA LYS A 33 -61.58 11.09 -7.65
C LYS A 33 -61.12 9.92 -6.75
N PHE A 34 -59.84 9.58 -6.82
CA PHE A 34 -59.27 8.35 -6.23
C PHE A 34 -58.04 8.70 -5.39
N ASN A 35 -58.16 8.59 -4.06
CA ASN A 35 -57.00 8.56 -3.12
C ASN A 35 -56.52 7.11 -3.09
N SER A 36 -55.32 6.84 -3.59
CA SER A 36 -54.67 5.51 -3.51
C SER A 36 -54.17 5.28 -2.07
N LYS A 37 -53.91 6.35 -1.31
CA LYS A 37 -53.50 6.28 0.11
C LYS A 37 -54.75 6.01 0.98
N PHE A 38 -54.71 4.99 1.83
CA PHE A 38 -55.81 4.68 2.76
C PHE A 38 -55.24 3.76 3.84
N ILE A 39 -55.15 4.28 5.06
CA ILE A 39 -54.84 3.49 6.27
C ILE A 39 -55.93 2.40 6.32
N THR A 40 -55.56 1.15 6.63
CA THR A 40 -56.56 0.08 6.87
C THR A 40 -57.40 0.58 8.05
N THR A 41 -58.54 1.21 7.76
CA THR A 41 -59.55 1.77 8.69
C THR A 41 -59.56 1.11 10.08
N VAL A 42 -59.45 1.92 11.14
CA VAL A 42 -59.43 1.48 12.57
C VAL A 42 -60.75 1.87 13.25
N GLY A 43 -61.37 2.97 12.82
CA GLY A 43 -62.51 3.60 13.52
C GLY A 43 -63.84 3.22 12.90
N ILE A 44 -64.77 4.17 12.85
CA ILE A 44 -66.10 4.06 12.20
C ILE A 44 -66.42 5.44 11.61
N ASP A 45 -65.95 5.70 10.39
CA ASP A 45 -66.12 7.00 9.70
C ASP A 45 -67.45 6.99 8.94
N PHE A 46 -67.81 8.14 8.37
CA PHE A 46 -68.81 8.28 7.28
C PHE A 46 -68.54 9.58 6.52
N ARG A 47 -68.81 9.58 5.22
CA ARG A 47 -68.90 10.80 4.39
C ARG A 47 -70.39 11.06 4.17
N GLU A 48 -70.80 12.33 4.20
CA GLU A 48 -72.18 12.73 3.81
C GLU A 48 -72.08 13.78 2.70
N LYS A 49 -73.23 14.05 2.08
CA LYS A 49 -73.38 14.73 0.78
C LYS A 49 -74.87 14.78 0.46
N THR A 50 -75.34 15.92 -0.08
CA THR A 50 -76.75 16.16 -0.46
C THR A 50 -76.89 15.84 -1.95
N ILE A 51 -77.84 14.98 -2.32
CA ILE A 51 -78.12 14.54 -3.71
C ILE A 51 -79.59 14.87 -4.03
N TYR A 52 -79.90 15.06 -5.33
CA TYR A 52 -81.28 15.22 -5.88
C TYR A 52 -81.50 14.06 -6.86
N ARG A 53 -82.35 13.09 -6.51
CA ARG A 53 -82.63 11.87 -7.33
C ARG A 53 -84.00 12.03 -8.00
N ASN A 54 -85.09 11.67 -7.32
CA ASN A 54 -86.48 11.81 -7.79
C ASN A 54 -87.03 13.15 -7.29
N ASP A 55 -86.45 14.26 -7.78
CA ASP A 55 -86.85 15.66 -7.49
C ASP A 55 -87.13 15.82 -5.99
N LYS A 56 -86.18 15.41 -5.14
CA LYS A 56 -86.33 15.37 -3.67
C LYS A 56 -85.02 15.80 -2.98
N ARG A 57 -85.10 16.04 -1.67
CA ARG A 57 -83.95 16.33 -0.78
C ARG A 57 -83.35 15.00 -0.28
N ILE A 58 -82.11 14.69 -0.67
CA ILE A 58 -81.36 13.50 -0.15
C ILE A 58 -80.07 13.97 0.50
N LYS A 59 -80.02 14.02 1.85
CA LYS A 59 -78.76 14.01 2.64
C LYS A 59 -78.29 12.56 2.75
N LEU A 60 -77.50 12.09 1.77
CA LEU A 60 -76.96 10.71 1.73
C LEU A 60 -75.81 10.63 2.72
N GLN A 61 -75.84 9.63 3.60
CA GLN A 61 -74.86 9.41 4.68
C GLN A 61 -74.21 8.05 4.41
N LEU A 62 -72.97 8.05 3.94
CA LEU A 62 -72.20 6.86 3.49
C LEU A 62 -71.31 6.36 4.64
N TRP A 63 -71.77 5.39 5.42
CA TRP A 63 -71.04 4.86 6.61
C TRP A 63 -70.02 3.81 6.17
N ASP A 64 -68.76 4.02 6.53
CA ASP A 64 -67.61 3.12 6.25
C ASP A 64 -67.42 2.28 7.53
N THR A 65 -66.91 1.06 7.38
CA THR A 65 -66.63 0.12 8.50
C THR A 65 -65.20 -0.40 8.38
N ALA A 66 -64.69 -0.91 9.50
CA ALA A 66 -63.39 -1.61 9.58
C ALA A 66 -63.58 -3.02 9.02
N GLY A 67 -62.72 -3.39 8.06
CA GLY A 67 -62.76 -4.70 7.37
C GLY A 67 -62.38 -5.86 8.28
N LEU A 68 -61.76 -5.59 9.44
CA LEU A 68 -61.20 -6.65 10.31
C LEU A 68 -62.22 -7.06 11.36
N GLU A 69 -63.53 -6.97 11.08
CA GLU A 69 -64.58 -7.49 11.99
C GLU A 69 -65.91 -7.69 11.25
N ARG A 70 -66.69 -8.66 11.75
CA ARG A 70 -68.16 -8.78 11.60
C ARG A 70 -68.85 -8.23 12.86
N PHE A 71 -68.07 -7.73 13.84
CA PHE A 71 -68.55 -6.96 15.02
C PHE A 71 -69.30 -5.71 14.52
N ARG A 72 -68.97 -5.23 13.31
CA ARG A 72 -69.85 -4.36 12.50
C ARG A 72 -71.19 -5.09 12.38
N SER A 73 -72.31 -4.39 12.32
CA SER A 73 -73.66 -5.04 12.29
C SER A 73 -73.97 -5.65 13.66
N LEU A 74 -73.02 -5.58 14.61
CA LEU A 74 -73.23 -5.76 16.07
C LEU A 74 -73.23 -4.38 16.73
N THR A 75 -73.05 -3.31 15.92
CA THR A 75 -73.00 -1.87 16.34
C THR A 75 -74.32 -1.50 17.03
N THR A 76 -75.43 -2.13 16.63
CA THR A 76 -76.75 -2.14 17.30
C THR A 76 -77.37 -0.74 17.31
N ALA A 77 -76.66 0.24 16.72
CA ALA A 77 -77.14 1.62 16.47
C ALA A 77 -76.71 2.03 15.06
N PHE A 78 -75.41 1.97 14.77
CA PHE A 78 -74.80 2.32 13.46
C PHE A 78 -75.38 1.38 12.38
N PHE A 79 -75.31 0.06 12.60
CA PHE A 79 -75.92 -0.95 11.70
C PHE A 79 -77.45 -0.85 11.81
N ARG A 80 -77.97 -0.79 13.03
CA ARG A 80 -79.43 -0.78 13.32
C ARG A 80 -80.10 0.44 12.65
N ASP A 81 -79.41 1.58 12.62
CA ASP A 81 -79.96 2.87 12.11
C ASP A 81 -79.88 2.90 10.57
N ALA A 82 -79.03 2.07 9.96
CA ALA A 82 -78.78 2.03 8.49
C ALA A 82 -79.98 1.41 7.77
N MET A 83 -80.26 1.86 6.55
CA MET A 83 -81.50 1.56 5.77
C MET A 83 -81.19 0.61 4.63
N GLY A 84 -79.98 0.67 4.07
CA GLY A 84 -79.50 -0.26 3.03
C GLY A 84 -78.04 -0.62 3.27
N PHE A 85 -77.54 -1.65 2.59
CA PHE A 85 -76.16 -2.17 2.76
C PHE A 85 -75.51 -2.25 1.38
N LEU A 86 -74.22 -1.91 1.28
CA LEU A 86 -73.40 -1.99 0.03
C LEU A 86 -72.26 -2.99 0.24
N LEU A 87 -72.48 -4.28 -0.05
CA LEU A 87 -71.49 -5.37 0.16
C LEU A 87 -70.50 -5.33 -1.00
N LEU A 88 -69.21 -5.19 -0.72
CA LEU A 88 -68.16 -5.26 -1.74
C LEU A 88 -67.34 -6.54 -1.55
N PHE A 89 -66.63 -6.95 -2.59
CA PHE A 89 -65.48 -7.89 -2.53
C PHE A 89 -64.46 -7.50 -3.61
N ASP A 90 -63.25 -8.03 -3.49
CA ASP A 90 -62.13 -7.79 -4.44
C ASP A 90 -62.18 -8.92 -5.48
N LEU A 91 -62.19 -8.55 -6.76
CA LEU A 91 -62.20 -9.49 -7.90
C LEU A 91 -60.81 -10.12 -8.08
N THR A 92 -59.85 -9.76 -7.23
CA THR A 92 -58.46 -10.28 -7.28
C THR A 92 -58.11 -11.08 -6.01
N ASN A 93 -59.04 -11.29 -5.07
CA ASN A 93 -58.88 -12.41 -4.10
C ASN A 93 -60.21 -13.16 -3.90
N GLU A 94 -60.16 -14.49 -4.06
CA GLU A 94 -61.36 -15.39 -4.03
C GLU A 94 -61.95 -15.35 -2.62
N GLU A 95 -61.09 -15.35 -1.61
CA GLU A 95 -61.50 -15.39 -0.18
C GLU A 95 -62.61 -14.34 0.03
N SER A 96 -62.35 -13.10 -0.37
CA SER A 96 -63.30 -11.95 -0.22
C SER A 96 -64.65 -12.36 -0.80
N PHE A 97 -64.62 -12.87 -2.05
CA PHE A 97 -65.82 -13.26 -2.82
C PHE A 97 -66.57 -14.38 -2.08
N LEU A 98 -65.85 -15.40 -1.61
CA LEU A 98 -66.44 -16.60 -0.95
C LEU A 98 -67.20 -16.18 0.31
N ASN A 99 -66.76 -15.13 0.99
CA ASN A 99 -67.34 -14.65 2.27
C ASN A 99 -68.69 -13.97 2.02
N VAL A 100 -68.95 -13.54 0.79
CA VAL A 100 -70.17 -12.77 0.42
C VAL A 100 -71.40 -13.52 0.92
N ARG A 101 -71.44 -14.84 0.71
CA ARG A 101 -72.54 -15.71 1.19
C ARG A 101 -72.69 -15.47 2.70
N ASN A 102 -71.60 -15.64 3.45
CA ASN A 102 -71.58 -15.49 4.93
C ASN A 102 -72.02 -14.06 5.29
N TRP A 103 -71.62 -13.05 4.52
CA TRP A 103 -72.04 -11.63 4.73
C TRP A 103 -73.55 -11.50 4.51
N ILE A 104 -74.01 -11.84 3.29
CA ILE A 104 -75.45 -11.72 2.88
C ILE A 104 -76.27 -12.47 3.96
N SER A 105 -75.81 -13.68 4.32
CA SER A 105 -76.40 -14.52 5.38
C SER A 105 -76.60 -13.70 6.65
N GLN A 106 -75.49 -13.25 7.27
CA GLN A 106 -75.47 -12.59 8.60
C GLN A 106 -76.24 -11.27 8.55
N LEU A 107 -76.31 -10.61 7.38
CA LEU A 107 -77.13 -9.38 7.17
C LEU A 107 -78.61 -9.73 7.39
N LYS A 108 -79.12 -10.67 6.59
CA LYS A 108 -80.54 -11.13 6.62
C LYS A 108 -80.94 -11.42 8.09
N THR A 109 -80.08 -12.11 8.83
CA THR A 109 -80.37 -12.57 10.22
C THR A 109 -80.42 -11.36 11.17
N HIS A 110 -79.34 -10.59 11.24
CA HIS A 110 -79.10 -9.52 12.25
C HIS A 110 -79.78 -8.21 11.83
N ALA A 111 -80.28 -8.10 10.60
CA ALA A 111 -80.94 -6.88 10.07
C ALA A 111 -82.39 -6.80 10.56
N TYR A 112 -83.05 -5.67 10.29
CA TYR A 112 -84.48 -5.41 10.62
C TYR A 112 -85.36 -6.34 9.77
N SER A 113 -85.51 -6.02 8.48
CA SER A 113 -86.37 -6.76 7.51
C SER A 113 -85.77 -8.13 7.20
N GLU A 114 -86.62 -9.12 6.91
CA GLU A 114 -86.21 -10.48 6.44
C GLU A 114 -85.29 -10.31 5.23
N ASN A 115 -85.74 -9.56 4.22
CA ASN A 115 -84.98 -9.21 3.00
C ASN A 115 -84.69 -7.71 3.00
N PRO A 116 -83.51 -7.28 3.50
CA PRO A 116 -83.09 -5.88 3.42
C PRO A 116 -82.44 -5.53 2.07
N ASP A 117 -82.29 -4.23 1.81
CA ASP A 117 -81.90 -3.66 0.49
C ASP A 117 -80.37 -3.69 0.38
N ILE A 118 -79.84 -4.56 -0.49
CA ILE A 118 -78.39 -4.83 -0.65
C ILE A 118 -78.00 -4.63 -2.11
N VAL A 119 -76.80 -4.07 -2.35
CA VAL A 119 -76.17 -4.02 -3.70
C VAL A 119 -74.75 -4.57 -3.61
N LEU A 120 -74.44 -5.64 -4.34
CA LEU A 120 -73.12 -6.30 -4.32
C LEU A 120 -72.23 -5.64 -5.37
N CYS A 121 -71.05 -5.17 -4.99
CA CYS A 121 -70.02 -4.64 -5.93
C CYS A 121 -68.78 -5.53 -5.91
N GLY A 122 -68.30 -5.94 -7.08
CA GLY A 122 -66.99 -6.58 -7.27
C GLY A 122 -65.98 -5.53 -7.66
N ASN A 123 -65.14 -5.11 -6.73
CA ASN A 123 -64.28 -3.91 -6.93
C ASN A 123 -62.95 -4.31 -7.58
N LYS A 124 -62.13 -3.31 -7.90
CA LYS A 124 -60.74 -3.47 -8.39
C LYS A 124 -60.79 -4.15 -9.77
N SER A 125 -61.78 -3.80 -10.58
CA SER A 125 -62.02 -4.39 -11.92
C SER A 125 -60.92 -3.95 -12.89
N ASP A 126 -60.31 -2.78 -12.63
CA ASP A 126 -59.17 -2.23 -13.42
C ASP A 126 -58.00 -3.22 -13.37
N LEU A 127 -57.82 -3.91 -12.25
CA LEU A 127 -56.75 -4.93 -12.07
C LEU A 127 -57.10 -6.16 -12.93
N GLU A 128 -57.19 -5.95 -14.24
CA GLU A 128 -57.60 -6.99 -15.24
C GLU A 128 -56.61 -8.16 -15.11
N ASP A 129 -55.31 -7.86 -14.94
CA ASP A 129 -54.20 -8.84 -14.94
C ASP A 129 -54.26 -9.76 -13.72
N GLU A 130 -54.97 -9.38 -12.65
CA GLU A 130 -55.00 -10.14 -11.37
C GLU A 130 -56.41 -10.64 -11.09
N ARG A 131 -57.31 -10.55 -12.06
CA ARG A 131 -58.72 -11.00 -11.90
C ARG A 131 -58.72 -12.50 -11.60
N VAL A 132 -59.52 -12.92 -10.62
CA VAL A 132 -59.56 -14.30 -10.09
C VAL A 132 -61.01 -14.78 -10.03
N VAL A 133 -61.93 -13.90 -9.64
CA VAL A 133 -63.40 -14.18 -9.69
C VAL A 133 -63.86 -14.01 -11.14
N ALA A 134 -64.52 -15.04 -11.67
CA ALA A 134 -65.14 -15.05 -13.02
C ALA A 134 -66.52 -14.39 -12.93
N ALA A 135 -66.83 -13.53 -13.91
CA ALA A 135 -67.98 -12.60 -13.90
C ALA A 135 -69.30 -13.35 -13.79
N ALA A 136 -69.44 -14.48 -14.50
CA ALA A 136 -70.68 -15.30 -14.54
C ALA A 136 -70.99 -15.78 -13.11
N GLU A 137 -70.01 -16.45 -12.51
CA GLU A 137 -70.08 -17.01 -11.14
C GLU A 137 -70.58 -15.91 -10.18
N ALA A 138 -70.05 -14.70 -10.32
CA ALA A 138 -70.46 -13.51 -9.54
C ALA A 138 -71.94 -13.22 -9.81
N ARG A 139 -72.29 -13.07 -11.09
CA ARG A 139 -73.68 -12.82 -11.54
C ARG A 139 -74.61 -13.93 -11.01
N GLN A 140 -74.17 -15.19 -11.05
CA GLN A 140 -74.94 -16.36 -10.52
C GLN A 140 -75.23 -16.12 -9.04
N LEU A 141 -74.20 -15.77 -8.26
CA LEU A 141 -74.32 -15.52 -6.78
C LEU A 141 -75.36 -14.42 -6.57
N ALA A 142 -75.36 -13.38 -7.41
CA ALA A 142 -76.35 -12.29 -7.40
C ALA A 142 -77.75 -12.86 -7.68
N GLU A 143 -77.84 -13.81 -8.61
CA GLU A 143 -79.10 -14.52 -8.97
C GLU A 143 -79.67 -15.24 -7.72
N HIS A 144 -78.94 -16.17 -7.08
CA HIS A 144 -79.46 -17.02 -5.96
C HIS A 144 -80.08 -16.12 -4.89
N TYR A 145 -79.69 -14.84 -4.80
CA TYR A 145 -80.16 -13.89 -3.76
C TYR A 145 -81.06 -12.81 -4.36
N GLY A 146 -81.04 -12.63 -5.68
CA GLY A 146 -81.86 -11.61 -6.36
C GLY A 146 -81.54 -10.22 -5.82
N ILE A 147 -80.26 -9.85 -5.90
CA ILE A 147 -79.76 -8.49 -5.58
C ILE A 147 -78.87 -8.03 -6.73
N PRO A 148 -78.88 -6.72 -7.05
CA PRO A 148 -78.13 -6.18 -8.18
C PRO A 148 -76.62 -6.35 -7.97
N TYR A 149 -75.87 -6.48 -9.06
CA TYR A 149 -74.41 -6.69 -9.05
C TYR A 149 -73.77 -5.71 -10.03
N PHE A 150 -72.66 -5.08 -9.63
CA PHE A 150 -71.84 -4.18 -10.46
C PHE A 150 -70.36 -4.52 -10.29
N GLU A 151 -69.62 -4.54 -11.40
CA GLU A 151 -68.14 -4.67 -11.42
C GLU A 151 -67.57 -3.25 -11.41
N THR A 152 -67.07 -2.84 -10.24
CA THR A 152 -66.70 -1.44 -9.94
C THR A 152 -65.17 -1.32 -9.96
N SER A 153 -64.72 -0.08 -10.08
CA SER A 153 -63.32 0.37 -9.83
C SER A 153 -63.37 1.77 -9.22
N ALA A 154 -62.75 1.93 -8.05
CA ALA A 154 -62.58 3.24 -7.38
C ALA A 154 -61.46 4.01 -8.09
N ALA A 155 -60.63 3.30 -8.85
CA ALA A 155 -59.53 3.90 -9.65
C ALA A 155 -60.11 4.55 -10.90
N ASN A 156 -61.03 3.87 -11.60
CA ASN A 156 -61.66 4.32 -12.89
C ASN A 156 -62.92 5.13 -12.62
N GLY A 157 -63.65 4.81 -11.54
CA GLY A 157 -65.01 5.31 -11.29
C GLY A 157 -66.07 4.42 -11.91
N THR A 158 -65.66 3.44 -12.73
CA THR A 158 -66.57 2.55 -13.49
C THR A 158 -67.66 2.03 -12.56
N ASN A 159 -68.93 2.28 -12.90
CA ASN A 159 -70.12 1.66 -12.27
C ASN A 159 -70.28 2.10 -10.81
N ILE A 160 -69.42 2.98 -10.30
CA ILE A 160 -69.48 3.43 -8.88
C ILE A 160 -70.82 4.12 -8.65
N SER A 161 -71.04 5.22 -9.40
CA SER A 161 -72.23 6.09 -9.27
C SER A 161 -73.50 5.26 -9.49
N GLN A 162 -73.49 4.45 -10.55
CA GLN A 162 -74.59 3.51 -10.91
C GLN A 162 -74.95 2.72 -9.65
N ALA A 163 -73.97 1.99 -9.14
CA ALA A 163 -74.10 1.08 -7.96
C ALA A 163 -74.75 1.80 -6.79
N ILE A 164 -74.20 2.95 -6.35
CA ILE A 164 -74.72 3.67 -5.15
C ILE A 164 -76.13 4.21 -5.47
N GLU A 165 -76.33 4.76 -6.69
CA GLU A 165 -77.63 5.34 -7.14
C GLU A 165 -78.71 4.26 -7.09
N MET A 166 -78.37 3.03 -7.47
CA MET A 166 -79.27 1.85 -7.40
C MET A 166 -79.73 1.66 -5.94
N LEU A 167 -78.78 1.56 -5.01
CA LEU A 167 -79.07 1.35 -3.57
C LEU A 167 -79.99 2.49 -3.08
N LEU A 168 -79.71 3.73 -3.49
CA LEU A 168 -80.55 4.91 -3.16
C LEU A 168 -81.97 4.66 -3.67
N ASP A 169 -82.09 4.27 -4.95
CA ASP A 169 -83.38 4.03 -5.65
C ASP A 169 -84.15 2.92 -4.92
N LEU A 170 -83.47 1.86 -4.48
CA LEU A 170 -84.11 0.70 -3.79
C LEU A 170 -84.82 1.16 -2.53
N ILE A 171 -84.09 1.85 -1.65
CA ILE A 171 -84.60 2.24 -0.29
C ILE A 171 -85.58 3.40 -0.42
N MET A 172 -85.41 4.26 -1.43
CA MET A 172 -86.39 5.32 -1.77
C MET A 172 -87.73 4.65 -2.12
N LYS A 173 -87.70 3.55 -2.89
CA LYS A 173 -88.87 2.69 -3.21
C LYS A 173 -89.46 2.15 -1.91
N ARG A 174 -88.64 1.56 -1.03
CA ARG A 174 -89.05 1.01 0.28
C ARG A 174 -89.75 2.11 1.09
N MET A 175 -89.16 3.31 1.13
CA MET A 175 -89.70 4.50 1.86
C MET A 175 -91.08 4.85 1.29
N GLU A 176 -91.21 4.90 -0.05
CA GLU A 176 -92.45 5.26 -0.78
C GLU A 176 -93.54 4.21 -0.54
N ARG A 177 -93.19 2.92 -0.67
CA ARG A 177 -94.11 1.76 -0.45
C ARG A 177 -94.79 1.88 0.93
N SER A 178 -94.07 2.44 1.93
CA SER A 178 -94.60 2.79 3.28
C SER A 178 -95.28 4.18 3.23
N TYR B 8 86.96 -0.47 -0.41
CA TYR B 8 86.19 -1.13 0.68
C TYR B 8 84.79 -0.48 0.83
N LEU B 9 84.43 0.41 -0.09
CA LEU B 9 83.06 0.49 -0.68
C LEU B 9 82.88 -0.79 -1.48
N ILE B 10 81.87 -1.61 -1.14
CA ILE B 10 81.52 -2.84 -1.89
C ILE B 10 80.14 -2.65 -2.50
N LYS B 11 80.03 -2.80 -3.82
CA LYS B 11 78.76 -2.68 -4.59
C LYS B 11 78.37 -4.05 -5.16
N PHE B 12 77.15 -4.47 -4.91
CA PHE B 12 76.49 -5.53 -5.71
C PHE B 12 75.05 -5.13 -6.05
N LEU B 13 74.44 -5.89 -6.96
CA LEU B 13 73.14 -5.59 -7.60
C LEU B 13 72.18 -6.76 -7.35
N ALA B 14 70.98 -6.46 -6.85
CA ALA B 14 69.88 -7.44 -6.66
C ALA B 14 68.97 -7.39 -7.89
N LEU B 15 68.69 -8.54 -8.48
CA LEU B 15 67.87 -8.59 -9.72
C LEU B 15 67.09 -9.91 -9.75
N GLY B 16 66.23 -10.05 -10.76
CA GLY B 16 65.20 -11.09 -10.85
C GLY B 16 63.93 -10.50 -11.39
N ASP B 17 62.80 -11.20 -11.24
CA ASP B 17 61.51 -10.84 -11.86
C ASP B 17 60.75 -9.92 -10.91
N SER B 18 59.72 -9.25 -11.42
CA SER B 18 58.77 -8.42 -10.65
C SER B 18 57.96 -9.34 -9.72
N GLY B 19 58.01 -9.10 -8.40
CA GLY B 19 57.20 -9.78 -7.38
C GLY B 19 58.03 -10.70 -6.52
N VAL B 20 59.26 -10.98 -6.96
CA VAL B 20 60.23 -11.88 -6.26
C VAL B 20 60.33 -11.42 -4.80
N GLY B 21 60.73 -10.17 -4.59
CA GLY B 21 60.80 -9.53 -3.25
C GLY B 21 62.17 -8.95 -2.97
N LYS B 22 62.86 -8.41 -3.98
CA LYS B 22 64.27 -7.96 -3.85
C LYS B 22 64.34 -6.60 -3.18
N THR B 23 63.22 -5.86 -3.15
CA THR B 23 63.10 -4.59 -2.40
C THR B 23 62.88 -4.92 -0.93
N SER B 24 61.99 -5.87 -0.65
CA SER B 24 61.63 -6.32 0.71
C SER B 24 62.85 -7.00 1.35
N VAL B 25 63.67 -7.66 0.53
CA VAL B 25 64.85 -8.46 0.98
C VAL B 25 65.98 -7.51 1.38
N LEU B 26 66.23 -6.45 0.61
CA LEU B 26 67.33 -5.50 0.97
C LEU B 26 66.98 -4.78 2.26
N TYR B 27 65.70 -4.47 2.48
CA TYR B 27 65.20 -3.75 3.68
C TYR B 27 65.28 -4.66 4.91
N GLN B 28 64.97 -5.97 4.76
CA GLN B 28 65.14 -6.95 5.86
C GLN B 28 66.60 -6.95 6.31
N TYR B 29 67.54 -6.83 5.37
CA TYR B 29 68.99 -6.87 5.67
C TYR B 29 69.46 -5.55 6.24
N THR B 30 69.26 -4.44 5.51
CA THR B 30 69.69 -3.08 5.94
C THR B 30 69.12 -2.80 7.34
N ASP B 31 67.82 -3.03 7.56
CA ASP B 31 67.03 -2.50 8.71
C ASP B 31 66.42 -3.59 9.58
N GLY B 32 66.60 -4.88 9.24
CA GLY B 32 66.25 -6.00 10.14
C GLY B 32 64.75 -6.16 10.40
N LYS B 33 63.91 -5.65 9.52
CA LYS B 33 62.43 -5.74 9.65
C LYS B 33 61.82 -5.80 8.23
N PHE B 34 60.50 -5.81 8.14
CA PHE B 34 59.73 -6.10 6.90
C PHE B 34 58.67 -5.03 6.66
N ASN B 35 58.83 -4.19 5.64
CA ASN B 35 57.76 -3.33 5.07
C ASN B 35 56.99 -4.20 4.07
N SER B 36 55.73 -4.51 4.35
CA SER B 36 54.85 -5.28 3.44
C SER B 36 54.40 -4.37 2.29
N LYS B 37 54.40 -3.05 2.49
CA LYS B 37 54.07 -2.05 1.43
C LYS B 37 55.30 -1.87 0.53
N PHE B 38 55.13 -1.99 -0.77
CA PHE B 38 56.24 -1.78 -1.74
C PHE B 38 55.61 -1.59 -3.12
N ILE B 39 55.73 -0.37 -3.63
CA ILE B 39 55.36 -0.03 -5.02
C ILE B 39 56.24 -0.95 -5.88
N THR B 40 55.68 -1.53 -6.95
CA THR B 40 56.50 -2.24 -7.97
C THR B 40 57.48 -1.20 -8.51
N THR B 41 58.68 -1.16 -7.94
CA THR B 41 59.84 -0.28 -8.28
C THR B 41 59.83 0.24 -9.74
N VAL B 42 59.94 1.56 -9.92
CA VAL B 42 59.95 2.26 -11.24
C VAL B 42 61.37 2.77 -11.55
N GLY B 43 62.14 3.11 -10.53
CA GLY B 43 63.44 3.82 -10.68
C GLY B 43 64.62 2.88 -10.62
N ILE B 44 65.71 3.33 -9.99
CA ILE B 44 66.95 2.55 -9.70
C ILE B 44 67.48 3.06 -8.36
N ASP B 45 67.00 2.46 -7.27
CA ASP B 45 67.35 2.85 -5.88
C ASP B 45 68.60 2.09 -5.45
N PHE B 46 69.14 2.42 -4.28
CA PHE B 46 70.07 1.56 -3.49
C PHE B 46 69.99 1.99 -2.03
N ARG B 47 70.17 1.04 -1.12
CA ARG B 47 70.44 1.27 0.32
C ARG B 47 71.94 1.04 0.54
N GLU B 48 72.57 1.87 1.37
CA GLU B 48 73.97 1.62 1.81
C GLU B 48 73.99 1.59 3.33
N LYS B 49 75.11 1.11 3.87
CA LYS B 49 75.28 0.62 5.26
C LYS B 49 76.72 0.15 5.41
N THR B 50 77.33 0.45 6.55
CA THR B 50 78.73 0.09 6.89
C THR B 50 78.71 -1.22 7.70
N ILE B 51 79.47 -2.22 7.26
CA ILE B 51 79.56 -3.57 7.90
C ILE B 51 81.03 -3.83 8.24
N TYR B 52 81.28 -4.64 9.27
CA TYR B 52 82.62 -5.15 9.69
C TYR B 52 82.58 -6.68 9.56
N ARG B 53 83.26 -7.25 8.55
CA ARG B 53 83.26 -8.72 8.25
C ARG B 53 84.59 -9.31 8.72
N ASN B 54 85.63 -9.27 7.87
CA ASN B 54 86.99 -9.78 8.18
C ASN B 54 87.83 -8.64 8.75
N ASP B 55 87.44 -8.11 9.92
CA ASP B 55 88.11 -7.01 10.66
C ASP B 55 88.49 -5.90 9.67
N LYS B 56 87.53 -5.41 8.88
CA LYS B 56 87.77 -4.43 7.78
C LYS B 56 86.61 -3.43 7.72
N ARG B 57 86.82 -2.34 6.98
CA ARG B 57 85.81 -1.30 6.66
C ARG B 57 85.02 -1.73 5.41
N ILE B 58 83.72 -2.01 5.56
CA ILE B 58 82.81 -2.32 4.41
C ILE B 58 81.67 -1.27 4.40
N LYS B 59 81.72 -0.30 3.49
CA LYS B 59 80.54 0.48 3.03
C LYS B 59 79.83 -0.39 1.96
N LEU B 60 78.90 -1.24 2.39
CA LEU B 60 78.11 -2.14 1.48
C LEU B 60 77.04 -1.28 0.82
N GLN B 61 76.96 -1.35 -0.50
CA GLN B 61 76.02 -0.57 -1.36
C GLN B 61 75.12 -1.59 -2.06
N LEU B 62 73.86 -1.67 -1.61
CA LEU B 62 72.86 -2.67 -2.06
C LEU B 62 71.97 -2.06 -3.16
N TRP B 63 72.30 -2.26 -4.43
CA TRP B 63 71.56 -1.67 -5.57
C TRP B 63 70.33 -2.53 -5.91
N ASP B 64 69.16 -1.90 -5.92
CA ASP B 64 67.86 -2.52 -6.26
C ASP B 64 67.61 -2.17 -7.74
N THR B 65 66.86 -3.02 -8.45
CA THR B 65 66.50 -2.83 -9.87
C THR B 65 64.99 -2.99 -10.03
N ALA B 66 64.47 -2.46 -11.15
CA ALA B 66 63.07 -2.66 -11.59
C ALA B 66 62.97 -4.06 -12.18
N GLY B 67 61.99 -4.84 -11.71
CA GLY B 67 61.77 -6.24 -12.15
C GLY B 67 61.23 -6.34 -13.57
N LEU B 68 60.75 -5.23 -14.14
CA LEU B 68 60.06 -5.24 -15.45
C LEU B 68 61.06 -4.95 -16.57
N GLU B 69 62.33 -5.31 -16.42
CA GLU B 69 63.33 -5.23 -17.52
C GLU B 69 64.56 -6.13 -17.24
N ARG B 70 65.16 -6.61 -18.32
CA ARG B 70 66.58 -7.07 -18.43
C ARG B 70 67.44 -5.94 -19.01
N PHE B 71 66.84 -4.77 -19.30
CA PHE B 71 67.54 -3.51 -19.65
C PHE B 71 68.47 -3.12 -18.50
N ARG B 72 68.15 -3.54 -17.26
CA ARG B 72 69.11 -3.67 -16.14
C ARG B 72 70.29 -4.50 -16.68
N SER B 73 71.51 -4.28 -16.25
CA SER B 73 72.70 -4.98 -16.79
C SER B 73 73.00 -4.49 -18.21
N LEU B 74 72.14 -3.62 -18.76
CA LEU B 74 72.42 -2.75 -19.93
C LEU B 74 72.70 -1.34 -19.43
N THR B 75 72.68 -1.13 -18.10
CA THR B 75 72.92 0.15 -17.38
C THR B 75 74.33 0.65 -17.71
N THR B 76 75.27 -0.27 -17.96
CA THR B 76 76.62 -0.04 -18.55
C THR B 76 77.47 0.81 -17.61
N ALA B 77 76.92 1.20 -16.45
CA ALA B 77 77.62 1.89 -15.34
C ALA B 77 77.18 1.27 -14.02
N PHE B 78 75.86 1.25 -13.75
CA PHE B 78 75.24 0.68 -12.53
C PHE B 78 75.56 -0.83 -12.47
N PHE B 79 75.26 -1.57 -13.54
CA PHE B 79 75.63 -3.00 -13.67
C PHE B 79 77.14 -3.12 -13.79
N ARG B 80 77.76 -2.32 -14.66
CA ARG B 80 79.21 -2.37 -14.98
C ARG B 80 80.04 -2.12 -13.71
N ASP B 81 79.57 -1.24 -12.82
CA ASP B 81 80.32 -0.80 -11.60
C ASP B 81 80.13 -1.83 -10.49
N ALA B 82 79.10 -2.68 -10.56
CA ALA B 82 78.76 -3.69 -9.52
C ALA B 82 79.77 -4.84 -9.54
N MET B 83 80.04 -5.43 -8.38
CA MET B 83 81.14 -6.41 -8.16
C MET B 83 80.60 -7.82 -7.99
N GLY B 84 79.37 -7.95 -7.46
CA GLY B 84 78.65 -9.23 -7.33
C GLY B 84 77.17 -9.04 -7.66
N PHE B 85 76.44 -10.12 -7.89
CA PHE B 85 75.01 -10.11 -8.24
C PHE B 85 74.27 -11.05 -7.27
N LEU B 86 73.07 -10.64 -6.84
CA LEU B 86 72.17 -11.42 -5.94
C LEU B 86 70.87 -11.76 -6.69
N LEU B 87 70.83 -12.89 -7.41
CA LEU B 87 69.66 -13.33 -8.21
C LEU B 87 68.63 -13.93 -7.28
N LEU B 88 67.41 -13.40 -7.26
CA LEU B 88 66.28 -13.98 -6.50
C LEU B 88 65.27 -14.58 -7.48
N PHE B 89 64.41 -15.47 -6.97
CA PHE B 89 63.13 -15.87 -7.59
C PHE B 89 62.12 -16.17 -6.48
N ASP B 90 60.84 -16.25 -6.85
CA ASP B 90 59.74 -16.55 -5.91
C ASP B 90 59.49 -18.06 -5.97
N LEU B 91 59.50 -18.70 -4.80
CA LEU B 91 59.26 -20.16 -4.63
C LEU B 91 57.77 -20.47 -4.82
N THR B 92 56.95 -19.46 -5.12
CA THR B 92 55.49 -19.61 -5.33
C THR B 92 55.09 -19.23 -6.75
N ASN B 93 56.02 -18.90 -7.65
CA ASN B 93 55.72 -18.98 -9.12
C ASN B 93 56.92 -19.58 -9.87
N GLU B 94 56.64 -20.62 -10.68
CA GLU B 94 57.64 -21.43 -11.42
C GLU B 94 58.32 -20.53 -12.46
N GLU B 95 57.53 -19.66 -13.11
CA GLU B 95 58.01 -18.77 -14.19
C GLU B 95 59.29 -18.08 -13.71
N SER B 96 59.24 -17.44 -12.53
CA SER B 96 60.38 -16.70 -11.93
C SER B 96 61.60 -17.63 -11.89
N PHE B 97 61.40 -18.84 -11.37
CA PHE B 97 62.47 -19.86 -11.18
C PHE B 97 63.04 -20.25 -12.56
N LEU B 98 62.18 -20.51 -13.54
CA LEU B 98 62.58 -20.97 -14.90
C LEU B 98 63.48 -19.93 -15.57
N ASN B 99 63.27 -18.63 -15.28
CA ASN B 99 64.02 -17.51 -15.90
C ASN B 99 65.45 -17.45 -15.36
N VAL B 100 65.70 -18.06 -14.20
CA VAL B 100 67.01 -17.98 -13.50
C VAL B 100 68.11 -18.38 -14.49
N ARG B 101 67.89 -19.45 -15.27
CA ARG B 101 68.84 -19.90 -16.31
C ARG B 101 69.14 -18.70 -17.22
N ASN B 102 68.09 -18.10 -17.78
CA ASN B 102 68.20 -16.95 -18.73
C ASN B 102 68.92 -15.79 -18.01
N TRP B 103 68.65 -15.56 -16.72
CA TRP B 103 69.35 -14.51 -15.90
C TRP B 103 70.83 -14.85 -15.77
N ILE B 104 71.14 -16.01 -15.19
CA ILE B 104 72.54 -16.48 -14.94
C ILE B 104 73.28 -16.39 -16.28
N SER B 105 72.64 -16.87 -17.35
CA SER B 105 73.14 -16.82 -18.74
C SER B 105 73.56 -15.38 -19.08
N GLN B 106 72.61 -14.45 -19.11
CA GLN B 106 72.80 -13.05 -19.58
C GLN B 106 73.80 -12.33 -18.67
N LEU B 107 73.91 -12.71 -17.39
CA LEU B 107 74.93 -12.15 -16.45
C LEU B 107 76.33 -12.52 -16.98
N LYS B 108 76.60 -13.81 -17.12
CA LYS B 108 77.90 -14.37 -17.60
C LYS B 108 78.34 -13.61 -18.86
N THR B 109 77.42 -13.40 -19.81
CA THR B 109 77.70 -12.79 -21.14
C THR B 109 78.05 -11.30 -20.96
N HIS B 110 77.13 -10.52 -20.36
CA HIS B 110 77.18 -9.04 -20.30
C HIS B 110 78.08 -8.56 -19.15
N ALA B 111 78.50 -9.45 -18.25
CA ALA B 111 79.35 -9.11 -17.07
C ALA B 111 80.82 -8.99 -17.50
N TYR B 112 81.68 -8.53 -16.58
CA TYR B 112 83.14 -8.40 -16.78
C TYR B 112 83.76 -9.80 -16.91
N SER B 113 83.89 -10.51 -15.79
CA SER B 113 84.52 -11.86 -15.70
C SER B 113 83.64 -12.91 -16.38
N GLU B 114 84.26 -13.96 -16.93
CA GLU B 114 83.57 -15.14 -17.51
C GLU B 114 82.61 -15.70 -16.47
N ASN B 115 83.13 -15.98 -15.25
CA ASN B 115 82.35 -16.44 -14.08
C ASN B 115 82.36 -15.36 -13.00
N PRO B 116 81.33 -14.48 -12.96
CA PRO B 116 81.17 -13.51 -11.89
C PRO B 116 80.50 -14.08 -10.63
N ASP B 117 80.59 -13.33 -9.54
CA ASP B 117 80.22 -13.78 -8.17
C ASP B 117 78.71 -13.60 -7.99
N ILE B 118 77.97 -14.71 -7.91
CA ILE B 118 76.48 -14.75 -7.85
C ILE B 118 76.04 -15.55 -6.62
N VAL B 119 74.96 -15.13 -5.96
CA VAL B 119 74.26 -15.92 -4.92
C VAL B 119 72.76 -15.98 -5.25
N LEU B 120 72.22 -17.19 -5.44
CA LEU B 120 70.79 -17.41 -5.81
C LEU B 120 69.98 -17.51 -4.52
N CYS B 121 68.93 -16.71 -4.38
CA CYS B 121 67.94 -16.81 -3.26
C CYS B 121 66.58 -17.20 -3.81
N GLY B 122 65.95 -18.21 -3.22
CA GLY B 122 64.53 -18.55 -3.44
C GLY B 122 63.70 -17.91 -2.34
N ASN B 123 63.02 -16.81 -2.64
CA ASN B 123 62.39 -15.96 -1.60
C ASN B 123 60.97 -16.44 -1.31
N LYS B 124 60.33 -15.84 -0.32
CA LYS B 124 58.88 -16.04 0.01
C LYS B 124 58.72 -17.47 0.53
N SER B 125 59.70 -17.97 1.28
CA SER B 125 59.73 -19.36 1.81
C SER B 125 58.66 -19.51 2.89
N ASP B 126 58.30 -18.42 3.57
CA ASP B 126 57.22 -18.38 4.60
C ASP B 126 55.89 -18.82 3.97
N LEU B 127 55.67 -18.49 2.71
CA LEU B 127 54.45 -18.90 1.95
C LEU B 127 54.51 -20.41 1.69
N GLU B 128 54.54 -21.19 2.77
CA GLU B 128 54.68 -22.66 2.74
C GLU B 128 53.52 -23.22 1.90
N ASP B 129 52.32 -22.67 2.08
CA ASP B 129 51.05 -23.17 1.49
C ASP B 129 51.03 -22.97 -0.03
N GLU B 130 51.88 -22.09 -0.59
CA GLU B 130 51.86 -21.74 -2.03
C GLU B 130 53.18 -22.15 -2.69
N ARG B 131 54.01 -22.93 -2.01
CA ARG B 131 55.31 -23.37 -2.54
C ARG B 131 55.07 -24.21 -3.81
N VAL B 132 55.83 -23.96 -4.86
CA VAL B 132 55.65 -24.55 -6.21
C VAL B 132 56.99 -25.09 -6.71
N VAL B 133 58.08 -24.38 -6.47
CA VAL B 133 59.46 -24.87 -6.75
C VAL B 133 59.85 -25.85 -5.65
N ALA B 134 60.28 -27.04 -6.04
CA ALA B 134 60.77 -28.11 -5.14
C ALA B 134 62.26 -27.85 -4.84
N ALA B 135 62.64 -28.00 -3.56
CA ALA B 135 63.94 -27.56 -3.00
C ALA B 135 65.12 -28.23 -3.72
N ALA B 136 65.00 -29.53 -4.02
CA ALA B 136 66.07 -30.33 -4.65
C ALA B 136 66.39 -29.74 -6.03
N GLU B 137 65.34 -29.59 -6.85
CA GLU B 137 65.40 -29.03 -8.23
C GLU B 137 66.16 -27.70 -8.17
N ALA B 138 65.84 -26.86 -7.19
CA ALA B 138 66.52 -25.57 -6.95
C ALA B 138 68.00 -25.82 -6.67
N ARG B 139 68.29 -26.68 -5.68
CA ARG B 139 69.67 -27.06 -5.29
C ARG B 139 70.41 -27.62 -6.52
N GLN B 140 69.75 -28.44 -7.34
CA GLN B 140 70.34 -29.02 -8.57
C GLN B 140 70.76 -27.86 -9.49
N LEU B 141 69.87 -26.90 -9.73
CA LEU B 141 70.13 -25.72 -10.60
C LEU B 141 71.36 -24.97 -10.08
N ALA B 142 71.49 -24.86 -8.75
CA ALA B 142 72.65 -24.25 -8.07
C ALA B 142 73.91 -25.08 -8.38
N GLU B 143 73.77 -26.42 -8.39
CA GLU B 143 74.86 -27.37 -8.73
C GLU B 143 75.37 -27.09 -10.15
N HIS B 144 74.53 -27.17 -11.22
CA HIS B 144 74.97 -27.07 -12.64
C HIS B 144 75.81 -25.80 -12.82
N TYR B 145 75.64 -24.79 -11.96
CA TYR B 145 76.34 -23.47 -12.08
C TYR B 145 77.38 -23.28 -10.96
N GLY B 146 77.32 -24.08 -9.90
CA GLY B 146 78.26 -24.00 -8.77
C GLY B 146 78.22 -22.60 -8.16
N ILE B 147 77.03 -22.21 -7.73
CA ILE B 147 76.79 -20.95 -6.96
C ILE B 147 75.94 -21.29 -5.74
N PRO B 148 76.18 -20.61 -4.60
CA PRO B 148 75.46 -20.88 -3.36
C PRO B 148 73.97 -20.59 -3.51
N TYR B 149 73.13 -21.32 -2.77
CA TYR B 149 71.66 -21.19 -2.80
C TYR B 149 71.13 -21.09 -1.38
N PHE B 150 70.20 -20.17 -1.14
CA PHE B 150 69.49 -19.98 0.16
C PHE B 150 67.99 -19.84 -0.10
N GLU B 151 67.18 -20.48 0.73
CA GLU B 151 65.70 -20.32 0.77
C GLU B 151 65.40 -19.23 1.79
N THR B 152 65.08 -18.04 1.29
CA THR B 152 64.99 -16.80 2.08
C THR B 152 63.52 -16.44 2.30
N SER B 153 63.29 -15.57 3.29
CA SER B 153 62.02 -14.84 3.52
C SER B 153 62.36 -13.44 4.04
N ALA B 154 61.86 -12.42 3.38
CA ALA B 154 61.98 -11.01 3.82
C ALA B 154 60.97 -10.76 4.94
N ALA B 155 59.97 -11.63 5.07
CA ALA B 155 58.96 -11.57 6.14
C ALA B 155 59.57 -12.10 7.45
N ASN B 156 60.30 -13.22 7.41
CA ASN B 156 60.90 -13.92 8.58
C ASN B 156 62.31 -13.40 8.85
N GLY B 157 63.04 -13.01 7.80
CA GLY B 157 64.48 -12.73 7.85
C GLY B 157 65.31 -13.99 7.61
N THR B 158 64.66 -15.16 7.54
CA THR B 158 65.34 -16.47 7.39
C THR B 158 66.40 -16.38 6.29
N ASN B 159 67.67 -16.67 6.61
CA ASN B 159 68.76 -16.87 5.63
C ASN B 159 69.10 -15.59 4.87
N ILE B 160 68.45 -14.47 5.20
CA ILE B 160 68.69 -13.18 4.49
C ILE B 160 70.14 -12.77 4.72
N SER B 161 70.51 -12.57 5.99
CA SER B 161 71.85 -12.10 6.43
C SER B 161 72.93 -13.05 5.88
N GLN B 162 72.70 -14.35 6.07
CA GLN B 162 73.58 -15.44 5.60
C GLN B 162 73.87 -15.17 4.12
N ALA B 163 72.81 -15.15 3.31
CA ALA B 163 72.84 -14.97 1.84
C ALA B 163 73.70 -13.76 1.45
N ILE B 164 73.40 -12.58 1.97
CA ILE B 164 74.13 -11.32 1.59
C ILE B 164 75.59 -11.43 2.09
N GLU B 165 75.81 -11.94 3.31
CA GLU B 165 77.15 -12.08 3.94
C GLU B 165 78.02 -13.00 3.06
N MET B 166 77.43 -14.05 2.50
CA MET B 166 78.10 -14.99 1.55
C MET B 166 78.61 -14.19 0.36
N LEU B 167 77.74 -13.43 -0.31
CA LEU B 167 78.07 -12.63 -1.51
C LEU B 167 79.22 -11.67 -1.14
N LEU B 168 79.15 -11.04 0.03
CA LEU B 168 80.24 -10.14 0.55
C LEU B 168 81.54 -10.95 0.63
N ASP B 169 81.48 -12.13 1.26
CA ASP B 169 82.65 -13.02 1.50
C ASP B 169 83.25 -13.43 0.13
N LEU B 170 82.41 -13.73 -0.86
CA LEU B 170 82.87 -14.18 -2.22
C LEU B 170 83.75 -13.11 -2.85
N ILE B 171 83.24 -11.88 -2.95
CA ILE B 171 83.90 -10.77 -3.68
C ILE B 171 85.08 -10.23 -2.86
N MET B 172 84.99 -10.31 -1.53
CA MET B 172 86.13 -10.00 -0.63
C MET B 172 87.29 -10.95 -0.95
N LYS B 173 86.99 -12.25 -1.16
CA LYS B 173 87.95 -13.28 -1.63
C LYS B 173 88.53 -12.87 -2.98
N ARG B 174 87.67 -12.51 -3.95
CA ARG B 174 88.07 -12.06 -5.30
C ARG B 174 89.02 -10.86 -5.17
N MET B 175 88.68 -9.89 -4.31
CA MET B 175 89.48 -8.66 -4.04
C MET B 175 90.86 -9.06 -3.50
N GLU B 176 90.89 -9.99 -2.53
CA GLU B 176 92.13 -10.48 -1.85
C GLU B 176 93.01 -11.25 -2.84
N ARG B 177 92.42 -12.17 -3.62
CA ARG B 177 93.12 -12.98 -4.66
C ARG B 177 93.90 -12.06 -5.61
N SER B 178 93.39 -10.85 -5.87
CA SER B 178 94.06 -9.75 -6.62
C SER B 178 94.98 -8.96 -5.69
N TYR C 8 77.47 33.30 -18.63
CA TYR C 8 76.52 33.95 -17.66
C TYR C 8 75.07 33.54 -18.00
N LEU C 9 74.89 32.57 -18.90
CA LEU C 9 73.89 31.48 -18.78
C LEU C 9 74.35 30.63 -17.60
N ILE C 10 73.51 30.50 -16.57
CA ILE C 10 73.79 29.60 -15.41
C ILE C 10 72.75 28.48 -15.42
N LYS C 11 73.21 27.22 -15.44
CA LYS C 11 72.35 26.01 -15.39
C LYS C 11 72.58 25.28 -14.07
N PHE C 12 71.50 25.00 -13.34
CA PHE C 12 71.51 23.98 -12.26
C PHE C 12 70.27 23.10 -12.38
N LEU C 13 70.27 22.00 -11.62
CA LEU C 13 69.29 20.90 -11.69
C LEU C 13 68.65 20.72 -10.32
N ALA C 14 67.31 20.67 -10.28
CA ALA C 14 66.52 20.35 -9.07
C ALA C 14 66.20 18.86 -9.07
N LEU C 15 66.47 18.16 -7.97
CA LEU C 15 66.24 16.71 -7.91
C LEU C 15 65.89 16.32 -6.48
N GLY C 16 65.58 15.04 -6.27
CA GLY C 16 64.97 14.50 -5.05
C GLY C 16 63.90 13.48 -5.42
N ASP C 17 63.05 13.11 -4.47
CA ASP C 17 62.05 12.03 -4.63
C ASP C 17 60.76 12.60 -5.21
N SER C 18 59.88 11.72 -5.68
CA SER C 18 58.53 12.06 -6.17
C SER C 18 57.67 12.54 -4.99
N GLY C 19 57.15 13.76 -5.04
CA GLY C 19 56.20 14.33 -4.07
C GLY C 19 56.84 15.45 -3.26
N VAL C 20 58.17 15.56 -3.33
CA VAL C 20 58.98 16.57 -2.60
C VAL C 20 58.38 17.96 -2.87
N GLY C 21 58.34 18.35 -4.16
CA GLY C 21 57.73 19.62 -4.60
C GLY C 21 58.66 20.47 -5.44
N LYS C 22 59.53 19.85 -6.24
CA LYS C 22 60.61 20.56 -6.98
C LYS C 22 60.06 21.26 -8.21
N THR C 23 58.87 20.86 -8.68
CA THR C 23 58.14 21.53 -9.78
C THR C 23 57.46 22.77 -9.20
N SER C 24 56.81 22.61 -8.04
CA SER C 24 56.07 23.69 -7.35
C SER C 24 57.07 24.75 -6.88
N VAL C 25 58.28 24.33 -6.52
CA VAL C 25 59.36 25.19 -5.95
C VAL C 25 59.96 26.05 -7.07
N LEU C 26 60.22 25.49 -8.25
CA LEU C 26 60.81 26.29 -9.36
C LEU C 26 59.81 27.35 -9.80
N TYR C 27 58.51 27.03 -9.80
CA TYR C 27 57.43 27.95 -10.24
C TYR C 27 57.25 29.06 -9.21
N GLN C 28 57.36 28.77 -7.91
CA GLN C 28 57.32 29.83 -6.85
C GLN C 28 58.44 30.83 -7.12
N TYR C 29 59.61 30.36 -7.55
CA TYR C 29 60.80 31.21 -7.79
C TYR C 29 60.66 31.96 -9.12
N THR C 30 60.49 31.24 -10.22
CA THR C 30 60.36 31.83 -11.59
C THR C 30 59.24 32.88 -11.57
N ASP C 31 58.06 32.55 -11.03
CA ASP C 31 56.79 33.30 -11.24
C ASP C 31 56.19 33.83 -9.92
N GLY C 32 56.79 33.56 -8.77
CA GLY C 32 56.41 34.20 -7.48
C GLY C 32 55.01 33.83 -6.99
N LYS C 33 54.48 32.69 -7.42
CA LYS C 33 53.14 32.20 -7.00
C LYS C 33 53.18 30.66 -6.96
N PHE C 34 52.04 30.03 -6.65
CA PHE C 34 51.94 28.58 -6.33
C PHE C 34 50.82 27.95 -7.15
N ASN C 35 51.15 27.12 -8.15
CA ASN C 35 50.21 26.17 -8.80
C ASN C 35 50.19 24.91 -7.93
N SER C 36 49.05 24.62 -7.30
CA SER C 36 48.85 23.40 -6.50
C SER C 36 48.67 22.19 -7.44
N LYS C 37 48.24 22.42 -8.69
CA LYS C 37 48.12 21.36 -9.72
C LYS C 37 49.51 21.06 -10.30
N PHE C 38 49.89 19.80 -10.34
CA PHE C 38 51.14 19.36 -11.00
C PHE C 38 51.03 17.85 -11.18
N ILE C 39 50.95 17.41 -12.43
CA ILE C 39 51.10 15.98 -12.81
C ILE C 39 52.48 15.55 -12.29
N THR C 40 52.58 14.37 -11.70
CA THR C 40 53.88 13.80 -11.27
C THR C 40 54.73 13.71 -12.55
N THR C 41 55.55 14.73 -12.79
CA THR C 41 56.48 14.91 -13.94
C THR C 41 56.93 13.59 -14.60
N VAL C 42 56.76 13.49 -15.93
CA VAL C 42 57.11 12.31 -16.78
C VAL C 42 58.34 12.66 -17.63
N GLY C 43 58.51 13.93 -18.02
CA GLY C 43 59.50 14.37 -19.01
C GLY C 43 60.78 14.89 -18.38
N ILE C 44 61.39 15.90 -18.99
CA ILE C 44 62.59 16.63 -18.50
C ILE C 44 62.42 18.09 -18.93
N ASP C 45 61.72 18.88 -18.10
CA ASP C 45 61.39 20.29 -18.40
C ASP C 45 62.53 21.19 -17.88
N PHE C 46 62.46 22.48 -18.19
CA PHE C 46 63.18 23.55 -17.46
C PHE C 46 62.43 24.88 -17.68
N ARG C 47 62.47 25.75 -16.68
CA ARG C 47 62.07 27.17 -16.79
C ARG C 47 63.37 27.98 -16.85
N GLU C 48 63.41 29.03 -17.67
CA GLU C 48 64.54 29.99 -17.66
C GLU C 48 63.98 31.40 -17.44
N LYS C 49 64.88 32.34 -17.17
CA LYS C 49 64.60 33.66 -16.55
C LYS C 49 65.93 34.38 -16.36
N THR C 50 65.95 35.69 -16.62
CA THR C 50 67.15 36.55 -16.50
C THR C 50 67.12 37.21 -15.11
N ILE C 51 68.21 37.09 -14.35
CA ILE C 51 68.36 37.66 -12.98
C ILE C 51 69.60 38.57 -12.98
N TYR C 52 69.61 39.59 -12.11
CA TYR C 52 70.75 40.50 -11.83
C TYR C 52 71.15 40.32 -10.37
N ARG C 53 72.31 39.69 -10.10
CA ARG C 53 72.78 39.37 -8.72
C ARG C 53 73.90 40.35 -8.34
N ASN C 54 75.15 40.03 -8.69
CA ASN C 54 76.34 40.88 -8.41
C ASN C 54 76.59 41.77 -9.63
N ASP C 55 75.63 42.69 -9.91
CA ASP C 55 75.66 43.65 -11.05
C ASP C 55 76.13 42.94 -12.32
N LYS C 56 75.48 41.82 -12.66
CA LYS C 56 75.89 40.94 -13.79
C LYS C 56 74.65 40.42 -14.54
N ARG C 57 74.89 39.87 -15.74
CA ARG C 57 73.88 39.20 -16.60
C ARG C 57 73.76 37.73 -16.19
N ILE C 58 72.62 37.31 -15.63
CA ILE C 58 72.33 35.88 -15.32
C ILE C 58 71.08 35.46 -16.10
N LYS C 59 71.25 34.69 -17.18
CA LYS C 59 70.20 33.80 -17.76
C LYS C 59 70.19 32.51 -16.92
N LEU C 60 69.39 32.48 -15.86
CA LEU C 60 69.27 31.30 -14.95
C LEU C 60 68.37 30.28 -15.67
N GLN C 61 68.84 29.04 -15.75
CA GLN C 61 68.14 27.90 -16.41
C GLN C 61 67.86 26.86 -15.32
N LEU C 62 66.60 26.75 -14.90
CA LEU C 62 66.14 25.90 -13.77
C LEU C 62 65.63 24.55 -14.31
N TRP C 63 66.47 23.52 -14.35
CA TRP C 63 66.12 22.19 -14.90
C TRP C 63 65.39 21.36 -13.84
N ASP C 64 64.18 20.88 -14.20
CA ASP C 64 63.34 19.99 -13.36
C ASP C 64 63.63 18.56 -13.81
N THR C 65 63.46 17.59 -12.93
CA THR C 65 63.65 16.14 -13.23
C THR C 65 62.42 15.36 -12.75
N ALA C 66 62.27 14.15 -13.27
CA ALA C 66 61.26 13.17 -12.84
C ALA C 66 61.75 12.53 -11.53
N GLY C 67 60.90 12.54 -10.50
CA GLY C 67 61.20 12.01 -9.16
C GLY C 67 61.32 10.50 -9.13
N LEU C 68 60.85 9.81 -10.16
CA LEU C 68 60.74 8.33 -10.17
C LEU C 68 61.99 7.70 -10.78
N GLU C 69 63.16 8.36 -10.69
CA GLU C 69 64.45 7.78 -11.12
C GLU C 69 65.64 8.52 -10.48
N ARG C 70 66.73 7.79 -10.31
CA ARG C 70 68.13 8.28 -10.19
C ARG C 70 68.84 8.14 -11.54
N PHE C 71 68.13 7.66 -12.58
CA PHE C 71 68.56 7.67 -14.01
C PHE C 71 68.83 9.12 -14.43
N ARG C 72 68.18 10.09 -13.78
CA ARG C 72 68.64 11.51 -13.71
C ARG C 72 70.10 11.47 -13.23
N SER C 73 70.97 12.37 -13.67
CA SER C 73 72.42 12.34 -13.33
C SER C 73 73.09 11.16 -14.03
N LEU C 74 72.31 10.35 -14.78
CA LEU C 74 72.80 9.42 -15.83
C LEU C 74 72.52 10.04 -17.20
N THR C 75 71.93 11.26 -17.22
CA THR C 75 71.53 12.02 -18.44
C THR C 75 72.77 12.30 -19.29
N THR C 76 73.93 12.45 -18.64
CA THR C 76 75.29 12.48 -19.25
C THR C 76 75.46 13.70 -20.15
N ALA C 77 74.41 14.54 -20.26
CA ALA C 77 74.40 15.85 -20.95
C ALA C 77 73.65 16.86 -20.08
N PHE C 78 72.40 16.55 -19.73
CA PHE C 78 71.50 17.39 -18.88
C PHE C 78 72.16 17.53 -17.48
N PHE C 79 72.51 16.41 -16.84
CA PHE C 79 73.26 16.41 -15.57
C PHE C 79 74.67 16.94 -15.79
N ARG C 80 75.35 16.44 -16.83
CA ARG C 80 76.76 16.75 -17.15
C ARG C 80 76.92 18.26 -17.40
N ASP C 81 75.93 18.89 -18.04
CA ASP C 81 75.97 20.31 -18.46
C ASP C 81 75.65 21.23 -17.27
N ALA C 82 74.99 20.71 -16.22
CA ALA C 82 74.53 21.47 -15.03
C ALA C 82 75.73 21.84 -14.15
N MET C 83 75.67 23.00 -13.48
CA MET C 83 76.80 23.63 -12.75
C MET C 83 76.61 23.52 -11.24
N GLY C 84 75.36 23.51 -10.78
CA GLY C 84 74.99 23.29 -9.36
C GLY C 84 73.77 22.41 -9.25
N PHE C 85 73.48 21.90 -8.06
CA PHE C 85 72.34 21.00 -7.79
C PHE C 85 71.53 21.58 -6.62
N LEU C 86 70.20 21.48 -6.69
CA LEU C 86 69.25 21.88 -5.61
C LEU C 86 68.50 20.64 -5.10
N LEU C 87 69.04 19.93 -4.10
CA LEU C 87 68.45 18.69 -3.53
C LEU C 87 67.32 19.08 -2.60
N LEU C 88 66.10 18.60 -2.84
CA LEU C 88 64.95 18.80 -1.92
C LEU C 88 64.59 17.48 -1.26
N PHE C 89 63.87 17.55 -0.15
CA PHE C 89 63.07 16.46 0.45
C PHE C 89 61.82 17.05 1.10
N ASP C 90 60.85 16.18 1.40
CA ASP C 90 59.58 16.57 2.05
C ASP C 90 59.77 16.37 3.56
N LEU C 91 59.47 17.41 4.34
CA LEU C 91 59.57 17.42 5.82
C LEU C 91 58.39 16.61 6.41
N THR C 92 57.52 16.05 5.57
CA THR C 92 56.35 15.26 6.00
C THR C 92 56.45 13.81 5.51
N ASN C 93 57.54 13.38 4.87
CA ASN C 93 57.86 11.93 4.80
C ASN C 93 59.36 11.69 5.03
N GLU C 94 59.68 10.80 5.98
CA GLU C 94 61.07 10.51 6.46
C GLU C 94 61.85 9.88 5.31
N GLU C 95 61.20 9.01 4.55
CA GLU C 95 61.83 8.25 3.43
C GLU C 95 62.60 9.25 2.57
N SER C 96 61.94 10.31 2.12
CA SER C 96 62.54 11.36 1.24
C SER C 96 63.84 11.86 1.88
N PHE C 97 63.76 12.21 3.17
CA PHE C 97 64.88 12.78 3.96
C PHE C 97 66.02 11.77 4.04
N LEU C 98 65.70 10.50 4.34
CA LEU C 98 66.72 9.43 4.53
C LEU C 98 67.53 9.23 3.25
N ASN C 99 66.91 9.45 2.08
CA ASN C 99 67.54 9.23 0.75
C ASN C 99 68.58 10.31 0.46
N VAL C 100 68.49 11.45 1.15
CA VAL C 100 69.35 12.64 0.89
C VAL C 100 70.82 12.19 0.90
N ARG C 101 71.20 11.38 1.88
CA ARG C 101 72.58 10.82 1.99
C ARG C 101 72.89 10.13 0.66
N ASN C 102 72.04 9.20 0.24
CA ASN C 102 72.21 8.40 -1.01
C ASN C 102 72.28 9.37 -2.20
N TRP C 103 71.48 10.44 -2.22
CA TRP C 103 71.50 11.50 -3.29
C TRP C 103 72.86 12.21 -3.26
N ILE C 104 73.19 12.86 -2.13
CA ILE C 104 74.44 13.65 -1.95
C ILE C 104 75.61 12.73 -2.36
N SER C 105 75.58 11.48 -1.89
CA SER C 105 76.56 10.42 -2.22
C SER C 105 76.71 10.33 -3.75
N GLN C 106 75.64 9.92 -4.45
CA GLN C 106 75.65 9.60 -5.90
C GLN C 106 75.99 10.86 -6.71
N LEU C 107 75.68 12.06 -6.20
CA LEU C 107 76.07 13.35 -6.85
C LEU C 107 77.60 13.44 -6.86
N LYS C 108 78.22 13.40 -5.69
CA LYS C 108 79.70 13.49 -5.49
C LYS C 108 80.40 12.55 -6.47
N THR C 109 79.91 11.31 -6.60
CA THR C 109 80.54 10.23 -7.41
C THR C 109 80.40 10.57 -8.90
N HIS C 110 79.17 10.75 -9.38
CA HIS C 110 78.82 10.85 -10.83
C HIS C 110 79.02 12.28 -11.35
N ALA C 111 79.25 13.27 -10.47
CA ALA C 111 79.43 14.69 -10.84
C ALA C 111 80.87 14.93 -11.33
N TYR C 112 81.12 16.14 -11.85
CA TYR C 112 82.46 16.59 -12.33
C TYR C 112 83.42 16.69 -11.14
N SER C 113 83.28 17.74 -10.32
CA SER C 113 84.14 18.05 -9.15
C SER C 113 83.89 17.03 -8.03
N GLU C 114 84.92 16.75 -7.21
CA GLU C 114 84.83 15.89 -6.00
C GLU C 114 83.71 16.46 -5.11
N ASN C 115 83.78 17.76 -4.81
CA ASN C 115 82.74 18.50 -4.04
C ASN C 115 82.06 19.51 -4.95
N PRO C 116 80.90 19.15 -5.55
CA PRO C 116 80.09 20.10 -6.33
C PRO C 116 79.16 20.95 -5.45
N ASP C 117 78.60 22.01 -6.04
CA ASP C 117 77.84 23.06 -5.34
C ASP C 117 76.39 22.61 -5.20
N ILE C 118 75.98 22.31 -3.96
CA ILE C 118 74.65 21.73 -3.61
C ILE C 118 74.00 22.63 -2.55
N VAL C 119 72.68 22.80 -2.62
CA VAL C 119 71.87 23.44 -1.55
C VAL C 119 70.68 22.54 -1.21
N LEU C 120 70.59 22.09 0.05
CA LEU C 120 69.52 21.15 0.51
C LEU C 120 68.33 21.99 0.97
N CYS C 121 67.13 21.73 0.44
CA CYS C 121 65.86 22.35 0.90
C CYS C 121 64.96 21.26 1.49
N GLY C 122 64.43 21.51 2.69
CA GLY C 122 63.34 20.73 3.29
C GLY C 122 62.02 21.41 3.02
N ASN C 123 61.26 20.89 2.05
CA ASN C 123 60.10 21.62 1.50
C ASN C 123 58.84 21.28 2.32
N LYS C 124 57.73 21.94 2.00
CA LYS C 124 56.38 21.65 2.55
C LYS C 124 56.40 22.00 4.06
N SER C 125 57.10 23.07 4.42
CA SER C 125 57.28 23.51 5.83
C SER C 125 55.94 24.06 6.37
N ASP C 126 55.09 24.56 5.48
CA ASP C 126 53.73 25.06 5.82
C ASP C 126 52.90 23.93 6.45
N LEU C 127 53.12 22.69 6.00
CA LEU C 127 52.43 21.49 6.55
C LEU C 127 52.97 21.22 7.96
N GLU C 128 52.78 22.18 8.87
CA GLU C 128 53.28 22.15 10.26
C GLU C 128 52.73 20.90 10.93
N ASP C 129 51.44 20.60 10.68
CA ASP C 129 50.68 19.51 11.36
C ASP C 129 51.19 18.12 10.93
N GLU C 130 51.92 18.00 9.82
CA GLU C 130 52.38 16.69 9.29
C GLU C 130 53.90 16.61 9.30
N ARG C 131 54.57 17.55 9.99
CA ARG C 131 56.06 17.57 10.05
C ARG C 131 56.53 16.30 10.75
N VAL C 132 57.56 15.67 10.20
CA VAL C 132 58.07 14.33 10.64
C VAL C 132 59.59 14.42 10.81
N VAL C 133 60.28 15.13 9.92
CA VAL C 133 61.73 15.41 10.05
C VAL C 133 61.90 16.53 11.07
N ALA C 134 62.74 16.30 12.08
CA ALA C 134 63.09 17.31 13.11
C ALA C 134 64.23 18.18 12.58
N ALA C 135 64.11 19.50 12.81
CA ALA C 135 64.93 20.55 12.18
C ALA C 135 66.43 20.36 12.50
N ALA C 136 66.76 20.00 13.75
CA ALA C 136 68.15 19.83 14.20
C ALA C 136 68.80 18.72 13.39
N GLU C 137 68.17 17.56 13.37
CA GLU C 137 68.62 16.35 12.64
C GLU C 137 68.95 16.73 11.19
N ALA C 138 68.07 17.53 10.57
CA ALA C 138 68.27 18.08 9.21
C ALA C 138 69.54 18.92 9.18
N ARG C 139 69.62 19.91 10.08
CA ARG C 139 70.78 20.82 10.21
C ARG C 139 72.05 19.98 10.43
N GLN C 140 72.00 18.94 11.26
CA GLN C 140 73.15 18.03 11.54
C GLN C 140 73.60 17.41 10.21
N LEU C 141 72.66 16.86 9.44
CA LEU C 141 72.94 16.21 8.13
C LEU C 141 73.64 17.22 7.21
N ALA C 142 73.20 18.47 7.24
CA ALA C 142 73.81 19.60 6.49
C ALA C 142 75.25 19.81 6.98
N GLU C 143 75.47 19.71 8.29
CA GLU C 143 76.80 19.82 8.94
C GLU C 143 77.75 18.75 8.38
N HIS C 144 77.45 17.43 8.50
CA HIS C 144 78.38 16.32 8.13
C HIS C 144 78.88 16.54 6.70
N TYR C 145 78.13 17.28 5.86
CA TYR C 145 78.46 17.49 4.43
C TYR C 145 78.88 18.93 4.15
N GLY C 146 78.60 19.86 5.08
CA GLY C 146 78.96 21.28 4.90
C GLY C 146 78.33 21.85 3.65
N ILE C 147 77.01 21.74 3.56
CA ILE C 147 76.20 22.39 2.49
C ILE C 147 75.03 23.11 3.14
N PRO C 148 74.64 24.28 2.59
CA PRO C 148 73.60 25.10 3.19
C PRO C 148 72.25 24.39 3.22
N TYR C 149 71.42 24.71 4.20
CA TYR C 149 70.09 24.10 4.40
C TYR C 149 69.05 25.20 4.60
N PHE C 150 67.89 25.06 3.95
CA PHE C 150 66.71 25.96 4.10
C PHE C 150 65.45 25.13 4.25
N GLU C 151 64.56 25.54 5.16
CA GLU C 151 63.20 24.99 5.33
C GLU C 151 62.26 25.83 4.48
N THR C 152 61.88 25.28 3.33
CA THR C 152 61.18 26.00 2.24
C THR C 152 59.70 25.61 2.24
N SER C 153 58.89 26.45 1.60
CA SER C 153 57.49 26.17 1.20
C SER C 153 57.23 26.84 -0.16
N ALA C 154 56.79 26.05 -1.14
CA ALA C 154 56.37 26.54 -2.47
C ALA C 154 54.98 27.16 -2.34
N ALA C 155 54.26 26.84 -1.26
CA ALA C 155 52.94 27.41 -0.95
C ALA C 155 53.09 28.83 -0.41
N ASN C 156 54.04 29.05 0.53
CA ASN C 156 54.30 30.35 1.21
C ASN C 156 55.30 31.20 0.43
N GLY C 157 56.25 30.55 -0.25
CA GLY C 157 57.44 31.19 -0.83
C GLY C 157 58.58 31.28 0.17
N THR C 158 58.34 30.92 1.44
CA THR C 158 59.34 31.02 2.54
C THR C 158 60.66 30.42 2.09
N ASN C 159 61.73 31.23 2.13
CA ASN C 159 63.14 30.77 1.97
C ASN C 159 63.40 30.26 0.54
N ILE C 160 62.42 30.34 -0.35
CA ILE C 160 62.58 29.84 -1.74
C ILE C 160 63.69 30.64 -2.42
N SER C 161 63.47 31.96 -2.53
CA SER C 161 64.37 32.92 -3.23
C SER C 161 65.76 32.85 -2.59
N GLN C 162 65.80 32.88 -1.26
CA GLN C 162 67.04 32.78 -0.45
C GLN C 162 67.82 31.56 -0.97
N ALA C 163 67.20 30.39 -0.87
CA ALA C 163 67.76 29.07 -1.23
C ALA C 163 68.36 29.11 -2.64
N ILE C 164 67.59 29.51 -3.66
CA ILE C 164 68.07 29.50 -5.08
C ILE C 164 69.20 30.54 -5.22
N GLU C 165 69.04 31.73 -4.61
CA GLU C 165 70.03 32.85 -4.66
C GLU C 165 71.38 32.37 -4.08
N MET C 166 71.34 31.57 -3.02
CA MET C 166 72.53 30.95 -2.39
C MET C 166 73.24 30.09 -3.44
N LEU C 167 72.52 29.16 -4.08
CA LEU C 167 73.09 28.24 -5.10
C LEU C 167 73.71 29.07 -6.22
N LEU C 168 73.05 30.14 -6.65
CA LEU C 168 73.56 31.09 -7.68
C LEU C 168 74.89 31.67 -7.18
N ASP C 169 74.90 32.17 -5.94
CA ASP C 169 76.08 32.83 -5.30
C ASP C 169 77.24 31.83 -5.24
N LEU C 170 76.96 30.56 -4.90
CA LEU C 170 78.00 29.51 -4.74
C LEU C 170 78.76 29.33 -6.07
N ILE C 171 78.02 29.08 -7.15
CA ILE C 171 78.61 28.72 -8.47
C ILE C 171 79.19 29.97 -9.13
N MET C 172 78.62 31.14 -8.86
CA MET C 172 79.19 32.45 -9.30
C MET C 172 80.59 32.59 -8.67
N LYS C 173 80.74 32.23 -7.39
CA LYS C 173 82.04 32.17 -6.68
C LYS C 173 82.98 31.18 -7.40
N ARG C 174 82.49 29.96 -7.67
CA ARG C 174 83.25 28.90 -8.39
C ARG C 174 83.72 29.45 -9.74
N MET C 175 82.84 30.14 -10.48
CA MET C 175 83.13 30.73 -11.81
C MET C 175 84.24 31.78 -11.67
N GLU C 176 84.14 32.64 -10.64
CA GLU C 176 85.10 33.74 -10.36
C GLU C 176 86.47 33.16 -9.94
N ARG C 177 86.49 32.18 -9.04
CA ARG C 177 87.72 31.48 -8.55
C ARG C 177 88.53 30.96 -9.74
N SER C 178 87.86 30.56 -10.82
CA SER C 178 88.46 30.17 -12.14
C SER C 178 88.71 31.42 -12.98
N TYR D 8 -71.89 20.40 40.79
CA TYR D 8 -70.76 21.35 40.54
C TYR D 8 -69.43 20.58 40.38
N LEU D 9 -69.50 19.24 40.31
CA LEU D 9 -68.69 18.42 39.37
C LEU D 9 -69.18 18.78 37.97
N ILE D 10 -68.30 19.29 37.11
CA ILE D 10 -68.64 19.57 35.69
C ILE D 10 -67.79 18.64 34.81
N LYS D 11 -68.46 17.87 33.95
CA LYS D 11 -67.83 16.93 33.00
C LYS D 11 -68.05 17.43 31.57
N PHE D 12 -66.98 17.55 30.78
CA PHE D 12 -67.08 17.60 29.31
C PHE D 12 -66.03 16.68 28.68
N LEU D 13 -66.16 16.47 27.36
CA LEU D 13 -65.40 15.48 26.58
C LEU D 13 -64.67 16.19 25.44
N ALA D 14 -63.36 15.95 25.31
CA ALA D 14 -62.52 16.46 24.21
C ALA D 14 -62.45 15.39 23.12
N LEU D 15 -62.72 15.75 21.87
CA LEU D 15 -62.75 14.77 20.77
C LEU D 15 -62.35 15.46 19.48
N GLY D 16 -62.24 14.67 18.41
CA GLY D 16 -61.61 15.06 17.13
C GLY D 16 -60.78 13.91 16.61
N ASP D 17 -59.90 14.18 15.64
CA ASP D 17 -59.13 13.14 14.93
C ASP D 17 -57.82 12.86 15.67
N SER D 18 -57.15 11.77 15.35
CA SER D 18 -55.82 11.39 15.88
C SER D 18 -54.77 12.38 15.36
N GLY D 19 -54.07 13.08 16.26
CA GLY D 19 -52.93 13.97 15.94
C GLY D 19 -53.28 15.43 16.16
N VAL D 20 -54.57 15.71 16.34
CA VAL D 20 -55.12 17.07 16.58
C VAL D 20 -54.33 17.70 17.73
N GLY D 21 -54.33 17.06 18.90
CA GLY D 21 -53.54 17.47 20.08
C GLY D 21 -54.40 17.63 21.32
N LYS D 22 -55.43 16.80 21.48
CA LYS D 22 -56.45 16.97 22.57
C LYS D 22 -55.89 16.46 23.89
N THR D 23 -54.85 15.63 23.85
CA THR D 23 -54.13 15.16 25.06
C THR D 23 -53.18 16.28 25.51
N SER D 24 -52.46 16.87 24.56
CA SER D 24 -51.49 17.95 24.80
C SER D 24 -52.23 19.19 25.30
N VAL D 25 -53.46 19.39 24.81
CA VAL D 25 -54.31 20.58 25.10
C VAL D 25 -54.85 20.49 26.53
N LEU D 26 -55.32 19.32 26.97
CA LEU D 26 -55.87 19.19 28.33
C LEU D 26 -54.75 19.39 29.36
N TYR D 27 -53.53 18.93 29.04
CA TYR D 27 -52.35 19.02 29.95
C TYR D 27 -51.87 20.48 30.02
N GLN D 28 -51.91 21.23 28.92
CA GLN D 28 -51.58 22.67 28.93
C GLN D 28 -52.52 23.39 29.89
N TYR D 29 -53.80 22.99 29.92
CA TYR D 29 -54.84 23.62 30.77
C TYR D 29 -54.69 23.16 32.22
N THR D 30 -54.76 21.85 32.47
CA THR D 30 -54.66 21.27 33.85
C THR D 30 -53.37 21.78 34.52
N ASP D 31 -52.23 21.71 33.83
CA ASP D 31 -50.87 21.83 34.43
C ASP D 31 -50.05 23.01 33.86
N GLY D 32 -50.58 23.76 32.89
CA GLY D 32 -49.97 25.03 32.43
C GLY D 32 -48.62 24.85 31.74
N LYS D 33 -48.34 23.67 31.19
CA LYS D 33 -47.08 23.37 30.47
C LYS D 33 -47.38 22.37 29.35
N PHE D 34 -46.35 21.94 28.62
CA PHE D 34 -46.48 21.16 27.36
C PHE D 34 -45.56 19.94 27.41
N ASN D 35 -46.13 18.73 27.52
CA ASN D 35 -45.43 17.45 27.24
C ASN D 35 -45.53 17.21 25.73
N SER D 36 -44.40 17.26 25.03
CA SER D 36 -44.35 16.98 23.56
C SER D 36 -44.45 15.46 23.35
N LYS D 37 -44.10 14.65 24.35
CA LYS D 37 -44.26 13.17 24.30
C LYS D 37 -45.74 12.82 24.59
N PHE D 38 -46.35 12.02 23.72
CA PHE D 38 -47.73 11.53 23.93
C PHE D 38 -47.92 10.35 22.98
N ILE D 39 -48.06 9.16 23.56
CA ILE D 39 -48.50 7.95 22.81
C ILE D 39 -49.88 8.30 22.23
N THR D 40 -50.13 7.95 20.98
CA THR D 40 -51.47 8.09 20.36
C THR D 40 -52.41 7.27 21.24
N THR D 41 -53.06 7.95 22.21
CA THR D 41 -54.04 7.41 23.20
C THR D 41 -54.77 6.14 22.73
N VAL D 42 -54.76 5.09 23.57
CA VAL D 42 -55.42 3.77 23.32
C VAL D 42 -56.67 3.63 24.20
N GLY D 43 -56.65 4.22 25.39
CA GLY D 43 -57.67 3.99 26.44
C GLY D 43 -58.73 5.07 26.48
N ILE D 44 -59.18 5.44 27.68
CA ILE D 44 -60.18 6.52 27.93
C ILE D 44 -59.79 7.19 29.24
N ASP D 45 -58.88 8.16 29.18
CA ASP D 45 -58.33 8.88 30.35
C ASP D 45 -59.25 10.07 30.70
N PHE D 46 -58.97 10.71 31.83
CA PHE D 46 -59.43 12.09 32.13
C PHE D 46 -58.49 12.70 33.17
N ARG D 47 -58.28 14.01 33.08
CA ARG D 47 -57.66 14.83 34.15
C ARG D 47 -58.80 15.58 34.84
N GLU D 48 -58.73 15.72 36.16
CA GLU D 48 -59.67 16.60 36.92
C GLU D 48 -58.85 17.61 37.72
N LYS D 49 -59.55 18.60 38.25
CA LYS D 49 -59.00 19.88 38.78
C LYS D 49 -60.18 20.72 39.26
N THR D 50 -60.01 21.39 40.40
CA THR D 50 -61.03 22.27 41.02
C THR D 50 -60.78 23.71 40.57
N ILE D 51 -61.80 24.38 40.03
CA ILE D 51 -61.73 25.76 39.49
C ILE D 51 -62.79 26.59 40.20
N TYR D 52 -62.55 27.91 40.31
CA TYR D 52 -63.50 28.92 40.85
C TYR D 52 -63.79 29.91 39.71
N ARG D 53 -64.99 29.88 39.12
CA ARG D 53 -65.40 30.73 37.97
C ARG D 53 -66.31 31.85 38.47
N ASN D 54 -67.63 31.59 38.57
CA ASN D 54 -68.63 32.57 39.05
C ASN D 54 -68.82 32.38 40.57
N ASP D 55 -67.75 32.62 41.34
CA ASP D 55 -67.70 32.49 42.83
C ASP D 55 -68.39 31.18 43.24
N LYS D 56 -67.97 30.06 42.65
CA LYS D 56 -68.63 28.72 42.84
C LYS D 56 -67.57 27.62 42.92
N ARG D 57 -68.00 26.44 43.38
CA ARG D 57 -67.20 25.19 43.44
C ARG D 57 -67.30 24.46 42.10
N ILE D 58 -66.19 24.37 41.34
CA ILE D 58 -66.12 23.59 40.07
C ILE D 58 -65.03 22.52 40.20
N LYS D 59 -65.42 21.25 40.41
CA LYS D 59 -64.59 20.05 40.10
C LYS D 59 -64.72 19.78 38.60
N LEU D 60 -63.86 20.40 37.78
CA LEU D 60 -63.87 20.24 36.30
C LEU D 60 -63.21 18.90 35.98
N GLN D 61 -63.89 18.09 35.18
CA GLN D 61 -63.46 16.72 34.79
C GLN D 61 -63.28 16.73 33.26
N LEU D 62 -62.02 16.71 32.81
CA LEU D 62 -61.62 16.84 31.39
C LEU D 62 -61.39 15.44 30.78
N TRP D 63 -62.40 14.88 30.14
CA TRP D 63 -62.33 13.51 29.56
C TRP D 63 -61.67 13.56 28.16
N ASP D 64 -60.61 12.76 28.00
CA ASP D 64 -59.84 12.60 26.75
C ASP D 64 -60.41 11.35 26.06
N THR D 65 -60.34 11.29 24.74
CA THR D 65 -60.80 10.13 23.91
C THR D 65 -59.68 9.70 22.97
N ALA D 66 -59.80 8.47 22.47
CA ALA D 66 -58.94 7.93 21.41
C ALA D 66 -59.40 8.50 20.07
N GLY D 67 -58.48 9.10 19.31
CA GLY D 67 -58.77 9.75 18.02
C GLY D 67 -59.12 8.76 16.92
N LEU D 68 -58.87 7.47 17.12
CA LEU D 68 -59.03 6.45 16.06
C LEU D 68 -60.42 5.83 16.11
N GLU D 69 -61.44 6.56 16.59
CA GLU D 69 -62.84 6.13 16.55
C GLU D 69 -63.81 7.32 16.70
N ARG D 70 -65.00 7.17 16.11
CA ARG D 70 -66.26 7.87 16.47
C ARG D 70 -67.12 6.94 17.35
N PHE D 71 -66.62 5.73 17.67
CA PHE D 71 -67.17 4.81 18.69
C PHE D 71 -67.21 5.53 20.05
N ARG D 72 -66.32 6.51 20.25
CA ARG D 72 -66.50 7.60 21.26
C ARG D 72 -67.88 8.21 21.00
N SER D 73 -68.60 8.67 22.02
CA SER D 73 -69.99 9.17 21.86
C SER D 73 -70.95 8.01 21.55
N LEU D 74 -70.41 6.79 21.43
CA LEU D 74 -71.16 5.51 21.52
C LEU D 74 -70.88 4.88 22.89
N THR D 75 -70.08 5.57 23.73
CA THR D 75 -69.66 5.15 25.11
C THR D 75 -70.91 4.96 25.98
N THR D 76 -71.96 5.74 25.71
CA THR D 76 -73.35 5.57 26.23
C THR D 76 -73.39 5.78 27.74
N ALA D 77 -72.24 6.07 28.35
CA ALA D 77 -72.08 6.47 29.78
C ALA D 77 -71.09 7.64 29.84
N PHE D 78 -69.87 7.43 29.31
CA PHE D 78 -68.79 8.45 29.26
C PHE D 78 -69.26 9.66 28.45
N PHE D 79 -69.74 9.43 27.22
CA PHE D 79 -70.35 10.49 26.37
C PHE D 79 -71.67 10.93 26.99
N ARG D 80 -72.52 9.97 27.37
CA ARG D 80 -73.89 10.22 27.91
C ARG D 80 -73.81 11.09 29.18
N ASP D 81 -72.79 10.88 30.02
CA ASP D 81 -72.64 11.56 31.33
C ASP D 81 -72.05 12.98 31.14
N ALA D 82 -71.40 13.24 29.99
CA ALA D 82 -70.71 14.51 29.69
C ALA D 82 -71.74 15.62 29.39
N MET D 83 -71.43 16.87 29.74
CA MET D 83 -72.36 18.02 29.75
C MET D 83 -72.05 18.99 28.61
N GLY D 84 -70.79 19.07 28.19
CA GLY D 84 -70.35 19.85 27.02
C GLY D 84 -69.29 19.12 26.23
N PHE D 85 -68.98 19.56 25.02
CA PHE D 85 -68.00 18.90 24.12
C PHE D 85 -66.99 19.96 23.66
N LEU D 86 -65.72 19.59 23.56
CA LEU D 86 -64.61 20.45 23.05
C LEU D 86 -64.01 19.84 21.77
N LEU D 87 -64.56 20.18 20.60
CA LEU D 87 -64.14 19.64 19.28
C LEU D 87 -62.86 20.37 18.85
N LEU D 88 -61.79 19.63 18.60
CA LEU D 88 -60.53 20.20 18.05
C LEU D 88 -60.34 19.71 16.62
N PHE D 89 -59.50 20.41 15.87
CA PHE D 89 -58.85 19.94 14.63
C PHE D 89 -57.45 20.56 14.51
N ASP D 90 -56.63 20.01 13.63
CA ASP D 90 -55.25 20.50 13.37
C ASP D 90 -55.33 21.47 12.20
N LEU D 91 -54.77 22.68 12.39
CA LEU D 91 -54.72 23.75 11.37
C LEU D 91 -53.66 23.41 10.31
N THR D 92 -52.99 22.27 10.44
CA THR D 92 -51.94 21.81 9.50
C THR D 92 -52.34 20.50 8.80
N ASN D 93 -53.55 19.97 9.01
CA ASN D 93 -54.12 19.01 8.03
C ASN D 93 -55.62 19.30 7.79
N GLU D 94 -55.99 19.43 6.51
CA GLU D 94 -57.35 19.84 6.06
C GLU D 94 -58.35 18.73 6.46
N GLU D 95 -57.92 17.47 6.31
CA GLU D 95 -58.78 16.29 6.59
C GLU D 95 -59.45 16.49 7.95
N SER D 96 -58.66 16.77 8.99
CA SER D 96 -59.14 16.96 10.39
C SER D 96 -60.26 18.00 10.38
N PHE D 97 -60.00 19.15 9.73
CA PHE D 97 -60.92 20.31 9.65
C PHE D 97 -62.21 19.88 8.95
N LEU D 98 -62.10 19.19 7.80
CA LEU D 98 -63.27 18.80 6.97
C LEU D 98 -64.21 17.88 7.76
N ASN D 99 -63.68 17.09 8.70
CA ASN D 99 -64.46 16.12 9.50
C ASN D 99 -65.33 16.85 10.55
N VAL D 100 -64.96 18.08 10.88
CA VAL D 100 -65.63 18.87 11.95
C VAL D 100 -67.14 18.86 11.71
N ARG D 101 -67.55 19.09 10.46
CA ARG D 101 -68.99 19.05 10.05
C ARG D 101 -69.56 17.71 10.52
N ASN D 102 -68.93 16.61 10.09
CA ASN D 102 -69.39 15.22 10.41
C ASN D 102 -69.40 15.05 11.94
N TRP D 103 -68.42 15.60 12.67
CA TRP D 103 -68.36 15.56 14.16
C TRP D 103 -69.54 16.33 14.75
N ILE D 104 -69.64 17.63 14.43
CA ILE D 104 -70.71 18.55 14.95
C ILE D 104 -72.05 17.87 14.65
N SER D 105 -72.21 17.36 13.43
CA SER D 105 -73.39 16.60 12.97
C SER D 105 -73.71 15.48 13.98
N GLN D 106 -72.80 14.50 14.11
CA GLN D 106 -73.01 13.25 14.89
C GLN D 106 -73.19 13.59 16.37
N LEU D 107 -72.62 14.70 16.86
CA LEU D 107 -72.84 15.20 18.25
C LEU D 107 -74.32 15.54 18.43
N LYS D 108 -74.83 16.47 17.61
CA LYS D 108 -76.23 16.95 17.65
C LYS D 108 -77.18 15.76 17.70
N THR D 109 -76.94 14.74 16.87
CA THR D 109 -77.83 13.56 16.71
C THR D 109 -77.77 12.70 17.98
N HIS D 110 -76.58 12.23 18.36
CA HIS D 110 -76.36 11.21 19.42
C HIS D 110 -76.36 11.85 20.81
N ALA D 111 -76.32 13.18 20.92
CA ALA D 111 -76.28 13.92 22.21
C ALA D 111 -77.68 14.01 22.81
N TYR D 112 -77.77 14.52 24.05
CA TYR D 112 -79.04 14.74 24.79
C TYR D 112 -79.86 15.83 24.09
N SER D 113 -79.46 17.09 24.26
CA SER D 113 -80.15 18.29 23.72
C SER D 113 -79.99 18.34 22.20
N GLU D 114 -80.98 18.92 21.50
CA GLU D 114 -80.94 19.20 20.04
C GLU D 114 -79.67 19.99 19.73
N ASN D 115 -79.46 21.11 20.45
CA ASN D 115 -78.25 21.96 20.36
C ASN D 115 -77.47 21.86 21.67
N PRO D 116 -76.46 20.97 21.75
CA PRO D 116 -75.58 20.89 22.91
C PRO D 116 -74.42 21.91 22.85
N ASP D 117 -73.76 22.09 23.99
CA ASP D 117 -72.75 23.15 24.24
C ASP D 117 -71.40 22.66 23.72
N ILE D 118 -70.93 23.28 22.63
CA ILE D 118 -69.70 22.88 21.88
C ILE D 118 -68.79 24.09 21.76
N VAL D 119 -67.48 23.90 21.86
CA VAL D 119 -66.46 24.93 21.52
C VAL D 119 -65.43 24.32 20.56
N LEU D 120 -65.29 24.89 19.37
CA LEU D 120 -64.35 24.40 18.32
C LEU D 120 -63.00 25.07 18.54
N CYS D 121 -61.92 24.28 18.65
CA CYS D 121 -60.52 24.78 18.70
C CYS D 121 -59.76 24.30 17.47
N GLY D 122 -59.08 25.22 16.78
CA GLY D 122 -58.10 24.91 15.72
C GLY D 122 -56.71 24.91 16.33
N ASN D 123 -56.16 23.74 16.57
CA ASN D 123 -54.94 23.60 17.41
C ASN D 123 -53.69 23.72 16.53
N LYS D 124 -52.51 23.73 17.16
CA LYS D 124 -51.19 23.67 16.49
C LYS D 124 -51.01 24.98 15.70
N SER D 125 -51.47 26.10 16.26
CA SER D 125 -51.43 27.43 15.61
C SER D 125 -49.98 27.93 15.55
N ASP D 126 -49.13 27.47 16.47
CA ASP D 126 -47.69 27.79 16.52
C ASP D 126 -47.01 27.33 15.22
N LEU D 127 -47.47 26.21 14.66
CA LEU D 127 -46.96 25.68 13.37
C LEU D 127 -47.40 26.61 12.23
N GLU D 128 -46.97 27.86 12.28
CA GLU D 128 -47.35 28.93 11.32
C GLU D 128 -46.95 28.45 9.93
N ASP D 129 -45.76 27.84 9.82
CA ASP D 129 -45.11 27.45 8.53
C ASP D 129 -45.90 26.30 7.85
N GLU D 130 -46.74 25.57 8.57
CA GLU D 130 -47.46 24.37 8.04
C GLU D 130 -48.97 24.62 8.05
N ARG D 131 -49.40 25.86 8.29
CA ARG D 131 -50.84 26.21 8.33
C ARG D 131 -51.46 25.92 6.95
N VAL D 132 -52.63 25.30 6.95
CA VAL D 132 -53.32 24.82 5.72
C VAL D 132 -54.78 25.29 5.75
N VAL D 133 -55.42 25.26 6.92
CA VAL D 133 -56.78 25.82 7.12
C VAL D 133 -56.65 27.34 7.24
N ALA D 134 -57.41 28.07 6.41
CA ALA D 134 -57.49 29.55 6.43
C ALA D 134 -58.50 29.97 7.49
N ALA D 135 -58.14 31.00 8.27
CA ALA D 135 -58.84 31.43 9.52
C ALA D 135 -60.30 31.79 9.24
N ALA D 136 -60.56 32.50 8.14
CA ALA D 136 -61.92 32.97 7.78
C ALA D 136 -62.84 31.76 7.59
N GLU D 137 -62.40 30.84 6.73
CA GLU D 137 -63.13 29.58 6.39
C GLU D 137 -63.50 28.88 7.70
N ALA D 138 -62.58 28.82 8.65
CA ALA D 138 -62.80 28.25 10.00
C ALA D 138 -63.91 29.03 10.71
N ARG D 139 -63.73 30.35 10.79
CA ARG D 139 -64.71 31.28 11.42
C ARG D 139 -66.09 31.10 10.75
N GLN D 140 -66.12 30.98 9.41
CA GLN D 140 -67.37 30.77 8.63
C GLN D 140 -68.05 29.49 9.15
N LEU D 141 -67.29 28.38 9.24
CA LEU D 141 -67.80 27.05 9.69
C LEU D 141 -68.40 27.23 11.09
N ALA D 142 -67.75 28.02 11.95
CA ALA D 142 -68.25 28.36 13.30
C ALA D 142 -69.57 29.12 13.19
N GLU D 143 -69.67 30.03 12.21
CA GLU D 143 -70.90 30.82 11.92
C GLU D 143 -72.07 29.88 11.59
N HIS D 144 -71.97 29.01 10.56
CA HIS D 144 -73.12 28.17 10.07
C HIS D 144 -73.72 27.41 11.27
N TYR D 145 -72.95 27.17 12.33
CA TYR D 145 -73.38 26.36 13.50
C TYR D 145 -73.56 27.22 14.75
N GLY D 146 -73.03 28.46 14.74
CA GLY D 146 -73.16 29.37 15.88
C GLY D 146 -72.58 28.78 17.13
N ILE D 147 -71.30 28.38 17.05
CA ILE D 147 -70.50 27.91 18.21
C ILE D 147 -69.17 28.64 18.20
N PRO D 148 -68.62 28.97 19.39
CA PRO D 148 -67.41 29.77 19.51
C PRO D 148 -66.20 29.04 18.90
N TYR D 149 -65.24 29.80 18.41
CA TYR D 149 -64.02 29.27 17.75
C TYR D 149 -62.78 29.96 18.32
N PHE D 150 -61.74 29.19 18.63
CA PHE D 150 -60.43 29.67 19.10
C PHE D 150 -59.31 28.97 18.33
N GLU D 151 -58.29 29.73 17.95
CA GLU D 151 -57.03 29.21 17.34
C GLU D 151 -56.04 28.97 18.49
N THR D 152 -55.87 27.72 18.87
CA THR D 152 -55.17 27.30 20.10
C THR D 152 -53.79 26.75 19.74
N SER D 153 -52.90 26.70 20.74
CA SER D 153 -51.62 25.96 20.74
C SER D 153 -51.38 25.39 22.14
N ALA D 154 -51.17 24.08 22.24
CA ALA D 154 -50.81 23.39 23.49
C ALA D 154 -49.32 23.63 23.76
N ALA D 155 -48.58 24.05 22.74
CA ALA D 155 -47.14 24.40 22.85
C ALA D 155 -47.00 25.79 23.50
N ASN D 156 -47.80 26.77 23.08
CA ASN D 156 -47.77 28.19 23.53
C ASN D 156 -48.69 28.39 24.74
N GLY D 157 -49.79 27.65 24.80
CA GLY D 157 -50.90 27.91 25.73
C GLY D 157 -51.91 28.89 25.15
N THR D 158 -51.61 29.50 23.99
CA THR D 158 -52.45 30.54 23.36
C THR D 158 -53.91 30.09 23.33
N ASN D 159 -54.81 30.86 23.92
CA ASN D 159 -56.29 30.72 23.80
C ASN D 159 -56.78 29.42 24.45
N ILE D 160 -55.90 28.63 25.07
CA ILE D 160 -56.28 27.33 25.69
C ILE D 160 -57.29 27.62 26.81
N SER D 161 -56.85 28.39 27.80
CA SER D 161 -57.63 28.71 29.03
C SER D 161 -58.95 29.39 28.62
N GLN D 162 -58.86 30.37 27.72
CA GLN D 162 -60.00 31.11 27.14
C GLN D 162 -61.03 30.08 26.68
N ALA D 163 -60.62 29.23 25.74
CA ALA D 163 -61.43 28.19 25.08
C ALA D 163 -62.16 27.32 26.12
N ILE D 164 -61.44 26.73 27.08
CA ILE D 164 -62.04 25.81 28.09
C ILE D 164 -62.98 26.63 29.00
N GLU D 165 -62.56 27.84 29.42
CA GLU D 165 -63.34 28.74 30.31
C GLU D 165 -64.68 29.09 29.64
N MET D 166 -64.67 29.30 28.32
CA MET D 166 -65.89 29.54 27.51
C MET D 166 -66.84 28.36 27.68
N LEU D 167 -66.36 27.14 27.40
CA LEU D 167 -67.18 25.89 27.49
C LEU D 167 -67.76 25.79 28.91
N LEU D 168 -66.95 26.08 29.94
CA LEU D 168 -67.40 26.09 31.35
C LEU D 168 -68.55 27.09 31.50
N ASP D 169 -68.36 28.31 31.01
CA ASP D 169 -69.33 29.44 31.10
C ASP D 169 -70.63 29.03 30.39
N LEU D 170 -70.55 28.35 29.23
CA LEU D 170 -71.75 27.94 28.43
C LEU D 170 -72.64 27.03 29.28
N ILE D 171 -72.07 25.94 29.81
CA ILE D 171 -72.83 24.87 30.51
C ILE D 171 -73.24 25.37 31.90
N MET D 172 -72.45 26.25 32.51
CA MET D 172 -72.82 26.94 33.78
C MET D 172 -74.11 27.74 33.54
N LYS D 173 -74.20 28.43 32.38
CA LYS D 173 -75.42 29.15 31.93
C LYS D 173 -76.58 28.15 31.78
N ARG D 174 -76.35 27.03 31.08
CA ARG D 174 -77.34 25.94 30.87
C ARG D 174 -77.84 25.45 32.24
N MET D 175 -76.92 25.22 33.19
CA MET D 175 -77.21 24.75 34.57
C MET D 175 -78.10 25.77 35.28
N GLU D 176 -77.75 27.06 35.17
CA GLU D 176 -78.47 28.20 35.82
C GLU D 176 -79.88 28.36 35.21
N ARG D 177 -79.98 28.34 33.87
CA ARG D 177 -81.27 28.44 33.11
C ARG D 177 -82.27 27.39 33.64
N SER D 178 -81.78 26.22 34.07
CA SER D 178 -82.56 25.15 34.76
C SER D 178 -82.66 25.46 36.25
N TYR E 8 -22.28 -9.14 -23.39
CA TYR E 8 -23.70 -8.94 -23.86
C TYR E 8 -24.68 -9.56 -22.84
N LEU E 9 -24.18 -9.98 -21.67
CA LEU E 9 -24.86 -9.76 -20.36
C LEU E 9 -24.82 -8.25 -20.12
N ILE E 10 -25.99 -7.61 -20.01
CA ILE E 10 -26.09 -6.15 -19.73
C ILE E 10 -26.75 -5.98 -18.36
N LYS E 11 -26.06 -5.28 -17.46
CA LYS E 11 -26.53 -4.99 -16.08
C LYS E 11 -26.80 -3.50 -15.94
N PHE E 12 -28.00 -3.13 -15.46
CA PHE E 12 -28.25 -1.78 -14.90
C PHE E 12 -29.05 -1.92 -13.60
N LEU E 13 -29.14 -0.80 -12.87
CA LEU E 13 -29.70 -0.72 -11.50
C LEU E 13 -30.85 0.27 -11.48
N ALA E 14 -31.99 -0.14 -10.94
CA ALA E 14 -33.18 0.72 -10.72
C ALA E 14 -33.13 1.25 -9.29
N LEU E 15 -33.27 2.56 -9.13
CA LEU E 15 -33.17 3.19 -7.79
C LEU E 15 -34.06 4.43 -7.77
N GLY E 16 -34.14 5.05 -6.59
CA GLY E 16 -35.12 6.09 -6.25
C GLY E 16 -35.63 5.88 -4.84
N ASP E 17 -36.73 6.52 -4.48
CA ASP E 17 -37.26 6.54 -3.08
C ASP E 17 -38.21 5.35 -2.91
N SER E 18 -38.52 5.03 -1.66
CA SER E 18 -39.52 3.99 -1.28
C SER E 18 -40.92 4.46 -1.71
N GLY E 19 -41.61 3.69 -2.56
CA GLY E 19 -43.01 3.91 -2.96
C GLY E 19 -43.11 4.34 -4.41
N VAL E 20 -41.98 4.69 -5.01
CA VAL E 20 -41.86 5.15 -6.42
C VAL E 20 -42.56 4.11 -7.31
N GLY E 21 -42.09 2.86 -7.25
CA GLY E 21 -42.67 1.71 -7.97
C GLY E 21 -41.66 0.97 -8.82
N LYS E 22 -40.40 0.89 -8.38
CA LYS E 22 -39.28 0.35 -9.21
C LYS E 22 -39.32 -1.19 -9.21
N THR E 23 -40.01 -1.80 -8.26
CA THR E 23 -40.25 -3.26 -8.21
C THR E 23 -41.38 -3.58 -9.18
N SER E 24 -42.46 -2.78 -9.13
CA SER E 24 -43.66 -2.96 -9.98
C SER E 24 -43.28 -2.71 -11.45
N VAL E 25 -42.32 -1.79 -11.67
CA VAL E 25 -41.88 -1.35 -13.02
C VAL E 25 -41.04 -2.45 -13.67
N LEU E 26 -40.12 -3.08 -12.93
CA LEU E 26 -39.26 -4.14 -13.51
C LEU E 26 -40.14 -5.34 -13.90
N TYR E 27 -41.17 -5.64 -13.10
CA TYR E 27 -42.08 -6.78 -13.32
C TYR E 27 -42.98 -6.51 -14.53
N GLN E 28 -43.45 -5.27 -14.72
CA GLN E 28 -44.23 -4.89 -15.93
C GLN E 28 -43.38 -5.17 -17.17
N TYR E 29 -42.07 -4.90 -17.10
CA TYR E 29 -41.15 -5.08 -18.24
C TYR E 29 -40.80 -6.55 -18.42
N THR E 30 -40.25 -7.20 -17.40
CA THR E 30 -39.83 -8.64 -17.44
C THR E 30 -41.03 -9.49 -17.91
N ASP E 31 -42.21 -9.30 -17.31
CA ASP E 31 -43.36 -10.25 -17.38
C ASP E 31 -44.62 -9.63 -17.98
N GLY E 32 -44.61 -8.34 -18.35
CA GLY E 32 -45.69 -7.71 -19.15
C GLY E 32 -47.02 -7.63 -18.42
N LYS E 33 -47.02 -7.64 -17.08
CA LYS E 33 -48.25 -7.52 -16.26
C LYS E 33 -47.91 -6.78 -14.96
N PHE E 34 -48.89 -6.61 -14.08
CA PHE E 34 -48.79 -5.74 -12.88
C PHE E 34 -49.23 -6.53 -11.63
N ASN E 35 -48.29 -6.87 -10.74
CA ASN E 35 -48.59 -7.30 -9.34
C ASN E 35 -48.73 -6.02 -8.51
N SER E 36 -49.92 -5.73 -8.00
CA SER E 36 -50.19 -4.58 -7.12
C SER E 36 -49.63 -4.85 -5.72
N LYS E 37 -49.46 -6.14 -5.35
CA LYS E 37 -48.83 -6.55 -4.07
C LYS E 37 -47.30 -6.42 -4.20
N PHE E 38 -46.66 -5.74 -3.28
CA PHE E 38 -45.18 -5.64 -3.22
C PHE E 38 -44.82 -5.14 -1.83
N ILE E 39 -44.20 -6.01 -1.05
CA ILE E 39 -43.58 -5.66 0.25
C ILE E 39 -42.55 -4.56 -0.07
N THR E 40 -42.47 -3.51 0.73
CA THR E 40 -41.41 -2.48 0.60
C THR E 40 -40.08 -3.23 0.75
N THR E 41 -39.50 -3.63 -0.38
CA THR E 41 -38.20 -4.34 -0.56
C THR E 41 -37.22 -4.14 0.61
N VAL E 42 -36.70 -5.25 1.17
CA VAL E 42 -35.72 -5.30 2.30
C VAL E 42 -34.34 -5.74 1.77
N GLY E 43 -34.31 -6.56 0.72
CA GLY E 43 -33.09 -7.25 0.24
C GLY E 43 -32.43 -6.52 -0.92
N ILE E 44 -31.84 -7.28 -1.84
CA ILE E 44 -31.20 -6.78 -3.10
C ILE E 44 -31.44 -7.82 -4.19
N ASP E 45 -32.60 -7.75 -4.84
CA ASP E 45 -33.06 -8.76 -5.84
C ASP E 45 -32.58 -8.31 -7.22
N PHE E 46 -32.82 -9.15 -8.23
CA PHE E 46 -32.81 -8.77 -9.67
C PHE E 46 -33.65 -9.78 -10.44
N ARG E 47 -34.30 -9.32 -11.51
CA ARG E 47 -34.91 -10.17 -12.56
C ARG E 47 -33.97 -10.13 -13.76
N GLU E 48 -33.80 -11.26 -14.46
CA GLU E 48 -33.07 -11.29 -15.74
C GLU E 48 -33.97 -11.92 -16.80
N LYS E 49 -33.53 -11.82 -18.06
CA LYS E 49 -34.35 -12.00 -19.29
C LYS E 49 -33.45 -11.72 -20.48
N THR E 50 -33.61 -12.50 -21.55
CA THR E 50 -32.83 -12.37 -22.81
C THR E 50 -33.65 -11.51 -23.79
N ILE E 51 -33.05 -10.45 -24.34
CA ILE E 51 -33.68 -9.52 -25.33
C ILE E 51 -32.81 -9.52 -26.60
N TYR E 52 -33.46 -9.25 -27.75
CA TYR E 52 -32.79 -9.05 -29.07
C TYR E 52 -33.12 -7.61 -29.52
N ARG E 53 -32.13 -6.71 -29.50
CA ARG E 53 -32.29 -5.27 -29.84
C ARG E 53 -31.72 -5.02 -31.25
N ASN E 54 -30.41 -4.78 -31.36
CA ASN E 54 -29.71 -4.57 -32.66
C ASN E 54 -29.17 -5.91 -33.16
N ASP E 55 -30.07 -6.86 -33.45
CA ASP E 55 -29.77 -8.23 -33.95
C ASP E 55 -28.58 -8.82 -33.17
N LYS E 56 -28.67 -8.81 -31.84
CA LYS E 56 -27.58 -9.22 -30.92
C LYS E 56 -28.17 -9.98 -29.71
N ARG E 57 -27.29 -10.63 -28.95
CA ARG E 57 -27.59 -11.37 -27.70
C ARG E 57 -27.57 -10.39 -26.51
N ILE E 58 -28.71 -10.14 -25.87
CA ILE E 58 -28.80 -9.35 -24.61
C ILE E 58 -29.41 -10.23 -23.52
N LYS E 59 -28.57 -10.72 -22.59
CA LYS E 59 -29.02 -11.17 -21.23
C LYS E 59 -29.12 -9.91 -20.36
N LEU E 60 -30.31 -9.27 -20.35
CA LEU E 60 -30.58 -8.04 -19.57
C LEU E 60 -30.79 -8.46 -18.12
N GLN E 61 -30.08 -7.82 -17.20
CA GLN E 61 -30.09 -8.12 -15.74
C GLN E 61 -30.59 -6.85 -15.04
N LEU E 62 -31.83 -6.89 -14.56
CA LEU E 62 -32.56 -5.73 -13.98
C LEU E 62 -32.44 -5.77 -12.45
N TRP E 63 -31.45 -5.05 -11.88
CA TRP E 63 -31.19 -5.05 -10.42
C TRP E 63 -32.12 -4.05 -9.72
N ASP E 64 -32.85 -4.55 -8.72
CA ASP E 64 -33.78 -3.76 -7.86
C ASP E 64 -33.00 -3.41 -6.59
N THR E 65 -33.34 -2.30 -5.95
CA THR E 65 -32.71 -1.84 -4.68
C THR E 65 -33.81 -1.53 -3.66
N ALA E 66 -33.41 -1.49 -2.39
CA ALA E 66 -34.25 -1.01 -1.28
C ALA E 66 -34.32 0.52 -1.33
N GLY E 67 -35.54 1.06 -1.30
CA GLY E 67 -35.80 2.51 -1.38
C GLY E 67 -35.37 3.25 -0.12
N LEU E 68 -35.13 2.54 0.98
CA LEU E 68 -34.89 3.16 2.30
C LEU E 68 -33.38 3.33 2.53
N GLU E 69 -32.59 3.52 1.46
CA GLU E 69 -31.14 3.87 1.60
C GLU E 69 -30.60 4.49 0.31
N ARG E 70 -29.59 5.35 0.47
CA ARG E 70 -28.56 5.73 -0.55
C ARG E 70 -27.28 4.92 -0.31
N PHE E 71 -27.29 4.03 0.69
CA PHE E 71 -26.24 2.98 0.93
C PHE E 71 -26.15 2.08 -0.32
N ARG E 72 -27.23 1.97 -1.09
CA ARG E 72 -27.22 1.57 -2.52
C ARG E 72 -26.18 2.47 -3.21
N SER E 73 -25.46 1.97 -4.21
CA SER E 73 -24.38 2.76 -4.87
C SER E 73 -23.20 2.94 -3.92
N LEU E 74 -23.31 2.42 -2.69
CA LEU E 74 -22.18 2.13 -1.76
C LEU E 74 -21.93 0.62 -1.78
N THR E 75 -22.70 -0.13 -2.58
CA THR E 75 -22.65 -1.62 -2.70
C THR E 75 -21.27 -2.04 -3.19
N THR E 76 -20.60 -1.18 -3.98
CA THR E 76 -19.15 -1.25 -4.35
C THR E 76 -18.87 -2.49 -5.19
N ALA E 77 -19.90 -3.31 -5.46
CA ALA E 77 -19.87 -4.46 -6.39
C ALA E 77 -21.16 -4.44 -7.23
N PHE E 78 -22.33 -4.44 -6.57
CA PHE E 78 -23.67 -4.40 -7.21
C PHE E 78 -23.80 -3.10 -8.02
N PHE E 79 -23.55 -1.96 -7.38
CA PHE E 79 -23.52 -0.63 -8.06
C PHE E 79 -22.31 -0.57 -9.00
N ARG E 80 -21.13 -0.98 -8.51
CA ARG E 80 -19.85 -0.90 -9.25
C ARG E 80 -19.93 -1.73 -10.54
N ASP E 81 -20.62 -2.87 -10.52
CA ASP E 81 -20.71 -3.84 -11.64
C ASP E 81 -21.76 -3.36 -12.66
N ALA E 82 -22.69 -2.49 -12.26
CA ALA E 82 -23.81 -2.00 -13.10
C ALA E 82 -23.27 -1.01 -14.15
N MET E 83 -23.91 -0.97 -15.34
CA MET E 83 -23.42 -0.25 -16.54
C MET E 83 -24.27 0.99 -16.81
N GLY E 84 -25.55 0.97 -16.43
CA GLY E 84 -26.46 2.11 -16.52
C GLY E 84 -27.38 2.17 -15.32
N PHE E 85 -28.09 3.28 -15.13
CA PHE E 85 -28.98 3.50 -13.97
C PHE E 85 -30.36 3.92 -14.51
N LEU E 86 -31.43 3.45 -13.86
CA LEU E 86 -32.84 3.84 -14.15
C LEU E 86 -33.45 4.55 -12.94
N LEU E 87 -33.31 5.88 -12.86
CA LEU E 87 -33.81 6.69 -11.69
C LEU E 87 -35.31 6.90 -11.88
N LEU E 88 -36.12 6.49 -10.92
CA LEU E 88 -37.57 6.76 -10.93
C LEU E 88 -37.92 7.77 -9.84
N PHE E 89 -39.09 8.40 -9.96
CA PHE E 89 -39.80 9.11 -8.88
C PHE E 89 -41.32 8.96 -9.09
N ASP E 90 -42.09 9.27 -8.05
CA ASP E 90 -43.57 9.21 -8.09
C ASP E 90 -44.07 10.61 -8.46
N LEU E 91 -44.93 10.68 -9.49
CA LEU E 91 -45.56 11.92 -9.98
C LEU E 91 -46.65 12.39 -9.02
N THR E 92 -46.86 11.65 -7.91
CA THR E 92 -47.89 11.97 -6.90
C THR E 92 -47.25 12.27 -5.54
N ASN E 93 -45.92 12.31 -5.42
CA ASN E 93 -45.30 13.04 -4.28
C ASN E 93 -44.07 13.83 -4.76
N GLU E 94 -44.05 15.13 -4.41
CA GLU E 94 -43.02 16.12 -4.85
C GLU E 94 -41.68 15.71 -4.26
N GLU E 95 -41.68 15.27 -3.00
CA GLU E 95 -40.46 14.91 -2.25
C GLU E 95 -39.60 14.00 -3.15
N SER E 96 -40.19 12.91 -3.66
CA SER E 96 -39.51 11.92 -4.53
C SER E 96 -38.82 12.65 -5.68
N PHE E 97 -39.57 13.53 -6.35
CA PHE E 97 -39.12 14.29 -7.53
C PHE E 97 -37.95 15.21 -7.14
N LEU E 98 -38.07 15.93 -6.02
CA LEU E 98 -37.05 16.91 -5.56
C LEU E 98 -35.71 16.20 -5.30
N ASN E 99 -35.75 14.93 -4.87
CA ASN E 99 -34.53 14.14 -4.52
C ASN E 99 -33.75 13.76 -5.78
N VAL E 100 -34.40 13.79 -6.94
CA VAL E 100 -33.81 13.34 -8.23
C VAL E 100 -32.46 14.06 -8.42
N ARG E 101 -32.44 15.37 -8.17
CA ARG E 101 -31.19 16.17 -8.24
C ARG E 101 -30.13 15.48 -7.37
N ASN E 102 -30.45 15.26 -6.09
CA ASN E 102 -29.52 14.65 -5.10
C ASN E 102 -29.12 13.26 -5.61
N TRP E 103 -30.04 12.48 -6.21
CA TRP E 103 -29.74 11.14 -6.80
C TRP E 103 -28.76 11.30 -7.97
N ILE E 104 -29.15 12.06 -9.01
CA ILE E 104 -28.34 12.28 -10.24
C ILE E 104 -26.95 12.76 -9.78
N SER E 105 -26.93 13.71 -8.84
CA SER E 105 -25.70 14.25 -8.21
C SER E 105 -24.83 13.09 -7.72
N GLN E 106 -25.31 12.32 -6.73
CA GLN E 106 -24.53 11.28 -6.01
C GLN E 106 -24.14 10.16 -6.98
N LEU E 107 -24.92 9.93 -8.05
CA LEU E 107 -24.57 8.95 -9.12
C LEU E 107 -23.28 9.41 -9.81
N LYS E 108 -23.30 10.62 -10.37
CA LYS E 108 -22.15 11.24 -11.11
C LYS E 108 -20.88 11.09 -10.27
N THR E 109 -20.96 11.38 -8.96
CA THR E 109 -19.80 11.41 -8.04
C THR E 109 -19.28 9.97 -7.82
N HIS E 110 -20.14 9.07 -7.33
CA HIS E 110 -19.78 7.71 -6.84
C HIS E 110 -19.69 6.71 -8.01
N ALA E 111 -20.13 7.08 -9.22
CA ALA E 111 -20.11 6.21 -10.41
C ALA E 111 -18.71 6.17 -11.04
N TYR E 112 -18.51 5.30 -12.03
CA TYR E 112 -17.26 5.15 -12.82
C TYR E 112 -17.06 6.42 -13.66
N SER E 113 -17.82 6.58 -14.75
CA SER E 113 -17.71 7.69 -15.72
C SER E 113 -18.19 9.00 -15.08
N GLU E 114 -17.62 10.14 -15.51
CA GLU E 114 -18.06 11.51 -15.09
C GLU E 114 -19.56 11.63 -15.38
N ASN E 115 -19.97 11.33 -16.62
CA ASN E 115 -21.39 11.29 -17.07
C ASN E 115 -21.76 9.86 -17.41
N PRO E 116 -22.37 9.13 -16.45
CA PRO E 116 -22.92 7.79 -16.71
C PRO E 116 -24.31 7.81 -17.34
N ASP E 117 -24.73 6.66 -17.86
CA ASP E 117 -25.95 6.49 -18.70
C ASP E 117 -27.16 6.32 -17.77
N ILE E 118 -28.02 7.33 -17.74
CA ILE E 118 -29.19 7.42 -16.81
C ILE E 118 -30.44 7.67 -17.65
N VAL E 119 -31.57 7.06 -17.26
CA VAL E 119 -32.92 7.38 -17.81
C VAL E 119 -33.87 7.66 -16.65
N LEU E 120 -34.45 8.86 -16.60
CA LEU E 120 -35.37 9.30 -15.51
C LEU E 120 -36.79 8.89 -15.91
N CYS E 121 -37.50 8.15 -15.05
CA CYS E 121 -38.93 7.81 -15.22
C CYS E 121 -39.75 8.47 -14.12
N GLY E 122 -40.83 9.16 -14.49
CA GLY E 122 -41.86 9.62 -13.57
C GLY E 122 -43.01 8.64 -13.53
N ASN E 123 -43.09 7.83 -12.49
CA ASN E 123 -43.99 6.66 -12.48
C ASN E 123 -45.36 7.05 -11.94
N LYS E 124 -46.30 6.11 -11.97
CA LYS E 124 -47.65 6.24 -11.36
C LYS E 124 -48.41 7.33 -12.13
N SER E 125 -48.23 7.38 -13.45
CA SER E 125 -48.84 8.40 -14.34
C SER E 125 -50.36 8.15 -14.44
N ASP E 126 -50.78 6.90 -14.26
CA ASP E 126 -52.21 6.48 -14.24
C ASP E 126 -52.96 7.24 -13.13
N LEU E 127 -52.29 7.51 -12.01
CA LEU E 127 -52.87 8.28 -10.89
C LEU E 127 -53.01 9.74 -11.30
N GLU E 128 -53.82 9.98 -12.35
CA GLU E 128 -54.04 11.32 -12.96
C GLU E 128 -54.55 12.26 -11.85
N ASP E 129 -55.46 11.75 -11.01
CA ASP E 129 -56.20 12.53 -9.99
C ASP E 129 -55.27 13.01 -8.85
N GLU E 130 -54.09 12.39 -8.69
CA GLU E 130 -53.16 12.70 -7.57
C GLU E 130 -51.85 13.26 -8.11
N ARG E 131 -51.81 13.63 -9.39
CA ARG E 131 -50.59 14.20 -10.02
C ARG E 131 -50.22 15.50 -9.31
N VAL E 132 -48.93 15.67 -9.01
CA VAL E 132 -48.40 16.80 -8.20
C VAL E 132 -47.22 17.42 -8.94
N VAL E 133 -46.36 16.59 -9.55
CA VAL E 133 -45.26 17.07 -10.42
C VAL E 133 -45.85 17.45 -11.78
N ALA E 134 -45.58 18.67 -12.24
CA ALA E 134 -46.00 19.19 -13.57
C ALA E 134 -44.96 18.74 -14.61
N ALA E 135 -45.45 18.28 -15.76
CA ALA E 135 -44.69 17.58 -16.82
C ALA E 135 -43.53 18.47 -17.35
N ALA E 136 -43.78 19.77 -17.54
CA ALA E 136 -42.78 20.71 -18.09
C ALA E 136 -41.58 20.77 -17.13
N GLU E 137 -41.86 21.05 -15.86
CA GLU E 137 -40.86 21.14 -14.76
C GLU E 137 -39.99 19.89 -14.80
N ALA E 138 -40.60 18.71 -14.97
CA ALA E 138 -39.91 17.41 -15.10
C ALA E 138 -39.00 17.46 -16.33
N ARG E 139 -39.56 17.78 -17.49
CA ARG E 139 -38.83 17.90 -18.78
C ARG E 139 -37.67 18.90 -18.60
N GLN E 140 -37.88 20.03 -17.91
CA GLN E 140 -36.84 21.05 -17.65
C GLN E 140 -35.69 20.38 -16.88
N LEU E 141 -36.01 19.65 -15.80
CA LEU E 141 -35.01 18.94 -14.96
C LEU E 141 -34.20 17.98 -15.83
N ALA E 142 -34.86 17.31 -16.77
CA ALA E 142 -34.23 16.41 -17.76
C ALA E 142 -33.28 17.22 -18.64
N GLU E 143 -33.69 18.44 -19.03
CA GLU E 143 -32.87 19.38 -19.84
C GLU E 143 -31.56 19.71 -19.10
N HIS E 144 -31.59 20.28 -17.87
CA HIS E 144 -30.37 20.76 -17.14
C HIS E 144 -29.32 19.64 -17.12
N TYR E 145 -29.72 18.37 -17.23
CA TYR E 145 -28.82 17.19 -17.12
C TYR E 145 -28.64 16.49 -18.46
N GLY E 146 -29.52 16.76 -19.43
CA GLY E 146 -29.45 16.12 -20.75
C GLY E 146 -29.52 14.61 -20.61
N ILE E 147 -30.58 14.13 -19.97
CA ILE E 147 -30.91 12.69 -19.88
C ILE E 147 -32.38 12.50 -20.26
N PRO E 148 -32.71 11.38 -20.94
CA PRO E 148 -34.08 11.14 -21.41
C PRO E 148 -35.06 11.03 -20.25
N TYR E 149 -36.31 11.41 -20.49
CA TYR E 149 -37.39 11.38 -19.48
C TYR E 149 -38.62 10.69 -20.08
N PHE E 150 -39.26 9.82 -19.32
CA PHE E 150 -40.54 9.13 -19.68
C PHE E 150 -41.51 9.18 -18.50
N GLU E 151 -42.78 9.44 -18.77
CA GLU E 151 -43.89 9.36 -17.80
C GLU E 151 -44.48 7.95 -17.90
N THR E 152 -44.13 7.12 -16.91
CA THR E 152 -44.38 5.66 -16.93
C THR E 152 -45.55 5.32 -16.01
N SER E 153 -46.12 4.13 -16.20
CA SER E 153 -47.06 3.45 -15.29
C SER E 153 -46.79 1.94 -15.34
N ALA E 154 -46.53 1.34 -14.19
CA ALA E 154 -46.37 -0.13 -14.06
C ALA E 154 -47.76 -0.77 -14.09
N ALA E 155 -48.80 0.02 -13.84
CA ALA E 155 -50.21 -0.42 -13.90
C ALA E 155 -50.66 -0.54 -15.36
N ASN E 156 -50.34 0.46 -16.21
CA ASN E 156 -50.73 0.54 -17.65
C ASN E 156 -49.70 -0.13 -18.53
N GLY E 157 -48.43 -0.08 -18.15
CA GLY E 157 -47.29 -0.45 -19.02
C GLY E 157 -46.80 0.73 -19.84
N THR E 158 -47.52 1.86 -19.80
CA THR E 158 -47.23 3.06 -20.64
C THR E 158 -45.74 3.40 -20.51
N ASN E 159 -45.03 3.44 -21.64
CA ASN E 159 -43.65 4.00 -21.75
C ASN E 159 -42.65 3.14 -21.00
N ILE E 160 -43.07 2.02 -20.39
CA ILE E 160 -42.15 1.16 -19.60
C ILE E 160 -41.06 0.62 -20.54
N SER E 161 -41.49 -0.13 -21.55
CA SER E 161 -40.61 -0.82 -22.54
C SER E 161 -39.72 0.22 -23.22
N GLN E 162 -40.32 1.31 -23.68
CA GLN E 162 -39.62 2.46 -24.31
C GLN E 162 -38.44 2.85 -23.40
N ALA E 163 -38.77 3.24 -22.17
CA ALA E 163 -37.81 3.72 -21.15
C ALA E 163 -36.64 2.74 -20.99
N ILE E 164 -36.90 1.45 -20.72
CA ILE E 164 -35.82 0.44 -20.47
C ILE E 164 -35.02 0.26 -21.79
N GLU E 165 -35.71 0.18 -22.93
CA GLU E 165 -35.09 -0.03 -24.28
C GLU E 165 -34.12 1.11 -24.57
N MET E 166 -34.49 2.35 -24.20
CA MET E 166 -33.62 3.55 -24.32
C MET E 166 -32.32 3.32 -23.53
N LEU E 167 -32.43 2.96 -22.25
CA LEU E 167 -31.26 2.72 -21.37
C LEU E 167 -30.37 1.64 -22.00
N LEU E 168 -30.98 0.57 -22.54
CA LEU E 168 -30.26 -0.52 -23.26
C LEU E 168 -29.49 0.10 -24.42
N ASP E 169 -30.18 0.90 -25.24
CA ASP E 169 -29.63 1.54 -26.47
C ASP E 169 -28.46 2.46 -26.08
N LEU E 170 -28.57 3.20 -24.97
CA LEU E 170 -27.52 4.16 -24.51
C LEU E 170 -26.22 3.40 -24.25
N ILE E 171 -26.26 2.36 -23.42
CA ILE E 171 -25.05 1.63 -22.93
C ILE E 171 -24.53 0.73 -24.05
N MET E 172 -25.40 0.24 -24.93
CA MET E 172 -25.00 -0.48 -26.17
C MET E 172 -24.13 0.46 -27.02
N LYS E 173 -24.54 1.73 -27.15
CA LYS E 173 -23.76 2.81 -27.81
C LYS E 173 -22.40 2.97 -27.12
N ARG E 174 -22.41 3.11 -25.79
CA ARG E 174 -21.18 3.24 -24.94
C ARG E 174 -20.26 2.04 -25.21
N MET E 175 -20.81 0.82 -25.24
CA MET E 175 -20.07 -0.44 -25.49
C MET E 175 -19.43 -0.39 -26.88
N GLU E 176 -20.19 0.05 -27.89
CA GLU E 176 -19.76 0.13 -29.32
C GLU E 176 -18.66 1.20 -29.47
N ARG E 177 -18.86 2.39 -28.89
CA ARG E 177 -17.88 3.53 -28.91
C ARG E 177 -16.51 3.05 -28.43
N SER E 178 -16.48 2.08 -27.49
CA SER E 178 -15.26 1.37 -27.01
C SER E 178 -14.93 0.20 -27.96
N TYR F 8 -68.50 -17.97 49.24
CA TYR F 8 -67.08 -18.14 49.69
C TYR F 8 -66.17 -18.45 48.48
N LEU F 9 -66.73 -18.40 47.25
CA LEU F 9 -66.04 -17.84 46.06
C LEU F 9 -65.89 -16.33 46.34
N ILE F 10 -64.65 -15.84 46.36
CA ILE F 10 -64.35 -14.40 46.54
C ILE F 10 -63.71 -13.89 45.26
N LYS F 11 -64.28 -12.85 44.66
CA LYS F 11 -63.77 -12.18 43.44
C LYS F 11 -63.30 -10.76 43.79
N PHE F 12 -62.08 -10.42 43.43
CA PHE F 12 -61.63 -9.01 43.34
C PHE F 12 -60.84 -8.80 42.05
N LEU F 13 -60.58 -7.52 41.73
CA LEU F 13 -60.02 -7.06 40.45
C LEU F 13 -58.75 -6.28 40.72
N ALA F 14 -57.65 -6.63 40.03
CA ALA F 14 -56.37 -5.89 40.07
C ALA F 14 -56.35 -4.91 38.89
N LEU F 15 -56.04 -3.64 39.16
CA LEU F 15 -56.07 -2.61 38.11
C LEU F 15 -55.03 -1.55 38.43
N GLY F 16 -54.88 -0.59 37.51
CA GLY F 16 -53.77 0.36 37.50
C GLY F 16 -53.30 0.57 36.07
N ASP F 17 -52.11 1.15 35.90
CA ASP F 17 -51.57 1.56 34.58
C ASP F 17 -50.79 0.40 33.99
N SER F 18 -50.50 0.46 32.70
CA SER F 18 -49.66 -0.51 31.95
C SER F 18 -48.22 -0.39 32.46
N GLY F 19 -47.65 -1.49 32.98
CA GLY F 19 -46.23 -1.58 33.39
C GLY F 19 -46.06 -1.65 34.90
N VAL F 20 -47.15 -1.38 35.62
CA VAL F 20 -47.20 -1.40 37.10
C VAL F 20 -46.64 -2.73 37.59
N GLY F 21 -47.27 -3.83 37.16
CA GLY F 21 -46.83 -5.21 37.42
C GLY F 21 -47.94 -6.05 38.02
N LYS F 22 -49.20 -5.84 37.62
CA LYS F 22 -50.39 -6.48 38.27
C LYS F 22 -50.54 -7.91 37.76
N THR F 23 -49.93 -8.25 36.62
CA THR F 23 -49.88 -9.63 36.09
C THR F 23 -48.80 -10.40 36.87
N SER F 24 -47.63 -9.76 37.05
CA SER F 24 -46.47 -10.35 37.74
C SER F 24 -46.82 -10.55 39.23
N VAL F 25 -47.66 -9.66 39.77
CA VAL F 25 -48.05 -9.63 41.21
C VAL F 25 -49.03 -10.77 41.49
N LEU F 26 -50.01 -11.00 40.62
CA LEU F 26 -51.00 -12.08 40.87
C LEU F 26 -50.28 -13.44 40.80
N TYR F 27 -49.30 -13.58 39.91
CA TYR F 27 -48.54 -14.84 39.71
C TYR F 27 -47.61 -15.08 40.91
N GLN F 28 -47.00 -14.04 41.47
CA GLN F 28 -46.18 -14.17 42.72
C GLN F 28 -47.07 -14.74 43.82
N TYR F 29 -48.33 -14.31 43.90
CA TYR F 29 -49.28 -14.74 44.96
C TYR F 29 -49.80 -16.15 44.65
N THR F 30 -50.43 -16.35 43.49
CA THR F 30 -51.00 -17.67 43.08
C THR F 30 -49.92 -18.75 43.20
N ASP F 31 -48.73 -18.51 42.66
CA ASP F 31 -47.70 -19.56 42.38
C ASP F 31 -46.37 -19.32 43.11
N GLY F 32 -46.23 -18.24 43.88
CA GLY F 32 -45.09 -18.02 44.81
C GLY F 32 -43.74 -17.86 44.10
N LYS F 33 -43.75 -17.44 42.84
CA LYS F 33 -42.51 -17.21 42.05
C LYS F 33 -42.78 -16.08 41.04
N PHE F 34 -41.79 -15.76 40.21
CA PHE F 34 -41.77 -14.54 39.37
C PHE F 34 -41.42 -14.92 37.92
N ASN F 35 -42.39 -14.82 36.99
CA ASN F 35 -42.16 -14.83 35.52
C ASN F 35 -41.83 -13.38 35.14
N SER F 36 -40.61 -13.12 34.69
CA SER F 36 -40.19 -11.78 34.22
C SER F 36 -40.78 -11.52 32.84
N LYS F 37 -41.12 -12.56 32.08
CA LYS F 37 -41.82 -12.45 30.76
C LYS F 37 -43.30 -12.18 31.01
N PHE F 38 -43.86 -11.15 30.40
CA PHE F 38 -45.32 -10.89 30.41
C PHE F 38 -45.62 -9.93 29.27
N ILE F 39 -46.32 -10.43 28.26
CA ILE F 39 -46.86 -9.59 27.16
C ILE F 39 -47.76 -8.55 27.83
N THR F 40 -47.69 -7.29 27.40
CA THR F 40 -48.59 -6.23 27.89
C THR F 40 -50.02 -6.71 27.57
N THR F 41 -50.65 -7.35 28.55
CA THR F 41 -52.03 -7.90 28.55
C THR F 41 -52.98 -7.22 27.55
N VAL F 42 -53.64 -8.01 26.69
CA VAL F 42 -54.62 -7.57 25.64
C VAL F 42 -56.04 -7.95 26.07
N GLY F 43 -56.19 -9.06 26.80
CA GLY F 43 -57.49 -9.71 27.07
C GLY F 43 -58.06 -9.32 28.43
N ILE F 44 -58.73 -10.27 29.09
CA ILE F 44 -59.28 -10.14 30.47
C ILE F 44 -59.13 -11.52 31.12
N ASP F 45 -57.96 -11.80 31.71
CA ASP F 45 -57.63 -13.11 32.33
C ASP F 45 -58.07 -13.09 33.79
N PHE F 46 -57.96 -14.24 34.46
CA PHE F 46 -57.95 -14.35 35.94
C PHE F 46 -57.26 -15.67 36.31
N ARG F 47 -56.57 -15.68 37.46
CA ARG F 47 -56.10 -16.89 38.14
C ARG F 47 -57.04 -17.15 39.31
N GLU F 48 -57.38 -18.42 39.58
CA GLU F 48 -58.12 -18.78 40.81
C GLU F 48 -57.32 -19.84 41.57
N LYS F 49 -57.73 -20.08 42.81
CA LYS F 49 -56.93 -20.74 43.88
C LYS F 49 -57.77 -20.75 45.15
N THR F 50 -57.72 -21.85 45.89
CA THR F 50 -58.47 -22.05 47.16
C THR F 50 -57.53 -21.67 48.32
N ILE F 51 -57.99 -20.80 49.22
CA ILE F 51 -57.24 -20.34 50.43
C ILE F 51 -58.08 -20.67 51.67
N TYR F 52 -57.43 -20.87 52.82
CA TYR F 52 -58.03 -21.02 54.16
C TYR F 52 -57.52 -19.87 55.03
N ARG F 53 -58.41 -18.90 55.37
CA ARG F 53 -58.07 -17.71 56.21
C ARG F 53 -58.62 -17.95 57.63
N ASN F 54 -59.89 -17.58 57.86
CA ASN F 54 -60.53 -17.67 59.20
C ASN F 54 -61.29 -19.00 59.29
N ASP F 55 -60.55 -20.12 59.23
CA ASP F 55 -61.07 -21.51 59.26
C ASP F 55 -62.29 -21.62 58.33
N LYS F 56 -62.14 -21.18 57.08
CA LYS F 56 -63.24 -21.07 56.09
C LYS F 56 -62.75 -21.46 54.69
N ARG F 57 -63.71 -21.74 53.80
CA ARG F 57 -63.47 -22.10 52.38
C ARG F 57 -63.40 -20.81 51.54
N ILE F 58 -62.23 -20.49 50.97
CA ILE F 58 -62.05 -19.33 50.05
C ILE F 58 -61.56 -19.84 48.69
N LYS F 59 -62.46 -19.91 47.69
CA LYS F 59 -62.10 -19.95 46.25
C LYS F 59 -61.83 -18.50 45.82
N LEU F 60 -60.58 -18.03 45.95
CA LEU F 60 -60.16 -16.66 45.57
C LEU F 60 -60.02 -16.62 44.06
N GLN F 61 -60.65 -15.64 43.42
CA GLN F 61 -60.65 -15.42 41.96
C GLN F 61 -59.97 -14.07 41.71
N LEU F 62 -58.73 -14.10 41.20
CA LEU F 62 -57.86 -12.92 41.00
C LEU F 62 -57.98 -12.42 39.56
N TRP F 63 -58.84 -11.45 39.30
CA TRP F 63 -59.10 -10.92 37.93
C TRP F 63 -58.05 -9.87 37.56
N ASP F 64 -57.36 -10.10 36.44
CA ASP F 64 -56.34 -9.20 35.86
C ASP F 64 -57.06 -8.37 34.80
N THR F 65 -56.57 -7.14 34.55
CA THR F 65 -57.13 -6.21 33.53
C THR F 65 -56.00 -5.73 32.62
N ALA F 66 -56.39 -5.22 31.46
CA ALA F 66 -55.49 -4.53 30.51
C ALA F 66 -55.23 -3.11 31.04
N GLY F 67 -53.96 -2.74 31.16
CA GLY F 67 -53.54 -1.43 31.70
C GLY F 67 -53.84 -0.29 30.75
N LEU F 68 -54.17 -0.57 29.49
CA LEU F 68 -54.34 0.49 28.46
C LEU F 68 -55.81 0.88 28.35
N GLU F 69 -56.57 0.82 29.45
CA GLU F 69 -57.96 1.37 29.49
C GLU F 69 -58.43 1.58 30.94
N ARG F 70 -59.33 2.56 31.11
CA ARG F 70 -60.31 2.69 32.23
C ARG F 70 -61.68 2.15 31.79
N PHE F 71 -61.77 1.65 30.54
CA PHE F 71 -62.95 0.90 30.01
C PHE F 71 -63.17 -0.34 30.88
N ARG F 72 -62.11 -0.85 31.53
CA ARG F 72 -62.20 -1.71 32.74
C ARG F 72 -63.11 -0.96 33.73
N SER F 73 -63.90 -1.66 34.55
CA SER F 73 -64.86 -1.01 35.48
C SER F 73 -66.01 -0.39 34.67
N LEU F 74 -65.95 -0.48 33.34
CA LEU F 74 -67.10 -0.30 32.41
C LEU F 74 -67.54 -1.69 31.94
N THR F 75 -66.88 -2.75 32.42
CA THR F 75 -67.13 -4.19 32.08
C THR F 75 -68.56 -4.56 32.47
N THR F 76 -69.10 -3.92 33.50
CA THR F 76 -70.54 -3.90 33.91
C THR F 76 -70.99 -5.31 34.32
N ALA F 77 -70.09 -6.29 34.28
CA ALA F 77 -70.27 -7.67 34.78
C ALA F 77 -69.00 -8.09 35.52
N PHE F 78 -67.85 -8.04 34.85
CA PHE F 78 -66.51 -8.37 35.41
C PHE F 78 -66.21 -7.44 36.59
N PHE F 79 -66.31 -6.13 36.37
CA PHE F 79 -66.16 -5.10 37.45
C PHE F 79 -67.35 -5.21 38.40
N ARG F 80 -68.57 -5.27 37.86
CA ARG F 80 -69.84 -5.28 38.63
C ARG F 80 -69.87 -6.49 39.59
N ASP F 81 -69.34 -7.63 39.15
CA ASP F 81 -69.40 -8.92 39.90
C ASP F 81 -68.29 -8.95 40.98
N ALA F 82 -67.25 -8.11 40.84
CA ALA F 82 -66.07 -8.07 41.75
C ALA F 82 -66.47 -7.42 43.09
N MET F 83 -65.84 -7.85 44.18
CA MET F 83 -66.23 -7.52 45.58
C MET F 83 -65.22 -6.55 46.21
N GLY F 84 -63.96 -6.60 45.80
CA GLY F 84 -62.90 -5.67 46.21
C GLY F 84 -61.98 -5.34 45.08
N PHE F 85 -61.15 -4.32 45.23
CA PHE F 85 -60.23 -3.82 44.17
C PHE F 85 -58.81 -3.74 44.76
N LEU F 86 -57.81 -4.11 43.97
CA LEU F 86 -56.36 -4.03 44.35
C LEU F 86 -55.63 -3.05 43.41
N LEU F 87 -55.60 -1.76 43.75
CA LEU F 87 -55.00 -0.69 42.91
C LEU F 87 -53.49 -0.73 43.10
N LEU F 88 -52.73 -0.91 42.03
CA LEU F 88 -51.25 -0.83 42.07
C LEU F 88 -50.79 0.43 41.35
N PHE F 89 -49.55 0.84 41.62
CA PHE F 89 -48.75 1.77 40.79
C PHE F 89 -47.28 1.38 40.89
N ASP F 90 -46.46 1.91 39.98
CA ASP F 90 -45.01 1.66 39.93
C ASP F 90 -44.33 2.78 40.71
N LEU F 91 -43.47 2.42 41.67
CA LEU F 91 -42.69 3.36 42.51
C LEU F 91 -41.55 3.97 41.70
N THR F 92 -41.42 3.60 40.42
CA THR F 92 -40.36 4.10 39.51
C THR F 92 -40.96 4.89 38.35
N ASN F 93 -42.28 5.13 38.29
CA ASN F 93 -42.80 6.25 37.45
C ASN F 93 -43.92 7.00 38.20
N GLU F 94 -43.78 8.33 38.27
CA GLU F 94 -44.66 9.24 39.04
C GLU F 94 -46.07 9.20 38.42
N GLU F 95 -46.12 9.19 37.09
CA GLU F 95 -47.38 9.23 36.31
C GLU F 95 -48.34 8.19 36.91
N SER F 96 -47.89 6.95 37.05
CA SER F 96 -48.70 5.81 37.58
C SER F 96 -49.28 6.23 38.93
N PHE F 97 -48.42 6.74 39.81
CA PHE F 97 -48.78 7.14 41.20
C PHE F 97 -49.83 8.26 41.16
N LEU F 98 -49.61 9.28 40.31
CA LEU F 98 -50.49 10.47 40.24
C LEU F 98 -51.91 10.06 39.83
N ASN F 99 -52.04 9.01 39.02
CA ASN F 99 -53.35 8.54 38.49
C ASN F 99 -54.17 7.87 39.58
N VAL F 100 -53.53 7.42 40.66
CA VAL F 100 -54.18 6.64 41.75
C VAL F 100 -55.41 7.41 42.23
N ARG F 101 -55.27 8.73 42.43
CA ARG F 101 -56.39 9.61 42.83
C ARG F 101 -57.54 9.40 41.83
N ASN F 102 -57.25 9.58 40.54
CA ASN F 102 -58.25 9.46 39.44
C ASN F 102 -58.84 8.04 39.46
N TRP F 103 -58.03 7.00 39.74
CA TRP F 103 -58.50 5.59 39.85
C TRP F 103 -59.46 5.47 41.05
N ILE F 104 -58.97 5.78 42.27
CA ILE F 104 -59.75 5.68 43.54
C ILE F 104 -61.05 6.46 43.33
N SER F 105 -60.95 7.66 42.76
CA SER F 105 -62.09 8.53 42.40
C SER F 105 -63.12 7.72 41.59
N GLN F 106 -62.74 7.28 40.39
CA GLN F 106 -63.65 6.64 39.40
C GLN F 106 -64.19 5.32 39.96
N LEU F 107 -63.46 4.65 40.86
CA LEU F 107 -63.93 3.42 41.56
C LEU F 107 -65.15 3.79 42.41
N LYS F 108 -64.97 4.72 43.35
CA LYS F 108 -66.01 5.21 44.30
C LYS F 108 -67.30 5.51 43.52
N THR F 109 -67.19 6.20 42.39
CA THR F 109 -68.34 6.69 41.57
C THR F 109 -69.03 5.49 40.91
N HIS F 110 -68.30 4.70 40.11
CA HIS F 110 -68.84 3.65 39.21
C HIS F 110 -69.07 2.34 39.98
N ALA F 111 -68.59 2.22 41.22
CA ALA F 111 -68.73 1.00 42.05
C ALA F 111 -70.12 0.94 42.69
N TYR F 112 -70.43 -0.20 43.33
CA TYR F 112 -71.70 -0.43 44.08
C TYR F 112 -71.74 0.50 45.31
N SER F 113 -70.98 0.18 46.36
CA SER F 113 -70.94 0.91 47.65
C SER F 113 -70.28 2.28 47.47
N GLU F 114 -70.68 3.26 48.28
CA GLU F 114 -70.06 4.61 48.34
C GLU F 114 -68.55 4.45 48.58
N ASN F 115 -68.19 3.69 49.62
CA ASN F 115 -66.79 3.32 49.98
C ASN F 115 -66.61 1.82 49.78
N PRO F 116 -66.10 1.39 48.61
CA PRO F 116 -65.74 -0.01 48.38
C PRO F 116 -64.35 -0.37 48.91
N ASP F 117 -64.07 -1.67 49.00
CA ASP F 117 -62.90 -2.24 49.73
C ASP F 117 -61.70 -2.24 48.77
N ILE F 118 -60.72 -1.38 49.05
CA ILE F 118 -59.54 -1.12 48.16
C ILE F 118 -58.26 -1.32 48.98
N VAL F 119 -57.22 -1.87 48.36
CA VAL F 119 -55.85 -1.92 48.94
C VAL F 119 -54.85 -1.38 47.90
N LEU F 120 -54.13 -0.32 48.23
CA LEU F 120 -53.15 0.33 47.31
C LEU F 120 -51.78 -0.35 47.49
N CYS F 121 -51.18 -0.84 46.41
CA CYS F 121 -49.81 -1.40 46.41
C CYS F 121 -48.89 -0.53 45.55
N GLY F 122 -47.74 -0.13 46.09
CA GLY F 122 -46.65 0.50 45.32
C GLY F 122 -45.64 -0.56 44.92
N ASN F 123 -45.67 -0.99 43.67
CA ASN F 123 -44.93 -2.20 43.24
C ASN F 123 -43.52 -1.83 42.81
N LYS F 124 -42.69 -2.83 42.50
CA LYS F 124 -41.35 -2.68 41.91
C LYS F 124 -40.44 -2.00 42.96
N SER F 125 -40.63 -2.36 44.23
CA SER F 125 -39.89 -1.76 45.38
C SER F 125 -38.43 -2.22 45.34
N ASP F 126 -38.17 -3.38 44.75
CA ASP F 126 -36.79 -3.93 44.57
C ASP F 126 -35.96 -2.96 43.74
N LEU F 127 -36.58 -2.27 42.79
CA LEU F 127 -35.89 -1.26 41.93
C LEU F 127 -35.58 -0.03 42.80
N GLU F 128 -34.76 -0.24 43.84
CA GLU F 128 -34.38 0.80 44.83
C GLU F 128 -33.74 1.97 44.06
N ASP F 129 -32.89 1.65 43.08
CA ASP F 129 -32.05 2.60 42.32
C ASP F 129 -32.91 3.52 41.42
N GLU F 130 -34.16 3.15 41.12
CA GLU F 130 -35.04 3.91 40.19
C GLU F 130 -36.27 4.44 40.92
N ARG F 131 -36.27 4.38 42.25
CA ARG F 131 -37.42 4.84 43.07
C ARG F 131 -37.61 6.34 42.84
N VAL F 132 -38.87 6.76 42.66
CA VAL F 132 -39.24 8.15 42.29
C VAL F 132 -40.33 8.63 43.23
N VAL F 133 -41.29 7.77 43.58
CA VAL F 133 -42.33 8.08 44.59
C VAL F 133 -41.71 7.93 45.98
N ALA F 134 -41.81 8.96 46.81
CA ALA F 134 -41.35 8.96 48.21
C ALA F 134 -42.43 8.32 49.10
N ALA F 135 -42.00 7.47 50.04
CA ALA F 135 -42.85 6.55 50.83
C ALA F 135 -43.90 7.33 51.66
N ALA F 136 -43.50 8.45 52.26
CA ALA F 136 -44.38 9.27 53.12
C ALA F 136 -45.56 9.78 52.28
N GLU F 137 -45.24 10.43 51.16
CA GLU F 137 -46.21 11.00 50.19
C GLU F 137 -47.25 9.92 49.84
N ALA F 138 -46.77 8.69 49.59
CA ALA F 138 -47.63 7.52 49.31
C ALA F 138 -48.53 7.25 50.52
N ARG F 139 -47.93 7.11 51.70
CA ARG F 139 -48.63 6.87 52.98
C ARG F 139 -49.67 7.99 53.19
N GLN F 140 -49.31 9.25 52.91
CA GLN F 140 -50.21 10.43 53.05
C GLN F 140 -51.44 10.19 52.15
N LEU F 141 -51.22 9.83 50.87
CA LEU F 141 -52.29 9.59 49.88
C LEU F 141 -53.22 8.49 50.43
N ALA F 142 -52.66 7.46 51.05
CA ALA F 142 -53.40 6.37 51.71
C ALA F 142 -54.24 6.95 52.87
N GLU F 143 -53.67 7.90 53.62
CA GLU F 143 -54.35 8.61 54.73
C GLU F 143 -55.59 9.33 54.21
N HIS F 144 -55.49 10.27 53.23
CA HIS F 144 -56.64 11.12 52.77
C HIS F 144 -57.84 10.22 52.43
N TYR F 145 -57.60 8.94 52.09
CA TYR F 145 -58.66 8.00 51.63
C TYR F 145 -58.91 6.90 52.68
N GLY F 146 -58.00 6.73 53.64
CA GLY F 146 -58.16 5.71 54.70
C GLY F 146 -58.28 4.33 54.09
N ILE F 147 -57.30 3.96 53.28
CA ILE F 147 -57.15 2.58 52.72
C ILE F 147 -55.72 2.11 52.94
N PRO F 148 -55.53 0.80 53.21
CA PRO F 148 -54.21 0.26 53.53
C PRO F 148 -53.24 0.41 52.36
N TYR F 149 -51.95 0.54 52.67
CA TYR F 149 -50.87 0.72 51.67
C TYR F 149 -49.74 -0.27 51.96
N PHE F 150 -49.21 -0.92 50.92
CA PHE F 150 -48.04 -1.83 50.99
C PHE F 150 -47.08 -1.51 49.84
N GLU F 151 -45.78 -1.51 50.15
CA GLU F 151 -44.68 -1.40 49.16
C GLU F 151 -44.29 -2.83 48.77
N THR F 152 -44.72 -3.24 47.57
CA THR F 152 -44.67 -4.64 47.11
C THR F 152 -43.56 -4.80 46.08
N SER F 153 -43.14 -6.04 45.85
CA SER F 153 -42.30 -6.50 44.72
C SER F 153 -42.75 -7.89 44.29
N ALA F 154 -43.09 -8.05 43.01
CA ALA F 154 -43.44 -9.36 42.41
C ALA F 154 -42.14 -10.14 42.17
N ALA F 155 -41.00 -9.44 42.15
CA ALA F 155 -39.67 -10.05 42.00
C ALA F 155 -39.25 -10.71 43.32
N ASN F 156 -39.44 -10.03 44.47
CA ASN F 156 -39.05 -10.48 45.83
C ASN F 156 -40.16 -11.28 46.49
N GLY F 157 -41.42 -10.94 46.20
CA GLY F 157 -42.61 -11.42 46.93
C GLY F 157 -42.93 -10.52 48.12
N THR F 158 -42.06 -9.55 48.44
CA THR F 158 -42.20 -8.66 49.62
C THR F 158 -43.63 -8.11 49.68
N ASN F 159 -44.33 -8.36 50.78
CA ASN F 159 -45.62 -7.72 51.14
C ASN F 159 -46.73 -8.14 50.18
N ILE F 160 -46.46 -9.05 49.23
CA ILE F 160 -47.48 -9.47 48.23
C ILE F 160 -48.62 -10.16 48.98
N SER F 161 -48.30 -11.26 49.67
CA SER F 161 -49.27 -12.12 50.40
C SER F 161 -50.02 -11.26 51.43
N GLN F 162 -49.29 -10.46 52.20
CA GLN F 162 -49.84 -9.52 53.20
C GLN F 162 -50.95 -8.72 52.52
N ALA F 163 -50.58 -7.98 51.47
CA ALA F 163 -51.44 -7.08 50.70
C ALA F 163 -52.73 -7.79 50.27
N ILE F 164 -52.63 -8.93 49.59
CA ILE F 164 -53.84 -9.66 49.06
C ILE F 164 -54.66 -10.18 50.26
N GLU F 165 -53.99 -10.72 51.30
CA GLU F 165 -54.65 -11.29 52.52
C GLU F 165 -55.46 -10.19 53.21
N MET F 166 -54.94 -8.96 53.24
CA MET F 166 -55.65 -7.77 53.79
C MET F 166 -56.96 -7.57 53.02
N LEU F 167 -56.89 -7.50 51.68
CA LEU F 167 -58.08 -7.27 50.81
C LEU F 167 -59.10 -8.39 51.08
N LEU F 168 -58.63 -9.64 51.21
CA LEU F 168 -59.49 -10.81 51.56
C LEU F 168 -60.18 -10.53 52.90
N ASP F 169 -59.40 -10.14 53.91
CA ASP F 169 -59.87 -9.88 55.29
C ASP F 169 -60.91 -8.76 55.27
N LEU F 170 -60.70 -7.70 54.47
CA LEU F 170 -61.63 -6.53 54.39
C LEU F 170 -63.02 -6.99 53.95
N ILE F 171 -63.09 -7.69 52.81
CA ILE F 171 -64.38 -8.08 52.17
C ILE F 171 -65.03 -9.22 52.94
N MET F 172 -64.22 -10.08 53.58
CA MET F 172 -64.72 -11.12 54.51
C MET F 172 -65.47 -10.42 55.67
N LYS F 173 -64.90 -9.32 56.19
CA LYS F 173 -65.54 -8.44 57.21
C LYS F 173 -66.86 -7.90 56.66
N ARG F 174 -66.83 -7.32 55.45
CA ARG F 174 -68.04 -6.77 54.75
C ARG F 174 -69.11 -7.87 54.65
N MET F 175 -68.70 -9.08 54.25
CA MET F 175 -69.60 -10.26 54.09
C MET F 175 -70.24 -10.59 55.44
N GLU F 176 -69.43 -10.62 56.51
CA GLU F 176 -69.85 -10.97 57.90
C GLU F 176 -70.79 -9.89 58.45
N ARG F 177 -70.44 -8.60 58.29
CA ARG F 177 -71.26 -7.43 58.73
C ARG F 177 -72.69 -7.55 58.18
N SER F 178 -72.85 -8.12 56.99
CA SER F 178 -74.15 -8.49 56.35
C SER F 178 -74.63 -9.85 56.86
N TYR G 8 19.09 -23.77 9.64
CA TYR G 8 20.47 -24.22 9.98
C TYR G 8 21.39 -24.09 8.75
N LEU G 9 20.90 -23.46 7.67
CA LEU G 9 21.69 -22.50 6.85
C LEU G 9 21.96 -21.29 7.75
N ILE G 10 23.22 -20.97 8.02
CA ILE G 10 23.62 -19.81 8.85
C ILE G 10 24.39 -18.84 7.96
N LYS G 11 23.94 -17.59 7.88
CA LYS G 11 24.54 -16.50 7.08
C LYS G 11 25.09 -15.44 8.03
N PHE G 12 26.36 -15.06 7.86
CA PHE G 12 26.90 -13.79 8.39
C PHE G 12 27.75 -13.10 7.32
N LEU G 13 28.11 -11.84 7.60
CA LEU G 13 28.76 -10.92 6.65
C LEU G 13 30.08 -10.44 7.25
N ALA G 14 31.17 -10.53 6.49
CA ALA G 14 32.50 -9.99 6.84
C ALA G 14 32.64 -8.60 6.23
N LEU G 15 33.02 -7.61 7.03
CA LEU G 15 33.14 -6.23 6.55
C LEU G 15 34.24 -5.50 7.34
N GLY G 16 34.52 -4.27 6.95
CA GLY G 16 35.70 -3.48 7.37
C GLY G 16 36.25 -2.72 6.20
N ASP G 17 37.49 -2.24 6.32
CA ASP G 17 38.11 -1.33 5.31
C ASP G 17 38.84 -2.17 4.26
N SER G 18 39.19 -1.55 3.15
CA SER G 18 40.01 -2.14 2.07
C SER G 18 41.43 -2.39 2.59
N GLY G 19 41.89 -3.65 2.56
CA GLY G 19 43.28 -4.04 2.89
C GLY G 19 43.36 -4.81 4.21
N VAL G 20 42.26 -4.79 4.96
CA VAL G 20 42.12 -5.47 6.28
C VAL G 20 42.54 -6.93 6.10
N GLY G 21 41.86 -7.67 5.21
CA GLY G 21 42.17 -9.07 4.86
C GLY G 21 40.99 -9.99 5.02
N LYS G 22 39.77 -9.53 4.75
CA LYS G 22 38.52 -10.28 5.05
C LYS G 22 38.27 -11.35 3.97
N THR G 23 38.90 -11.21 2.81
CA THR G 23 38.87 -12.21 1.72
C THR G 23 39.86 -13.32 2.08
N SER G 24 41.07 -12.93 2.52
CA SER G 24 42.15 -13.86 2.89
C SER G 24 41.72 -14.65 4.14
N VAL G 25 40.93 -14.03 5.02
CA VAL G 25 40.48 -14.59 6.32
C VAL G 25 39.41 -15.66 6.05
N LEU G 26 38.46 -15.41 5.17
CA LEU G 26 37.38 -16.39 4.89
C LEU G 26 38.00 -17.64 4.24
N TYR G 27 39.02 -17.46 3.39
CA TYR G 27 39.68 -18.57 2.66
C TYR G 27 40.55 -19.39 3.63
N GLN G 28 41.20 -18.75 4.61
CA GLN G 28 41.95 -19.49 5.66
C GLN G 28 40.98 -20.41 6.39
N TYR G 29 39.75 -19.95 6.65
CA TYR G 29 38.73 -20.73 7.39
C TYR G 29 38.12 -21.80 6.50
N THR G 30 37.52 -21.43 5.37
CA THR G 30 36.87 -22.36 4.41
C THR G 30 37.85 -23.49 4.05
N ASP G 31 39.09 -23.14 3.67
CA ASP G 31 40.04 -24.03 2.96
C ASP G 31 41.35 -24.26 3.74
N GLY G 32 41.54 -23.64 4.90
CA GLY G 32 42.65 -23.95 5.82
C GLY G 32 44.04 -23.61 5.26
N LYS G 33 44.12 -22.67 4.31
CA LYS G 33 45.40 -22.23 3.71
C LYS G 33 45.28 -20.75 3.34
N PHE G 34 46.33 -20.18 2.76
CA PHE G 34 46.48 -18.72 2.53
C PHE G 34 46.85 -18.44 1.07
N ASN G 35 45.93 -17.88 0.28
CA ASN G 35 46.22 -17.27 -1.05
C ASN G 35 46.65 -15.83 -0.77
N SER G 36 47.92 -15.50 -1.03
CA SER G 36 48.44 -14.12 -0.85
C SER G 36 47.94 -13.22 -1.97
N LYS G 37 47.59 -13.81 -3.13
CA LYS G 37 47.03 -13.08 -4.30
C LYS G 37 45.53 -12.85 -4.03
N PHE G 38 45.08 -11.62 -4.17
CA PHE G 38 43.64 -11.26 -4.03
C PHE G 38 43.48 -9.86 -4.61
N ILE G 39 42.74 -9.77 -5.71
CA ILE G 39 42.26 -8.48 -6.28
C ILE G 39 41.48 -7.81 -5.16
N THR G 40 41.65 -6.50 -4.95
CA THR G 40 40.78 -5.71 -4.05
C THR G 40 39.36 -5.89 -4.59
N THR G 41 38.63 -6.85 -4.03
CA THR G 41 37.21 -7.22 -4.29
C THR G 41 36.38 -6.09 -4.90
N VAL G 42 35.71 -6.36 -6.02
CA VAL G 42 34.84 -5.41 -6.78
C VAL G 42 33.36 -5.80 -6.61
N GLY G 43 33.08 -7.10 -6.44
CA GLY G 43 31.71 -7.65 -6.49
C GLY G 43 31.11 -7.85 -5.12
N ILE G 44 30.33 -8.92 -4.93
CA ILE G 44 29.73 -9.35 -3.64
C ILE G 44 29.70 -10.88 -3.64
N ASP G 45 30.82 -11.50 -3.23
CA ASP G 45 31.01 -12.97 -3.27
C ASP G 45 30.52 -13.56 -1.96
N PHE G 46 30.51 -14.89 -1.86
CA PHE G 46 30.46 -15.65 -0.58
C PHE G 46 31.05 -17.04 -0.83
N ARG G 47 31.69 -17.61 0.19
CA ARG G 47 32.06 -19.04 0.27
C ARG G 47 31.05 -19.70 1.21
N GLU G 48 30.61 -20.93 0.90
CA GLU G 48 29.80 -21.73 1.84
C GLU G 48 30.50 -23.07 2.07
N LYS G 49 30.00 -23.80 3.06
CA LYS G 49 30.67 -24.95 3.73
C LYS G 49 29.74 -25.46 4.83
N THR G 50 29.65 -26.77 4.98
CA THR G 50 28.82 -27.45 6.01
C THR G 50 29.70 -27.75 7.22
N ILE G 51 29.28 -27.32 8.41
CA ILE G 51 30.02 -27.50 9.70
C ILE G 51 29.09 -28.24 10.68
N TYR G 52 29.69 -28.99 11.63
CA TYR G 52 28.99 -29.65 12.77
C TYR G 52 29.57 -29.04 14.05
N ARG G 53 28.79 -28.23 14.79
CA ARG G 53 29.23 -27.57 16.06
C ARG G 53 28.61 -28.32 17.25
N ASN G 54 27.38 -27.98 17.64
CA ASN G 54 26.64 -28.64 18.75
C ASN G 54 25.78 -29.76 18.15
N ASP G 55 26.43 -30.79 17.59
CA ASP G 55 25.80 -32.02 17.02
C ASP G 55 24.59 -31.62 16.17
N LYS G 56 24.79 -30.70 15.21
CA LYS G 56 23.73 -30.11 14.38
C LYS G 56 24.22 -29.91 12.94
N ARG G 57 23.29 -29.65 12.02
CA ARG G 57 23.55 -29.32 10.60
C ARG G 57 23.79 -27.82 10.45
N ILE G 58 25.01 -27.40 10.08
CA ILE G 58 25.34 -25.97 9.79
C ILE G 58 25.84 -25.88 8.34
N LYS G 59 25.00 -25.40 7.40
CA LYS G 59 25.44 -24.82 6.11
C LYS G 59 25.84 -23.37 6.38
N LEU G 60 27.12 -23.13 6.72
CA LEU G 60 27.67 -21.78 7.03
C LEU G 60 27.90 -21.08 5.69
N GLN G 61 27.39 -19.86 5.56
CA GLN G 61 27.46 -19.03 4.34
C GLN G 61 28.25 -17.76 4.72
N LEU G 62 29.50 -17.67 4.26
CA LEU G 62 30.47 -16.60 4.60
C LEU G 62 30.44 -15.51 3.52
N TRP G 63 29.66 -14.45 3.71
CA TRP G 63 29.51 -13.36 2.71
C TRP G 63 30.65 -12.35 2.85
N ASP G 64 31.36 -12.12 1.74
CA ASP G 64 32.46 -11.13 1.62
C ASP G 64 31.87 -9.85 1.05
N THR G 65 32.45 -8.71 1.35
CA THR G 65 32.02 -7.37 0.85
C THR G 65 33.23 -6.65 0.26
N ALA G 66 32.95 -5.64 -0.57
CA ALA G 66 33.95 -4.70 -1.09
C ALA G 66 34.28 -3.69 0.02
N GLY G 67 35.58 -3.53 0.30
CA GLY G 67 36.10 -2.62 1.34
C GLY G 67 35.91 -1.16 1.02
N LEU G 68 35.60 -0.82 -0.24
CA LEU G 68 35.56 0.58 -0.71
C LEU G 68 34.14 1.13 -0.61
N GLU G 69 33.33 0.65 0.34
CA GLU G 69 31.99 1.25 0.62
C GLU G 69 31.46 0.84 2.01
N ARG G 70 30.65 1.72 2.59
CA ARG G 70 29.64 1.43 3.64
C ARG G 70 28.25 1.28 2.98
N PHE G 71 28.17 1.39 1.65
CA PHE G 71 26.99 1.03 0.82
C PHE G 71 26.64 -0.45 1.06
N ARG G 72 27.62 -1.27 1.45
CA ARG G 72 27.41 -2.55 2.18
C ARG G 72 26.49 -2.22 3.37
N SER G 73 25.62 -3.13 3.78
CA SER G 73 24.64 -2.87 4.87
C SER G 73 23.58 -1.87 4.39
N LEU G 74 23.71 -1.37 3.16
CA LEU G 74 22.63 -0.72 2.38
C LEU G 74 22.12 -1.71 1.33
N THR G 75 22.69 -2.93 1.30
CA THR G 75 22.35 -4.05 0.37
C THR G 75 20.87 -4.43 0.53
N THR G 76 20.34 -4.25 1.75
CA THR G 76 18.89 -4.29 2.09
C THR G 76 18.30 -5.69 1.84
N ALA G 77 19.13 -6.62 1.38
CA ALA G 77 18.83 -8.07 1.23
C ALA G 77 20.03 -8.88 1.73
N PHE G 78 21.22 -8.62 1.18
CA PHE G 78 22.49 -9.29 1.55
C PHE G 78 22.81 -8.99 3.02
N PHE G 79 22.81 -7.72 3.41
CA PHE G 79 22.99 -7.28 4.81
C PHE G 79 21.75 -7.69 5.61
N ARG G 80 20.55 -7.40 5.07
CA ARG G 80 19.25 -7.64 5.76
C ARG G 80 19.08 -9.13 6.08
N ASP G 81 19.56 -10.02 5.19
CA ASP G 81 19.36 -11.49 5.30
C ASP G 81 20.41 -12.08 6.26
N ALA G 82 21.52 -11.37 6.52
CA ALA G 82 22.64 -11.85 7.37
C ALA G 82 22.23 -11.83 8.85
N MET G 83 22.77 -12.76 9.64
CA MET G 83 22.34 -13.06 11.04
C MET G 83 23.38 -12.57 12.05
N GLY G 84 24.66 -12.54 11.65
CA GLY G 84 25.77 -11.99 12.45
C GLY G 84 26.75 -11.24 11.56
N PHE G 85 27.66 -10.47 12.16
CA PHE G 85 28.64 -9.65 11.42
C PHE G 85 30.03 -9.96 11.99
N LEU G 86 31.06 -10.02 11.12
CA LEU G 86 32.47 -10.22 11.50
C LEU G 86 33.31 -8.99 11.09
N LEU G 87 33.41 -7.99 11.98
CA LEU G 87 34.14 -6.71 11.71
C LEU G 87 35.63 -6.97 11.87
N LEU G 88 36.42 -6.70 10.84
CA LEU G 88 37.90 -6.79 10.92
C LEU G 88 38.51 -5.39 10.86
N PHE G 89 39.75 -5.27 11.30
CA PHE G 89 40.67 -4.13 10.98
C PHE G 89 42.09 -4.66 10.90
N ASP G 90 42.99 -3.86 10.34
CA ASP G 90 44.43 -4.18 10.21
C ASP G 90 45.14 -3.59 11.41
N LEU G 91 45.93 -4.41 12.11
CA LEU G 91 46.73 -4.02 13.30
C LEU G 91 47.95 -3.21 12.86
N THR G 92 48.12 -2.97 11.55
CA THR G 92 49.25 -2.21 10.98
C THR G 92 48.77 -0.94 10.28
N ASN G 93 47.48 -0.59 10.32
CA ASN G 93 47.08 0.83 10.08
C ASN G 93 45.99 1.26 11.09
N GLU G 94 46.23 2.39 11.76
CA GLU G 94 45.38 2.93 12.85
C GLU G 94 44.02 3.31 12.27
N GLU G 95 44.04 3.90 11.07
CA GLU G 95 42.80 4.40 10.39
C GLU G 95 41.74 3.29 10.45
N SER G 96 42.09 2.09 10.00
CA SER G 96 41.18 0.91 9.96
C SER G 96 40.57 0.72 11.34
N PHE G 97 41.42 0.70 12.36
CA PHE G 97 41.02 0.47 13.78
C PHE G 97 40.07 1.57 14.24
N LEU G 98 40.40 2.84 13.95
CA LEU G 98 39.61 4.02 14.41
C LEU G 98 38.20 3.96 13.84
N ASN G 99 38.02 3.39 12.64
CA ASN G 99 36.71 3.32 11.93
C ASN G 99 35.79 2.31 12.61
N VAL G 100 36.35 1.38 13.38
CA VAL G 100 35.60 0.27 14.01
C VAL G 100 34.39 0.85 14.77
N ARG G 101 34.61 1.93 15.52
CA ARG G 101 33.53 2.63 16.26
C ARG G 101 32.43 2.97 15.24
N ASN G 102 32.80 3.68 14.17
CA ASN G 102 31.85 4.13 13.11
C ASN G 102 31.16 2.89 12.50
N TRP G 103 31.88 1.78 12.30
CA TRP G 103 31.31 0.50 11.78
C TRP G 103 30.29 -0.05 12.79
N ILE G 104 30.75 -0.34 14.01
CA ILE G 104 29.91 -0.93 15.11
C ILE G 104 28.66 -0.04 15.23
N SER G 105 28.87 1.28 15.24
CA SER G 105 27.81 2.31 15.28
C SER G 105 26.77 2.03 14.19
N GLN G 106 27.18 2.12 12.91
CA GLN G 106 26.27 2.06 11.72
C GLN G 106 25.62 0.67 11.65
N LEU G 107 26.28 -0.39 12.18
CA LEU G 107 25.69 -1.75 12.26
C LEU G 107 24.45 -1.70 13.17
N LYS G 108 24.65 -1.29 14.42
CA LYS G 108 23.59 -1.19 15.47
C LYS G 108 22.37 -0.47 14.89
N THR G 109 22.58 0.64 14.18
CA THR G 109 21.51 1.52 13.64
C THR G 109 20.77 0.79 12.52
N HIS G 110 21.48 0.38 11.47
CA HIS G 110 20.91 -0.13 10.18
C HIS G 110 20.56 -1.63 10.30
N ALA G 111 20.98 -2.31 11.37
CA ALA G 111 20.73 -3.76 11.58
C ALA G 111 19.31 -3.98 12.11
N TYR G 112 18.90 -5.26 12.19
CA TYR G 112 17.58 -5.70 12.73
C TYR G 112 17.52 -5.39 14.23
N SER G 113 18.21 -6.20 15.05
CA SER G 113 18.23 -6.09 16.53
C SER G 113 18.99 -4.84 16.96
N GLU G 114 18.61 -4.25 18.11
CA GLU G 114 19.33 -3.11 18.75
C GLU G 114 20.79 -3.52 18.94
N ASN G 115 21.02 -4.68 19.57
CA ASN G 115 22.37 -5.28 19.75
C ASN G 115 22.47 -6.57 18.93
N PRO G 116 23.00 -6.50 17.69
CA PRO G 116 23.27 -7.68 16.87
C PRO G 116 24.60 -8.36 17.21
N ASP G 117 24.78 -9.57 16.70
CA ASP G 117 25.87 -10.51 17.08
C ASP G 117 27.11 -10.17 16.24
N ILE G 118 28.13 -9.60 16.87
CA ILE G 118 29.36 -9.07 16.21
C ILE G 118 30.59 -9.70 16.85
N VAL G 119 31.61 -10.00 16.06
CA VAL G 119 32.95 -10.43 16.55
C VAL G 119 34.02 -9.58 15.85
N LEU G 120 34.82 -8.84 16.63
CA LEU G 120 35.88 -7.94 16.10
C LEU G 120 37.17 -8.76 15.96
N CYS G 121 37.78 -8.76 14.79
CA CYS G 121 39.12 -9.38 14.56
C CYS G 121 40.12 -8.30 14.18
N GLY G 122 41.27 -8.28 14.86
CA GLY G 122 42.44 -7.48 14.47
C GLY G 122 43.39 -8.34 13.67
N ASN G 123 43.40 -8.16 12.35
CA ASN G 123 44.06 -9.11 11.44
C ASN G 123 45.52 -8.71 11.23
N LYS G 124 46.27 -9.55 10.52
CA LYS G 124 47.65 -9.26 10.05
C LYS G 124 48.56 -9.20 11.29
N SER G 125 48.30 -10.06 12.28
CA SER G 125 49.03 -10.09 13.58
C SER G 125 50.45 -10.60 13.35
N ASP G 126 50.66 -11.41 12.31
CA ASP G 126 51.98 -11.94 11.90
C ASP G 126 52.93 -10.77 11.60
N LEU G 127 52.40 -9.68 11.04
CA LEU G 127 53.20 -8.45 10.73
C LEU G 127 53.58 -7.77 12.06
N GLU G 128 54.35 -8.48 12.89
CA GLU G 128 54.77 -8.04 14.23
C GLU G 128 55.53 -6.70 14.06
N ASP G 129 56.38 -6.61 13.03
CA ASP G 129 57.31 -5.49 12.76
C ASP G 129 56.56 -4.21 12.40
N GLU G 130 55.29 -4.29 11.97
CA GLU G 130 54.50 -3.13 11.48
C GLU G 130 53.29 -2.90 12.39
N ARG G 131 53.25 -3.54 13.55
CA ARG G 131 52.10 -3.41 14.49
C ARG G 131 52.03 -1.95 14.96
N VAL G 132 50.82 -1.40 14.98
CA VAL G 132 50.56 0.04 15.27
C VAL G 132 49.46 0.14 16.33
N VAL G 133 48.43 -0.70 16.24
CA VAL G 133 47.37 -0.81 17.27
C VAL G 133 47.93 -1.62 18.43
N ALA G 134 47.85 -1.08 19.65
CA ALA G 134 48.25 -1.75 20.90
C ALA G 134 47.08 -2.61 21.39
N ALA G 135 47.39 -3.82 21.84
CA ALA G 135 46.44 -4.92 22.14
C ALA G 135 45.43 -4.51 23.22
N ALA G 136 45.88 -3.81 24.27
CA ALA G 136 45.04 -3.37 25.40
C ALA G 136 43.95 -2.44 24.87
N GLU G 137 44.37 -1.39 24.17
CA GLU G 137 43.49 -0.36 23.54
C GLU G 137 42.40 -1.07 22.75
N ALA G 138 42.78 -2.09 21.98
CA ALA G 138 41.85 -2.94 21.19
C ALA G 138 40.87 -3.63 22.14
N ARG G 139 41.40 -4.34 23.13
CA ARG G 139 40.61 -5.04 24.17
C ARG G 139 39.66 -4.04 24.86
N GLN G 140 40.14 -2.83 25.17
CA GLN G 140 39.32 -1.75 25.81
C GLN G 140 38.13 -1.45 24.89
N LEU G 141 38.38 -1.24 23.59
CA LEU G 141 37.34 -0.91 22.58
C LEU G 141 36.30 -2.04 22.57
N ALA G 142 36.75 -3.28 22.68
CA ALA G 142 35.89 -4.48 22.78
C ALA G 142 35.05 -4.40 24.06
N GLU G 143 35.65 -3.93 25.16
CA GLU G 143 34.97 -3.72 26.47
C GLU G 143 33.81 -2.73 26.31
N HIS G 144 34.03 -1.48 25.85
CA HIS G 144 32.98 -0.41 25.80
C HIS G 144 31.73 -0.95 25.08
N TYR G 145 31.89 -1.97 24.21
CA TYR G 145 30.79 -2.50 23.37
C TYR G 145 30.39 -3.92 23.82
N GLY G 146 31.23 -4.59 24.61
CA GLY G 146 30.96 -5.94 25.10
C GLY G 146 30.75 -6.90 23.94
N ILE G 147 31.73 -6.95 23.04
CA ILE G 147 31.78 -7.94 21.93
C ILE G 147 33.17 -8.57 21.92
N PRO G 148 33.25 -9.88 21.57
CA PRO G 148 34.50 -10.63 21.62
C PRO G 148 35.54 -10.06 20.65
N TYR G 149 36.81 -10.21 20.99
CA TYR G 149 37.95 -9.70 20.19
C TYR G 149 38.98 -10.81 20.03
N PHE G 150 39.51 -10.98 18.82
CA PHE G 150 40.61 -11.93 18.49
C PHE G 150 41.65 -11.24 17.61
N GLU G 151 42.92 -11.50 17.90
CA GLU G 151 44.08 -11.07 17.09
C GLU G 151 44.38 -12.18 16.10
N THR G 152 43.98 -11.99 14.85
CA THR G 152 43.96 -13.04 13.81
C THR G 152 45.11 -12.81 12.83
N SER G 153 45.44 -13.87 12.09
CA SER G 153 46.30 -13.84 10.87
C SER G 153 45.75 -14.86 9.87
N ALA G 154 45.46 -14.41 8.65
CA ALA G 154 45.05 -15.27 7.52
C ALA G 154 46.30 -15.97 6.97
N ALA G 155 47.48 -15.44 7.27
CA ALA G 155 48.77 -16.04 6.89
C ALA G 155 49.08 -17.25 7.79
N ASN G 156 48.89 -17.13 9.10
CA ASN G 156 49.19 -18.16 10.12
C ASN G 156 47.98 -19.08 10.34
N GLY G 157 46.76 -18.54 10.22
CA GLY G 157 45.52 -19.19 10.66
C GLY G 157 45.21 -18.90 12.12
N THR G 158 46.13 -18.24 12.85
CA THR G 158 45.99 -17.96 14.30
C THR G 158 44.62 -17.37 14.59
N ASN G 159 43.85 -18.02 15.46
CA ASN G 159 42.60 -17.47 16.05
C ASN G 159 41.49 -17.33 14.99
N ILE G 160 41.74 -17.73 13.76
CA ILE G 160 40.74 -17.59 12.66
C ILE G 160 39.52 -18.44 13.03
N SER G 161 39.73 -19.75 13.17
CA SER G 161 38.68 -20.76 13.45
C SER G 161 37.93 -20.38 14.73
N GLN G 162 38.69 -20.06 15.78
CA GLN G 162 38.18 -19.60 17.10
C GLN G 162 37.15 -18.49 16.83
N ALA G 163 37.62 -17.41 16.21
CA ALA G 163 36.85 -16.19 15.90
C ALA G 163 35.53 -16.54 15.20
N ILE G 164 35.57 -17.28 14.09
CA ILE G 164 34.34 -17.62 13.30
C ILE G 164 33.44 -18.53 14.15
N GLU G 165 34.03 -19.51 14.85
CA GLU G 165 33.29 -20.50 15.70
C GLU G 165 32.53 -19.74 16.80
N MET G 166 33.13 -18.69 17.37
CA MET G 166 32.49 -17.81 18.37
C MET G 166 31.22 -17.19 17.75
N LEU G 167 31.35 -16.55 16.58
CA LEU G 167 30.22 -15.88 15.88
C LEU G 167 29.12 -16.93 15.63
N LEU G 168 29.48 -18.14 15.22
CA LEU G 168 28.54 -19.28 15.01
C LEU G 168 27.81 -19.54 16.35
N ASP G 169 28.57 -19.68 17.43
CA ASP G 169 28.07 -20.00 18.80
C ASP G 169 27.10 -18.88 19.24
N LEU G 170 27.42 -17.61 18.97
CA LEU G 170 26.59 -16.45 19.38
C LEU G 170 25.19 -16.56 18.78
N ILE G 171 25.12 -16.71 17.45
CA ILE G 171 23.84 -16.67 16.68
C ILE G 171 23.08 -17.98 16.89
N MET G 172 23.79 -19.08 17.12
CA MET G 172 23.18 -20.39 17.52
C MET G 172 22.43 -20.18 18.85
N LYS G 173 23.05 -19.45 19.79
CA LYS G 173 22.43 -19.04 21.09
C LYS G 173 21.18 -18.19 20.80
N ARG G 174 21.29 -17.17 19.94
CA ARG G 174 20.17 -16.28 19.53
C ARG G 174 19.04 -17.14 18.95
N MET G 175 19.36 -18.09 18.08
CA MET G 175 18.40 -19.03 17.43
C MET G 175 17.68 -19.84 18.52
N GLU G 176 18.43 -20.38 19.47
CA GLU G 176 17.92 -21.23 20.58
C GLU G 176 17.02 -20.41 21.52
N ARG G 177 17.47 -19.21 21.92
CA ARG G 177 16.72 -18.26 22.80
C ARG G 177 15.31 -18.02 22.23
N SER G 178 15.17 -18.03 20.90
CA SER G 178 13.88 -17.97 20.15
C SER G 178 13.28 -19.39 20.03
N TYR H 8 67.92 12.09 -51.34
CA TYR H 8 66.56 12.58 -51.71
C TYR H 8 65.48 11.76 -50.97
N LEU H 9 65.90 10.89 -50.05
CA LEU H 9 65.21 10.67 -48.74
C LEU H 9 65.38 11.97 -47.96
N ILE H 10 64.28 12.62 -47.58
CA ILE H 10 64.30 13.83 -46.72
C ILE H 10 63.63 13.48 -45.39
N LYS H 11 64.34 13.70 -44.28
CA LYS H 11 63.88 13.43 -42.90
C LYS H 11 63.74 14.76 -42.15
N PHE H 12 62.57 14.99 -41.55
CA PHE H 12 62.41 16.01 -40.47
C PHE H 12 61.57 15.43 -39.34
N LEU H 13 61.53 16.15 -38.22
CA LEU H 13 60.97 15.71 -36.92
C LEU H 13 59.90 16.70 -36.48
N ALA H 14 58.72 16.21 -36.13
CA ALA H 14 57.61 16.99 -35.55
C ALA H 14 57.67 16.88 -34.03
N LEU H 15 57.65 18.01 -33.33
CA LEU H 15 57.77 18.02 -31.86
C LEU H 15 56.99 19.19 -31.29
N GLY H 16 56.95 19.26 -29.96
CA GLY H 16 56.05 20.16 -29.20
C GLY H 16 55.51 19.42 -27.99
N ASP H 17 54.46 19.94 -27.38
CA ASP H 17 53.91 19.42 -26.10
C ASP H 17 52.86 18.36 -26.41
N SER H 18 52.48 17.58 -25.41
CA SER H 18 51.40 16.57 -25.46
C SER H 18 50.06 17.29 -25.64
N GLY H 19 49.33 16.99 -26.72
CA GLY H 19 47.96 17.49 -26.98
C GLY H 19 47.92 18.49 -28.12
N VAL H 20 49.10 18.96 -28.54
CA VAL H 20 49.27 19.94 -29.64
C VAL H 20 48.51 19.43 -30.87
N GLY H 21 48.86 18.23 -31.34
CA GLY H 21 48.19 17.53 -32.46
C GLY H 21 49.16 17.14 -33.56
N LYS H 22 50.40 16.76 -33.22
CA LYS H 22 51.49 16.52 -34.21
C LYS H 22 51.30 15.13 -34.84
N THR H 23 50.55 14.24 -34.21
CA THR H 23 50.18 12.93 -34.77
C THR H 23 49.04 13.14 -35.77
N SER H 24 48.04 13.93 -35.38
CA SER H 24 46.84 14.23 -36.20
C SER H 24 47.28 15.03 -37.43
N VAL H 25 48.31 15.86 -37.28
CA VAL H 25 48.83 16.80 -38.34
C VAL H 25 49.59 15.99 -39.40
N LEU H 26 50.42 15.04 -39.00
CA LEU H 26 51.19 14.25 -39.99
C LEU H 26 50.23 13.40 -40.82
N TYR H 27 49.17 12.88 -40.20
CA TYR H 27 48.17 12.01 -40.87
C TYR H 27 47.31 12.84 -41.83
N GLN H 28 46.96 14.08 -41.48
CA GLN H 28 46.24 14.99 -42.40
C GLN H 28 47.08 15.17 -43.66
N TYR H 29 48.41 15.28 -43.52
CA TYR H 29 49.33 15.52 -44.65
C TYR H 29 49.56 14.23 -45.44
N THR H 30 50.03 13.17 -44.79
CA THR H 30 50.32 11.85 -45.43
C THR H 30 49.07 11.38 -46.18
N ASP H 31 47.89 11.40 -45.54
CA ASP H 31 46.67 10.67 -45.98
C ASP H 31 45.48 11.60 -46.24
N GLY H 32 45.61 12.92 -46.04
CA GLY H 32 44.60 13.90 -46.48
C GLY H 32 43.27 13.79 -45.75
N LYS H 33 43.25 13.22 -44.55
CA LYS H 33 42.03 13.07 -43.73
C LYS H 33 42.41 13.17 -42.24
N PHE H 34 41.44 13.03 -41.35
CA PHE H 34 41.58 13.32 -39.90
C PHE H 34 41.06 12.13 -39.08
N ASN H 35 41.96 11.38 -38.42
CA ASN H 35 41.62 10.42 -37.34
C ASN H 35 41.57 11.23 -36.05
N SER H 36 40.38 11.36 -35.45
CA SER H 36 40.21 12.08 -34.16
C SER H 36 40.73 11.20 -33.01
N LYS H 37 40.78 9.87 -33.20
CA LYS H 37 41.37 8.92 -32.21
C LYS H 37 42.90 8.97 -32.35
N PHE H 38 43.59 9.15 -31.24
CA PHE H 38 45.07 9.07 -31.19
C PHE H 38 45.45 8.85 -29.72
N ILE H 39 45.97 7.67 -29.43
CA ILE H 39 46.58 7.34 -28.12
C ILE H 39 47.70 8.37 -27.92
N THR H 40 47.82 8.93 -26.71
CA THR H 40 48.91 9.86 -26.37
C THR H 40 50.21 9.09 -26.59
N THR H 41 50.79 9.23 -27.78
CA THR H 41 52.05 8.58 -28.27
C THR H 41 53.01 8.15 -27.17
N VAL H 42 53.42 6.87 -27.17
CA VAL H 42 54.34 6.23 -26.18
C VAL H 42 55.70 5.97 -26.85
N GLY H 43 55.69 5.69 -28.16
CA GLY H 43 56.87 5.16 -28.88
C GLY H 43 57.62 6.24 -29.63
N ILE H 44 58.14 5.91 -30.81
CA ILE H 44 58.81 6.85 -31.76
C ILE H 44 58.47 6.38 -33.17
N ASP H 45 57.33 6.82 -33.69
CA ASP H 45 56.80 6.40 -35.01
C ASP H 45 57.35 7.32 -36.09
N PHE H 46 57.07 7.01 -37.36
CA PHE H 46 57.16 7.94 -38.50
C PHE H 46 56.24 7.42 -39.61
N ARG H 47 55.66 8.34 -40.38
CA ARG H 47 55.00 8.06 -41.68
C ARG H 47 55.98 8.49 -42.77
N GLU H 48 56.07 7.72 -43.86
CA GLU H 48 56.83 8.15 -45.06
C GLU H 48 55.89 8.10 -46.27
N LYS H 49 56.35 8.69 -47.37
CA LYS H 49 55.55 9.07 -48.56
C LYS H 49 56.51 9.73 -49.56
N THR H 50 56.31 9.43 -50.84
CA THR H 50 57.13 9.96 -51.95
C THR H 50 56.42 11.19 -52.53
N ILE H 51 57.13 12.32 -52.64
CA ILE H 51 56.61 13.61 -53.17
C ILE H 51 57.49 14.01 -54.38
N TYR H 52 56.93 14.81 -55.29
CA TYR H 52 57.64 15.50 -56.40
C TYR H 52 57.50 17.01 -56.17
N ARG H 53 58.57 17.71 -55.80
CA ARG H 53 58.58 19.17 -55.51
C ARG H 53 59.21 19.90 -56.71
N ASN H 54 60.53 20.06 -56.73
CA ASN H 54 61.27 20.77 -57.80
C ASN H 54 61.73 19.75 -58.84
N ASP H 55 60.78 19.10 -59.51
CA ASP H 55 60.98 18.04 -60.53
C ASP H 55 62.05 17.05 -60.02
N LYS H 56 61.87 16.53 -58.81
CA LYS H 56 62.87 15.66 -58.12
C LYS H 56 62.17 14.50 -57.38
N ARG H 57 62.96 13.51 -56.98
CA ARG H 57 62.55 12.34 -56.17
C ARG H 57 62.64 12.71 -54.68
N ILE H 58 61.50 12.79 -53.97
CA ILE H 58 61.45 13.06 -52.51
C ILE H 58 60.73 11.89 -51.81
N LYS H 59 61.49 11.00 -51.15
CA LYS H 59 60.99 10.10 -50.07
C LYS H 59 60.97 10.93 -48.78
N LEU H 60 59.85 11.62 -48.50
CA LEU H 60 59.68 12.44 -47.27
C LEU H 60 59.38 11.49 -46.11
N GLN H 61 60.14 11.63 -45.02
CA GLN H 61 60.07 10.78 -43.81
C GLN H 61 59.66 11.69 -42.65
N LEU H 62 58.41 11.57 -42.21
CA LEU H 62 57.77 12.43 -41.18
C LEU H 62 57.86 11.77 -39.80
N TRP H 63 58.88 12.10 -39.01
CA TRP H 63 59.12 11.47 -37.69
C TRP H 63 58.26 12.16 -36.61
N ASP H 64 57.46 11.36 -35.91
CA ASP H 64 56.58 11.79 -34.78
C ASP H 64 57.36 11.51 -33.50
N THR H 65 57.10 12.28 -32.44
CA THR H 65 57.74 12.14 -31.11
C THR H 65 56.65 12.09 -30.03
N ALA H 66 57.02 11.58 -28.87
CA ALA H 66 56.19 11.59 -27.64
C ALA H 66 56.26 12.98 -27.04
N GLY H 67 55.09 13.58 -26.77
CA GLY H 67 54.97 14.94 -26.22
C GLY H 67 55.44 15.05 -24.78
N LEU H 68 55.61 13.93 -24.08
CA LEU H 68 55.88 13.93 -22.62
C LEU H 68 57.39 13.88 -22.38
N GLU H 69 58.21 14.43 -23.29
CA GLU H 69 59.69 14.57 -23.06
C GLU H 69 60.32 15.60 -24.01
N ARG H 70 61.38 16.23 -23.54
CA ARG H 70 62.47 16.89 -24.33
C ARG H 70 63.67 15.92 -24.44
N PHE H 71 63.56 14.71 -23.88
CA PHE H 71 64.50 13.57 -24.10
C PHE H 71 64.55 13.25 -25.60
N ARG H 72 63.47 13.55 -26.34
CA ARG H 72 63.49 13.75 -27.81
C ARG H 72 64.61 14.76 -28.10
N SER H 73 65.32 14.65 -29.22
CA SER H 73 66.47 15.55 -29.52
C SER H 73 67.66 15.18 -28.61
N LEU H 74 67.46 14.24 -27.69
CA LEU H 74 68.54 13.49 -26.99
C LEU H 74 68.63 12.10 -27.62
N THR H 75 67.81 11.80 -28.64
CA THR H 75 67.75 10.54 -29.42
C THR H 75 69.11 10.27 -30.07
N THR H 76 69.85 11.33 -30.42
CA THR H 76 71.28 11.34 -30.81
C THR H 76 71.49 10.54 -32.10
N ALA H 77 70.41 10.00 -32.68
CA ALA H 77 70.37 9.36 -34.01
C ALA H 77 69.11 9.82 -34.75
N PHE H 78 67.94 9.63 -34.13
CA PHE H 78 66.61 10.04 -34.67
C PHE H 78 66.60 11.57 -34.86
N PHE H 79 66.93 12.32 -33.81
CA PHE H 79 67.07 13.80 -33.87
C PHE H 79 68.30 14.14 -34.72
N ARG H 80 69.43 13.49 -34.46
CA ARG H 80 70.73 13.76 -35.12
C ARG H 80 70.61 13.55 -36.64
N ASP H 81 69.83 12.57 -37.08
CA ASP H 81 69.70 12.17 -38.51
C ASP H 81 68.72 13.11 -39.22
N ALA H 82 67.84 13.80 -38.47
CA ALA H 82 66.78 14.69 -39.02
C ALA H 82 67.40 15.98 -39.57
N MET H 83 66.80 16.56 -40.61
CA MET H 83 67.37 17.67 -41.43
C MET H 83 66.63 18.98 -41.14
N GLY H 84 65.35 18.90 -40.79
CA GLY H 84 64.53 20.06 -40.37
C GLY H 84 63.60 19.69 -39.23
N PHE H 85 62.98 20.67 -38.59
CA PHE H 85 62.09 20.47 -37.42
C PHE H 85 60.78 21.22 -37.70
N LEU H 86 59.65 20.62 -37.29
CA LEU H 86 58.28 21.21 -37.38
C LEU H 86 57.71 21.41 -35.96
N LEU H 87 57.96 22.55 -35.33
CA LEU H 87 57.51 22.86 -33.95
C LEU H 87 56.03 23.26 -34.00
N LEU H 88 55.17 22.55 -33.28
CA LEU H 88 53.74 22.93 -33.16
C LEU H 88 53.47 23.41 -31.74
N PHE H 89 52.36 24.13 -31.57
CA PHE H 89 51.69 24.38 -30.26
C PHE H 89 50.19 24.46 -30.50
N ASP H 90 49.42 24.36 -29.41
CA ASP H 90 47.94 24.43 -29.44
C ASP H 90 47.55 25.88 -29.19
N LEU H 91 46.72 26.45 -30.06
CA LEU H 91 46.21 27.84 -29.98
C LEU H 91 45.14 27.94 -28.89
N THR H 92 44.84 26.83 -28.20
CA THR H 92 43.83 26.76 -27.12
C THR H 92 44.47 26.40 -25.77
N ASN H 93 45.80 26.26 -25.67
CA ASN H 93 46.46 26.36 -24.34
C ASN H 93 47.76 27.18 -24.43
N GLU H 94 47.87 28.20 -23.57
CA GLU H 94 48.98 29.20 -23.56
C GLU H 94 50.29 28.47 -23.24
N GLU H 95 50.23 27.54 -22.29
CA GLU H 95 51.41 26.79 -21.80
C GLU H 95 52.21 26.29 -23.02
N SER H 96 51.54 25.59 -23.94
CA SER H 96 52.16 25.01 -25.16
C SER H 96 52.91 26.11 -25.89
N PHE H 97 52.24 27.24 -26.12
CA PHE H 97 52.78 28.41 -26.87
C PHE H 97 54.02 28.97 -26.14
N LEU H 98 53.93 29.14 -24.81
CA LEU H 98 55.01 29.76 -24.01
C LEU H 98 56.29 28.91 -24.10
N ASN H 99 56.15 27.60 -24.25
CA ASN H 99 57.29 26.64 -24.29
C ASN H 99 58.06 26.76 -25.60
N VAL H 100 57.43 27.33 -26.64
CA VAL H 100 58.01 27.41 -28.00
C VAL H 100 59.41 28.02 -27.91
N ARG H 101 59.55 29.10 -27.14
CA ARG H 101 60.86 29.77 -26.91
C ARG H 101 61.85 28.70 -26.42
N ASN H 102 61.49 28.00 -25.34
CA ASN H 102 62.34 26.96 -24.71
C ASN H 102 62.64 25.87 -25.76
N TRP H 103 61.67 25.49 -26.61
CA TRP H 103 61.86 24.50 -27.70
C TRP H 103 62.86 25.04 -28.72
N ILE H 104 62.55 26.19 -29.35
CA ILE H 104 63.40 26.82 -30.40
C ILE H 104 64.81 26.96 -29.81
N SER H 105 64.91 27.43 -28.57
CA SER H 105 66.17 27.54 -27.79
C SER H 105 66.92 26.21 -27.84
N GLN H 106 66.36 25.16 -27.25
CA GLN H 106 67.03 23.84 -27.03
C GLN H 106 67.34 23.20 -28.39
N LEU H 107 66.57 23.50 -29.45
CA LEU H 107 66.85 23.02 -30.84
C LEU H 107 68.19 23.61 -31.28
N LYS H 108 68.29 24.94 -31.31
CA LYS H 108 69.49 25.69 -31.74
C LYS H 108 70.75 25.11 -31.06
N THR H 109 70.66 24.84 -29.75
CA THR H 109 71.80 24.37 -28.92
C THR H 109 72.18 22.93 -29.32
N HIS H 110 71.23 22.00 -29.22
CA HIS H 110 71.45 20.53 -29.34
C HIS H 110 71.49 20.09 -30.81
N ALA H 111 71.11 20.96 -31.76
CA ALA H 111 71.06 20.65 -33.22
C ALA H 111 72.47 20.76 -33.82
N TYR H 112 72.61 20.35 -35.09
CA TYR H 112 73.86 20.42 -35.88
C TYR H 112 74.21 21.90 -36.12
N SER H 113 73.50 22.55 -37.05
CA SER H 113 73.74 23.96 -37.48
C SER H 113 73.35 24.94 -36.36
N GLU H 114 74.03 26.09 -36.28
CA GLU H 114 73.70 27.20 -35.36
C GLU H 114 72.22 27.56 -35.54
N ASN H 115 71.82 27.83 -36.78
CA ASN H 115 70.42 28.12 -37.19
C ASN H 115 69.91 26.98 -38.07
N PRO H 116 69.21 25.98 -37.49
CA PRO H 116 68.56 24.93 -38.26
C PRO H 116 67.18 25.33 -38.80
N ASP H 117 66.67 24.54 -39.74
CA ASP H 117 65.47 24.86 -40.56
C ASP H 117 64.22 24.45 -39.77
N ILE H 118 63.45 25.44 -39.31
CA ILE H 118 62.28 25.25 -38.42
C ILE H 118 61.05 25.91 -39.06
N VAL H 119 59.88 25.30 -38.91
CA VAL H 119 58.57 25.94 -39.25
C VAL H 119 57.62 25.79 -38.06
N LEU H 120 57.14 26.91 -37.51
CA LEU H 120 56.24 26.92 -36.32
C LEU H 120 54.79 26.83 -36.82
N CYS H 121 54.02 25.88 -36.33
CA CYS H 121 52.57 25.76 -36.60
C CYS H 121 51.78 25.97 -35.30
N GLY H 122 50.78 26.84 -35.33
CA GLY H 122 49.76 26.98 -34.27
C GLY H 122 48.54 26.16 -34.63
N ASN H 123 48.38 25.00 -34.02
CA ASN H 123 47.38 24.00 -34.48
C ASN H 123 46.03 24.25 -33.81
N LYS H 124 45.01 23.49 -34.21
CA LYS H 124 43.68 23.44 -33.58
C LYS H 124 43.01 24.82 -33.81
N SER H 125 43.22 25.41 -34.98
CA SER H 125 42.71 26.76 -35.34
C SER H 125 41.19 26.69 -35.52
N ASP H 126 40.66 25.52 -35.87
CA ASP H 126 39.19 25.27 -36.01
C ASP H 126 38.49 25.55 -34.68
N LEU H 127 39.15 25.26 -33.56
CA LEU H 127 38.62 25.51 -32.21
C LEU H 127 38.60 27.04 -31.96
N GLU H 128 37.84 27.75 -32.79
CA GLU H 128 37.75 29.24 -32.77
C GLU H 128 37.30 29.66 -31.37
N ASP H 129 36.33 28.92 -30.79
CA ASP H 129 35.65 29.26 -29.52
C ASP H 129 36.60 29.12 -28.32
N GLU H 130 37.72 28.40 -28.46
CA GLU H 130 38.66 28.12 -27.33
C GLU H 130 40.02 28.77 -27.61
N ARG H 131 40.12 29.63 -28.62
CA ARG H 131 41.39 30.30 -28.98
C ARG H 131 41.85 31.15 -27.80
N VAL H 132 43.14 31.08 -27.47
CA VAL H 132 43.74 31.73 -26.27
C VAL H 132 44.98 32.50 -26.71
N VAL H 133 45.78 31.94 -27.62
CA VAL H 133 46.95 32.64 -28.22
C VAL H 133 46.41 33.60 -29.29
N ALA H 134 46.80 34.88 -29.19
CA ALA H 134 46.46 35.93 -30.16
C ALA H 134 47.46 35.88 -31.33
N ALA H 135 46.96 36.02 -32.55
CA ALA H 135 47.68 35.74 -33.83
C ALA H 135 48.92 36.63 -33.97
N ALA H 136 48.80 37.91 -33.60
CA ALA H 136 49.90 38.90 -33.72
C ALA H 136 51.07 38.45 -32.85
N GLU H 137 50.79 38.20 -31.57
CA GLU H 137 51.77 37.74 -30.56
C GLU H 137 52.54 36.54 -31.12
N ALA H 138 51.81 35.60 -31.74
CA ALA H 138 52.40 34.42 -32.41
C ALA H 138 53.34 34.88 -33.53
N ARG H 139 52.81 35.72 -34.44
CA ARG H 139 53.57 36.28 -35.58
C ARG H 139 54.82 37.01 -35.05
N GLN H 140 54.68 37.78 -33.95
CA GLN H 140 55.82 38.50 -33.31
C GLN H 140 56.89 37.49 -32.91
N LEU H 141 56.49 36.40 -32.23
CA LEU H 141 57.42 35.33 -31.75
C LEU H 141 58.15 34.76 -32.97
N ALA H 142 57.45 34.58 -34.08
CA ALA H 142 58.02 34.12 -35.38
C ALA H 142 59.04 35.14 -35.87
N GLU H 143 58.75 36.45 -35.70
CA GLU H 143 59.64 37.57 -36.07
C GLU H 143 60.97 37.46 -35.29
N HIS H 144 60.97 37.47 -33.94
CA HIS H 144 62.20 37.52 -33.11
C HIS H 144 63.17 36.42 -33.57
N TYR H 145 62.65 35.33 -34.18
CA TYR H 145 63.47 34.15 -34.58
C TYR H 145 63.59 34.04 -36.10
N GLY H 146 62.75 34.77 -36.85
CA GLY H 146 62.79 34.76 -38.33
C GLY H 146 62.60 33.38 -38.86
N ILE H 147 61.49 32.75 -38.47
CA ILE H 147 61.05 31.42 -39.00
C ILE H 147 59.57 31.53 -39.37
N PRO H 148 59.15 30.83 -40.45
CA PRO H 148 57.79 30.93 -40.95
C PRO H 148 56.77 30.43 -39.93
N TYR H 149 55.56 30.97 -39.97
CA TYR H 149 54.46 30.63 -39.05
C TYR H 149 53.18 30.36 -39.84
N PHE H 150 52.45 29.30 -39.50
CA PHE H 150 51.14 28.93 -40.08
C PHE H 150 50.17 28.57 -38.97
N GLU H 151 48.93 29.04 -39.10
CA GLU H 151 47.78 28.65 -38.22
C GLU H 151 47.09 27.46 -38.87
N THR H 152 47.34 26.28 -38.32
CA THR H 152 46.98 24.98 -38.94
C THR H 152 45.76 24.40 -38.21
N SER H 153 45.10 23.45 -38.88
CA SER H 153 44.09 22.52 -38.32
C SER H 153 44.23 21.17 -39.00
N ALA H 154 44.42 20.11 -38.21
CA ALA H 154 44.46 18.71 -38.69
C ALA H 154 43.03 18.25 -38.96
N ALA H 155 42.04 18.95 -38.39
CA ALA H 155 40.61 18.69 -38.60
C ALA H 155 40.18 19.22 -39.98
N ASN H 156 40.60 20.44 -40.35
CA ASN H 156 40.23 21.14 -41.62
C ASN H 156 41.23 20.81 -42.73
N GLY H 157 42.50 20.59 -42.37
CA GLY H 157 43.63 20.53 -43.32
C GLY H 157 44.22 21.90 -43.59
N THR H 158 43.58 22.98 -43.09
CA THR H 158 43.99 24.38 -43.33
C THR H 158 45.50 24.53 -43.11
N ASN H 159 46.22 24.97 -44.14
CA ASN H 159 47.64 25.41 -44.05
C ASN H 159 48.57 24.23 -43.73
N ILE H 160 48.05 23.01 -43.63
CA ILE H 160 48.88 21.81 -43.28
C ILE H 160 49.92 21.62 -44.38
N SER H 161 49.46 21.39 -45.61
CA SER H 161 50.29 21.09 -46.80
C SER H 161 51.28 22.24 -47.02
N GLN H 162 50.78 23.48 -46.97
CA GLN H 162 51.58 24.72 -47.09
C GLN H 162 52.77 24.60 -46.14
N ALA H 163 52.46 24.47 -44.84
CA ALA H 163 53.43 24.40 -43.72
C ALA H 163 54.52 23.36 -44.01
N ILE H 164 54.14 22.11 -44.28
CA ILE H 164 55.13 21.00 -44.50
C ILE H 164 55.93 21.30 -45.78
N GLU H 165 55.26 21.76 -46.85
CA GLU H 165 55.88 22.06 -48.17
C GLU H 165 56.95 23.14 -47.99
N MET H 166 56.69 24.14 -47.13
CA MET H 166 57.66 25.20 -46.76
C MET H 166 58.92 24.55 -46.18
N LEU H 167 58.76 23.72 -45.14
CA LEU H 167 59.89 23.04 -44.45
C LEU H 167 60.69 22.25 -45.49
N LEU H 168 60.00 21.54 -46.40
CA LEU H 168 60.63 20.78 -47.50
C LEU H 168 61.48 21.74 -48.35
N ASP H 169 60.87 22.87 -48.76
CA ASP H 169 61.50 23.90 -49.63
C ASP H 169 62.74 24.46 -48.93
N LEU H 170 62.67 24.70 -47.60
CA LEU H 170 63.80 25.29 -46.82
C LEU H 170 65.03 24.38 -46.91
N ILE H 171 64.86 23.10 -46.57
CA ILE H 171 65.99 22.14 -46.45
C ILE H 171 66.47 21.71 -47.84
N MET H 172 65.57 21.71 -48.83
CA MET H 172 65.93 21.50 -50.25
C MET H 172 66.89 22.61 -50.68
N LYS H 173 66.60 23.87 -50.28
CA LYS H 173 67.49 25.05 -50.48
C LYS H 173 68.84 24.80 -49.79
N ARG H 174 68.83 24.39 -48.52
CA ARG H 174 70.04 24.07 -47.73
C ARG H 174 70.87 23.01 -48.46
N MET H 175 70.20 21.95 -48.96
CA MET H 175 70.83 20.83 -49.70
C MET H 175 71.51 21.37 -50.97
N GLU H 176 70.80 22.24 -51.71
CA GLU H 176 71.26 22.84 -53.00
C GLU H 176 72.44 23.78 -52.75
N ARG H 177 72.34 24.66 -51.73
CA ARG H 177 73.41 25.63 -51.33
C ARG H 177 74.73 24.89 -51.10
N SER H 178 74.67 23.63 -50.62
CA SER H 178 75.83 22.70 -50.49
C SER H 178 76.06 21.97 -51.82
N TYR I 8 -82.69 -27.37 13.13
CA TYR I 8 -81.67 -28.30 12.58
C TYR I 8 -80.60 -27.52 11.80
N LEU I 9 -80.65 -26.19 11.84
CA LEU I 9 -79.44 -25.32 11.96
C LEU I 9 -78.85 -25.59 13.34
N ILE I 10 -77.62 -26.07 13.41
CA ILE I 10 -76.91 -26.35 14.68
C ILE I 10 -75.71 -25.40 14.77
N LYS I 11 -75.64 -24.62 15.85
CA LYS I 11 -74.55 -23.64 16.11
C LYS I 11 -73.75 -24.11 17.33
N PHE I 12 -72.43 -24.19 17.20
CA PHE I 12 -71.51 -24.22 18.35
C PHE I 12 -70.32 -23.28 18.08
N LEU I 13 -69.54 -23.04 19.14
CA LEU I 13 -68.48 -22.01 19.20
C LEU I 13 -67.15 -22.70 19.56
N ALA I 14 -66.11 -22.45 18.78
CA ALA I 14 -64.72 -22.91 19.06
C ALA I 14 -63.98 -21.80 19.79
N LEU I 15 -63.33 -22.13 20.90
CA LEU I 15 -62.64 -21.12 21.72
C LEU I 15 -61.45 -21.77 22.42
N GLY I 16 -60.66 -20.96 23.12
CA GLY I 16 -59.34 -21.32 23.64
C GLY I 16 -58.40 -20.15 23.48
N ASP I 17 -57.10 -20.39 23.60
CA ASP I 17 -56.07 -19.32 23.62
C ASP I 17 -55.59 -19.08 22.18
N SER I 18 -54.91 -17.97 21.97
CA SER I 18 -54.26 -17.60 20.68
C SER I 18 -53.11 -18.60 20.41
N GLY I 19 -53.16 -19.31 19.29
CA GLY I 19 -52.08 -20.20 18.80
C GLY I 19 -52.49 -21.67 18.88
N VAL I 20 -53.58 -21.95 19.60
CA VAL I 20 -54.12 -23.31 19.82
C VAL I 20 -54.27 -23.98 18.45
N GLY I 21 -55.07 -23.38 17.57
CA GLY I 21 -55.28 -23.82 16.18
C GLY I 21 -56.75 -24.02 15.84
N LYS I 22 -57.64 -23.21 16.40
CA LYS I 22 -59.12 -23.40 16.28
C LYS I 22 -59.61 -22.91 14.92
N THR I 23 -58.82 -22.08 14.23
CA THR I 23 -59.11 -21.64 12.85
C THR I 23 -58.67 -22.76 11.90
N SER I 24 -57.49 -23.32 12.13
CA SER I 24 -56.91 -24.41 11.31
C SER I 24 -57.77 -25.66 11.46
N VAL I 25 -58.36 -25.86 12.65
CA VAL I 25 -59.16 -27.06 13.02
C VAL I 25 -60.51 -27.01 12.32
N LEU I 26 -61.17 -25.85 12.29
CA LEU I 26 -62.51 -25.75 11.64
C LEU I 26 -62.34 -25.98 10.13
N TYR I 27 -61.24 -25.50 9.55
CA TYR I 27 -60.97 -25.61 8.09
C TYR I 27 -60.63 -27.06 7.72
N GLN I 28 -59.91 -27.78 8.58
CA GLN I 28 -59.63 -29.23 8.36
C GLN I 28 -60.97 -29.96 8.28
N TYR I 29 -61.94 -29.58 9.12
CA TYR I 29 -63.27 -30.26 9.18
C TYR I 29 -64.14 -29.83 8.00
N THR I 30 -64.39 -28.52 7.86
CA THR I 30 -65.25 -27.96 6.78
C THR I 30 -64.74 -28.45 5.42
N ASP I 31 -63.43 -28.35 5.16
CA ASP I 31 -62.83 -28.47 3.80
C ASP I 31 -61.81 -29.61 3.68
N GLY I 32 -61.54 -30.35 4.74
CA GLY I 32 -60.74 -31.61 4.68
C GLY I 32 -59.29 -31.41 4.28
N LYS I 33 -58.74 -30.22 4.50
CA LYS I 33 -57.32 -29.90 4.18
C LYS I 33 -56.80 -28.90 5.23
N PHE I 34 -55.55 -28.47 5.08
CA PHE I 34 -54.81 -27.67 6.10
C PHE I 34 -54.18 -26.44 5.43
N ASN I 35 -54.71 -25.24 5.71
CA ASN I 35 -54.02 -23.94 5.44
C ASN I 35 -53.13 -23.67 6.64
N SER I 36 -51.81 -23.68 6.44
CA SER I 36 -50.82 -23.34 7.50
C SER I 36 -50.83 -21.82 7.74
N LYS I 37 -51.24 -21.03 6.74
CA LYS I 37 -51.38 -19.56 6.82
C LYS I 37 -52.68 -19.23 7.59
N PHE I 38 -52.57 -18.39 8.60
CA PHE I 38 -53.74 -17.91 9.36
C PHE I 38 -53.28 -16.68 10.15
N ILE I 39 -53.83 -15.52 9.81
CA ILE I 39 -53.69 -14.29 10.61
C ILE I 39 -54.23 -14.62 12.01
N THR I 40 -53.55 -14.20 13.07
CA THR I 40 -54.10 -14.29 14.45
C THR I 40 -55.43 -13.52 14.42
N THR I 41 -56.52 -14.24 14.20
CA THR I 41 -57.93 -13.75 14.12
C THR I 41 -58.21 -12.46 14.90
N VAL I 42 -58.78 -11.44 14.25
CA VAL I 42 -59.14 -10.12 14.83
C VAL I 42 -60.67 -10.01 14.98
N GLY I 43 -61.42 -10.66 14.07
CA GLY I 43 -62.88 -10.47 13.92
C GLY I 43 -63.67 -11.54 14.63
N ILE I 44 -64.80 -11.95 14.06
CA ILE I 44 -65.70 -13.03 14.56
C ILE I 44 -66.28 -13.73 13.33
N ASP I 45 -65.56 -14.71 12.79
CA ASP I 45 -65.92 -15.47 11.56
C ASP I 45 -66.82 -16.65 11.94
N PHE I 46 -67.36 -17.33 10.94
CA PHE I 46 -67.87 -18.72 11.04
C PHE I 46 -67.85 -19.36 9.66
N ARG I 47 -67.61 -20.67 9.59
CA ARG I 47 -67.85 -21.50 8.40
C ARG I 47 -69.13 -22.29 8.65
N GLU I 48 -69.97 -22.47 7.63
CA GLU I 48 -71.15 -23.36 7.71
C GLU I 48 -71.06 -24.39 6.59
N LYS I 49 -71.91 -25.40 6.68
CA LYS I 49 -71.80 -26.70 5.97
C LYS I 49 -72.97 -27.58 6.41
N THR I 50 -73.58 -28.32 5.48
CA THR I 50 -74.72 -29.23 5.73
C THR I 50 -74.17 -30.64 5.96
N ILE I 51 -74.55 -31.28 7.06
CA ILE I 51 -74.14 -32.67 7.43
C ILE I 51 -75.42 -33.53 7.59
N TYR I 52 -75.30 -34.83 7.35
CA TYR I 52 -76.34 -35.87 7.59
C TYR I 52 -75.79 -36.86 8.63
N ARG I 53 -76.30 -36.84 9.87
CA ARG I 53 -75.79 -37.68 10.99
C ARG I 53 -76.77 -38.82 11.24
N ASN I 54 -77.81 -38.60 12.06
CA ASN I 54 -78.86 -39.59 12.38
C ASN I 54 -80.03 -39.39 11.41
N ASP I 55 -79.78 -39.64 10.11
CA ASP I 55 -80.75 -39.51 8.99
C ASP I 55 -81.55 -38.22 9.16
N LYS I 56 -80.85 -37.08 9.32
CA LYS I 56 -81.47 -35.76 9.61
C LYS I 56 -80.75 -34.65 8.85
N ARG I 57 -81.40 -33.47 8.77
CA ARG I 57 -80.87 -32.24 8.14
C ARG I 57 -80.06 -31.46 9.18
N ILE I 58 -78.73 -31.34 8.99
CA ILE I 58 -77.84 -30.52 9.87
C ILE I 58 -77.15 -29.45 9.02
N LYS I 59 -77.62 -28.20 9.10
CA LYS I 59 -76.84 -26.98 8.72
C LYS I 59 -75.93 -26.64 9.92
N LEU I 60 -74.73 -27.23 9.96
CA LEU I 60 -73.75 -27.02 11.06
C LEU I 60 -73.08 -25.67 10.83
N GLN I 61 -73.07 -24.83 11.87
CA GLN I 61 -72.52 -23.45 11.84
C GLN I 61 -71.36 -23.42 12.85
N LEU I 62 -70.14 -23.37 12.33
CA LEU I 62 -68.88 -23.47 13.12
C LEU I 62 -68.33 -22.06 13.40
N TRP I 63 -68.66 -21.48 14.56
CA TRP I 63 -68.26 -20.10 14.92
C TRP I 63 -66.84 -20.09 15.49
N ASP I 64 -65.96 -19.28 14.89
CA ASP I 64 -64.56 -19.07 15.32
C ASP I 64 -64.56 -17.80 16.19
N THR I 65 -63.61 -17.71 17.12
CA THR I 65 -63.44 -16.54 18.02
C THR I 65 -61.98 -16.07 17.97
N ALA I 66 -61.75 -14.84 18.42
CA ALA I 66 -60.41 -14.27 18.63
C ALA I 66 -59.84 -14.84 19.93
N GLY I 67 -58.62 -15.38 19.86
CA GLY I 67 -57.92 -16.01 21.00
C GLY I 67 -57.48 -15.00 22.04
N LEU I 68 -57.46 -13.70 21.71
CA LEU I 68 -56.89 -12.67 22.60
C LEU I 68 -57.99 -12.05 23.46
N GLU I 69 -59.04 -12.80 23.80
CA GLU I 69 -60.06 -12.35 24.79
C GLU I 69 -60.87 -13.54 25.34
N ARG I 70 -61.36 -13.37 26.57
CA ARG I 70 -62.53 -14.06 27.17
C ARG I 70 -63.78 -13.16 27.07
N PHE I 71 -63.64 -11.98 26.47
CA PHE I 71 -64.76 -11.06 26.09
C PHE I 71 -65.68 -11.81 25.11
N ARG I 72 -65.14 -12.80 24.38
CA ARG I 72 -65.93 -13.91 23.77
C ARG I 72 -66.78 -14.51 24.90
N SER I 73 -67.98 -15.00 24.62
CA SER I 73 -68.90 -15.51 25.68
C SER I 73 -69.43 -14.34 26.53
N LEU I 74 -68.97 -13.11 26.24
CA LEU I 74 -69.61 -11.83 26.64
C LEU I 74 -70.32 -11.25 25.42
N THR I 75 -70.28 -11.96 24.27
CA THR I 75 -70.92 -11.59 22.97
C THR I 75 -72.43 -11.45 23.16
N THR I 76 -73.00 -12.23 24.09
CA THR I 76 -74.38 -12.10 24.64
C THR I 76 -75.42 -12.36 23.55
N ALA I 77 -74.98 -12.66 22.33
CA ALA I 77 -75.81 -13.10 21.18
C ALA I 77 -75.09 -14.25 20.47
N PHE I 78 -73.84 -14.03 20.04
CA PHE I 78 -72.98 -15.03 19.37
C PHE I 78 -72.75 -16.22 20.30
N PHE I 79 -72.28 -15.95 21.53
CA PHE I 79 -72.13 -16.98 22.59
C PHE I 79 -73.51 -17.46 23.03
N ARG I 80 -74.43 -16.52 23.29
CA ARG I 80 -75.79 -16.81 23.83
C ARG I 80 -76.56 -17.71 22.86
N ASP I 81 -76.37 -17.52 21.55
CA ASP I 81 -77.13 -18.24 20.49
C ASP I 81 -76.52 -19.63 20.26
N ALA I 82 -75.27 -19.85 20.67
CA ALA I 82 -74.52 -21.12 20.45
C ALA I 82 -75.06 -22.22 21.39
N MET I 83 -75.02 -23.47 20.95
CA MET I 83 -75.71 -24.63 21.60
C MET I 83 -74.68 -25.55 22.27
N GLY I 84 -73.46 -25.61 21.73
CA GLY I 84 -72.34 -26.37 22.31
C GLY I 84 -71.04 -25.61 22.15
N PHE I 85 -69.99 -26.03 22.86
CA PHE I 85 -68.67 -25.36 22.84
C PHE I 85 -67.60 -26.40 22.53
N LEU I 86 -66.58 -26.02 21.75
CA LEU I 86 -65.41 -26.87 21.41
C LEU I 86 -64.13 -26.22 21.95
N LEU I 87 -63.75 -26.54 23.20
CA LEU I 87 -62.57 -25.94 23.88
C LEU I 87 -61.32 -26.67 23.37
N LEU I 88 -60.36 -25.92 22.81
CA LEU I 88 -59.06 -26.49 22.40
C LEU I 88 -57.97 -25.97 23.33
N PHE I 89 -56.82 -26.65 23.34
CA PHE I 89 -55.51 -26.14 23.82
C PHE I 89 -54.40 -26.76 22.98
N ASP I 90 -53.20 -26.18 23.07
CA ASP I 90 -52.00 -26.65 22.35
C ASP I 90 -51.25 -27.60 23.29
N LEU I 91 -50.94 -28.80 22.81
CA LEU I 91 -50.20 -29.85 23.54
C LEU I 91 -48.72 -29.48 23.61
N THR I 92 -48.32 -28.34 23.04
CA THR I 92 -46.92 -27.87 23.04
C THR I 92 -46.78 -26.54 23.81
N ASN I 93 -47.82 -26.02 24.45
CA ASN I 93 -47.61 -25.03 25.54
C ASN I 93 -48.56 -25.32 26.73
N GLU I 94 -47.99 -25.43 27.93
CA GLU I 94 -48.69 -25.82 29.19
C GLU I 94 -49.70 -24.74 29.53
N GLU I 95 -49.32 -23.47 29.35
CA GLU I 95 -50.17 -22.30 29.70
C GLU I 95 -51.57 -22.54 29.13
N SER I 96 -51.66 -22.85 27.83
CA SER I 96 -52.94 -23.07 27.12
C SER I 96 -53.76 -24.12 27.89
N PHE I 97 -53.11 -25.24 28.22
CA PHE I 97 -53.73 -26.40 28.91
C PHE I 97 -54.22 -25.98 30.29
N LEU I 98 -53.40 -25.24 31.04
CA LEU I 98 -53.71 -24.83 32.44
C LEU I 98 -54.97 -23.95 32.46
N ASN I 99 -55.20 -23.17 31.40
CA ASN I 99 -56.34 -22.21 31.30
C ASN I 99 -57.66 -22.96 31.10
N VAL I 100 -57.60 -24.22 30.65
CA VAL I 100 -58.81 -25.03 30.31
C VAL I 100 -59.77 -25.00 31.51
N ARG I 101 -59.25 -25.18 32.71
CA ARG I 101 -60.04 -25.11 33.97
C ARG I 101 -60.78 -23.78 33.97
N ASN I 102 -60.04 -22.67 33.84
CA ASN I 102 -60.60 -21.29 33.86
C ASN I 102 -61.64 -21.15 32.74
N TRP I 103 -61.39 -21.74 31.56
CA TRP I 103 -62.35 -21.74 30.41
C TRP I 103 -63.62 -22.51 30.79
N ILE I 104 -63.47 -23.80 31.13
CA ILE I 104 -64.60 -24.71 31.49
C ILE I 104 -65.40 -24.00 32.58
N SER I 105 -64.70 -23.47 33.58
CA SER I 105 -65.28 -22.67 34.70
C SER I 105 -66.19 -21.58 34.14
N GLN I 106 -65.63 -20.62 33.41
CA GLN I 106 -66.32 -19.38 32.94
C GLN I 106 -67.44 -19.76 31.98
N LEU I 107 -67.33 -20.89 31.25
CA LEU I 107 -68.41 -21.41 30.37
C LEU I 107 -69.64 -21.74 31.24
N LYS I 108 -69.46 -22.65 32.21
CA LYS I 108 -70.51 -23.14 33.13
C LYS I 108 -71.27 -21.93 33.71
N THR I 109 -70.54 -20.89 34.14
CA THR I 109 -71.10 -19.70 34.84
C THR I 109 -71.93 -18.87 33.85
N HIS I 110 -71.30 -18.42 32.75
CA HIS I 110 -71.86 -17.42 31.79
C HIS I 110 -72.80 -18.09 30.77
N ALA I 111 -72.82 -19.43 30.70
CA ALA I 111 -73.66 -20.19 29.74
C ALA I 111 -75.11 -20.28 30.25
N TYR I 112 -76.00 -20.81 29.42
CA TYR I 112 -77.43 -21.06 29.74
C TYR I 112 -77.53 -22.16 30.80
N SER I 113 -77.32 -23.42 30.42
CA SER I 113 -77.44 -24.62 31.29
C SER I 113 -76.31 -24.65 32.31
N GLU I 114 -76.57 -25.24 33.49
CA GLU I 114 -75.55 -25.47 34.56
C GLU I 114 -74.38 -26.23 33.94
N ASN I 115 -74.67 -27.36 33.28
CA ASN I 115 -73.70 -28.21 32.53
C ASN I 115 -74.02 -28.13 31.05
N PRO I 116 -73.35 -27.23 30.29
CA PRO I 116 -73.46 -27.20 28.83
C PRO I 116 -72.56 -28.21 28.12
N ASP I 117 -72.82 -28.43 26.84
CA ASP I 117 -72.24 -29.54 26.04
C ASP I 117 -70.88 -29.08 25.50
N ILE I 118 -69.80 -29.68 26.01
CA ILE I 118 -68.39 -29.27 25.72
C ILE I 118 -67.61 -30.49 25.23
N VAL I 119 -66.71 -30.30 24.28
CA VAL I 119 -65.70 -31.32 23.86
C VAL I 119 -64.31 -30.69 23.87
N LEU I 120 -63.39 -31.23 24.68
CA LEU I 120 -62.00 -30.70 24.83
C LEU I 120 -61.13 -31.37 23.77
N CYS I 121 -60.43 -30.58 22.96
CA CYS I 121 -59.40 -31.08 22.00
C CYS I 121 -58.03 -30.58 22.41
N GLY I 122 -57.04 -31.48 22.48
CA GLY I 122 -55.61 -31.14 22.59
C GLY I 122 -54.98 -31.15 21.22
N ASN I 123 -54.76 -29.98 20.64
CA ASN I 123 -54.41 -29.87 19.20
C ASN I 123 -52.88 -29.96 19.03
N LYS I 124 -52.44 -29.99 17.78
CA LYS I 124 -51.00 -29.91 17.39
C LYS I 124 -50.32 -31.20 17.88
N SER I 125 -51.01 -32.33 17.80
CA SER I 125 -50.52 -33.65 18.29
C SER I 125 -49.39 -34.15 17.37
N ASP I 126 -49.39 -33.72 16.11
CA ASP I 126 -48.34 -34.04 15.11
C ASP I 126 -46.99 -33.54 15.62
N LEU I 127 -46.97 -32.40 16.32
CA LEU I 127 -45.73 -31.83 16.91
C LEU I 127 -45.29 -32.72 18.07
N GLU I 128 -44.97 -33.99 17.76
CA GLU I 128 -44.59 -35.02 18.77
C GLU I 128 -43.37 -34.50 19.52
N ASP I 129 -42.42 -33.89 18.80
CA ASP I 129 -41.08 -33.46 19.30
C ASP I 129 -41.23 -32.31 20.31
N GLU I 130 -42.36 -31.58 20.33
CA GLU I 130 -42.54 -30.39 21.18
C GLU I 130 -43.68 -30.62 22.19
N ARG I 131 -44.13 -31.86 22.33
CA ARG I 131 -45.23 -32.22 23.26
C ARG I 131 -44.78 -31.89 24.69
N VAL I 132 -45.66 -31.27 25.46
CA VAL I 132 -45.36 -30.76 26.83
C VAL I 132 -46.46 -31.25 27.79
N VAL I 133 -47.72 -31.24 27.34
CA VAL I 133 -48.84 -31.82 28.13
C VAL I 133 -48.80 -33.34 27.99
N ALA I 134 -48.80 -34.06 29.11
CA ALA I 134 -48.84 -35.53 29.18
C ALA I 134 -50.30 -35.99 29.07
N ALA I 135 -50.53 -37.03 28.27
CA ALA I 135 -51.87 -37.51 27.82
C ALA I 135 -52.75 -37.89 29.02
N ALA I 136 -52.19 -38.55 30.02
CA ALA I 136 -52.94 -39.03 31.22
C ALA I 136 -53.51 -37.81 31.95
N GLU I 137 -52.65 -36.85 32.28
CA GLU I 137 -52.99 -35.59 32.98
C GLU I 137 -54.17 -34.93 32.25
N ALA I 138 -54.11 -34.90 30.92
CA ALA I 138 -55.20 -34.38 30.05
C ALA I 138 -56.47 -35.19 30.29
N ARG I 139 -56.37 -36.52 30.15
CA ARG I 139 -57.49 -37.47 30.37
C ARG I 139 -58.07 -37.26 31.78
N GLN I 140 -57.21 -37.09 32.79
CA GLN I 140 -57.62 -36.84 34.20
C GLN I 140 -58.49 -35.56 34.24
N LEU I 141 -58.02 -34.47 33.62
CA LEU I 141 -58.73 -33.17 33.58
C LEU I 141 -60.10 -33.37 32.95
N ALA I 142 -60.17 -34.21 31.91
CA ALA I 142 -61.43 -34.60 31.23
C ALA I 142 -62.34 -35.35 32.23
N GLU I 143 -61.74 -36.20 33.05
CA GLU I 143 -62.44 -36.98 34.13
C GLU I 143 -63.11 -36.00 35.12
N HIS I 144 -62.36 -35.09 35.80
CA HIS I 144 -62.91 -34.22 36.89
C HIS I 144 -64.16 -33.50 36.38
N TYR I 145 -64.31 -33.32 35.05
CA TYR I 145 -65.43 -32.56 34.44
C TYR I 145 -66.39 -33.48 33.68
N GLY I 146 -65.96 -34.70 33.38
CA GLY I 146 -66.79 -35.67 32.64
C GLY I 146 -67.22 -35.11 31.30
N ILE I 147 -66.23 -34.72 30.50
CA ILE I 147 -66.44 -34.28 29.08
C ILE I 147 -65.42 -35.02 28.21
N PRO I 148 -65.81 -35.36 26.97
CA PRO I 148 -64.97 -36.15 26.08
C PRO I 148 -63.69 -35.38 25.71
N TYR I 149 -62.62 -36.11 25.45
CA TYR I 149 -61.29 -35.55 25.10
C TYR I 149 -60.75 -36.26 23.86
N PHE I 150 -60.18 -35.49 22.92
CA PHE I 150 -59.50 -35.99 21.70
C PHE I 150 -58.18 -35.27 21.52
N GLU I 151 -57.14 -36.01 21.15
CA GLU I 151 -55.82 -35.47 20.74
C GLU I 151 -55.85 -35.28 19.23
N THR I 152 -56.00 -34.03 18.80
CA THR I 152 -56.30 -33.65 17.41
C THR I 152 -55.05 -33.09 16.75
N SER I 153 -55.07 -33.07 15.42
CA SER I 153 -54.12 -32.33 14.55
C SER I 153 -54.90 -31.79 13.33
N ALA I 154 -54.84 -30.49 13.10
CA ALA I 154 -55.42 -29.85 11.91
C ALA I 154 -54.48 -30.09 10.73
N ALA I 155 -53.23 -30.45 11.00
CA ALA I 155 -52.22 -30.80 9.97
C ALA I 155 -52.52 -32.21 9.42
N ASN I 156 -52.81 -33.19 10.29
CA ASN I 156 -53.06 -34.61 9.95
C ASN I 156 -54.55 -34.85 9.67
N GLY I 157 -55.43 -34.12 10.35
CA GLY I 157 -56.87 -34.41 10.40
C GLY I 157 -57.22 -35.39 11.51
N THR I 158 -56.23 -35.97 12.18
CA THR I 158 -56.40 -37.00 13.23
C THR I 158 -57.48 -36.55 14.22
N ASN I 159 -58.54 -37.34 14.38
CA ASN I 159 -59.55 -37.17 15.46
C ASN I 159 -60.37 -35.89 15.28
N ILE I 160 -60.15 -35.14 14.21
CA ILE I 160 -60.87 -33.86 13.99
C ILE I 160 -62.36 -34.17 13.83
N SER I 161 -62.69 -34.97 12.81
CA SER I 161 -64.08 -35.34 12.44
C SER I 161 -64.78 -35.98 13.64
N GLN I 162 -64.10 -36.94 14.26
CA GLN I 162 -64.57 -37.65 15.48
C GLN I 162 -65.03 -36.60 16.48
N ALA I 163 -64.10 -35.72 16.88
CA ALA I 163 -64.28 -34.66 17.89
C ALA I 163 -65.53 -33.82 17.57
N ILE I 164 -65.64 -33.26 16.36
CA ILE I 164 -66.78 -32.36 16.00
C ILE I 164 -68.07 -33.20 15.97
N GLU I 165 -68.02 -34.42 15.42
CA GLU I 165 -69.19 -35.35 15.29
C GLU I 165 -69.74 -35.65 16.69
N MET I 166 -68.84 -35.84 17.68
CA MET I 166 -69.21 -36.06 19.09
C MET I 166 -70.03 -34.87 19.59
N LEU I 167 -69.52 -33.65 19.44
CA LEU I 167 -70.20 -32.40 19.90
C LEU I 167 -71.58 -32.33 19.24
N LEU I 168 -71.66 -32.65 17.94
CA LEU I 168 -72.95 -32.69 17.19
C LEU I 168 -73.89 -33.69 17.88
N ASP I 169 -73.38 -34.90 18.14
CA ASP I 169 -74.14 -36.03 18.75
C ASP I 169 -74.65 -35.60 20.14
N LEU I 170 -73.83 -34.90 20.93
CA LEU I 170 -74.18 -34.47 22.31
C LEU I 170 -75.41 -33.57 22.28
N ILE I 171 -75.38 -32.51 21.47
CA ILE I 171 -76.44 -31.45 21.45
C ILE I 171 -77.66 -31.98 20.70
N MET I 172 -77.47 -32.88 19.74
CA MET I 172 -78.59 -33.61 19.07
C MET I 172 -79.35 -34.40 20.15
N LYS I 173 -78.64 -35.07 21.07
CA LYS I 173 -79.21 -35.77 22.25
C LYS I 173 -79.98 -34.76 23.11
N ARG I 174 -79.37 -33.62 23.45
CA ARG I 174 -79.99 -32.53 24.25
C ARG I 174 -81.29 -32.08 23.57
N MET I 175 -81.25 -31.89 22.24
CA MET I 175 -82.41 -31.45 21.41
C MET I 175 -83.52 -32.51 21.52
N GLU I 176 -83.16 -33.78 21.39
CA GLU I 176 -84.11 -34.95 21.42
C GLU I 176 -84.72 -35.09 22.82
N ARG I 177 -83.90 -35.02 23.88
CA ARG I 177 -84.34 -35.11 25.31
C ARG I 177 -85.46 -34.08 25.57
N SER I 178 -85.41 -32.92 24.90
CA SER I 178 -86.48 -31.88 24.88
C SER I 178 -87.55 -32.23 23.85
N TYR J 8 76.88 -21.52 -33.87
CA TYR J 8 75.64 -22.34 -34.02
C TYR J 8 74.72 -22.17 -32.79
N LEU J 9 75.06 -21.23 -31.89
CA LEU J 9 74.07 -20.32 -31.24
C LEU J 9 73.53 -19.42 -32.34
N ILE J 10 72.23 -19.46 -32.61
CA ILE J 10 71.57 -18.62 -33.65
C ILE J 10 70.60 -17.69 -32.94
N LYS J 11 70.76 -16.38 -33.15
CA LYS J 11 69.90 -15.31 -32.57
C LYS J 11 69.11 -14.63 -33.69
N PHE J 12 67.80 -14.53 -33.55
CA PHE J 12 66.99 -13.54 -34.30
C PHE J 12 66.00 -12.86 -33.35
N LEU J 13 65.37 -11.79 -33.85
CA LEU J 13 64.52 -10.85 -33.08
C LEU J 13 63.13 -10.82 -33.70
N ALA J 14 62.09 -10.99 -32.88
CA ALA J 14 60.67 -10.87 -33.27
C ALA J 14 60.20 -9.45 -32.95
N LEU J 15 59.59 -8.77 -33.91
CA LEU J 15 59.15 -7.38 -33.72
C LEU J 15 57.92 -7.12 -34.57
N GLY J 16 57.36 -5.91 -34.42
CA GLY J 16 56.04 -5.53 -34.93
C GLY J 16 55.33 -4.68 -33.91
N ASP J 17 54.03 -4.49 -34.05
CA ASP J 17 53.22 -3.57 -33.22
C ASP J 17 52.71 -4.31 -32.00
N SER J 18 52.23 -3.57 -31.01
CA SER J 18 51.56 -4.09 -29.80
C SER J 18 50.23 -4.75 -30.20
N GLY J 19 50.06 -6.04 -29.89
CA GLY J 19 48.81 -6.81 -30.08
C GLY J 19 48.92 -7.83 -31.20
N VAL J 20 49.99 -7.72 -32.00
CA VAL J 20 50.27 -8.61 -33.16
C VAL J 20 50.19 -10.06 -32.68
N GLY J 21 51.02 -10.41 -31.70
CA GLY J 21 51.03 -11.74 -31.05
C GLY J 21 52.40 -12.40 -31.07
N LYS J 22 53.47 -11.62 -30.96
CA LYS J 22 54.87 -12.11 -31.15
C LYS J 22 55.33 -12.83 -29.89
N THR J 23 54.68 -12.59 -28.75
CA THR J 23 54.93 -13.32 -27.48
C THR J 23 54.22 -14.68 -27.56
N SER J 24 52.98 -14.67 -28.02
CA SER J 24 52.13 -15.88 -28.15
C SER J 24 52.74 -16.81 -29.22
N VAL J 25 53.37 -16.21 -30.24
CA VAL J 25 53.94 -16.92 -31.42
C VAL J 25 55.23 -17.64 -31.00
N LEU J 26 56.10 -17.00 -30.22
CA LEU J 26 57.37 -17.64 -29.81
C LEU J 26 57.05 -18.83 -28.89
N TYR J 27 56.02 -18.70 -28.05
CA TYR J 27 55.63 -19.75 -27.08
C TYR J 27 54.99 -20.93 -27.82
N GLN J 28 54.20 -20.69 -28.87
CA GLN J 28 53.63 -21.78 -29.72
C GLN J 28 54.79 -22.59 -30.30
N TYR J 29 55.88 -21.92 -30.69
CA TYR J 29 57.06 -22.58 -31.33
C TYR J 29 57.90 -23.29 -30.26
N THR J 30 58.38 -22.56 -29.26
CA THR J 30 59.23 -23.10 -28.17
C THR J 30 58.54 -24.32 -27.54
N ASP J 31 57.25 -24.19 -27.17
CA ASP J 31 56.53 -25.11 -26.25
C ASP J 31 55.30 -25.77 -26.90
N GLY J 32 54.98 -25.46 -28.16
CA GLY J 32 53.96 -26.21 -28.95
C GLY J 32 52.54 -26.07 -28.40
N LYS J 33 52.25 -25.01 -27.66
CA LYS J 33 50.91 -24.74 -27.09
C LYS J 33 50.69 -23.22 -27.03
N PHE J 34 49.55 -22.79 -26.51
CA PHE J 34 49.05 -21.39 -26.61
C PHE J 34 48.61 -20.89 -25.22
N ASN J 35 49.37 -19.96 -24.61
CA ASN J 35 48.91 -19.17 -23.43
C ASN J 35 48.13 -17.98 -23.98
N SER J 36 46.82 -17.92 -23.73
CA SER J 36 45.95 -16.82 -24.22
C SER J 36 46.17 -15.59 -23.36
N LYS J 37 46.64 -15.76 -22.11
CA LYS J 37 46.84 -14.58 -21.19
C LYS J 37 48.26 -14.10 -21.39
N PHE J 38 48.50 -12.86 -21.79
CA PHE J 38 49.88 -12.37 -22.06
C PHE J 38 49.89 -10.85 -21.94
N ILE J 39 50.53 -10.39 -20.87
CA ILE J 39 50.64 -8.95 -20.57
C ILE J 39 51.36 -8.34 -21.77
N THR J 40 50.92 -7.17 -22.23
CA THR J 40 51.64 -6.38 -23.26
C THR J 40 53.04 -6.14 -22.70
N THR J 41 53.98 -7.01 -23.08
CA THR J 41 55.44 -6.97 -22.76
C THR J 41 55.98 -5.57 -22.42
N VAL J 42 56.67 -5.44 -21.29
CA VAL J 42 57.31 -4.18 -20.78
C VAL J 42 58.83 -4.26 -20.92
N GLY J 43 59.41 -5.46 -20.84
CA GLY J 43 60.86 -5.68 -20.74
C GLY J 43 61.49 -6.02 -22.07
N ILE J 44 62.49 -6.92 -22.05
CA ILE J 44 63.18 -7.46 -23.25
C ILE J 44 63.53 -8.92 -22.94
N ASP J 45 62.59 -9.83 -23.19
CA ASP J 45 62.72 -11.27 -22.87
C ASP J 45 63.37 -11.99 -24.05
N PHE J 46 63.71 -13.27 -23.87
CA PHE J 46 63.93 -14.25 -24.97
C PHE J 46 63.69 -15.65 -24.42
N ARG J 47 63.20 -16.54 -25.27
CA ARG J 47 63.18 -18.00 -25.05
C ARG J 47 64.31 -18.59 -25.88
N GLU J 48 65.02 -19.60 -25.35
CA GLU J 48 66.00 -20.37 -26.13
C GLU J 48 65.65 -21.85 -26.03
N LYS J 49 66.31 -22.65 -26.87
CA LYS J 49 65.88 -24.02 -27.27
C LYS J 49 66.90 -24.53 -28.29
N THR J 50 67.25 -25.81 -28.20
CA THR J 50 68.22 -26.48 -29.11
C THR J 50 67.41 -27.19 -30.21
N ILE J 51 67.75 -26.92 -31.47
CA ILE J 51 67.10 -27.52 -32.68
C ILE J 51 68.18 -28.23 -33.51
N TYR J 52 67.78 -29.28 -34.25
CA TYR J 52 68.62 -30.03 -35.22
C TYR J 52 67.97 -29.86 -36.60
N ARG J 53 68.58 -29.08 -37.51
CA ARG J 53 68.00 -28.75 -38.85
C ARG J 53 68.75 -29.56 -39.92
N ASN J 54 69.87 -29.05 -40.43
CA ASN J 54 70.73 -29.72 -41.43
C ASN J 54 71.82 -30.52 -40.69
N ASP J 55 71.40 -31.53 -39.92
CA ASP J 55 72.28 -32.43 -39.11
C ASP J 55 73.34 -31.59 -38.38
N LYS J 56 72.89 -30.56 -37.64
CA LYS J 56 73.80 -29.57 -36.98
C LYS J 56 73.28 -29.20 -35.58
N ARG J 57 74.13 -28.57 -34.79
CA ARG J 57 73.84 -28.03 -33.44
C ARG J 57 73.25 -26.62 -33.57
N ILE J 58 71.97 -26.42 -33.23
CA ILE J 58 71.33 -25.07 -33.21
C ILE J 58 70.80 -24.79 -31.80
N LYS J 59 71.51 -23.95 -31.02
CA LYS J 59 70.95 -23.23 -29.86
C LYS J 59 70.22 -21.98 -30.40
N LEU J 60 68.93 -22.13 -30.72
CA LEU J 60 68.09 -21.03 -31.28
C LEU J 60 67.69 -20.13 -30.11
N GLN J 61 67.91 -18.83 -30.25
CA GLN J 61 67.64 -17.80 -29.23
C GLN J 61 66.59 -16.85 -29.83
N LEU J 62 65.35 -16.95 -29.34
CA LEU J 62 64.16 -16.22 -29.84
C LEU J 62 63.93 -14.95 -29.01
N TRP J 63 64.44 -13.81 -29.45
CA TRP J 63 64.34 -12.53 -28.69
C TRP J 63 62.99 -11.85 -28.98
N ASP J 64 62.25 -11.56 -27.92
CA ASP J 64 60.94 -10.86 -27.95
C ASP J 64 61.25 -9.38 -27.66
N THR J 65 60.41 -8.48 -28.17
CA THR J 65 60.53 -7.01 -27.97
C THR J 65 59.19 -6.46 -27.48
N ALA J 66 59.24 -5.27 -26.88
CA ALA J 66 58.05 -4.48 -26.51
C ALA J 66 57.49 -3.82 -27.77
N GLY J 67 56.19 -4.01 -28.02
CA GLY J 67 55.48 -3.49 -29.21
C GLY J 67 55.33 -1.98 -29.20
N LEU J 68 55.53 -1.33 -28.06
CA LEU J 68 55.25 0.11 -27.89
C LEU J 68 56.52 0.92 -28.14
N GLU J 69 57.43 0.45 -28.99
CA GLU J 69 58.61 1.25 -29.43
C GLU J 69 59.21 0.70 -30.74
N ARG J 70 59.80 1.60 -31.52
CA ARG J 70 60.84 1.35 -32.55
C ARG J 70 62.24 1.63 -31.94
N PHE J 71 62.30 2.02 -30.66
CA PHE J 71 63.55 2.12 -29.85
C PHE J 71 64.22 0.74 -29.81
N ARG J 72 63.44 -0.34 -29.96
CA ARG J 72 63.92 -1.67 -30.40
C ARG J 72 64.72 -1.43 -31.69
N SER J 73 65.79 -2.20 -31.95
CA SER J 73 66.65 -1.97 -33.15
C SER J 73 67.45 -0.67 -32.97
N LEU J 74 67.24 0.04 -31.85
CA LEU J 74 68.15 1.07 -31.29
C LEU J 74 68.89 0.46 -30.10
N THR J 75 68.63 -0.83 -29.79
CA THR J 75 69.20 -1.60 -28.65
C THR J 75 70.72 -1.67 -28.80
N THR J 76 71.21 -1.66 -30.04
CA THR J 76 72.64 -1.45 -30.43
C THR J 76 73.53 -2.59 -29.91
N ALA J 77 72.92 -3.57 -29.22
CA ALA J 77 73.54 -4.83 -28.78
C ALA J 77 72.55 -5.98 -29.05
N PHE J 78 71.33 -5.87 -28.51
CA PHE J 78 70.23 -6.86 -28.68
C PHE J 78 69.88 -6.95 -30.16
N PHE J 79 69.59 -5.83 -30.80
CA PHE J 79 69.34 -5.75 -32.27
C PHE J 79 70.65 -6.05 -33.02
N ARG J 80 71.74 -5.41 -32.60
CA ARG J 80 73.07 -5.51 -33.26
C ARG J 80 73.56 -6.96 -33.27
N ASP J 81 73.29 -7.72 -32.20
CA ASP J 81 73.78 -9.10 -32.01
C ASP J 81 72.90 -10.09 -32.78
N ALA J 82 71.67 -9.70 -33.15
CA ALA J 82 70.68 -10.56 -33.85
C ALA J 82 71.09 -10.75 -35.31
N MET J 83 70.78 -11.91 -35.90
CA MET J 83 71.27 -12.37 -37.22
C MET J 83 70.15 -12.33 -38.26
N GLY J 84 68.89 -12.51 -37.83
CA GLY J 84 67.69 -12.40 -38.68
C GLY J 84 66.56 -11.74 -37.91
N PHE J 85 65.50 -11.33 -38.62
CA PHE J 85 64.35 -10.63 -38.02
C PHE J 85 63.06 -11.35 -38.43
N LEU J 86 62.09 -11.46 -37.53
CA LEU J 86 60.76 -12.07 -37.77
C LEU J 86 59.67 -11.00 -37.60
N LEU J 87 59.32 -10.26 -38.66
CA LEU J 87 58.32 -9.17 -38.62
C LEU J 87 56.93 -9.79 -38.65
N LEU J 88 56.10 -9.49 -37.65
CA LEU J 88 54.68 -9.92 -37.64
C LEU J 88 53.78 -8.70 -37.84
N PHE J 89 52.52 -8.96 -38.22
CA PHE J 89 51.39 -8.03 -38.09
C PHE J 89 50.11 -8.82 -37.83
N ASP J 90 49.06 -8.14 -37.39
CA ASP J 90 47.72 -8.74 -37.12
C ASP J 90 46.89 -8.59 -38.40
N LEU J 91 46.33 -9.69 -38.88
CA LEU J 91 45.45 -9.75 -40.08
C LEU J 91 44.08 -9.17 -39.75
N THR J 92 43.87 -8.71 -38.51
CA THR J 92 42.58 -8.12 -38.05
C THR J 92 42.75 -6.65 -37.65
N ASN J 93 43.94 -6.04 -37.82
CA ASN J 93 44.01 -4.55 -37.87
C ASN J 93 44.97 -4.10 -38.98
N GLU J 94 44.47 -3.21 -39.87
CA GLU J 94 45.18 -2.72 -41.08
C GLU J 94 46.42 -1.94 -40.64
N GLU J 95 46.27 -1.14 -39.58
CA GLU J 95 47.34 -0.25 -39.07
C GLU J 95 48.63 -1.07 -38.96
N SER J 96 48.57 -2.22 -38.27
CA SER J 96 49.73 -3.12 -38.04
C SER J 96 50.38 -3.45 -39.39
N PHE J 97 49.55 -3.85 -40.35
CA PHE J 97 49.98 -4.27 -41.71
C PHE J 97 50.65 -3.10 -42.43
N LEU J 98 50.05 -1.91 -42.37
CA LEU J 98 50.53 -0.70 -43.10
C LEU J 98 51.93 -0.31 -42.59
N ASN J 99 52.23 -0.58 -41.31
CA ASN J 99 53.52 -0.21 -40.67
C ASN J 99 54.66 -1.11 -41.17
N VAL J 100 54.32 -2.27 -41.72
CA VAL J 100 55.32 -3.29 -42.16
C VAL J 100 56.35 -2.62 -43.06
N ARG J 101 55.89 -1.80 -44.00
CA ARG J 101 56.77 -1.02 -44.91
C ARG J 101 57.76 -0.24 -44.05
N ASN J 102 57.25 0.57 -43.11
CA ASN J 102 58.06 1.42 -42.21
C ASN J 102 59.02 0.52 -41.41
N TRP J 103 58.57 -0.66 -40.96
CA TRP J 103 59.43 -1.64 -40.23
C TRP J 103 60.55 -2.16 -41.16
N ILE J 104 60.17 -2.78 -42.29
CA ILE J 104 61.12 -3.36 -43.28
C ILE J 104 62.12 -2.27 -43.63
N SER J 105 61.62 -1.05 -43.89
CA SER J 105 62.42 0.16 -44.18
C SER J 105 63.50 0.33 -43.10
N GLN J 106 63.07 0.59 -41.85
CA GLN J 106 63.96 0.96 -40.72
C GLN J 106 64.92 -0.20 -40.40
N LEU J 107 64.52 -1.46 -40.67
CA LEU J 107 65.42 -2.64 -40.52
C LEU J 107 66.60 -2.49 -41.46
N LYS J 108 66.32 -2.40 -42.78
CA LYS J 108 67.34 -2.28 -43.85
C LYS J 108 68.36 -1.20 -43.47
N THR J 109 67.88 -0.05 -42.99
CA THR J 109 68.73 1.14 -42.69
C THR J 109 69.61 0.85 -41.47
N HIS J 110 69.01 0.51 -40.33
CA HIS J 110 69.67 0.40 -39.00
C HIS J 110 70.36 -0.95 -38.82
N ALA J 111 70.12 -1.93 -39.71
CA ALA J 111 70.70 -3.29 -39.64
C ALA J 111 72.14 -3.29 -40.17
N TYR J 112 72.85 -4.41 -40.02
CA TYR J 112 74.22 -4.65 -40.53
C TYR J 112 74.20 -4.64 -42.07
N SER J 113 73.72 -5.73 -42.67
CA SER J 113 73.69 -5.94 -44.16
C SER J 113 72.67 -5.00 -44.80
N GLU J 114 72.91 -4.60 -46.05
CA GLU J 114 71.97 -3.80 -46.89
C GLU J 114 70.61 -4.55 -46.92
N ASN J 115 70.65 -5.83 -47.29
CA ASN J 115 69.47 -6.75 -47.29
C ASN J 115 69.66 -7.82 -46.22
N PRO J 116 69.12 -7.62 -45.01
CA PRO J 116 69.12 -8.64 -43.97
C PRO J 116 67.97 -9.66 -44.12
N ASP J 117 68.09 -10.77 -43.39
CA ASP J 117 67.23 -11.99 -43.55
C ASP J 117 65.96 -11.77 -42.72
N ILE J 118 64.82 -11.60 -43.41
CA ILE J 118 63.52 -11.25 -42.80
C ILE J 118 62.48 -12.27 -43.23
N VAL J 119 61.56 -12.63 -42.32
CA VAL J 119 60.35 -13.45 -42.67
C VAL J 119 59.11 -12.73 -42.10
N LEU J 120 58.17 -12.36 -42.97
CA LEU J 120 56.92 -11.63 -42.58
C LEU J 120 55.86 -12.68 -42.23
N CYS J 121 55.26 -12.58 -41.04
CA CYS J 121 54.10 -13.41 -40.62
C CYS J 121 52.88 -12.52 -40.42
N GLY J 122 51.75 -12.89 -41.02
CA GLY J 122 50.42 -12.31 -40.74
C GLY J 122 49.70 -13.17 -39.74
N ASN J 123 49.66 -12.74 -38.49
CA ASN J 123 49.23 -13.60 -37.37
C ASN J 123 47.71 -13.50 -37.18
N LYS J 124 47.17 -14.32 -36.28
CA LYS J 124 45.75 -14.26 -35.84
C LYS J 124 44.87 -14.67 -37.03
N SER J 125 45.33 -15.64 -37.83
CA SER J 125 44.63 -16.12 -39.04
C SER J 125 43.36 -16.89 -38.66
N ASP J 126 43.35 -17.47 -37.45
CA ASP J 126 42.19 -18.19 -36.89
C ASP J 126 40.99 -17.24 -36.78
N LEU J 127 41.24 -15.96 -36.50
CA LEU J 127 40.19 -14.92 -36.42
C LEU J 127 39.67 -14.63 -37.83
N GLU J 128 39.10 -15.66 -38.48
CA GLU J 128 38.62 -15.60 -39.88
C GLU J 128 37.58 -14.48 -39.96
N ASP J 129 36.71 -14.39 -38.94
CA ASP J 129 35.52 -13.50 -38.88
C ASP J 129 35.96 -12.02 -38.80
N GLU J 130 37.20 -11.72 -38.41
CA GLU J 130 37.67 -10.33 -38.18
C GLU J 130 38.81 -9.99 -39.14
N ARG J 131 39.03 -10.84 -40.15
CA ARG J 131 40.12 -10.62 -41.15
C ARG J 131 39.85 -9.32 -41.89
N VAL J 132 40.89 -8.52 -42.07
CA VAL J 132 40.80 -7.14 -42.65
C VAL J 132 41.85 -7.00 -43.75
N VAL J 133 43.05 -7.56 -43.55
CA VAL J 133 44.11 -7.61 -44.59
C VAL J 133 43.76 -8.74 -45.56
N ALA J 134 43.71 -8.42 -46.86
CA ALA J 134 43.47 -9.38 -47.96
C ALA J 134 44.80 -10.06 -48.31
N ALA J 135 44.77 -11.37 -48.51
CA ALA J 135 45.94 -12.27 -48.64
C ALA J 135 46.82 -11.85 -49.82
N ALA J 136 46.23 -11.49 -50.95
CA ALA J 136 46.95 -11.10 -52.18
C ALA J 136 47.82 -9.87 -51.89
N GLU J 137 47.17 -8.82 -51.38
CA GLU J 137 47.81 -7.53 -51.00
C GLU J 137 49.04 -7.82 -50.13
N ALA J 138 48.89 -8.73 -49.17
CA ALA J 138 49.99 -9.20 -48.28
C ALA J 138 51.09 -9.83 -49.14
N ARG J 139 50.72 -10.81 -49.96
CA ARG J 139 51.65 -11.53 -50.88
C ARG J 139 52.35 -10.50 -51.79
N GLN J 140 51.61 -9.50 -52.30
CA GLN J 140 52.18 -8.42 -53.16
C GLN J 140 53.28 -7.71 -52.38
N LEU J 141 52.99 -7.30 -51.14
CA LEU J 141 53.94 -6.57 -50.25
C LEU J 141 55.20 -7.42 -50.08
N ALA J 142 55.03 -8.74 -49.93
CA ALA J 142 56.13 -9.72 -49.84
C ALA J 142 56.93 -9.71 -51.14
N GLU J 143 56.24 -9.62 -52.29
CA GLU J 143 56.85 -9.52 -53.64
C GLU J 143 57.78 -8.30 -53.72
N HIS J 144 57.27 -7.06 -53.52
CA HIS J 144 58.07 -5.80 -53.72
C HIS J 144 59.39 -5.89 -52.96
N TYR J 145 59.46 -6.72 -51.90
CA TYR J 145 60.67 -6.82 -51.03
C TYR J 145 61.36 -8.18 -51.20
N GLY J 146 60.69 -9.16 -51.82
CA GLY J 146 61.27 -10.50 -52.04
C GLY J 146 61.69 -11.13 -50.73
N ILE J 147 60.74 -11.23 -49.81
CA ILE J 147 60.89 -11.96 -48.51
C ILE J 147 59.70 -12.89 -48.33
N PRO J 148 59.92 -14.06 -47.70
CA PRO J 148 58.87 -15.05 -47.53
C PRO J 148 57.74 -14.53 -46.64
N TYR J 149 56.52 -15.01 -46.88
CA TYR J 149 55.31 -14.61 -46.14
C TYR J 149 54.55 -15.87 -45.70
N PHE J 150 54.08 -15.89 -44.46
CA PHE J 150 53.23 -16.97 -43.88
C PHE J 150 52.05 -16.36 -43.13
N GLU J 151 50.86 -16.94 -43.30
CA GLU J 151 49.64 -16.60 -42.52
C GLU J 151 49.60 -17.54 -41.32
N THR J 152 49.95 -17.02 -40.15
CA THR J 152 50.23 -17.80 -38.93
C THR J 152 49.06 -17.64 -37.96
N SER J 153 48.98 -18.57 -37.00
CA SER J 153 48.13 -18.50 -35.79
C SER J 153 48.90 -19.14 -34.62
N ALA J 154 49.07 -18.39 -33.53
CA ALA J 154 49.67 -18.89 -32.28
C ALA J 154 48.62 -19.73 -31.54
N ALA J 155 47.34 -19.56 -31.89
CA ALA J 155 46.22 -20.34 -31.34
C ALA J 155 46.21 -21.75 -31.96
N ASN J 156 46.37 -21.85 -33.28
CA ASN J 156 46.30 -23.12 -34.07
C ASN J 156 47.68 -23.77 -34.17
N GLY J 157 48.74 -22.94 -34.21
CA GLY J 157 50.11 -23.38 -34.58
C GLY J 157 50.34 -23.32 -36.08
N THR J 158 49.29 -23.06 -36.87
CA THR J 158 49.35 -23.05 -38.35
C THR J 158 50.57 -22.24 -38.81
N ASN J 159 51.47 -22.85 -39.58
CA ASN J 159 52.57 -22.18 -40.31
C ASN J 159 53.60 -21.59 -39.35
N ILE J 160 53.45 -21.77 -38.04
CA ILE J 160 54.38 -21.20 -37.05
C ILE J 160 55.77 -21.80 -37.28
N SER J 161 55.87 -23.13 -37.15
CA SER J 161 57.13 -23.91 -37.26
C SER J 161 57.77 -23.64 -38.62
N GLN J 162 56.96 -23.72 -39.68
CA GLN J 162 57.37 -23.44 -41.08
C GLN J 162 58.11 -22.11 -41.09
N ALA J 163 57.39 -21.05 -40.69
CA ALA J 163 57.86 -19.65 -40.67
C ALA J 163 59.23 -19.54 -39.96
N ILE J 164 59.34 -20.01 -38.72
CA ILE J 164 60.61 -19.88 -37.93
C ILE J 164 61.71 -20.71 -38.62
N GLU J 165 61.37 -21.94 -39.07
CA GLU J 165 62.33 -22.88 -39.72
C GLU J 165 62.91 -22.23 -40.98
N MET J 166 62.08 -21.49 -41.73
CA MET J 166 62.49 -20.71 -42.92
C MET J 166 63.59 -19.71 -42.51
N LEU J 167 63.30 -18.88 -41.50
CA LEU J 167 64.24 -17.83 -41.02
C LEU J 167 65.56 -18.51 -40.60
N LEU J 168 65.48 -19.65 -39.92
CA LEU J 168 66.67 -20.46 -39.52
C LEU J 168 67.45 -20.84 -40.78
N ASP J 169 66.74 -21.39 -41.78
CA ASP J 169 67.32 -21.90 -43.05
C ASP J 169 68.00 -20.73 -43.78
N LEU J 170 67.39 -19.53 -43.78
CA LEU J 170 67.93 -18.34 -44.49
C LEU J 170 69.32 -17.99 -43.94
N ILE J 171 69.42 -17.81 -42.62
CA ILE J 171 70.65 -17.30 -41.94
C ILE J 171 71.69 -18.42 -41.88
N MET J 172 71.25 -19.68 -41.81
CA MET J 172 72.16 -20.86 -41.94
C MET J 172 72.84 -20.80 -43.31
N LYS J 173 72.09 -20.49 -44.37
CA LYS J 173 72.61 -20.25 -45.74
C LYS J 173 73.62 -19.10 -45.72
N ARG J 174 73.27 -17.96 -45.11
CA ARG J 174 74.15 -16.77 -44.97
C ARG J 174 75.45 -17.19 -44.27
N MET J 175 75.34 -17.97 -43.18
CA MET J 175 76.50 -18.47 -42.38
C MET J 175 77.39 -19.34 -43.28
N GLU J 176 76.78 -20.24 -44.06
CA GLU J 176 77.49 -21.20 -44.96
C GLU J 176 78.18 -20.44 -46.11
N ARG J 177 77.48 -19.49 -46.75
CA ARG J 177 78.00 -18.63 -47.85
C ARG J 177 79.31 -17.95 -47.41
N SER J 178 79.43 -17.62 -46.12
CA SER J 178 80.67 -17.09 -45.46
C SER J 178 81.57 -18.27 -45.05
N TYR K 8 -14.84 23.95 -3.74
CA TYR K 8 -15.84 24.90 -3.17
C TYR K 8 -17.25 24.28 -3.21
N LEU K 9 -17.35 22.99 -3.57
CA LEU K 9 -18.27 22.02 -2.92
C LEU K 9 -17.75 21.83 -1.50
N ILE K 10 -18.56 22.15 -0.49
CA ILE K 10 -18.19 21.98 0.94
C ILE K 10 -19.14 20.94 1.53
N LYS K 11 -18.57 19.88 2.10
CA LYS K 11 -19.31 18.75 2.73
C LYS K 11 -19.03 18.75 4.23
N PHE K 12 -20.09 18.72 5.04
CA PHE K 12 -20.00 18.32 6.46
C PHE K 12 -21.16 17.38 6.80
N LEU K 13 -21.08 16.78 8.00
CA LEU K 13 -21.97 15.69 8.46
C LEU K 13 -22.64 16.12 9.77
N ALA K 14 -23.97 16.00 9.84
CA ALA K 14 -24.77 16.22 11.07
C ALA K 14 -24.97 14.88 11.77
N LEU K 15 -24.67 14.82 13.06
CA LEU K 15 -24.77 13.54 13.81
C LEU K 15 -25.12 13.84 15.26
N GLY K 16 -25.34 12.79 16.04
CA GLY K 16 -25.94 12.84 17.38
C GLY K 16 -26.89 11.69 17.56
N ASP K 17 -27.75 11.76 18.58
CA ASP K 17 -28.65 10.64 18.96
C ASP K 17 -29.97 10.76 18.20
N SER K 18 -30.76 9.70 18.19
CA SER K 18 -32.12 9.66 17.60
C SER K 18 -33.05 10.57 18.45
N GLY K 19 -33.66 11.57 17.83
CA GLY K 19 -34.69 12.44 18.44
C GLY K 19 -34.17 13.85 18.67
N VAL K 20 -32.85 14.02 18.54
CA VAL K 20 -32.14 15.33 18.69
C VAL K 20 -32.85 16.37 17.82
N GLY K 21 -32.90 16.11 16.50
CA GLY K 21 -33.62 16.95 15.52
C GLY K 21 -32.74 17.39 14.37
N LYS K 22 -31.80 16.53 13.93
CA LYS K 22 -30.76 16.91 12.94
C LYS K 22 -31.34 16.89 11.52
N THR K 23 -32.47 16.22 11.31
CA THR K 23 -33.22 16.23 10.04
C THR K 23 -34.03 17.53 9.98
N SER K 24 -34.69 17.87 11.07
CA SER K 24 -35.54 19.09 11.18
C SER K 24 -34.64 20.33 11.08
N VAL K 25 -33.40 20.22 11.58
CA VAL K 25 -32.42 21.35 11.65
C VAL K 25 -31.87 21.63 10.25
N LEU K 26 -31.54 20.60 9.48
CA LEU K 26 -30.98 20.83 8.11
C LEU K 26 -32.06 21.47 7.23
N TYR K 27 -33.32 21.08 7.41
CA TYR K 27 -34.46 21.57 6.60
C TYR K 27 -34.77 23.03 6.99
N GLN K 28 -34.66 23.39 8.26
CA GLN K 28 -34.83 24.81 8.71
C GLN K 28 -33.79 25.66 7.99
N TYR K 29 -32.57 25.15 7.80
CA TYR K 29 -31.46 25.90 7.17
C TYR K 29 -31.63 25.92 5.65
N THR K 30 -31.71 24.75 5.01
CA THR K 30 -31.88 24.62 3.53
C THR K 30 -33.08 25.47 3.07
N ASP K 31 -34.23 25.33 3.73
CA ASP K 31 -35.56 25.78 3.23
C ASP K 31 -36.24 26.80 4.16
N GLY K 32 -35.64 27.17 5.30
CA GLY K 32 -36.10 28.30 6.14
C GLY K 32 -37.47 28.07 6.77
N LYS K 33 -37.90 26.83 6.93
CA LYS K 33 -39.19 26.47 7.55
C LYS K 33 -39.03 25.12 8.28
N PHE K 34 -40.11 24.63 8.88
CA PHE K 34 -40.09 23.50 9.85
C PHE K 34 -41.14 22.45 9.46
N ASN K 35 -40.70 21.27 8.97
CA ASN K 35 -41.56 20.06 8.86
C ASN K 35 -41.53 19.37 10.22
N SER K 36 -42.67 19.33 10.93
CA SER K 36 -42.79 18.64 12.23
C SER K 36 -42.86 17.14 12.00
N LYS K 37 -43.27 16.68 10.81
CA LYS K 37 -43.26 15.25 10.42
C LYS K 37 -41.84 14.84 10.02
N PHE K 38 -41.32 13.78 10.61
CA PHE K 38 -39.99 13.23 10.25
C PHE K 38 -39.92 11.80 10.74
N ILE K 39 -39.90 10.87 9.78
CA ILE K 39 -39.62 9.43 10.05
C ILE K 39 -38.25 9.40 10.73
N THR K 40 -38.08 8.60 11.78
CA THR K 40 -36.75 8.35 12.38
C THR K 40 -35.90 7.77 11.25
N THR K 41 -35.14 8.63 10.57
CA THR K 41 -34.23 8.33 9.43
C THR K 41 -33.68 6.89 9.41
N VAL K 42 -33.84 6.20 8.26
CA VAL K 42 -33.40 4.79 8.05
C VAL K 42 -32.16 4.75 7.13
N GLY K 43 -32.04 5.71 6.22
CA GLY K 43 -31.04 5.69 5.14
C GLY K 43 -29.82 6.53 5.45
N ILE K 44 -29.28 7.21 4.44
CA ILE K 44 -28.17 8.19 4.54
C ILE K 44 -28.43 9.29 3.51
N ASP K 45 -29.24 10.29 3.88
CA ASP K 45 -29.68 11.38 2.98
C ASP K 45 -28.65 12.51 3.01
N PHE K 46 -28.84 13.52 2.16
CA PHE K 46 -28.22 14.87 2.29
C PHE K 46 -29.08 15.87 1.52
N ARG K 47 -29.13 17.10 2.01
CA ARG K 47 -29.63 18.29 1.28
C ARG K 47 -28.41 19.07 0.81
N GLU K 48 -28.46 19.63 -0.40
CA GLU K 48 -27.42 20.57 -0.89
C GLU K 48 -28.12 21.87 -1.31
N LYS K 49 -27.30 22.90 -1.53
CA LYS K 49 -27.69 24.32 -1.63
C LYS K 49 -26.42 25.14 -1.85
N THR K 50 -26.50 26.15 -2.72
CA THR K 50 -25.37 27.05 -3.08
C THR K 50 -25.47 28.30 -2.20
N ILE K 51 -24.38 28.65 -1.51
CA ILE K 51 -24.29 29.83 -0.61
C ILE K 51 -23.13 30.72 -1.11
N TYR K 52 -23.21 32.03 -0.83
CA TYR K 52 -22.14 33.03 -1.07
C TYR K 52 -21.73 33.62 0.29
N ARG K 53 -20.55 33.26 0.80
CA ARG K 53 -20.07 33.66 2.16
C ARG K 53 -19.02 34.76 2.02
N ASN K 54 -17.75 34.40 1.80
CA ASN K 54 -16.62 35.34 1.58
C ASN K 54 -16.46 35.56 0.07
N ASP K 55 -17.49 36.15 -0.57
CA ASP K 55 -17.54 36.49 -2.02
C ASP K 55 -17.00 35.30 -2.84
N LYS K 56 -17.53 34.11 -2.61
CA LYS K 56 -17.04 32.84 -3.21
C LYS K 56 -18.22 31.92 -3.57
N ARG K 57 -17.95 30.88 -4.35
CA ARG K 57 -18.91 29.80 -4.74
C ARG K 57 -18.90 28.71 -3.65
N ILE K 58 -20.01 28.54 -2.92
CA ILE K 58 -20.18 27.44 -1.92
C ILE K 58 -21.39 26.59 -2.33
N LYS K 59 -21.14 25.40 -2.90
CA LYS K 59 -22.12 24.28 -2.95
C LYS K 59 -22.03 23.55 -1.61
N LEU K 60 -22.82 23.98 -0.62
CA LEU K 60 -22.85 23.35 0.74
C LEU K 60 -23.65 22.07 0.64
N GLN K 61 -23.09 20.96 1.12
CA GLN K 61 -23.66 19.61 1.06
C GLN K 61 -23.86 19.16 2.52
N LEU K 62 -25.10 19.14 2.99
CA LEU K 62 -25.50 18.86 4.39
C LEU K 62 -25.89 17.40 4.54
N TRP K 63 -24.96 16.54 4.96
CA TRP K 63 -25.20 15.08 5.08
C TRP K 63 -25.86 14.76 6.43
N ASP K 64 -27.01 14.09 6.36
CA ASP K 64 -27.82 13.63 7.54
C ASP K 64 -27.42 12.18 7.78
N THR K 65 -27.53 11.73 9.04
CA THR K 65 -27.21 10.34 9.45
C THR K 65 -28.38 9.78 10.25
N ALA K 66 -28.43 8.46 10.35
CA ALA K 66 -29.37 7.71 11.21
C ALA K 66 -28.85 7.80 12.64
N GLY K 67 -29.71 8.22 13.57
CA GLY K 67 -29.36 8.41 14.98
C GLY K 67 -29.14 7.11 15.72
N LEU K 68 -29.53 5.97 15.16
CA LEU K 68 -29.51 4.66 15.85
C LEU K 68 -28.20 3.94 15.55
N GLU K 69 -27.10 4.65 15.29
CA GLU K 69 -25.75 4.04 15.17
C GLU K 69 -24.64 5.09 15.35
N ARG K 70 -23.49 4.60 15.84
CA ARG K 70 -22.14 5.21 15.70
C ARG K 70 -21.39 4.52 14.55
N PHE K 71 -22.03 3.56 13.87
CA PHE K 71 -21.58 2.96 12.57
C PHE K 71 -21.43 4.07 11.53
N ARG K 72 -22.18 5.18 11.67
CA ARG K 72 -21.86 6.51 11.10
C ARG K 72 -20.41 6.81 11.49
N SER K 73 -19.63 7.48 10.63
CA SER K 73 -18.19 7.76 10.91
C SER K 73 -17.39 6.45 10.82
N LEU K 74 -18.07 5.32 10.56
CA LEU K 74 -17.47 4.05 10.06
C LEU K 74 -17.80 3.93 8.57
N THR K 75 -18.50 4.94 7.99
CA THR K 75 -18.94 5.02 6.57
C THR K 75 -17.71 4.97 5.65
N THR K 76 -16.58 5.49 6.14
CA THR K 76 -15.20 5.31 5.56
C THR K 76 -15.11 5.98 4.18
N ALA K 77 -16.22 6.58 3.71
CA ALA K 77 -16.30 7.42 2.49
C ALA K 77 -17.15 8.65 2.81
N PHE K 78 -18.39 8.45 3.28
CA PHE K 78 -19.36 9.51 3.65
C PHE K 78 -18.75 10.35 4.80
N PHE K 79 -18.33 9.70 5.88
CA PHE K 79 -17.63 10.35 7.02
C PHE K 79 -16.24 10.80 6.55
N ARG K 80 -15.51 9.92 5.86
CA ARG K 80 -14.11 10.15 5.41
C ARG K 80 -14.06 11.37 4.48
N ASP K 81 -15.08 11.56 3.63
CA ASP K 81 -15.11 12.62 2.59
C ASP K 81 -15.55 13.95 3.21
N ALA K 82 -16.20 13.93 4.39
CA ALA K 82 -16.73 15.13 5.08
C ALA K 82 -15.59 15.96 5.67
N MET K 83 -15.76 17.28 5.73
CA MET K 83 -14.71 18.27 6.05
C MET K 83 -14.92 18.86 7.45
N GLY K 84 -16.17 18.94 7.90
CA GLY K 84 -16.54 19.37 9.26
C GLY K 84 -17.69 18.55 9.81
N PHE K 85 -17.99 18.68 11.08
CA PHE K 85 -19.05 17.91 11.77
C PHE K 85 -19.94 18.90 12.53
N LEU K 86 -21.26 18.65 12.56
CA LEU K 86 -22.26 19.42 13.34
C LEU K 86 -22.91 18.51 14.39
N LEU K 87 -22.34 18.41 15.59
CA LEU K 87 -22.85 17.52 16.68
C LEU K 87 -24.03 18.23 17.35
N LEU K 88 -25.20 17.58 17.39
CA LEU K 88 -26.38 18.11 18.11
C LEU K 88 -26.64 17.23 19.33
N PHE K 89 -27.40 17.76 20.29
CA PHE K 89 -28.11 16.99 21.35
C PHE K 89 -29.43 17.71 21.68
N ASP K 90 -30.32 17.02 22.37
CA ASP K 90 -31.64 17.55 22.80
C ASP K 90 -31.46 18.10 24.21
N LEU K 91 -31.87 19.37 24.41
CA LEU K 91 -31.81 20.08 25.70
C LEU K 91 -32.91 19.56 26.63
N THR K 92 -33.72 18.58 26.17
CA THR K 92 -34.82 17.99 26.96
C THR K 92 -34.59 16.50 27.22
N ASN K 93 -33.45 15.92 26.83
CA ASN K 93 -33.01 14.63 27.45
C ASN K 93 -31.49 14.68 27.73
N GLU K 94 -31.11 14.37 28.98
CA GLU K 94 -29.72 14.45 29.49
C GLU K 94 -28.86 13.42 28.76
N GLU K 95 -29.42 12.23 28.53
CA GLU K 95 -28.71 11.10 27.89
C GLU K 95 -28.01 11.63 26.63
N SER K 96 -28.74 12.30 25.74
CA SER K 96 -28.23 12.86 24.47
C SER K 96 -27.00 13.71 24.76
N PHE K 97 -27.13 14.63 25.74
CA PHE K 97 -26.08 15.59 26.14
C PHE K 97 -24.85 14.84 26.66
N LEU K 98 -25.06 13.84 27.53
CA LEU K 98 -23.97 13.07 28.18
C LEU K 98 -23.12 12.35 27.13
N ASN K 99 -23.73 11.94 26.00
CA ASN K 99 -23.06 11.17 24.93
C ASN K 99 -22.11 12.08 24.14
N VAL K 100 -22.31 13.40 24.20
CA VAL K 100 -21.54 14.38 23.39
C VAL K 100 -20.04 14.13 23.59
N ARG K 101 -19.62 13.91 24.83
CA ARG K 101 -18.21 13.58 25.18
C ARG K 101 -17.79 12.38 24.31
N ASN K 102 -18.55 11.28 24.40
CA ASN K 102 -18.27 10.02 23.68
C ASN K 102 -18.26 10.31 22.16
N TRP K 103 -19.16 11.17 21.66
CA TRP K 103 -19.19 11.58 20.22
C TRP K 103 -17.91 12.35 19.88
N ILE K 104 -17.67 13.47 20.55
CA ILE K 104 -16.49 14.36 20.31
C ILE K 104 -15.24 13.47 20.37
N SER K 105 -15.17 12.61 21.38
CA SER K 105 -14.09 11.60 21.57
C SER K 105 -13.89 10.81 20.27
N GLN K 106 -14.90 10.03 19.87
CA GLN K 106 -14.82 9.05 18.75
C GLN K 106 -14.58 9.80 17.43
N LEU K 107 -15.01 11.06 17.31
CA LEU K 107 -14.72 11.92 16.13
C LEU K 107 -13.20 12.14 16.03
N LYS K 108 -12.61 12.72 17.07
CA LYS K 108 -11.15 13.02 17.16
C LYS K 108 -10.34 11.79 16.73
N THR K 109 -10.71 10.61 17.23
CA THR K 109 -9.97 9.34 17.00
C THR K 109 -10.11 8.92 15.53
N HIS K 110 -11.34 8.72 15.06
CA HIS K 110 -11.67 8.08 13.75
C HIS K 110 -11.60 9.11 12.61
N ALA K 111 -11.47 10.41 12.90
CA ALA K 111 -11.43 11.50 11.89
C ALA K 111 -10.02 11.60 11.29
N TYR K 112 -9.86 12.44 10.26
CA TYR K 112 -8.57 12.74 9.60
C TYR K 112 -7.66 13.49 10.57
N SER K 113 -7.93 14.77 10.80
CA SER K 113 -7.11 15.68 11.66
C SER K 113 -7.26 15.29 13.13
N GLU K 114 -6.22 15.53 13.93
CA GLU K 114 -6.25 15.35 15.42
C GLU K 114 -7.42 16.16 15.98
N ASN K 115 -7.49 17.45 15.62
CA ASN K 115 -8.59 18.38 15.99
C ASN K 115 -9.36 18.77 14.72
N PRO K 116 -10.46 18.06 14.40
CA PRO K 116 -11.33 18.45 13.29
C PRO K 116 -12.36 19.52 13.69
N ASP K 117 -12.99 20.13 12.67
CA ASP K 117 -13.83 21.35 12.82
C ASP K 117 -15.24 20.93 13.20
N ILE K 118 -15.64 21.21 14.45
CA ILE K 118 -16.92 20.75 15.06
C ILE K 118 -17.67 21.98 15.59
N VAL K 119 -18.99 21.97 15.48
CA VAL K 119 -19.89 22.97 16.13
C VAL K 119 -20.99 22.21 16.88
N LEU K 120 -21.08 22.39 18.20
CA LEU K 120 -22.08 21.71 19.06
C LEU K 120 -23.35 22.56 19.10
N CYS K 121 -24.50 21.97 18.77
CA CYS K 121 -25.83 22.62 18.91
C CYS K 121 -26.66 21.88 19.97
N GLY K 122 -27.23 22.62 20.91
CA GLY K 122 -28.26 22.12 21.84
C GLY K 122 -29.63 22.47 21.29
N ASN K 123 -30.31 21.50 20.71
CA ASN K 123 -31.54 21.76 19.90
C ASN K 123 -32.77 21.75 20.81
N LYS K 124 -33.93 22.08 20.24
CA LYS K 124 -35.25 21.97 20.90
C LYS K 124 -35.29 22.98 22.05
N SER K 125 -34.69 24.16 21.85
CA SER K 125 -34.59 25.23 22.87
C SER K 125 -35.98 25.85 23.12
N ASP K 126 -36.85 25.79 22.12
CA ASP K 126 -38.26 26.28 22.21
C ASP K 126 -39.00 25.52 23.31
N LEU K 127 -38.67 24.23 23.50
CA LEU K 127 -39.27 23.39 24.56
C LEU K 127 -38.74 23.86 25.92
N GLU K 128 -39.02 25.13 26.27
CA GLU K 128 -38.55 25.80 27.50
C GLU K 128 -39.02 24.97 28.69
N ASP K 129 -40.27 24.48 28.65
CA ASP K 129 -40.97 23.79 29.76
C ASP K 129 -40.33 22.42 30.05
N GLU K 130 -39.57 21.85 29.12
CA GLU K 130 -38.99 20.47 29.25
C GLU K 130 -37.46 20.55 29.27
N ARG K 131 -36.89 21.74 29.42
CA ARG K 131 -35.42 21.92 29.43
C ARG K 131 -34.85 21.17 30.64
N VAL K 132 -33.75 20.43 30.43
CA VAL K 132 -33.14 19.52 31.45
C VAL K 132 -31.64 19.82 31.52
N VAL K 133 -30.99 20.08 30.39
CA VAL K 133 -29.57 20.51 30.34
C VAL K 133 -29.52 22.00 30.70
N ALA K 134 -28.70 22.35 31.68
CA ALA K 134 -28.44 23.75 32.10
C ALA K 134 -27.38 24.36 31.19
N ALA K 135 -27.61 25.62 30.78
CA ALA K 135 -26.86 26.32 29.70
C ALA K 135 -25.37 26.43 30.04
N ALA K 136 -25.04 26.74 31.30
CA ALA K 136 -23.65 26.93 31.76
C ALA K 136 -22.88 25.62 31.56
N GLU K 137 -23.43 24.53 32.11
CA GLU K 137 -22.86 23.16 32.03
C GLU K 137 -22.53 22.84 30.57
N ALA K 138 -23.46 23.17 29.66
CA ALA K 138 -23.27 23.02 28.20
C ALA K 138 -22.07 23.85 27.75
N ARG K 139 -22.09 25.15 28.07
CA ARG K 139 -21.00 26.11 27.73
C ARG K 139 -19.67 25.59 28.30
N GLN K 140 -19.68 25.06 29.52
CA GLN K 140 -18.47 24.48 30.18
C GLN K 140 -17.93 23.34 29.30
N LEU K 141 -18.81 22.42 28.89
CA LEU K 141 -18.44 21.24 28.05
C LEU K 141 -17.81 21.76 26.75
N ALA K 142 -18.35 22.83 26.19
CA ALA K 142 -17.81 23.51 24.98
C ALA K 142 -16.40 24.05 25.29
N GLU K 143 -16.22 24.60 26.50
CA GLU K 143 -14.91 25.12 26.99
C GLU K 143 -13.86 23.98 26.98
N HIS K 144 -14.06 22.87 27.71
CA HIS K 144 -13.03 21.79 27.88
C HIS K 144 -12.51 21.36 26.51
N TYR K 145 -13.31 21.54 25.43
CA TYR K 145 -12.95 21.08 24.06
C TYR K 145 -12.65 22.26 23.13
N GLY K 146 -13.02 23.48 23.52
CA GLY K 146 -12.78 24.69 22.71
C GLY K 146 -13.42 24.56 21.34
N ILE K 147 -14.72 24.31 21.34
CA ILE K 147 -15.56 24.32 20.09
C ILE K 147 -16.80 25.16 20.36
N PRO K 148 -17.29 25.90 19.33
CA PRO K 148 -18.41 26.82 19.49
C PRO K 148 -19.70 26.07 19.88
N TYR K 149 -20.57 26.74 20.61
CA TYR K 149 -21.85 26.18 21.10
C TYR K 149 -22.99 27.15 20.78
N PHE K 150 -24.12 26.63 20.29
CA PHE K 150 -25.36 27.39 20.03
C PHE K 150 -26.56 26.61 20.57
N GLU K 151 -27.49 27.32 21.20
CA GLU K 151 -28.80 26.80 21.63
C GLU K 151 -29.80 27.05 20.49
N THR K 152 -30.11 26.00 19.75
CA THR K 152 -30.84 26.06 18.46
C THR K 152 -32.28 25.59 18.68
N SER K 153 -33.14 25.94 17.73
CA SER K 153 -34.51 25.39 17.53
C SER K 153 -34.79 25.31 16.03
N ALA K 154 -35.15 24.13 15.53
CA ALA K 154 -35.58 23.92 14.14
C ALA K 154 -37.02 24.40 13.99
N ALA K 155 -37.73 24.56 15.11
CA ALA K 155 -39.11 25.09 15.16
C ALA K 155 -39.09 26.62 14.96
N ASN K 156 -38.18 27.32 15.66
CA ASN K 156 -38.05 28.80 15.66
C ASN K 156 -37.09 29.27 14.56
N GLY K 157 -36.07 28.46 14.26
CA GLY K 157 -34.94 28.87 13.42
C GLY K 157 -33.83 29.50 14.24
N THR K 158 -34.06 29.75 15.54
CA THR K 158 -33.11 30.45 16.44
C THR K 158 -31.72 29.84 16.28
N ASN K 159 -30.74 30.66 15.92
CA ASN K 159 -29.29 30.30 15.96
C ASN K 159 -28.95 29.22 14.93
N ILE K 160 -29.91 28.77 14.11
CA ILE K 160 -29.67 27.69 13.13
C ILE K 160 -28.63 28.18 12.13
N SER K 161 -28.95 29.26 11.41
CA SER K 161 -28.12 29.84 10.33
C SER K 161 -26.74 30.21 10.89
N GLN K 162 -26.73 30.88 12.05
CA GLN K 162 -25.50 31.26 12.80
C GLN K 162 -24.61 30.01 12.90
N ALA K 163 -25.15 28.98 13.56
CA ALA K 163 -24.46 27.70 13.85
C ALA K 163 -23.83 27.12 12.57
N ILE K 164 -24.62 26.92 11.49
CA ILE K 164 -24.11 26.28 10.24
C ILE K 164 -23.06 27.23 9.60
N GLU K 165 -23.33 28.54 9.58
CA GLU K 165 -22.45 29.58 8.97
C GLU K 165 -21.08 29.55 9.68
N MET K 166 -21.08 29.36 11.00
CA MET K 166 -19.85 29.21 11.83
C MET K 166 -19.03 28.01 11.28
N LEU K 167 -19.66 26.84 11.18
CA LEU K 167 -19.00 25.59 10.71
C LEU K 167 -18.42 25.85 9.31
N LEU K 168 -19.17 26.53 8.43
CA LEU K 168 -18.70 26.92 7.07
C LEU K 168 -17.44 27.78 7.21
N ASP K 169 -17.50 28.81 8.07
CA ASP K 169 -16.41 29.79 8.30
C ASP K 169 -15.16 29.03 8.81
N LEU K 170 -15.34 28.06 9.72
CA LEU K 170 -14.22 27.29 10.32
C LEU K 170 -13.42 26.57 9.22
N ILE K 171 -14.11 25.79 8.40
CA ILE K 171 -13.46 24.89 7.39
C ILE K 171 -12.96 25.73 6.20
N MET K 172 -13.64 26.85 5.90
CA MET K 172 -13.16 27.84 4.91
C MET K 172 -11.80 28.38 5.37
N LYS K 173 -11.65 28.67 6.67
CA LYS K 173 -10.37 29.07 7.32
C LYS K 173 -9.34 27.94 7.13
N ARG K 174 -9.71 26.70 7.45
CA ARG K 174 -8.84 25.50 7.30
C ARG K 174 -8.38 25.39 5.84
N MET K 175 -9.30 25.58 4.88
CA MET K 175 -9.03 25.52 3.42
C MET K 175 -8.01 26.59 3.05
N GLU K 176 -8.21 27.83 3.55
CA GLU K 176 -7.36 29.02 3.27
C GLU K 176 -5.96 28.82 3.88
N ARG K 177 -5.89 28.38 5.14
CA ARG K 177 -4.62 28.10 5.89
C ARG K 177 -3.73 27.16 5.06
N SER K 178 -4.33 26.24 4.29
CA SER K 178 -3.66 25.35 3.30
C SER K 178 -3.50 26.08 1.96
N TYR L 8 19.25 13.88 20.02
CA TYR L 8 20.47 14.73 20.25
C TYR L 8 21.73 14.01 19.72
N LEU L 9 21.55 12.89 19.01
CA LEU L 9 22.32 12.56 17.78
C LEU L 9 21.89 13.58 16.72
N ILE L 10 22.83 14.38 16.21
CA ILE L 10 22.56 15.37 15.14
C ILE L 10 23.34 14.93 13.89
N LYS L 11 22.62 14.74 12.77
CA LYS L 11 23.19 14.33 11.48
C LYS L 11 23.04 15.46 10.47
N PHE L 12 24.14 15.84 9.81
CA PHE L 12 24.10 16.61 8.54
C PHE L 12 25.07 16.01 7.53
N LEU L 13 24.98 16.49 6.29
CA LEU L 13 25.68 15.95 5.11
C LEU L 13 26.52 17.04 4.47
N ALA L 14 27.80 16.77 4.21
CA ALA L 14 28.73 17.67 3.48
C ALA L 14 28.74 17.25 2.02
N LEU L 15 28.54 18.20 1.11
CA LEU L 15 28.46 17.88 -0.33
C LEU L 15 28.97 19.06 -1.15
N GLY L 16 29.06 18.87 -2.45
CA GLY L 16 29.76 19.78 -3.38
C GLY L 16 30.50 18.95 -4.42
N ASP L 17 31.43 19.56 -5.15
CA ASP L 17 32.13 18.92 -6.30
C ASP L 17 33.38 18.21 -5.78
N SER L 18 33.96 17.34 -6.60
CA SER L 18 35.23 16.63 -6.33
C SER L 18 36.37 17.65 -6.32
N GLY L 19 37.11 17.76 -5.20
CA GLY L 19 38.33 18.59 -5.08
C GLY L 19 38.10 19.81 -4.20
N VAL L 20 36.83 20.07 -3.87
CA VAL L 20 36.41 21.20 -3.00
C VAL L 20 37.22 21.13 -1.71
N GLY L 21 37.12 20.01 -0.99
CA GLY L 21 37.90 19.72 0.23
C GLY L 21 37.01 19.34 1.40
N LYS L 22 35.90 18.64 1.17
CA LYS L 22 34.87 18.36 2.20
C LYS L 22 35.33 17.20 3.10
N THR L 23 36.28 16.39 2.64
CA THR L 23 36.92 15.33 3.45
C THR L 23 37.96 15.99 4.36
N SER L 24 38.77 16.89 3.81
CA SER L 24 39.83 17.62 4.54
C SER L 24 39.19 18.53 5.59
N VAL L 25 37.99 19.05 5.30
CA VAL L 25 37.26 20.03 6.15
C VAL L 25 36.67 19.31 7.35
N LEU L 26 36.08 18.13 7.16
CA LEU L 26 35.47 17.38 8.30
C LEU L 26 36.58 16.96 9.28
N TYR L 27 37.75 16.60 8.74
CA TYR L 27 38.91 16.12 9.56
C TYR L 27 39.53 17.30 10.32
N GLN L 28 39.59 18.49 9.73
CA GLN L 28 40.06 19.71 10.44
C GLN L 28 39.14 19.95 11.65
N TYR L 29 37.84 19.72 11.50
CA TYR L 29 36.85 19.95 12.58
C TYR L 29 36.90 18.83 13.62
N THR L 30 36.70 17.58 13.19
CA THR L 30 36.70 16.39 14.10
C THR L 30 38.01 16.37 14.91
N ASP L 31 39.17 16.54 14.26
CA ASP L 31 40.50 16.21 14.80
C ASP L 31 41.45 17.42 14.85
N GLY L 32 41.03 18.60 14.40
CA GLY L 32 41.77 19.87 14.61
C GLY L 32 43.13 19.93 13.91
N LYS L 33 43.30 19.15 12.84
CA LYS L 33 44.56 19.12 12.04
C LYS L 33 44.20 18.83 10.58
N PHE L 34 45.21 18.73 9.72
CA PHE L 34 45.05 18.70 8.25
C PHE L 34 45.85 17.53 7.66
N ASN L 35 45.17 16.47 7.17
CA ASN L 35 45.78 15.44 6.29
C ASN L 35 45.69 15.98 4.87
N SER L 36 46.84 16.26 4.24
CA SER L 36 46.89 16.71 2.82
C SER L 36 46.64 15.52 1.90
N LYS L 37 46.89 14.30 2.37
CA LYS L 37 46.62 13.05 1.60
C LYS L 37 45.12 12.72 1.72
N PHE L 38 44.46 12.49 0.60
CA PHE L 38 43.03 12.11 0.58
C PHE L 38 42.73 11.54 -0.81
N ILE L 39 42.46 10.25 -0.86
CA ILE L 39 41.92 9.58 -2.08
C ILE L 39 40.62 10.33 -2.41
N THR L 40 40.37 10.62 -3.69
CA THR L 40 39.05 11.13 -4.14
C THR L 40 38.02 10.08 -3.72
N THR L 41 37.41 10.28 -2.55
CA THR L 41 36.37 9.45 -1.91
C THR L 41 35.56 8.57 -2.89
N VAL L 42 35.48 7.26 -2.61
CA VAL L 42 34.78 6.23 -3.44
C VAL L 42 33.50 5.77 -2.73
N GLY L 43 33.49 5.80 -1.39
CA GLY L 43 32.43 5.18 -0.57
C GLY L 43 31.39 6.18 -0.10
N ILE L 44 30.90 6.00 1.12
CA ILE L 44 30.00 6.95 1.86
C ILE L 44 30.38 6.87 3.34
N ASP L 45 31.39 7.65 3.74
CA ASP L 45 31.97 7.65 5.10
C ASP L 45 31.17 8.62 5.98
N PHE L 46 31.48 8.64 7.28
CA PHE L 46 31.13 9.75 8.20
C PHE L 46 32.10 9.69 9.39
N ARG L 47 32.43 10.87 9.93
CA ARG L 47 33.09 11.03 11.24
C ARG L 47 32.02 11.44 12.24
N GLU L 48 32.08 10.92 13.48
CA GLU L 48 31.20 11.39 14.57
C GLU L 48 32.07 11.81 15.75
N LYS L 49 31.45 12.46 16.72
CA LYS L 49 32.10 13.29 17.76
C LYS L 49 30.98 13.90 18.63
N THR L 50 31.19 13.93 19.95
CA THR L 50 30.23 14.47 20.94
C THR L 50 30.62 15.93 21.21
N ILE L 51 29.66 16.86 21.09
CA ILE L 51 29.85 18.31 21.36
C ILE L 51 28.85 18.74 22.45
N TYR L 52 29.20 19.79 23.21
CA TYR L 52 28.32 20.47 24.18
C TYR L 52 28.12 21.93 23.72
N ARG L 53 26.93 22.27 23.22
CA ARG L 53 26.63 23.59 22.61
C ARG L 53 25.81 24.43 23.59
N ASN L 54 24.48 24.27 23.58
CA ASN L 54 23.54 24.96 24.50
C ASN L 54 23.30 24.05 25.72
N ASP L 55 24.35 23.79 26.50
CA ASP L 55 24.35 22.93 27.72
C ASP L 55 23.53 21.66 27.45
N LYS L 56 23.87 20.94 26.37
CA LYS L 56 23.12 19.75 25.89
C LYS L 56 24.09 18.66 25.40
N ARG L 57 23.55 17.46 25.19
CA ARG L 57 24.25 16.28 24.60
C ARG L 57 24.14 16.35 23.08
N ILE L 58 25.25 16.56 22.36
CA ILE L 58 25.28 16.52 20.87
C ILE L 58 26.28 15.42 20.43
N LYS L 59 25.78 14.27 19.99
CA LYS L 59 26.52 13.30 19.13
C LYS L 59 26.40 13.81 17.69
N LEU L 60 27.33 14.67 17.25
CA LEU L 60 27.35 15.24 15.87
C LEU L 60 27.90 14.16 14.94
N GLN L 61 27.16 13.89 13.86
CA GLN L 61 27.47 12.85 12.85
C GLN L 61 27.69 13.58 11.52
N LEU L 62 28.95 13.67 11.09
CA LEU L 62 29.40 14.44 9.89
C LEU L 62 29.51 13.50 8.69
N TRP L 63 28.48 13.40 7.86
CA TRP L 63 28.43 12.48 6.70
C TRP L 63 29.14 13.11 5.49
N ASP L 64 30.13 12.40 4.96
CA ASP L 64 30.94 12.79 3.78
C ASP L 64 30.29 12.08 2.59
N THR L 65 30.41 12.68 1.39
CA THR L 65 29.87 12.13 0.13
C THR L 65 30.98 12.10 -0.91
N ALA L 66 30.78 11.28 -1.94
CA ALA L 66 31.64 11.23 -3.15
C ALA L 66 31.27 12.44 -4.03
N GLY L 67 32.27 13.22 -4.42
CA GLY L 67 32.08 14.44 -5.23
C GLY L 67 31.67 14.14 -6.66
N LEU L 68 31.79 12.90 -7.11
CA LEU L 68 31.59 12.53 -8.53
C LEU L 68 30.14 12.06 -8.72
N GLU L 69 29.18 12.58 -7.95
CA GLU L 69 27.74 12.33 -8.19
C GLU L 69 26.86 13.39 -7.49
N ARG L 70 25.70 13.65 -8.08
CA ARG L 70 24.47 14.20 -7.43
C ARG L 70 23.51 13.05 -7.08
N PHE L 71 23.89 11.80 -7.37
CA PHE L 71 23.22 10.56 -6.90
C PHE L 71 23.19 10.55 -5.37
N ARG L 72 24.15 11.23 -4.74
CA ARG L 72 24.03 11.73 -3.33
C ARG L 72 22.72 12.51 -3.27
N SER L 73 22.01 12.49 -2.13
CA SER L 73 20.68 13.16 -2.01
C SER L 73 19.64 12.40 -2.84
N LEU L 74 20.06 11.34 -3.55
CA LEU L 74 19.18 10.26 -4.09
C LEU L 74 19.32 9.03 -3.19
N THR L 75 20.15 9.14 -2.12
CA THR L 75 20.47 8.06 -1.14
C THR L 75 19.18 7.61 -0.44
N THR L 76 18.22 8.54 -0.29
CA THR L 76 16.80 8.29 0.12
C THR L 76 16.74 7.73 1.55
N ALA L 77 17.91 7.57 2.20
CA ALA L 77 18.05 7.21 3.62
C ALA L 77 19.15 8.08 4.24
N PHE L 78 20.35 8.05 3.65
CA PHE L 78 21.54 8.84 4.10
C PHE L 78 21.21 10.34 3.98
N PHE L 79 20.75 10.78 2.81
CA PHE L 79 20.29 12.17 2.58
C PHE L 79 18.99 12.39 3.36
N ARG L 80 18.04 11.46 3.25
CA ARG L 80 16.68 11.56 3.85
C ARG L 80 16.79 11.69 5.38
N ASP L 81 17.77 11.00 5.99
CA ASP L 81 17.93 10.93 7.47
C ASP L 81 18.66 12.18 7.97
N ALA L 82 19.38 12.90 7.10
CA ALA L 82 20.20 14.09 7.45
C ALA L 82 19.28 15.28 7.74
N MET L 83 19.71 16.18 8.64
CA MET L 83 18.87 17.27 9.22
C MET L 83 19.31 18.63 8.67
N GLY L 84 20.58 18.77 8.31
CA GLY L 84 21.12 19.98 7.66
C GLY L 84 22.14 19.61 6.60
N PHE L 85 22.55 20.57 5.78
CA PHE L 85 23.50 20.35 4.65
C PHE L 85 24.61 21.39 4.77
N LEU L 86 25.86 21.01 4.47
CA LEU L 86 27.05 21.90 4.43
C LEU L 86 27.62 21.94 3.01
N LEU L 87 27.14 22.86 2.15
CA LEU L 87 27.56 22.98 0.73
C LEU L 87 28.91 23.70 0.68
N LEU L 88 29.93 23.07 0.11
CA LEU L 88 31.24 23.71 -0.11
C LEU L 88 31.45 23.97 -1.60
N PHE L 89 32.37 24.87 -1.93
CA PHE L 89 33.01 25.00 -3.26
C PHE L 89 34.45 25.46 -3.07
N ASP L 90 35.25 25.33 -4.12
CA ASP L 90 36.68 25.76 -4.13
C ASP L 90 36.72 27.18 -4.68
N LEU L 91 37.38 28.08 -3.95
CA LEU L 91 37.56 29.51 -4.32
C LEU L 91 38.61 29.62 -5.42
N THR L 92 39.17 28.51 -5.88
CA THR L 92 40.22 28.47 -6.93
C THR L 92 39.73 27.71 -8.17
N ASN L 93 38.47 27.24 -8.22
CA ASN L 93 37.85 26.93 -9.54
C ASN L 93 36.40 27.45 -9.59
N GLU L 94 36.08 28.22 -10.64
CA GLU L 94 34.77 28.91 -10.83
C GLU L 94 33.67 27.86 -10.99
N GLU L 95 33.98 26.80 -11.73
CA GLU L 95 33.01 25.71 -12.06
C GLU L 95 32.31 25.29 -10.75
N SER L 96 33.10 24.95 -9.72
CA SER L 96 32.59 24.50 -8.40
C SER L 96 31.57 25.52 -7.87
N PHE L 97 31.95 26.80 -7.90
CA PHE L 97 31.15 27.93 -7.39
C PHE L 97 29.85 28.03 -8.19
N LEU L 98 29.93 27.96 -9.52
CA LEU L 98 28.77 28.14 -10.43
C LEU L 98 27.72 27.06 -10.16
N ASN L 99 28.15 25.86 -9.75
CA ASN L 99 27.26 24.69 -9.51
C ASN L 99 26.43 24.89 -8.24
N VAL L 100 26.88 25.78 -7.35
CA VAL L 100 26.24 25.99 -6.02
C VAL L 100 24.74 26.24 -6.22
N ARG L 101 24.39 27.08 -7.20
CA ARG L 101 22.98 27.37 -7.57
C ARG L 101 22.29 26.02 -7.82
N ASN L 102 22.84 25.22 -8.73
CA ASN L 102 22.27 23.90 -9.12
C ASN L 102 22.18 23.00 -7.87
N TRP L 103 23.18 23.04 -6.97
CA TRP L 103 23.17 22.27 -5.70
C TRP L 103 22.02 22.76 -4.80
N ILE L 104 22.04 24.06 -4.44
CA ILE L 104 21.03 24.69 -3.54
C ILE L 104 19.65 24.38 -4.13
N SER L 105 19.51 24.54 -5.45
CA SER L 105 18.28 24.21 -6.22
C SER L 105 17.83 22.78 -5.88
N GLN L 106 18.65 21.78 -6.25
CA GLN L 106 18.29 20.34 -6.18
C GLN L 106 18.07 19.93 -4.72
N LEU L 107 18.73 20.61 -3.76
CA LEU L 107 18.50 20.37 -2.30
C LEU L 107 17.05 20.73 -1.96
N LYS L 108 16.65 21.97 -2.21
CA LYS L 108 15.30 22.53 -1.93
C LYS L 108 14.24 21.55 -2.46
N THR L 109 14.43 21.04 -3.69
CA THR L 109 13.44 20.18 -4.40
C THR L 109 13.38 18.80 -3.70
N HIS L 110 14.51 18.11 -3.62
CA HIS L 110 14.61 16.68 -3.20
C HIS L 110 14.63 16.54 -1.66
N ALA L 111 14.78 17.65 -0.92
CA ALA L 111 14.84 17.65 0.56
C ALA L 111 13.43 17.56 1.16
N TYR L 112 13.35 17.38 2.48
CA TYR L 112 12.09 17.33 3.26
C TYR L 112 11.42 18.72 3.22
N SER L 113 11.95 19.68 3.98
CA SER L 113 11.39 21.06 4.11
C SER L 113 11.60 21.84 2.81
N GLU L 114 10.69 22.78 2.51
CA GLU L 114 10.81 23.74 1.38
C GLU L 114 12.16 24.45 1.48
N ASN L 115 12.44 25.04 2.64
CA ASN L 115 13.74 25.70 2.98
C ASN L 115 14.43 24.90 4.07
N PRO L 116 15.36 23.97 3.68
CA PRO L 116 16.19 23.27 4.66
C PRO L 116 17.42 24.08 5.08
N ASP L 117 18.07 23.64 6.16
CA ASP L 117 19.13 24.40 6.89
C ASP L 117 20.47 24.12 6.19
N ILE L 118 21.02 25.14 5.52
CA ILE L 118 22.23 25.04 4.67
C ILE L 118 23.25 26.08 5.14
N VAL L 119 24.54 25.73 5.11
CA VAL L 119 25.66 26.71 5.30
C VAL L 119 26.66 26.55 4.17
N LEU L 120 26.88 27.61 3.38
CA LEU L 120 27.80 27.61 2.21
C LEU L 120 29.21 27.95 2.71
N CYS L 121 30.20 27.11 2.40
CA CYS L 121 31.63 27.39 2.68
C CYS L 121 32.39 27.50 1.35
N GLY L 122 33.17 28.57 1.20
CA GLY L 122 34.16 28.72 0.11
C GLY L 122 35.52 28.30 0.62
N ASN L 123 35.96 27.10 0.26
CA ASN L 123 37.14 26.47 0.90
C ASN L 123 38.41 26.88 0.16
N LYS L 124 39.57 26.48 0.70
CA LYS L 124 40.90 26.64 0.06
C LYS L 124 41.22 28.14 0.00
N SER L 125 40.83 28.88 1.04
CA SER L 125 41.01 30.36 1.11
C SER L 125 42.50 30.69 1.29
N ASP L 126 43.28 29.75 1.85
CA ASP L 126 44.75 29.88 2.03
C ASP L 126 45.41 30.05 0.66
N LEU L 127 44.87 29.40 -0.37
CA LEU L 127 45.38 29.51 -1.77
C LEU L 127 45.05 30.91 -2.30
N GLU L 128 45.59 31.94 -1.65
CA GLU L 128 45.34 33.36 -1.96
C GLU L 128 45.75 33.58 -3.42
N ASP L 129 46.88 33.00 -3.84
CA ASP L 129 47.53 33.21 -5.16
C ASP L 129 46.68 32.62 -6.29
N GLU L 130 45.75 31.71 -6.01
CA GLU L 130 44.95 31.01 -7.05
C GLU L 130 43.47 31.35 -6.90
N ARG L 131 43.14 32.35 -6.08
CA ARG L 131 41.73 32.77 -5.85
C ARG L 131 41.14 33.24 -7.18
N VAL L 132 39.91 32.80 -7.47
CA VAL L 132 39.21 33.04 -8.77
C VAL L 132 37.80 33.58 -8.47
N VAL L 133 37.13 33.04 -7.46
CA VAL L 133 35.82 33.57 -6.98
C VAL L 133 36.10 34.80 -6.12
N ALA L 134 35.45 35.92 -6.45
CA ALA L 134 35.51 37.19 -5.70
C ALA L 134 34.52 37.13 -4.53
N ALA L 135 34.94 37.61 -3.37
CA ALA L 135 34.27 37.44 -2.06
C ALA L 135 32.85 38.04 -2.08
N ALA L 136 32.70 39.22 -2.68
CA ALA L 136 31.40 39.95 -2.75
C ALA L 136 30.39 39.08 -3.50
N GLU L 137 30.76 38.66 -4.71
CA GLU L 137 29.94 37.80 -5.61
C GLU L 137 29.43 36.60 -4.83
N ALA L 138 30.32 35.98 -4.03
CA ALA L 138 29.99 34.84 -3.14
C ALA L 138 28.94 35.30 -2.12
N ARG L 139 29.24 36.39 -1.40
CA ARG L 139 28.32 36.99 -0.38
C ARG L 139 26.98 37.31 -1.04
N GLN L 140 26.97 37.84 -2.27
CA GLN L 140 25.74 38.17 -3.04
C GLN L 140 24.93 36.88 -3.22
N LEU L 141 25.58 35.80 -3.68
CA LEU L 141 24.93 34.47 -3.92
C LEU L 141 24.30 33.99 -2.60
N ALA L 142 24.98 34.20 -1.48
CA ALA L 142 24.48 33.90 -0.12
C ALA L 142 23.23 34.75 0.18
N GLU L 143 23.25 36.02 -0.24
CA GLU L 143 22.12 36.97 -0.11
C GLU L 143 20.88 36.42 -0.83
N HIS L 144 20.92 36.16 -2.15
CA HIS L 144 19.73 35.77 -2.98
C HIS L 144 19.02 34.59 -2.29
N TYR L 145 19.73 33.79 -1.49
CA TYR L 145 19.18 32.56 -0.85
C TYR L 145 19.04 32.75 0.67
N GLY L 146 19.67 33.76 1.26
CA GLY L 146 19.59 34.03 2.70
C GLY L 146 20.07 32.84 3.50
N ILE L 147 21.30 32.40 3.21
CA ILE L 147 22.01 31.34 3.99
C ILE L 147 23.41 31.84 4.32
N PRO L 148 23.95 31.47 5.50
CA PRO L 148 25.23 31.97 5.96
C PRO L 148 26.37 31.53 5.04
N TYR L 149 27.42 32.34 4.96
CA TYR L 149 28.60 32.07 4.12
C TYR L 149 29.87 32.26 4.95
N PHE L 150 30.83 31.34 4.81
CA PHE L 150 32.18 31.42 5.44
C PHE L 150 33.25 31.08 4.40
N GLU L 151 34.34 31.84 4.42
CA GLU L 151 35.57 31.56 3.63
C GLU L 151 36.49 30.71 4.50
N THR L 152 36.54 29.41 4.21
CA THR L 152 37.16 28.38 5.06
C THR L 152 38.49 27.96 4.45
N SER L 153 39.33 27.35 5.29
CA SER L 153 40.55 26.58 4.90
C SER L 153 40.70 25.39 5.84
N ALA L 154 40.78 24.18 5.27
CA ALA L 154 41.05 22.94 6.03
C ALA L 154 42.54 22.89 6.36
N ALA L 155 43.35 23.66 5.64
CA ALA L 155 44.80 23.80 5.88
C ALA L 155 45.05 24.67 7.12
N ASN L 156 44.35 25.81 7.24
CA ASN L 156 44.50 26.80 8.34
C ASN L 156 43.58 26.48 9.51
N GLY L 157 42.41 25.92 9.23
CA GLY L 157 41.30 25.79 10.19
C GLY L 157 40.40 27.02 10.19
N THR L 158 40.79 28.08 9.48
CA THR L 158 40.06 29.38 9.44
C THR L 158 38.56 29.12 9.23
N ASN L 159 37.72 29.58 10.15
CA ASN L 159 36.25 29.65 9.99
C ASN L 159 35.63 28.24 9.93
N ILE L 160 36.42 27.19 10.07
CA ILE L 160 35.89 25.79 9.98
C ILE L 160 34.89 25.58 11.10
N SER L 161 35.36 25.71 12.35
CA SER L 161 34.57 25.46 13.59
C SER L 161 33.33 26.36 13.58
N GLN L 162 33.54 27.65 13.28
CA GLN L 162 32.46 28.66 13.16
C GLN L 162 31.37 28.09 12.25
N ALA L 163 31.75 27.79 11.01
CA ALA L 163 30.86 27.28 9.93
C ALA L 163 30.04 26.08 10.43
N ILE L 164 30.68 25.03 10.96
CA ILE L 164 29.96 23.79 11.38
C ILE L 164 29.05 24.14 12.58
N GLU L 165 29.57 24.94 13.54
CA GLU L 165 28.84 25.34 14.78
C GLU L 165 27.56 26.09 14.39
N MET L 166 27.63 26.93 13.35
CA MET L 166 26.46 27.66 12.79
C MET L 166 25.40 26.66 12.35
N LEU L 167 25.78 25.69 11.51
CA LEU L 167 24.85 24.65 10.97
C LEU L 167 24.21 23.91 12.16
N LEU L 168 25.01 23.58 13.18
CA LEU L 168 24.51 22.93 14.44
C LEU L 168 23.44 23.84 15.07
N ASP L 169 23.78 25.13 15.24
CA ASP L 169 22.91 26.15 15.88
C ASP L 169 21.59 26.27 15.10
N LEU L 170 21.66 26.25 13.75
CA LEU L 170 20.46 26.40 12.88
C LEU L 170 19.46 25.29 13.17
N ILE L 171 19.90 24.04 13.09
CA ILE L 171 19.02 22.83 13.18
C ILE L 171 18.60 22.62 14.64
N MET L 172 19.45 23.00 15.60
CA MET L 172 19.09 23.02 17.04
C MET L 172 17.90 23.96 17.24
N LYS L 173 17.91 25.13 16.58
CA LYS L 173 16.79 26.10 16.54
C LYS L 173 15.55 25.42 15.94
N ARG L 174 15.70 24.77 14.78
CA ARG L 174 14.61 24.03 14.08
C ARG L 174 14.02 22.98 15.04
N MET L 175 14.88 22.23 15.74
CA MET L 175 14.48 21.18 16.71
C MET L 175 13.66 21.81 17.83
N GLU L 176 14.13 22.94 18.38
CA GLU L 176 13.50 23.68 19.51
C GLU L 176 12.15 24.27 19.07
N ARG L 177 12.09 24.91 17.90
CA ARG L 177 10.86 25.50 17.30
C ARG L 177 9.74 24.44 17.26
N SER L 178 10.10 23.17 17.04
CA SER L 178 9.19 21.98 17.12
C SER L 178 9.07 21.53 18.58
N TYR M 8 -2.57 2.78 27.31
CA TYR M 8 -3.29 2.62 28.61
C TYR M 8 -4.72 3.20 28.50
N LEU M 9 -5.13 3.59 27.29
CA LEU M 9 -6.51 3.35 26.78
C LEU M 9 -6.63 1.84 26.60
N ILE M 10 -7.58 1.21 27.30
CA ILE M 10 -7.84 -0.25 27.21
C ILE M 10 -9.24 -0.44 26.62
N LYS M 11 -9.34 -1.18 25.51
CA LYS M 11 -10.61 -1.48 24.81
C LYS M 11 -10.91 -2.98 24.92
N PHE M 12 -12.12 -3.33 25.36
CA PHE M 12 -12.68 -4.68 25.14
C PHE M 12 -14.14 -4.56 24.71
N LEU M 13 -14.71 -5.68 24.27
CA LEU M 13 -16.03 -5.78 23.60
C LEU M 13 -16.91 -6.75 24.37
N ALA M 14 -18.13 -6.34 24.71
CA ALA M 14 -19.16 -7.19 25.35
C ALA M 14 -20.06 -7.76 24.26
N LEU M 15 -20.28 -9.07 24.26
CA LEU M 15 -21.10 -9.71 23.20
C LEU M 15 -21.79 -10.93 23.80
N GLY M 16 -22.64 -11.56 22.99
CA GLY M 16 -23.61 -12.59 23.42
C GLY M 16 -24.92 -12.39 22.69
N ASP M 17 -25.99 -13.02 23.16
CA ASP M 17 -27.30 -13.05 22.49
C ASP M 17 -28.13 -11.86 22.95
N SER M 18 -29.21 -11.56 22.22
CA SER M 18 -30.20 -10.52 22.58
C SER M 18 -30.95 -10.95 23.85
N GLY M 19 -30.89 -10.14 24.91
CA GLY M 19 -31.66 -10.33 26.16
C GLY M 19 -30.77 -10.73 27.33
N VAL M 20 -29.53 -11.09 27.02
CA VAL M 20 -28.51 -11.51 28.01
C VAL M 20 -28.42 -10.45 29.11
N GLY M 21 -28.11 -9.21 28.73
CA GLY M 21 -28.07 -8.04 29.62
C GLY M 21 -26.74 -7.32 29.58
N LYS M 22 -26.08 -7.27 28.42
CA LYS M 22 -24.70 -6.72 28.28
C LYS M 22 -24.74 -5.18 28.26
N THR M 23 -25.89 -4.59 27.99
CA THR M 23 -26.11 -3.13 28.07
C THR M 23 -26.31 -2.76 29.55
N SER M 24 -27.13 -3.54 30.24
CA SER M 24 -27.47 -3.33 31.67
C SER M 24 -26.22 -3.55 32.51
N VAL M 25 -25.35 -4.47 32.07
CA VAL M 25 -24.12 -4.91 32.80
C VAL M 25 -23.06 -3.80 32.69
N LEU M 26 -22.87 -3.21 31.53
CA LEU M 26 -21.84 -2.15 31.37
C LEU M 26 -22.23 -0.93 32.20
N TYR M 27 -23.53 -0.62 32.27
CA TYR M 27 -24.07 0.55 33.01
C TYR M 27 -23.94 0.30 34.53
N GLN M 28 -24.16 -0.92 35.00
CA GLN M 28 -23.95 -1.27 36.44
C GLN M 28 -22.48 -0.97 36.79
N TYR M 29 -21.56 -1.28 35.89
CA TYR M 29 -20.10 -1.10 36.13
C TYR M 29 -19.72 0.39 36.00
N THR M 30 -19.98 1.00 34.84
CA THR M 30 -19.65 2.43 34.57
C THR M 30 -20.23 3.31 35.68
N ASP M 31 -21.52 3.13 36.02
CA ASP M 31 -22.33 4.10 36.81
C ASP M 31 -22.87 3.50 38.13
N GLY M 32 -22.62 2.23 38.42
CA GLY M 32 -22.89 1.64 39.75
C GLY M 32 -24.38 1.56 40.10
N LYS M 33 -25.25 1.55 39.10
CA LYS M 33 -26.71 1.45 39.29
C LYS M 33 -27.33 0.69 38.11
N PHE M 34 -28.65 0.51 38.11
CA PHE M 34 -29.36 -0.39 37.19
C PHE M 34 -30.53 0.36 36.53
N ASN M 35 -30.42 0.67 35.23
CA ASN M 35 -31.59 1.08 34.38
C ASN M 35 -32.23 -0.22 33.89
N SER M 36 -33.46 -0.50 34.32
CA SER M 36 -34.25 -1.67 33.83
C SER M 36 -34.75 -1.40 32.41
N LYS M 37 -34.88 -0.14 32.03
CA LYS M 37 -35.28 0.29 30.65
C LYS M 37 -34.06 0.16 29.73
N PHE M 38 -34.21 -0.52 28.61
CA PHE M 38 -33.14 -0.62 27.58
C PHE M 38 -33.80 -1.13 26.30
N ILE M 39 -33.85 -0.26 25.30
CA ILE M 39 -34.25 -0.64 23.92
C ILE M 39 -33.26 -1.73 23.49
N THR M 40 -33.75 -2.80 22.86
CA THR M 40 -32.87 -3.85 22.29
C THR M 40 -31.96 -3.14 21.30
N THR M 41 -30.76 -2.75 21.74
CA THR M 41 -29.66 -2.10 20.99
C THR M 41 -29.69 -2.37 19.48
N VAL M 42 -29.65 -1.30 18.67
CA VAL M 42 -29.66 -1.34 17.17
C VAL M 42 -28.27 -0.95 16.64
N GLY M 43 -27.55 -0.08 17.37
CA GLY M 43 -26.33 0.59 16.88
C GLY M 43 -25.07 -0.10 17.36
N ILE M 44 -24.03 0.68 17.68
CA ILE M 44 -22.72 0.21 18.23
C ILE M 44 -22.24 1.29 19.20
N ASP M 45 -22.68 1.20 20.46
CA ASP M 45 -22.37 2.19 21.53
C ASP M 45 -21.05 1.78 22.21
N PHE M 46 -20.54 2.64 23.08
CA PHE M 46 -19.57 2.29 24.14
C PHE M 46 -19.67 3.33 25.25
N ARG M 47 -19.44 2.90 26.49
CA ARG M 47 -19.18 3.79 27.65
C ARG M 47 -17.68 3.76 27.91
N GLU M 48 -17.08 4.89 28.28
CA GLU M 48 -15.68 4.93 28.74
C GLU M 48 -15.63 5.60 30.10
N LYS M 49 -14.47 5.49 30.76
CA LYS M 49 -14.28 5.71 32.22
C LYS M 49 -12.81 5.40 32.53
N THR M 50 -12.20 6.21 33.40
CA THR M 50 -10.78 6.08 33.83
C THR M 50 -10.75 5.28 35.14
N ILE M 51 -9.95 4.22 35.19
CA ILE M 51 -9.74 3.35 36.39
C ILE M 51 -8.25 3.37 36.76
N TYR M 52 -7.95 3.15 38.05
CA TYR M 52 -6.58 2.95 38.61
C TYR M 52 -6.53 1.54 39.19
N ARG M 53 -5.81 0.60 38.55
CA ARG M 53 -5.69 -0.82 38.99
C ARG M 53 -4.32 -1.02 39.65
N ASN M 54 -3.27 -1.30 38.86
CA ASN M 54 -1.89 -1.54 39.37
C ASN M 54 -1.12 -0.21 39.31
N ASP M 55 -1.57 0.78 40.10
CA ASP M 55 -0.99 2.15 40.20
C ASP M 55 -0.67 2.67 38.79
N LYS M 56 -1.65 2.64 37.89
CA LYS M 56 -1.48 2.98 36.45
C LYS M 56 -2.71 3.74 35.94
N ARG M 57 -2.57 4.37 34.76
CA ARG M 57 -3.65 5.10 34.05
C ARG M 57 -4.41 4.11 33.16
N ILE M 58 -5.69 3.85 33.46
CA ILE M 58 -6.59 3.01 32.60
C ILE M 58 -7.79 3.85 32.17
N LYS M 59 -7.79 4.34 30.91
CA LYS M 59 -9.01 4.80 30.19
C LYS M 59 -9.69 3.54 29.61
N LEU M 60 -10.57 2.91 30.39
CA LEU M 60 -11.30 1.67 30.00
C LEU M 60 -12.43 2.09 29.06
N GLN M 61 -12.50 1.43 27.90
CA GLN M 61 -13.47 1.68 26.82
C GLN M 61 -14.32 0.42 26.67
N LEU M 62 -15.57 0.48 27.15
CA LEU M 62 -16.51 -0.68 27.23
C LEU M 62 -17.43 -0.68 26.01
N TRP M 63 -17.08 -1.41 24.96
CA TRP M 63 -17.86 -1.45 23.69
C TRP M 63 -19.02 -2.44 23.81
N ASP M 64 -20.23 -1.95 23.55
CA ASP M 64 -21.49 -2.74 23.54
C ASP M 64 -21.76 -3.11 22.08
N THR M 65 -22.45 -4.23 21.85
CA THR M 65 -22.83 -4.72 20.50
C THR M 65 -24.32 -5.02 20.48
N ALA M 66 -24.88 -5.09 19.27
CA ALA M 66 -26.25 -5.56 19.01
C ALA M 66 -26.27 -7.08 19.12
N GLY M 67 -27.20 -7.61 19.93
CA GLY M 67 -27.36 -9.06 20.17
C GLY M 67 -27.88 -9.81 18.95
N LEU M 68 -28.43 -9.11 17.96
CA LEU M 68 -29.11 -9.75 16.82
C LEU M 68 -28.13 -9.95 15.66
N GLU M 69 -26.84 -10.14 15.93
CA GLU M 69 -25.85 -10.51 14.89
C GLU M 69 -24.57 -11.11 15.50
N ARG M 70 -23.92 -11.98 14.74
CA ARG M 70 -22.48 -12.35 14.82
C ARG M 70 -21.68 -11.54 13.78
N PHE M 71 -22.35 -10.67 13.01
CA PHE M 71 -21.74 -9.65 12.12
C PHE M 71 -20.85 -8.74 12.96
N ARG M 72 -21.16 -8.59 14.26
CA ARG M 72 -20.17 -8.15 15.29
C ARG M 72 -18.95 -9.05 15.15
N SER M 73 -17.74 -8.55 15.39
CA SER M 73 -16.49 -9.35 15.21
C SER M 73 -16.24 -9.56 13.70
N LEU M 74 -17.15 -9.08 12.85
CA LEU M 74 -16.92 -8.82 11.41
C LEU M 74 -16.74 -7.30 11.20
N THR M 75 -16.78 -6.52 12.29
CA THR M 75 -16.62 -5.04 12.34
C THR M 75 -15.25 -4.67 11.78
N THR M 76 -14.25 -5.55 11.95
CA THR M 76 -12.92 -5.53 11.28
C THR M 76 -12.12 -4.28 11.69
N ALA M 77 -12.70 -3.44 12.55
CA ALA M 77 -12.04 -2.28 13.20
C ALA M 77 -12.44 -2.24 14.67
N PHE M 78 -13.74 -2.22 14.96
CA PHE M 78 -14.32 -2.22 16.34
C PHE M 78 -13.90 -3.50 17.06
N PHE M 79 -14.14 -4.67 16.45
CA PHE M 79 -13.69 -5.99 16.95
C PHE M 79 -12.16 -6.06 16.86
N ARG M 80 -11.60 -5.69 15.71
CA ARG M 80 -10.15 -5.80 15.39
C ARG M 80 -9.34 -4.95 16.40
N ASP M 81 -9.86 -3.79 16.81
CA ASP M 81 -9.16 -2.81 17.67
C ASP M 81 -9.27 -3.26 19.14
N ALA M 82 -10.24 -4.11 19.48
CA ALA M 82 -10.52 -4.57 20.87
C ALA M 82 -9.44 -5.55 21.33
N MET M 83 -9.13 -5.56 22.62
CA MET M 83 -7.97 -6.27 23.23
C MET M 83 -8.44 -7.50 24.03
N GLY M 84 -9.64 -7.45 24.59
CA GLY M 84 -10.28 -8.57 25.30
C GLY M 84 -11.76 -8.64 24.96
N PHE M 85 -12.42 -9.74 25.31
CA PHE M 85 -13.85 -9.98 25.04
C PHE M 85 -14.53 -10.38 26.36
N LEU M 86 -15.76 -9.91 26.57
CA LEU M 86 -16.61 -10.25 27.75
C LEU M 86 -17.88 -10.98 27.27
N LEU M 87 -17.84 -12.31 27.14
CA LEU M 87 -18.99 -13.13 26.64
C LEU M 87 -19.98 -13.31 27.78
N LEU M 88 -21.23 -12.91 27.58
CA LEU M 88 -22.31 -13.15 28.57
C LEU M 88 -23.29 -14.17 28.00
N PHE M 89 -24.09 -14.78 28.88
CA PHE M 89 -25.35 -15.49 28.55
C PHE M 89 -26.33 -15.31 29.70
N ASP M 90 -27.60 -15.62 29.45
CA ASP M 90 -28.69 -15.54 30.45
C ASP M 90 -28.82 -16.92 31.10
N LEU M 91 -28.79 -16.96 32.43
CA LEU M 91 -28.93 -18.19 33.24
C LEU M 91 -30.39 -18.65 33.25
N THR M 92 -31.27 -17.92 32.56
CA THR M 92 -32.72 -18.23 32.49
C THR M 92 -33.15 -18.55 31.05
N ASN M 93 -32.24 -18.62 30.07
CA ASN M 93 -32.53 -19.35 28.81
C ASN M 93 -31.31 -20.17 28.37
N GLU M 94 -31.53 -21.47 28.12
CA GLU M 94 -30.48 -22.47 27.79
C GLU M 94 -29.86 -22.09 26.44
N GLU M 95 -30.70 -21.65 25.50
CA GLU M 95 -30.27 -21.32 24.11
C GLU M 95 -29.03 -20.42 24.21
N SER M 96 -29.12 -19.32 24.97
CA SER M 96 -28.02 -18.33 25.15
C SER M 96 -26.75 -19.07 25.55
N PHE M 97 -26.87 -19.92 26.58
CA PHE M 97 -25.75 -20.70 27.17
C PHE M 97 -25.15 -21.62 26.11
N LEU M 98 -26.00 -22.35 25.37
CA LEU M 98 -25.55 -23.37 24.37
C LEU M 98 -24.72 -22.70 23.28
N ASN M 99 -25.01 -21.43 22.95
CA ASN M 99 -24.33 -20.67 21.86
C ASN M 99 -22.90 -20.29 22.28
N VAL M 100 -22.62 -20.29 23.58
CA VAL M 100 -21.32 -19.84 24.14
C VAL M 100 -20.19 -20.56 23.41
N ARG M 101 -20.34 -21.87 23.22
CA ARG M 101 -19.35 -22.70 22.47
C ARG M 101 -19.14 -22.05 21.10
N ASN M 102 -20.22 -21.84 20.36
CA ASN M 102 -20.19 -21.26 18.98
C ASN M 102 -19.55 -19.86 19.07
N TRP M 103 -19.83 -19.07 20.11
CA TRP M 103 -19.23 -17.73 20.33
C TRP M 103 -17.71 -17.88 20.55
N ILE M 104 -17.32 -18.61 21.61
CA ILE M 104 -15.90 -18.83 22.00
C ILE M 104 -15.16 -19.33 20.74
N SER M 105 -15.77 -20.29 20.04
CA SER M 105 -15.27 -20.85 18.76
C SER M 105 -14.94 -19.71 17.79
N GLN M 106 -15.96 -18.96 17.36
CA GLN M 106 -15.86 -17.93 16.28
C GLN M 106 -14.91 -16.79 16.73
N LEU M 107 -14.79 -16.54 18.05
CA LEU M 107 -13.81 -15.56 18.60
C LEU M 107 -12.40 -16.03 18.26
N LYS M 108 -12.03 -17.23 18.73
CA LYS M 108 -10.70 -17.85 18.52
C LYS M 108 -10.29 -17.73 17.05
N THR M 109 -11.21 -18.04 16.13
CA THR M 109 -10.96 -18.09 14.66
C THR M 109 -10.72 -16.66 14.13
N HIS M 110 -11.68 -15.76 14.33
CA HIS M 110 -11.74 -14.40 13.70
C HIS M 110 -10.89 -13.39 14.50
N ALA M 111 -10.42 -13.74 15.70
CA ALA M 111 -9.62 -12.85 16.57
C ALA M 111 -8.16 -12.83 16.12
N TYR M 112 -7.36 -11.94 16.72
CA TYR M 112 -5.90 -11.80 16.47
C TYR M 112 -5.18 -13.06 16.97
N SER M 113 -5.01 -13.19 18.29
CA SER M 113 -4.28 -14.30 18.95
C SER M 113 -5.08 -15.61 18.82
N GLU M 114 -4.38 -16.75 18.78
CA GLU M 114 -4.98 -18.12 18.81
C GLU M 114 -5.92 -18.21 20.02
N ASN M 115 -5.38 -17.88 21.22
CA ASN M 115 -6.14 -17.82 22.49
C ASN M 115 -6.19 -16.36 22.96
N PRO M 116 -7.29 -15.63 22.65
CA PRO M 116 -7.50 -14.29 23.16
C PRO M 116 -8.14 -14.26 24.55
N ASP M 117 -8.10 -13.09 25.20
CA ASP M 117 -8.44 -12.90 26.63
C ASP M 117 -9.96 -12.73 26.76
N ILE M 118 -10.62 -13.73 27.33
CA ILE M 118 -12.11 -13.84 27.41
C ILE M 118 -12.50 -14.04 28.88
N VAL M 119 -13.60 -13.43 29.31
CA VAL M 119 -14.25 -13.70 30.62
C VAL M 119 -15.74 -13.99 30.40
N LEU M 120 -16.20 -15.19 30.77
CA LEU M 120 -17.61 -15.63 30.58
C LEU M 120 -18.41 -15.20 31.81
N CYS M 121 -19.52 -14.47 31.61
CA CYS M 121 -20.48 -14.10 32.68
C CYS M 121 -21.82 -14.77 32.42
N GLY M 122 -22.38 -15.44 33.41
CA GLY M 122 -23.78 -15.91 33.42
C GLY M 122 -24.65 -14.90 34.14
N ASN M 123 -25.39 -14.09 33.39
CA ASN M 123 -26.06 -12.91 33.95
C ASN M 123 -27.45 -13.28 34.48
N LYS M 124 -28.14 -12.33 35.12
CA LYS M 124 -29.55 -12.45 35.55
C LYS M 124 -29.62 -13.51 36.66
N SER M 125 -28.60 -13.57 37.53
CA SER M 125 -28.47 -14.55 38.63
C SER M 125 -29.53 -14.27 39.70
N ASP M 126 -29.96 -13.00 39.81
CA ASP M 126 -31.03 -12.57 40.75
C ASP M 126 -32.33 -13.33 40.45
N LEU M 127 -32.58 -13.61 39.17
CA LEU M 127 -33.77 -14.38 38.72
C LEU M 127 -33.62 -15.85 39.16
N GLU M 128 -33.52 -16.06 40.48
CA GLU M 128 -33.28 -17.39 41.10
C GLU M 128 -34.40 -18.33 40.63
N ASP M 129 -35.65 -17.81 40.62
CA ASP M 129 -36.89 -18.60 40.33
C ASP M 129 -36.94 -19.09 38.88
N GLU M 130 -36.17 -18.50 37.97
CA GLU M 130 -36.22 -18.83 36.52
C GLU M 130 -34.89 -19.43 36.06
N ARG M 131 -34.01 -19.77 37.00
CA ARG M 131 -32.67 -20.34 36.66
C ARG M 131 -32.88 -21.67 35.93
N VAL M 132 -32.12 -21.87 34.85
CA VAL M 132 -32.26 -23.03 33.93
C VAL M 132 -30.89 -23.66 33.71
N VAL M 133 -29.84 -22.84 33.57
CA VAL M 133 -28.43 -23.32 33.48
C VAL M 133 -27.98 -23.65 34.90
N ALA M 134 -27.47 -24.87 35.10
CA ALA M 134 -26.88 -25.35 36.37
C ALA M 134 -25.42 -24.90 36.45
N ALA M 135 -25.02 -24.42 37.62
CA ALA M 135 -23.74 -23.70 37.89
C ALA M 135 -22.53 -24.57 37.52
N ALA M 136 -22.57 -25.86 37.88
CA ALA M 136 -21.45 -26.81 37.64
C ALA M 136 -21.21 -26.91 36.14
N GLU M 137 -22.27 -27.23 35.39
CA GLU M 137 -22.25 -27.36 33.91
C GLU M 137 -21.58 -26.13 33.30
N ALA M 138 -21.94 -24.94 33.80
CA ALA M 138 -21.34 -23.65 33.39
C ALA M 138 -19.84 -23.67 33.70
N ARG M 139 -19.49 -23.96 34.95
CA ARG M 139 -18.09 -24.05 35.43
C ARG M 139 -17.33 -25.07 34.56
N GLN M 140 -17.95 -26.21 34.24
CA GLN M 140 -17.33 -27.26 33.37
C GLN M 140 -16.99 -26.64 32.02
N LEU M 141 -17.94 -25.94 31.40
CA LEU M 141 -17.77 -25.28 30.07
C LEU M 141 -16.58 -24.31 30.15
N ALA M 142 -16.46 -23.60 31.28
CA ALA M 142 -15.32 -22.68 31.58
C ALA M 142 -14.03 -23.49 31.63
N GLU M 143 -14.08 -24.68 32.23
CA GLU M 143 -12.93 -25.63 32.33
C GLU M 143 -12.43 -26.00 30.91
N HIS M 144 -13.28 -26.59 30.03
CA HIS M 144 -12.84 -27.13 28.69
C HIS M 144 -12.08 -26.03 27.93
N TYR M 145 -12.31 -24.75 28.25
CA TYR M 145 -11.70 -23.59 27.53
C TYR M 145 -10.68 -22.85 28.41
N GLY M 146 -10.70 -23.10 29.73
CA GLY M 146 -9.75 -22.46 30.66
C GLY M 146 -9.88 -20.95 30.60
N ILE M 147 -11.10 -20.45 30.81
CA ILE M 147 -11.40 -18.99 30.93
C ILE M 147 -12.24 -18.78 32.18
N PRO M 148 -12.04 -17.65 32.89
CA PRO M 148 -12.73 -17.38 34.15
C PRO M 148 -14.25 -17.27 33.95
N TYR M 149 -15.01 -17.63 34.98
CA TYR M 149 -16.50 -17.60 34.94
C TYR M 149 -17.02 -16.89 36.20
N PHE M 150 -18.01 -16.02 36.02
CA PHE M 150 -18.72 -15.31 37.11
C PHE M 150 -20.23 -15.37 36.87
N GLU M 151 -20.99 -15.61 37.92
CA GLU M 151 -22.47 -15.52 37.95
C GLU M 151 -22.84 -14.10 38.37
N THR M 152 -23.24 -13.30 37.39
CA THR M 152 -23.40 -11.84 37.53
C THR M 152 -24.89 -11.50 37.61
N SER M 153 -25.18 -10.29 38.12
CA SER M 153 -26.49 -9.61 38.05
C SER M 153 -26.24 -8.10 37.88
N ALA M 154 -26.81 -7.51 36.84
CA ALA M 154 -26.78 -6.04 36.61
C ALA M 154 -27.79 -5.38 37.54
N ALA M 155 -28.74 -6.16 38.06
CA ALA M 155 -29.75 -5.69 39.03
C ALA M 155 -29.11 -5.55 40.42
N ASN M 156 -28.31 -6.53 40.86
CA ASN M 156 -27.65 -6.59 42.19
C ASN M 156 -26.29 -5.92 42.16
N GLY M 157 -25.59 -5.99 41.02
CA GLY M 157 -24.17 -5.64 40.90
C GLY M 157 -23.25 -6.81 41.22
N THR M 158 -23.81 -7.93 41.71
CA THR M 158 -23.05 -9.13 42.14
C THR M 158 -22.03 -9.50 41.07
N ASN M 159 -20.75 -9.53 41.44
CA ASN M 159 -19.63 -10.10 40.63
C ASN M 159 -19.39 -9.26 39.37
N ILE M 160 -20.10 -8.15 39.18
CA ILE M 160 -19.94 -7.30 37.96
C ILE M 160 -18.51 -6.77 37.93
N SER M 161 -18.16 -5.99 38.95
CA SER M 161 -16.85 -5.30 39.09
C SER M 161 -15.71 -6.34 39.02
N GLN M 162 -15.87 -7.43 39.79
CA GLN M 162 -14.92 -8.56 39.83
C GLN M 162 -14.65 -8.98 38.38
N ALA M 163 -15.70 -9.37 37.67
CA ALA M 163 -15.69 -9.89 36.29
C ALA M 163 -14.91 -8.93 35.37
N ILE M 164 -15.28 -7.65 35.32
CA ILE M 164 -14.63 -6.66 34.40
C ILE M 164 -13.16 -6.47 34.84
N GLU M 165 -12.91 -6.36 36.16
CA GLU M 165 -11.56 -6.14 36.74
C GLU M 165 -10.64 -7.30 36.34
N MET M 166 -11.17 -8.53 36.33
CA MET M 166 -10.44 -9.75 35.87
C MET M 166 -9.98 -9.54 34.42
N LEU M 167 -10.92 -9.21 33.52
CA LEU M 167 -10.63 -9.02 32.08
C LEU M 167 -9.54 -7.94 31.94
N LEU M 168 -9.65 -6.85 32.72
CA LEU M 168 -8.62 -5.75 32.75
C LEU M 168 -7.27 -6.37 33.13
N ASP M 169 -7.24 -7.14 34.23
CA ASP M 169 -6.02 -7.76 34.79
C ASP M 169 -5.41 -8.70 33.75
N LEU M 170 -6.23 -9.46 33.02
CA LEU M 170 -5.75 -10.45 32.00
C LEU M 170 -4.93 -9.72 30.91
N ILE M 171 -5.53 -8.70 30.31
CA ILE M 171 -4.95 -8.00 29.12
C ILE M 171 -3.80 -7.09 29.58
N MET M 172 -3.88 -6.56 30.81
CA MET M 172 -2.75 -5.82 31.44
C MET M 172 -1.54 -6.75 31.53
N LYS M 173 -1.76 -8.02 31.93
CA LYS M 173 -0.73 -9.10 31.94
C LYS M 173 -0.18 -9.30 30.52
N ARG M 174 -1.07 -9.46 29.54
CA ARG M 174 -0.71 -9.63 28.10
C ARG M 174 0.16 -8.46 27.66
N MET M 175 -0.23 -7.22 28.01
CA MET M 175 0.48 -5.96 27.67
C MET M 175 1.90 -6.01 28.28
N GLU M 176 1.99 -6.40 29.56
CA GLU M 176 3.26 -6.46 30.34
C GLU M 176 4.18 -7.55 29.77
N ARG M 177 3.64 -8.75 29.50
CA ARG M 177 4.38 -9.91 28.90
C ARG M 177 5.10 -9.47 27.62
N SER M 178 4.51 -8.53 26.87
CA SER M 178 5.11 -7.85 25.68
C SER M 178 5.98 -6.68 26.13
N TYR N 8 6.29 25.55 -15.45
CA TYR N 8 7.06 26.15 -16.60
C TYR N 8 8.57 26.16 -16.29
N LEU N 9 8.97 25.51 -15.20
CA LEU N 9 10.21 24.67 -15.14
C LEU N 9 9.94 23.48 -16.07
N ILE N 10 10.77 23.32 -17.10
CA ILE N 10 10.68 22.18 -18.05
C ILE N 10 11.95 21.34 -17.91
N LYS N 11 11.78 20.04 -17.61
CA LYS N 11 12.89 19.07 -17.43
C LYS N 11 12.85 18.03 -18.55
N PHE N 12 13.98 17.81 -19.23
CA PHE N 12 14.19 16.58 -20.04
C PHE N 12 15.60 16.05 -19.79
N LEU N 13 15.85 14.84 -20.28
CA LEU N 13 17.07 14.04 -20.01
C LEU N 13 17.75 13.69 -21.33
N ALA N 14 19.06 13.95 -21.42
CA ALA N 14 19.91 13.57 -22.58
C ALA N 14 20.57 12.23 -22.27
N LEU N 15 20.48 11.27 -23.18
CA LEU N 15 21.05 9.93 -22.95
C LEU N 15 21.50 9.33 -24.28
N GLY N 16 22.11 8.15 -24.21
CA GLY N 16 22.84 7.51 -25.32
C GLY N 16 24.10 6.88 -24.79
N ASP N 17 25.04 6.53 -25.67
CA ASP N 17 26.26 5.76 -25.31
C ASP N 17 27.37 6.74 -24.93
N SER N 18 28.43 6.23 -24.30
CA SER N 18 29.65 6.99 -23.95
C SER N 18 30.38 7.38 -25.25
N GLY N 19 30.59 8.68 -25.47
CA GLY N 19 31.39 9.24 -26.58
C GLY N 19 30.53 9.92 -27.62
N VAL N 20 29.22 9.72 -27.53
CA VAL N 20 28.20 10.33 -28.44
C VAL N 20 28.44 11.83 -28.49
N GLY N 21 28.39 12.50 -27.34
CA GLY N 21 28.70 13.93 -27.18
C GLY N 21 27.57 14.70 -26.52
N LYS N 22 26.86 14.09 -25.56
CA LYS N 22 25.63 14.67 -24.96
C LYS N 22 26.00 15.73 -23.92
N THR N 23 27.24 15.72 -23.42
CA THR N 23 27.78 16.76 -22.52
C THR N 23 28.17 17.97 -23.38
N SER N 24 28.86 17.72 -24.49
CA SER N 24 29.33 18.77 -25.42
C SER N 24 28.11 19.46 -26.06
N VAL N 25 27.03 18.70 -26.27
CA VAL N 25 25.79 19.15 -26.97
C VAL N 25 25.00 20.07 -26.03
N LEU N 26 24.87 19.73 -24.76
CA LEU N 26 24.09 20.58 -23.83
C LEU N 26 24.82 21.92 -23.64
N TYR N 27 26.15 21.91 -23.64
CA TYR N 27 26.99 23.12 -23.44
C TYR N 27 26.93 24.01 -24.69
N GLN N 28 26.89 23.42 -25.89
CA GLN N 28 26.71 24.21 -27.15
C GLN N 28 25.38 24.97 -27.06
N TYR N 29 24.35 24.34 -26.50
CA TYR N 29 23.00 24.94 -26.40
C TYR N 29 22.95 25.97 -25.27
N THR N 30 23.26 25.56 -24.03
CA THR N 30 23.23 26.44 -22.83
C THR N 30 24.08 27.69 -23.12
N ASP N 31 25.31 27.53 -23.62
CA ASP N 31 26.38 28.58 -23.62
C ASP N 31 26.87 28.93 -25.04
N GLY N 32 26.35 28.29 -26.09
CA GLY N 32 26.58 28.72 -27.49
C GLY N 32 28.02 28.59 -27.95
N LYS N 33 28.80 27.71 -27.32
CA LYS N 33 30.21 27.46 -27.70
C LYS N 33 30.54 25.99 -27.40
N PHE N 34 31.78 25.57 -27.62
CA PHE N 34 32.22 24.16 -27.63
C PHE N 34 33.46 24.00 -26.74
N ASN N 35 33.33 23.35 -25.57
CA ASN N 35 34.46 22.80 -24.78
C ASN N 35 34.76 21.42 -25.36
N SER N 36 35.93 21.27 -25.97
CA SER N 36 36.41 19.97 -26.52
C SER N 36 36.86 19.07 -25.37
N LYS N 37 37.22 19.64 -24.21
CA LYS N 37 37.58 18.89 -22.97
C LYS N 37 36.29 18.42 -22.30
N PHE N 38 36.20 17.13 -22.00
CA PHE N 38 35.05 16.57 -21.25
C PHE N 38 35.49 15.20 -20.72
N ILE N 39 35.65 15.12 -19.40
CA ILE N 39 35.85 13.84 -18.70
C ILE N 39 34.62 12.97 -19.04
N THR N 40 34.83 11.70 -19.34
CA THR N 40 33.69 10.76 -19.55
C THR N 40 32.90 10.76 -18.24
N THR N 41 31.86 11.59 -18.20
CA THR N 41 30.90 11.80 -17.07
C THR N 41 30.78 10.60 -16.13
N VAL N 42 30.94 10.84 -14.81
CA VAL N 42 30.85 9.81 -13.73
C VAL N 42 29.56 10.02 -12.93
N GLY N 43 29.09 11.26 -12.81
CA GLY N 43 28.01 11.64 -11.88
C GLY N 43 26.67 11.74 -12.57
N ILE N 44 25.85 12.72 -12.16
CA ILE N 44 24.51 13.05 -12.74
C ILE N 44 24.35 14.56 -12.66
N ASP N 45 24.87 15.28 -13.67
CA ASP N 45 24.86 16.76 -13.73
C ASP N 45 23.55 17.24 -14.36
N PHE N 46 23.33 18.55 -14.37
CA PHE N 46 22.39 19.24 -15.29
C PHE N 46 22.82 20.70 -15.41
N ARG N 47 22.60 21.30 -16.59
CA ARG N 47 22.64 22.76 -16.81
C ARG N 47 21.20 23.24 -16.87
N GLU N 48 20.90 24.42 -16.30
CA GLU N 48 19.60 25.09 -16.46
C GLU N 48 19.83 26.49 -17.02
N LYS N 49 18.74 27.12 -17.45
CA LYS N 49 18.70 28.31 -18.34
C LYS N 49 17.23 28.65 -18.60
N THR N 50 16.92 29.95 -18.62
CA THR N 50 15.54 30.47 -18.85
C THR N 50 15.40 30.81 -20.34
N ILE N 51 14.37 30.28 -20.99
CA ILE N 51 14.07 30.51 -22.45
C ILE N 51 12.66 31.11 -22.55
N TYR N 52 12.40 31.87 -23.62
CA TYR N 52 11.08 32.44 -23.99
C TYR N 52 10.70 31.85 -25.36
N ARG N 53 9.71 30.95 -25.41
CA ARG N 53 9.31 30.23 -26.65
C ARG N 53 8.00 30.82 -27.18
N ASN N 54 6.85 30.36 -26.70
CA ASN N 54 5.50 30.86 -27.09
C ASN N 54 5.08 31.95 -26.08
N ASP N 55 5.84 33.06 -26.05
CA ASP N 55 5.64 34.22 -25.14
C ASP N 55 5.36 33.72 -23.72
N LYS N 56 6.23 32.85 -23.20
CA LYS N 56 6.03 32.16 -21.89
C LYS N 56 7.34 32.09 -21.10
N ARG N 57 7.24 31.74 -19.81
CA ARG N 57 8.38 31.52 -18.88
C ARG N 57 8.83 30.05 -19.00
N ILE N 58 10.04 29.79 -19.52
CA ILE N 58 10.65 28.43 -19.56
C ILE N 58 11.98 28.47 -18.78
N LYS N 59 12.00 27.93 -17.56
CA LYS N 59 13.23 27.46 -16.87
C LYS N 59 13.54 26.05 -17.41
N LEU N 60 14.30 25.96 -18.50
CA LEU N 60 14.69 24.67 -19.14
C LEU N 60 15.81 24.06 -18.29
N GLN N 61 15.64 22.80 -17.91
CA GLN N 61 16.56 22.02 -17.05
C GLN N 61 17.07 20.84 -17.88
N LEU N 62 18.33 20.92 -18.32
CA LEU N 62 18.99 19.96 -19.25
C LEU N 62 19.78 18.92 -18.45
N TRP N 63 19.19 17.77 -18.15
CA TRP N 63 19.83 16.71 -17.33
C TRP N 63 20.75 15.84 -18.20
N ASP N 64 22.02 15.74 -17.80
CA ASP N 64 23.06 14.92 -18.46
C ASP N 64 23.12 13.59 -17.69
N THR N 65 23.51 12.51 -18.36
CA THR N 65 23.66 11.16 -17.77
C THR N 65 25.05 10.60 -18.10
N ALA N 66 25.47 9.60 -17.33
CA ALA N 66 26.68 8.81 -17.59
C ALA N 66 26.35 7.81 -18.70
N GLY N 67 27.19 7.79 -19.74
CA GLY N 67 27.03 6.92 -20.93
C GLY N 67 27.28 5.46 -20.62
N LEU N 68 27.89 5.13 -19.48
CA LEU N 68 28.33 3.76 -19.17
C LEU N 68 27.26 3.04 -18.36
N GLU N 69 25.98 3.37 -18.55
CA GLU N 69 24.85 2.59 -17.92
C GLU N 69 23.52 2.87 -18.64
N ARG N 70 22.64 1.87 -18.60
CA ARG N 70 21.17 1.97 -18.77
C ARG N 70 20.49 2.01 -17.39
N PHE N 71 21.28 1.96 -16.30
CA PHE N 71 20.84 2.20 -14.90
C PHE N 71 20.24 3.61 -14.81
N ARG N 72 20.67 4.53 -15.68
CA ARG N 72 19.91 5.75 -16.06
C ARG N 72 18.50 5.29 -16.44
N SER N 73 17.46 6.08 -16.17
CA SER N 73 16.06 5.67 -16.45
C SER N 73 15.64 4.56 -15.47
N LEU N 74 16.56 4.11 -14.62
CA LEU N 74 16.28 3.36 -13.37
C LEU N 74 16.41 4.31 -12.18
N THR N 75 16.73 5.60 -12.44
CA THR N 75 16.93 6.69 -11.45
C THR N 75 15.66 6.88 -10.62
N THR N 76 14.50 6.61 -11.23
CA THR N 76 13.16 6.46 -10.57
C THR N 76 12.72 7.79 -9.94
N ALA N 77 13.54 8.83 -10.06
CA ALA N 77 13.24 10.24 -9.67
C ALA N 77 13.75 11.17 -10.79
N PHE N 78 15.04 11.08 -11.12
CA PHE N 78 15.71 11.89 -12.17
C PHE N 78 15.05 11.57 -13.52
N PHE N 79 14.97 10.30 -13.89
CA PHE N 79 14.25 9.83 -15.12
C PHE N 79 12.75 10.06 -14.93
N ARG N 80 12.21 9.65 -13.78
CA ARG N 80 10.76 9.70 -13.47
C ARG N 80 10.24 11.15 -13.53
N ASP N 81 11.06 12.12 -13.10
CA ASP N 81 10.67 13.55 -12.99
C ASP N 81 10.79 14.22 -14.37
N ALA N 82 11.56 13.65 -15.31
CA ALA N 82 11.83 14.22 -16.65
C ALA N 82 10.57 14.09 -17.53
N MET N 83 10.37 15.04 -18.44
CA MET N 83 9.12 15.22 -19.24
C MET N 83 9.34 14.80 -20.70
N GLY N 84 10.57 14.95 -21.20
CA GLY N 84 10.98 14.49 -22.54
C GLY N 84 12.38 13.89 -22.50
N PHE N 85 12.78 13.21 -23.57
CA PHE N 85 14.10 12.55 -23.68
C PHE N 85 14.76 13.01 -24.98
N LEU N 86 16.08 13.23 -24.96
CA LEU N 86 16.90 13.60 -26.15
C LEU N 86 17.94 12.50 -26.43
N LEU N 87 17.59 11.49 -27.23
CA LEU N 87 18.48 10.34 -27.55
C LEU N 87 19.50 10.79 -28.60
N LEU N 88 20.78 10.67 -28.31
CA LEU N 88 21.86 10.93 -29.31
C LEU N 88 22.53 9.62 -29.69
N PHE N 89 23.23 9.61 -30.82
CA PHE N 89 24.27 8.62 -31.19
C PHE N 89 25.35 9.32 -32.01
N ASP N 90 26.49 8.66 -32.17
CA ASP N 90 27.64 9.16 -32.96
C ASP N 90 27.51 8.61 -34.37
N LEU N 91 27.56 9.51 -35.37
CA LEU N 91 27.48 9.17 -36.81
C LEU N 91 28.80 8.54 -37.28
N THR N 92 29.77 8.39 -36.37
CA THR N 92 31.10 7.81 -36.69
C THR N 92 31.33 6.50 -35.90
N ASN N 93 30.36 5.99 -35.15
CA ASN N 93 30.38 4.54 -34.76
C ASN N 93 28.98 3.94 -34.86
N GLU N 94 28.87 2.81 -35.59
CA GLU N 94 27.60 2.12 -35.93
C GLU N 94 26.97 1.60 -34.63
N GLU N 95 27.81 1.07 -33.73
CA GLU N 95 27.37 0.46 -32.46
C GLU N 95 26.39 1.42 -31.78
N SER N 96 26.78 2.68 -31.60
CA SER N 96 25.96 3.73 -30.94
C SER N 96 24.58 3.77 -31.61
N PHE N 97 24.59 3.85 -32.94
CA PHE N 97 23.36 3.96 -33.77
C PHE N 97 22.49 2.73 -33.58
N LEU N 98 23.08 1.53 -33.62
CA LEU N 98 22.35 0.24 -33.54
C LEU N 98 21.61 0.13 -32.20
N ASN N 99 22.17 0.73 -31.13
CA ASN N 99 21.60 0.67 -29.76
C ASN N 99 20.33 1.52 -29.64
N VAL N 100 20.15 2.48 -30.56
CA VAL N 100 19.04 3.46 -30.52
C VAL N 100 17.72 2.69 -30.36
N ARG N 101 17.54 1.62 -31.14
CA ARG N 101 16.35 0.74 -31.05
C ARG N 101 16.18 0.32 -29.59
N ASN N 102 17.23 -0.28 -29.02
CA ASN N 102 17.22 -0.81 -27.63
C ASN N 102 16.92 0.35 -26.66
N TRP N 103 17.47 1.55 -26.91
CA TRP N 103 17.19 2.77 -26.09
C TRP N 103 15.72 3.15 -26.20
N ILE N 104 15.25 3.45 -27.43
CA ILE N 104 13.85 3.88 -27.71
C ILE N 104 12.93 2.83 -27.07
N SER N 105 13.23 1.55 -27.28
CA SER N 105 12.51 0.40 -26.68
C SER N 105 12.39 0.60 -25.16
N GLN N 106 13.52 0.61 -24.44
CA GLN N 106 13.57 0.60 -22.95
C GLN N 106 12.95 1.91 -22.41
N LEU N 107 12.99 3.01 -23.17
CA LEU N 107 12.32 4.29 -22.80
C LEU N 107 10.81 4.04 -22.73
N LYS N 108 10.21 3.61 -23.84
CA LYS N 108 8.75 3.34 -23.98
C LYS N 108 8.28 2.49 -22.79
N THR N 109 9.03 1.45 -22.43
CA THR N 109 8.66 0.47 -21.37
C THR N 109 8.72 1.14 -20.00
N HIS N 110 9.88 1.68 -19.62
CA HIS N 110 10.20 2.18 -18.25
C HIS N 110 9.68 3.61 -18.04
N ALA N 111 9.23 4.30 -19.10
CA ALA N 111 8.73 5.70 -19.04
C ALA N 111 7.28 5.72 -18.53
N TYR N 112 6.74 6.92 -18.27
CA TYR N 112 5.35 7.16 -17.84
C TYR N 112 4.39 6.78 -18.97
N SER N 113 4.29 7.63 -20.01
CA SER N 113 3.38 7.47 -21.17
C SER N 113 3.84 6.30 -22.05
N GLU N 114 2.90 5.62 -22.72
CA GLU N 114 3.18 4.57 -23.73
C GLU N 114 4.14 5.14 -24.78
N ASN N 115 3.78 6.30 -25.36
CA ASN N 115 4.62 7.06 -26.33
C ASN N 115 5.03 8.38 -25.69
N PRO N 116 6.24 8.44 -25.08
CA PRO N 116 6.80 9.69 -24.57
C PRO N 116 7.51 10.52 -25.64
N ASP N 117 7.80 11.78 -25.32
CA ASP N 117 8.30 12.81 -26.27
C ASP N 117 9.82 12.67 -26.40
N ILE N 118 10.27 12.21 -27.57
CA ILE N 118 11.70 11.87 -27.85
C ILE N 118 12.15 12.63 -29.09
N VAL N 119 13.40 13.10 -29.13
CA VAL N 119 14.05 13.65 -30.35
C VAL N 119 15.41 12.98 -30.53
N LEU N 120 15.62 12.31 -31.67
CA LEU N 120 16.89 11.58 -31.97
C LEU N 120 17.85 12.56 -32.65
N CYS N 121 19.07 12.69 -32.12
CA CYS N 121 20.16 13.47 -32.76
C CYS N 121 21.30 12.52 -33.16
N GLY N 122 21.77 12.63 -34.40
CA GLY N 122 23.02 12.00 -34.87
C GLY N 122 24.15 13.01 -34.79
N ASN N 123 24.99 12.89 -33.78
CA ASN N 123 25.97 13.96 -33.44
C ASN N 123 27.26 13.75 -34.22
N LYS N 124 28.20 14.69 -34.10
CA LYS N 124 29.58 14.61 -34.64
C LYS N 124 29.49 14.62 -36.17
N SER N 125 28.55 15.40 -36.72
CA SER N 125 28.29 15.48 -38.19
C SER N 125 29.46 16.18 -38.89
N ASP N 126 30.18 17.04 -38.16
CA ASP N 126 31.39 17.75 -38.66
C ASP N 126 32.45 16.74 -39.08
N LEU N 127 32.53 15.61 -38.37
CA LEU N 127 33.48 14.50 -38.69
C LEU N 127 33.02 13.82 -39.99
N GLU N 128 32.98 14.59 -41.08
CA GLU N 128 32.49 14.15 -42.41
C GLU N 128 33.33 12.93 -42.83
N ASP N 129 34.65 13.00 -42.58
CA ASP N 129 35.66 12.02 -43.05
C ASP N 129 35.48 10.66 -42.35
N GLU N 130 34.79 10.62 -41.20
CA GLU N 130 34.66 9.38 -40.38
C GLU N 130 33.19 8.95 -40.31
N ARG N 131 32.32 9.53 -41.13
CA ARG N 131 30.88 9.19 -41.15
C ARG N 131 30.73 7.71 -41.52
N VAL N 132 29.87 7.01 -40.81
CA VAL N 132 29.68 5.53 -40.93
C VAL N 132 28.18 5.23 -41.05
N VAL N 133 27.34 5.94 -40.30
CA VAL N 133 25.86 5.83 -40.43
C VAL N 133 25.44 6.64 -41.65
N ALA N 134 24.68 6.01 -42.55
CA ALA N 134 24.10 6.64 -43.76
C ALA N 134 22.79 7.34 -43.37
N ALA N 135 22.59 8.56 -43.89
CA ALA N 135 21.53 9.51 -43.47
C ALA N 135 20.13 8.91 -43.69
N ALA N 136 19.91 8.21 -44.80
CA ALA N 136 18.60 7.61 -45.16
C ALA N 136 18.22 6.59 -44.08
N GLU N 137 19.12 5.64 -43.83
CA GLU N 137 18.97 4.56 -42.83
C GLU N 137 18.55 5.18 -41.49
N ALA N 138 19.20 6.28 -41.10
CA ALA N 138 18.88 7.06 -39.89
C ALA N 138 17.44 7.57 -39.98
N ARG N 139 17.12 8.27 -41.08
CA ARG N 139 15.77 8.82 -41.35
C ARG N 139 14.74 7.68 -41.31
N GLN N 140 15.06 6.52 -41.88
CA GLN N 140 14.17 5.32 -41.88
C GLN N 140 13.88 4.93 -40.43
N LEU N 141 14.92 4.82 -39.60
CA LEU N 141 14.82 4.43 -38.17
C LEU N 141 13.88 5.43 -37.46
N ALA N 142 14.01 6.72 -37.79
CA ALA N 142 13.14 7.80 -37.28
C ALA N 142 11.69 7.55 -37.72
N GLU N 143 11.51 7.10 -38.97
CA GLU N 143 10.19 6.74 -39.56
C GLU N 143 9.52 5.63 -38.73
N HIS N 144 10.14 4.44 -38.56
CA HIS N 144 9.50 3.25 -37.91
C HIS N 144 8.95 3.67 -36.55
N TYR N 145 9.49 4.74 -35.93
CA TYR N 145 9.11 5.18 -34.56
C TYR N 145 8.36 6.51 -34.60
N GLY N 146 8.42 7.24 -35.71
CA GLY N 146 7.72 8.53 -35.86
C GLY N 146 8.18 9.52 -34.80
N ILE N 147 9.49 9.75 -34.76
CA ILE N 147 10.11 10.79 -33.90
C ILE N 147 11.07 11.61 -34.75
N PRO N 148 11.18 12.93 -34.47
CA PRO N 148 12.01 13.83 -35.28
C PRO N 148 13.49 13.44 -35.20
N TYR N 149 14.24 13.73 -36.25
CA TYR N 149 15.68 13.40 -36.37
C TYR N 149 16.44 14.64 -36.85
N PHE N 150 17.59 14.93 -36.24
CA PHE N 150 18.52 16.02 -36.63
C PHE N 150 19.95 15.49 -36.64
N GLU N 151 20.72 15.88 -37.66
CA GLU N 151 22.18 15.62 -37.76
C GLU N 151 22.90 16.82 -37.14
N THR N 152 23.39 16.63 -35.92
CA THR N 152 23.90 17.71 -35.04
C THR N 152 25.43 17.68 -35.03
N SER N 153 26.02 18.80 -34.61
CA SER N 153 27.44 18.95 -34.22
C SER N 153 27.54 19.93 -33.05
N ALA N 154 28.15 19.50 -31.95
CA ALA N 154 28.43 20.38 -30.78
C ALA N 154 29.63 21.25 -31.10
N ALA N 155 30.42 20.87 -32.11
CA ALA N 155 31.58 21.64 -32.60
C ALA N 155 31.09 22.83 -33.43
N ASN N 156 30.13 22.63 -34.34
CA ASN N 156 29.58 23.64 -35.27
C ASN N 156 28.39 24.38 -34.65
N GLY N 157 27.62 23.70 -33.82
CA GLY N 157 26.31 24.16 -33.34
C GLY N 157 25.18 23.76 -34.28
N THR N 158 25.52 23.19 -35.45
CA THR N 158 24.54 22.82 -36.51
C THR N 158 23.38 22.06 -35.89
N ASN N 159 22.16 22.56 -36.05
CA ASN N 159 20.89 21.85 -35.73
C ASN N 159 20.74 21.62 -34.22
N ILE N 160 21.66 22.11 -33.41
CA ILE N 160 21.60 21.90 -31.93
C ILE N 160 20.34 22.56 -31.41
N SER N 161 20.25 23.88 -31.58
CA SER N 161 19.14 24.74 -31.06
C SER N 161 17.81 24.21 -31.61
N GLN N 162 17.76 23.95 -32.92
CA GLN N 162 16.60 23.37 -33.64
C GLN N 162 16.12 22.16 -32.83
N ALA N 163 17.01 21.17 -32.71
CA ALA N 163 16.76 19.87 -32.03
C ALA N 163 16.16 20.08 -30.64
N ILE N 164 16.80 20.86 -29.77
CA ILE N 164 16.34 21.07 -28.36
C ILE N 164 14.99 21.83 -28.41
N GLU N 165 14.87 22.85 -29.26
CA GLU N 165 13.65 23.71 -29.40
C GLU N 165 12.46 22.82 -29.80
N MET N 166 12.69 21.84 -30.67
CA MET N 166 11.67 20.83 -31.08
C MET N 166 11.17 20.09 -29.83
N LEU N 167 12.09 19.52 -29.05
CA LEU N 167 11.74 18.74 -27.83
C LEU N 167 10.93 19.65 -26.89
N LEU N 168 11.33 20.91 -26.74
CA LEU N 168 10.60 21.92 -25.92
C LEU N 168 9.18 22.06 -26.47
N ASP N 169 9.06 22.25 -27.79
CA ASP N 169 7.77 22.47 -28.50
C ASP N 169 6.87 21.24 -28.29
N LEU N 170 7.43 20.02 -28.36
CA LEU N 170 6.66 18.75 -28.23
C LEU N 170 5.96 18.71 -26.86
N ILE N 171 6.74 18.89 -25.79
CA ILE N 171 6.23 18.70 -24.39
C ILE N 171 5.38 19.91 -24.00
N MET N 172 5.66 21.09 -24.55
CA MET N 172 4.80 22.29 -24.40
C MET N 172 3.41 21.96 -24.96
N LYS N 173 3.36 21.30 -26.12
CA LYS N 173 2.11 20.78 -26.75
C LYS N 173 1.43 19.80 -25.80
N ARG N 174 2.17 18.82 -25.28
CA ARG N 174 1.67 17.81 -24.30
C ARG N 174 1.07 18.53 -23.09
N MET N 175 1.77 19.54 -22.56
CA MET N 175 1.34 20.35 -21.38
C MET N 175 0.01 21.05 -21.72
N GLU N 176 -0.07 21.66 -22.91
CA GLU N 176 -1.26 22.43 -23.40
C GLU N 176 -2.45 21.48 -23.62
N ARG N 177 -2.23 20.34 -24.28
CA ARG N 177 -3.27 19.29 -24.54
C ARG N 177 -3.96 18.89 -23.23
N SER N 178 -3.22 18.90 -22.11
CA SER N 178 -3.73 18.71 -20.73
C SER N 178 -4.27 20.03 -20.17
N TYR O 8 -10.72 -31.71 7.46
CA TYR O 8 -11.91 -32.60 7.72
C TYR O 8 -12.86 -31.94 8.73
N LEU O 9 -12.61 -30.68 9.08
CA LEU O 9 -13.65 -29.64 9.25
C LEU O 9 -14.24 -29.40 7.86
N ILE O 10 -15.54 -29.64 7.69
CA ILE O 10 -16.26 -29.43 6.40
C ILE O 10 -17.29 -28.32 6.63
N LYS O 11 -17.23 -27.26 5.82
CA LYS O 11 -18.15 -26.09 5.87
C LYS O 11 -18.99 -26.06 4.59
N PHE O 12 -20.31 -25.98 4.73
CA PHE O 12 -21.20 -25.54 3.62
C PHE O 12 -22.25 -24.57 4.17
N LEU O 13 -22.96 -23.91 3.26
CA LEU O 13 -23.88 -22.78 3.52
C LEU O 13 -25.28 -23.13 3.02
N ALA O 14 -26.30 -22.97 3.86
CA ALA O 14 -27.72 -23.12 3.50
C ALA O 14 -28.28 -21.75 3.12
N LEU O 15 -28.93 -21.64 1.97
CA LEU O 15 -29.48 -20.35 1.51
C LEU O 15 -30.73 -20.59 0.67
N GLY O 16 -31.37 -19.50 0.26
CA GLY O 16 -32.72 -19.50 -0.32
C GLY O 16 -33.49 -18.32 0.22
N ASP O 17 -34.82 -18.33 0.06
CA ASP O 17 -35.69 -17.17 0.39
C ASP O 17 -36.14 -17.29 1.84
N SER O 18 -36.67 -16.20 2.39
CA SER O 18 -37.28 -16.15 3.74
C SER O 18 -38.56 -17.00 3.75
N GLY O 19 -38.63 -18.01 4.63
CA GLY O 19 -39.83 -18.84 4.87
C GLY O 19 -39.65 -20.26 4.34
N VAL O 20 -38.61 -20.47 3.55
CA VAL O 20 -38.26 -21.78 2.94
C VAL O 20 -38.23 -22.84 4.04
N GLY O 21 -37.37 -22.63 5.04
CA GLY O 21 -37.26 -23.48 6.24
C GLY O 21 -35.84 -23.99 6.46
N LYS O 22 -34.82 -23.18 6.14
CA LYS O 22 -33.40 -23.61 6.16
C LYS O 22 -32.87 -23.61 7.61
N THR O 23 -33.54 -22.90 8.51
CA THR O 23 -33.23 -22.91 9.96
C THR O 23 -33.83 -24.18 10.56
N SER O 24 -35.08 -24.48 10.20
CA SER O 24 -35.83 -25.67 10.69
C SER O 24 -35.15 -26.94 10.18
N VAL O 25 -34.57 -26.86 8.97
CA VAL O 25 -33.95 -28.02 8.25
C VAL O 25 -32.62 -28.35 8.91
N LEU O 26 -31.79 -27.36 9.25
CA LEU O 26 -30.48 -27.64 9.87
C LEU O 26 -30.70 -28.27 11.25
N TYR O 27 -31.73 -27.82 11.98
CA TYR O 27 -32.04 -28.30 13.34
C TYR O 27 -32.60 -29.74 13.29
N GLN O 28 -33.41 -30.08 12.27
CA GLN O 28 -33.88 -31.47 12.08
C GLN O 28 -32.67 -32.38 11.92
N TYR O 29 -31.64 -31.92 11.19
CA TYR O 29 -30.42 -32.73 10.91
C TYR O 29 -29.51 -32.78 12.15
N THR O 30 -29.08 -31.61 12.65
CA THR O 30 -28.16 -31.51 13.82
C THR O 30 -28.76 -32.29 15.00
N ASP O 31 -30.05 -32.09 15.31
CA ASP O 31 -30.68 -32.49 16.59
C ASP O 31 -31.86 -33.47 16.41
N GLY O 32 -32.23 -33.84 15.18
CA GLY O 32 -33.17 -34.94 14.91
C GLY O 32 -34.59 -34.66 15.39
N LYS O 33 -34.97 -33.39 15.53
CA LYS O 33 -36.33 -32.98 15.94
C LYS O 33 -36.69 -31.66 15.24
N PHE O 34 -37.86 -31.12 15.53
CA PHE O 34 -38.45 -29.96 14.79
C PHE O 34 -38.92 -28.90 15.79
N ASN O 35 -38.22 -27.75 15.85
CA ASN O 35 -38.72 -26.51 16.51
C ASN O 35 -39.58 -25.78 15.46
N SER O 36 -40.88 -25.68 15.70
CA SER O 36 -41.82 -24.94 14.82
C SER O 36 -41.62 -23.43 15.02
N LYS O 37 -41.11 -23.01 16.18
CA LYS O 37 -40.79 -21.60 16.49
C LYS O 37 -39.45 -21.24 15.83
N PHE O 38 -39.41 -20.17 15.07
CA PHE O 38 -38.17 -19.65 14.47
C PHE O 38 -38.44 -18.20 14.07
N ILE O 39 -37.79 -17.27 14.76
CA ILE O 39 -37.73 -15.84 14.36
C ILE O 39 -37.12 -15.84 12.94
N THR O 40 -37.67 -15.06 12.02
CA THR O 40 -37.08 -14.89 10.67
C THR O 40 -35.66 -14.34 10.91
N THR O 41 -34.67 -15.25 10.93
CA THR O 41 -33.22 -15.01 11.11
C THR O 41 -32.76 -13.60 10.73
N VAL O 42 -32.05 -12.92 11.66
CA VAL O 42 -31.50 -11.53 11.47
C VAL O 42 -29.97 -11.60 11.32
N GLY O 43 -29.32 -12.59 11.96
CA GLY O 43 -27.85 -12.62 12.11
C GLY O 43 -27.19 -13.52 11.06
N ILE O 44 -26.13 -14.22 11.47
CA ILE O 44 -25.38 -15.23 10.65
C ILE O 44 -24.94 -16.34 11.61
N ASP O 45 -25.81 -17.31 11.85
CA ASP O 45 -25.58 -18.42 12.80
C ASP O 45 -24.87 -19.57 12.07
N PHE O 46 -24.46 -20.59 12.82
CA PHE O 46 -24.17 -21.95 12.29
C PHE O 46 -24.30 -22.94 13.45
N ARG O 47 -24.74 -24.16 13.13
CA ARG O 47 -24.65 -25.34 14.02
C ARG O 47 -23.48 -26.18 13.52
N GLU O 48 -22.70 -26.78 14.43
CA GLU O 48 -21.66 -27.77 14.06
C GLU O 48 -21.93 -29.06 14.84
N LYS O 49 -21.23 -30.12 14.44
CA LYS O 49 -21.53 -31.54 14.76
C LYS O 49 -20.49 -32.40 14.04
N THR O 50 -20.01 -33.45 14.73
CA THR O 50 -19.00 -34.39 14.20
C THR O 50 -19.74 -35.60 13.63
N ILE O 51 -19.45 -35.97 12.37
CA ILE O 51 -20.06 -37.12 11.65
C ILE O 51 -18.94 -38.07 11.21
N TYR O 52 -19.25 -39.36 11.06
CA TYR O 52 -18.37 -40.41 10.48
C TYR O 52 -19.03 -40.94 9.21
N ARG O 53 -18.49 -40.62 8.03
CA ARG O 53 -19.08 -41.00 6.71
C ARG O 53 -18.27 -42.15 6.11
N ASN O 54 -17.18 -41.85 5.40
CA ASN O 54 -16.28 -42.85 4.78
C ASN O 54 -15.13 -43.16 5.75
N ASP O 55 -15.46 -43.73 6.92
CA ASP O 55 -14.53 -44.09 8.02
C ASP O 55 -13.53 -42.95 8.23
N LYS O 56 -14.03 -41.73 8.42
CA LYS O 56 -13.21 -40.49 8.51
C LYS O 56 -13.77 -39.55 9.59
N ARG O 57 -12.96 -38.54 9.97
CA ARG O 57 -13.35 -37.46 10.91
C ARG O 57 -14.03 -36.33 10.12
N ILE O 58 -15.32 -36.08 10.36
CA ILE O 58 -16.06 -34.93 9.77
C ILE O 58 -16.61 -34.05 10.90
N LYS O 59 -15.96 -32.91 11.18
CA LYS O 59 -16.56 -31.76 11.91
C LYS O 59 -17.38 -30.96 10.87
N LEU O 60 -18.65 -31.32 10.69
CA LEU O 60 -19.57 -30.65 9.72
C LEU O 60 -20.02 -29.33 10.36
N GLN O 61 -19.88 -28.23 9.63
CA GLN O 61 -20.22 -26.85 10.06
C GLN O 61 -21.34 -26.36 9.13
N LEU O 62 -22.57 -26.29 9.67
CA LEU O 62 -23.81 -25.98 8.91
C LEU O 62 -24.14 -24.48 9.07
N TRP O 63 -23.71 -23.65 8.12
CA TRP O 63 -23.90 -22.17 8.18
C TRP O 63 -25.30 -21.79 7.67
N ASP O 64 -26.05 -21.09 8.51
CA ASP O 64 -27.41 -20.56 8.21
C ASP O 64 -27.22 -19.11 7.74
N THR O 65 -28.13 -18.62 6.90
CA THR O 65 -28.12 -17.23 6.37
C THR O 65 -29.50 -16.60 6.60
N ALA O 66 -29.53 -15.27 6.55
CA ALA O 66 -30.78 -14.48 6.54
C ALA O 66 -31.38 -14.55 5.14
N GLY O 67 -32.67 -14.91 5.07
CA GLY O 67 -33.42 -15.07 3.81
C GLY O 67 -33.70 -13.74 3.13
N LEU O 68 -33.53 -12.61 3.82
CA LEU O 68 -33.93 -11.29 3.29
C LEU O 68 -32.73 -10.60 2.63
N GLU O 69 -31.79 -11.36 2.06
CA GLU O 69 -30.67 -10.77 1.25
C GLU O 69 -30.04 -11.83 0.34
N ARG O 70 -29.50 -11.35 -0.79
CA ARG O 70 -28.44 -12.00 -1.60
C ARG O 70 -27.07 -11.38 -1.24
N PHE O 71 -27.04 -10.43 -0.30
CA PHE O 71 -25.81 -9.88 0.34
C PHE O 71 -25.04 -11.04 1.00
N ARG O 72 -25.74 -12.11 1.39
CA ARG O 72 -25.13 -13.46 1.59
C ARG O 72 -24.37 -13.79 0.31
N SER O 73 -23.25 -14.52 0.39
CA SER O 73 -22.40 -14.81 -0.79
C SER O 73 -21.70 -13.52 -1.25
N LEU O 74 -21.97 -12.40 -0.60
CA LEU O 74 -21.14 -11.16 -0.61
C LEU O 74 -20.36 -11.09 0.70
N THR O 75 -20.52 -12.10 1.59
CA THR O 75 -19.88 -12.23 2.93
C THR O 75 -18.36 -12.25 2.77
N THR O 76 -17.87 -12.79 1.64
CA THR O 76 -16.47 -12.68 1.13
C THR O 76 -15.50 -13.41 2.08
N ALA O 77 -16.03 -14.00 3.17
CA ALA O 77 -15.31 -14.87 4.11
C ALA O 77 -16.20 -16.07 4.44
N PHE O 78 -17.42 -15.81 4.93
CA PHE O 78 -18.43 -16.83 5.30
C PHE O 78 -18.79 -17.64 4.05
N PHE O 79 -19.19 -16.96 2.97
CA PHE O 79 -19.47 -17.60 1.65
C PHE O 79 -18.15 -18.11 1.07
N ARG O 80 -17.10 -17.28 1.08
CA ARG O 80 -15.78 -17.58 0.46
C ARG O 80 -15.17 -18.83 1.11
N ASP O 81 -15.36 -19.01 2.41
CA ASP O 81 -14.73 -20.11 3.20
C ASP O 81 -15.53 -21.41 3.02
N ALA O 82 -16.80 -21.32 2.59
CA ALA O 82 -17.72 -22.47 2.44
C ALA O 82 -17.32 -23.32 1.21
N MET O 83 -17.55 -24.63 1.28
CA MET O 83 -17.03 -25.65 0.31
C MET O 83 -18.17 -26.18 -0.56
N GLY O 84 -19.40 -26.21 -0.04
CA GLY O 84 -20.62 -26.58 -0.78
C GLY O 84 -21.79 -25.70 -0.39
N PHE O 85 -22.88 -25.77 -1.13
CA PHE O 85 -24.09 -24.93 -0.91
C PHE O 85 -25.31 -25.88 -0.87
N LEU O 86 -26.28 -25.60 0.00
CA LEU O 86 -27.57 -26.32 0.11
C LEU O 86 -28.73 -25.36 -0.20
N LEU O 87 -29.12 -25.24 -1.48
CA LEU O 87 -30.19 -24.32 -1.94
C LEU O 87 -31.55 -24.96 -1.62
N LEU O 88 -32.38 -24.27 -0.85
CA LEU O 88 -33.77 -24.74 -0.58
C LEU O 88 -34.76 -23.83 -1.28
N PHE O 89 -35.98 -24.31 -1.46
CA PHE O 89 -37.20 -23.50 -1.74
C PHE O 89 -38.41 -24.17 -1.09
N ASP O 90 -39.50 -23.42 -0.98
CA ASP O 90 -40.78 -23.92 -0.40
C ASP O 90 -41.64 -24.42 -1.56
N LEU O 91 -42.12 -25.65 -1.44
CA LEU O 91 -43.00 -26.32 -2.43
C LEU O 91 -44.41 -25.74 -2.36
N THR O 92 -44.64 -24.76 -1.47
CA THR O 92 -45.97 -24.12 -1.29
C THR O 92 -45.90 -22.63 -1.63
N ASN O 93 -44.78 -22.08 -2.11
CA ASN O 93 -44.82 -20.80 -2.87
C ASN O 93 -43.91 -20.88 -4.11
N GLU O 94 -44.46 -20.54 -5.27
CA GLU O 94 -43.81 -20.64 -6.61
C GLU O 94 -42.64 -19.67 -6.64
N GLU O 95 -42.83 -18.46 -6.08
CA GLU O 95 -41.83 -17.37 -6.10
C GLU O 95 -40.48 -17.97 -5.66
N SER O 96 -40.45 -18.65 -4.51
CA SER O 96 -39.22 -19.26 -3.93
C SER O 96 -38.56 -20.14 -5.00
N PHE O 97 -39.35 -21.01 -5.61
CA PHE O 97 -38.90 -21.99 -6.62
C PHE O 97 -38.32 -21.24 -7.84
N LEU O 98 -39.02 -20.22 -8.33
CA LEU O 98 -38.64 -19.46 -9.56
C LEU O 98 -37.27 -18.80 -9.35
N ASN O 99 -36.93 -18.40 -8.11
CA ASN O 99 -35.68 -17.69 -7.78
C ASN O 99 -34.49 -18.63 -7.85
N VAL O 100 -34.73 -19.94 -7.76
CA VAL O 100 -33.65 -20.98 -7.71
C VAL O 100 -32.67 -20.73 -8.86
N ARG O 101 -33.20 -20.48 -10.06
CA ARG O 101 -32.38 -20.16 -11.27
C ARG O 101 -31.45 -19.01 -10.90
N ASN O 102 -32.02 -17.89 -10.44
CA ASN O 102 -31.27 -16.65 -10.09
C ASN O 102 -30.25 -17.00 -8.98
N TRP O 103 -30.61 -17.86 -8.02
CA TRP O 103 -29.67 -18.33 -6.94
C TRP O 103 -28.52 -19.13 -7.56
N ILE O 104 -28.85 -20.23 -8.24
CA ILE O 104 -27.86 -21.16 -8.88
C ILE O 104 -26.94 -20.28 -9.75
N SER O 105 -27.54 -19.38 -10.53
CA SER O 105 -26.83 -18.40 -11.38
C SER O 105 -25.77 -17.66 -10.55
N GLN O 106 -26.21 -16.87 -9.56
CA GLN O 106 -25.35 -15.94 -8.78
C GLN O 106 -24.31 -16.75 -7.98
N LEU O 107 -24.60 -18.01 -7.62
CA LEU O 107 -23.62 -18.92 -6.96
C LEU O 107 -22.45 -19.16 -7.91
N LYS O 108 -22.76 -19.71 -9.09
CA LYS O 108 -21.76 -20.06 -10.15
C LYS O 108 -20.82 -18.86 -10.37
N THR O 109 -21.37 -17.66 -10.47
CA THR O 109 -20.62 -16.42 -10.80
C THR O 109 -19.70 -16.04 -9.63
N HIS O 110 -20.27 -15.85 -8.43
CA HIS O 110 -19.58 -15.27 -7.24
C HIS O 110 -18.77 -16.34 -6.48
N ALA O 111 -18.96 -17.63 -6.81
CA ALA O 111 -18.28 -18.76 -6.13
C ALA O 111 -16.85 -18.93 -6.68
N TYR O 112 -16.08 -19.80 -6.04
CA TYR O 112 -14.68 -20.16 -6.43
C TYR O 112 -14.72 -20.90 -7.78
N SER O 113 -15.13 -22.16 -7.78
CA SER O 113 -15.17 -23.05 -8.97
C SER O 113 -16.27 -22.61 -9.92
N GLU O 114 -16.09 -22.84 -11.24
CA GLU O 114 -17.11 -22.59 -12.29
C GLU O 114 -18.39 -23.34 -11.90
N ASN O 115 -18.26 -24.65 -11.62
CA ASN O 115 -19.37 -25.53 -11.13
C ASN O 115 -19.07 -25.94 -9.69
N PRO O 116 -19.61 -25.22 -8.68
CA PRO O 116 -19.50 -25.64 -7.28
C PRO O 116 -20.57 -26.66 -6.87
N ASP O 117 -20.36 -27.29 -5.71
CA ASP O 117 -21.12 -28.48 -5.25
C ASP O 117 -22.41 -28.01 -4.57
N ILE O 118 -23.56 -28.25 -5.20
CA ILE O 118 -24.89 -27.75 -4.77
C ILE O 118 -25.84 -28.93 -4.65
N VAL O 119 -26.74 -28.91 -3.67
CA VAL O 119 -27.89 -29.85 -3.55
C VAL O 119 -29.18 -29.05 -3.35
N LEU O 120 -30.15 -29.18 -4.25
CA LEU O 120 -31.44 -28.45 -4.20
C LEU O 120 -32.43 -29.26 -3.36
N CYS O 121 -33.01 -28.65 -2.33
CA CYS O 121 -34.11 -29.26 -1.53
C CYS O 121 -35.40 -28.47 -1.73
N GLY O 122 -36.50 -29.16 -2.03
CA GLY O 122 -37.87 -28.59 -2.01
C GLY O 122 -38.51 -28.92 -0.69
N ASN O 123 -38.57 -27.95 0.22
CA ASN O 123 -38.94 -28.21 1.63
C ASN O 123 -40.46 -28.13 1.80
N LYS O 124 -40.93 -28.46 3.01
CA LYS O 124 -42.34 -28.29 3.42
C LYS O 124 -43.20 -29.26 2.61
N SER O 125 -42.68 -30.46 2.33
CA SER O 125 -43.34 -31.51 1.50
C SER O 125 -44.55 -32.08 2.27
N ASP O 126 -44.51 -32.02 3.60
CA ASP O 126 -45.62 -32.46 4.48
C ASP O 126 -46.88 -31.65 4.17
N LEU O 127 -46.72 -30.37 3.82
CA LEU O 127 -47.84 -29.47 3.45
C LEU O 127 -48.39 -29.92 2.08
N GLU O 128 -48.89 -31.15 2.02
CA GLU O 128 -49.39 -31.80 0.79
C GLU O 128 -50.52 -30.91 0.23
N ASP O 129 -51.38 -30.40 1.12
CA ASP O 129 -52.62 -29.64 0.78
C ASP O 129 -52.29 -28.28 0.16
N GLU O 130 -51.07 -27.76 0.31
CA GLU O 130 -50.69 -26.40 -0.16
C GLU O 130 -49.58 -26.52 -1.22
N ARG O 131 -49.32 -27.71 -1.73
CA ARG O 131 -48.26 -27.93 -2.75
C ARG O 131 -48.63 -27.14 -4.01
N VAL O 132 -47.65 -26.46 -4.59
CA VAL O 132 -47.84 -25.52 -5.73
C VAL O 132 -46.81 -25.86 -6.82
N VAL O 133 -45.58 -26.18 -6.43
CA VAL O 133 -44.52 -26.66 -7.36
C VAL O 133 -44.80 -28.13 -7.66
N ALA O 134 -44.89 -28.48 -8.95
CA ALA O 134 -45.06 -29.87 -9.44
C ALA O 134 -43.68 -30.55 -9.50
N ALA O 135 -43.62 -31.80 -9.05
CA ALA O 135 -42.37 -32.57 -8.78
C ALA O 135 -41.51 -32.70 -10.04
N ALA O 136 -42.14 -32.97 -11.19
CA ALA O 136 -41.45 -33.17 -12.47
C ALA O 136 -40.69 -31.90 -12.84
N GLU O 137 -41.41 -30.77 -12.86
CA GLU O 137 -40.88 -29.42 -13.17
C GLU O 137 -39.63 -29.18 -12.32
N ALA O 138 -39.70 -29.51 -11.03
CA ALA O 138 -38.58 -29.42 -10.07
C ALA O 138 -37.43 -30.30 -10.56
N ARG O 139 -37.71 -31.59 -10.80
CA ARG O 139 -36.74 -32.59 -11.30
C ARG O 139 -36.11 -32.07 -12.61
N GLN O 140 -36.92 -31.49 -13.50
CA GLN O 140 -36.45 -30.91 -14.80
C GLN O 140 -35.42 -29.83 -14.50
N LEU O 141 -35.74 -28.89 -13.59
CA LEU O 141 -34.85 -27.76 -13.19
C LEU O 141 -33.53 -28.34 -12.68
N ALA O 142 -33.59 -29.44 -11.92
CA ALA O 142 -32.42 -30.18 -11.41
C ALA O 142 -31.61 -30.73 -12.60
N GLU O 143 -32.31 -31.24 -13.63
CA GLU O 143 -31.71 -31.76 -14.88
C GLU O 143 -30.90 -30.66 -15.57
N HIS O 144 -31.48 -29.50 -15.96
CA HIS O 144 -30.80 -28.45 -16.77
C HIS O 144 -29.46 -28.08 -16.11
N TYR O 145 -29.32 -28.30 -14.79
CA TYR O 145 -28.12 -27.89 -14.01
C TYR O 145 -27.32 -29.12 -13.55
N GLY O 146 -27.92 -30.31 -13.61
CA GLY O 146 -27.23 -31.55 -13.19
C GLY O 146 -26.76 -31.47 -11.75
N ILE O 147 -27.71 -31.18 -10.86
CA ILE O 147 -27.48 -31.21 -9.38
C ILE O 147 -28.61 -32.01 -8.74
N PRO O 148 -28.29 -32.77 -7.66
CA PRO O 148 -29.28 -33.65 -7.03
C PRO O 148 -30.44 -32.85 -6.43
N TYR O 149 -31.62 -33.48 -6.37
CA TYR O 149 -32.86 -32.85 -5.85
C TYR O 149 -33.52 -33.81 -4.85
N PHE O 150 -33.97 -33.28 -3.72
CA PHE O 150 -34.75 -34.01 -2.68
C PHE O 150 -35.96 -33.18 -2.25
N GLU O 151 -37.10 -33.84 -2.09
CA GLU O 151 -38.33 -33.27 -1.50
C GLU O 151 -38.29 -33.52 0.00
N THR O 152 -37.96 -32.48 0.76
CA THR O 152 -37.64 -32.57 2.20
C THR O 152 -38.81 -32.05 3.02
N SER O 153 -38.82 -32.41 4.31
CA SER O 153 -39.66 -31.83 5.38
C SER O 153 -38.85 -31.80 6.67
N ALA O 154 -38.72 -30.62 7.28
CA ALA O 154 -38.08 -30.44 8.60
C ALA O 154 -39.05 -30.88 9.69
N ALA O 155 -40.34 -30.98 9.34
CA ALA O 155 -41.40 -31.47 10.25
C ALA O 155 -41.33 -33.00 10.37
N ASN O 156 -41.15 -33.71 9.24
CA ASN O 156 -41.13 -35.20 9.15
C ASN O 156 -39.70 -35.73 9.32
N GLY O 157 -38.72 -34.96 8.85
CA GLY O 157 -37.32 -35.42 8.69
C GLY O 157 -37.09 -36.07 7.33
N THR O 158 -38.16 -36.28 6.55
CA THR O 158 -38.11 -36.97 5.23
C THR O 158 -36.97 -36.40 4.39
N ASN O 159 -36.03 -37.24 3.98
CA ASN O 159 -34.99 -36.93 2.97
C ASN O 159 -34.00 -35.88 3.50
N ILE O 160 -34.13 -35.45 4.75
CA ILE O 160 -33.23 -34.41 5.32
C ILE O 160 -31.80 -34.96 5.33
N SER O 161 -31.60 -36.05 6.07
CA SER O 161 -30.29 -36.71 6.28
C SER O 161 -29.68 -37.08 4.93
N GLN O 162 -30.49 -37.71 4.07
CA GLN O 162 -30.11 -38.10 2.69
C GLN O 162 -29.48 -36.87 2.02
N ALA O 163 -30.26 -35.81 1.90
CA ALA O 163 -29.91 -34.54 1.24
C ALA O 163 -28.56 -34.02 1.76
N ILE O 164 -28.39 -33.84 3.08
CA ILE O 164 -27.14 -33.28 3.66
C ILE O 164 -25.98 -34.27 3.40
N GLU O 165 -26.22 -35.57 3.59
CA GLU O 165 -25.20 -36.65 3.42
C GLU O 165 -24.68 -36.63 1.97
N MET O 166 -25.57 -36.38 1.00
CA MET O 166 -25.22 -36.23 -0.44
C MET O 166 -24.21 -35.09 -0.59
N LEU O 167 -24.55 -33.90 -0.08
CA LEU O 167 -23.69 -32.69 -0.17
C LEU O 167 -22.32 -33.01 0.46
N LEU O 168 -22.31 -33.70 1.61
CA LEU O 168 -21.06 -34.15 2.28
C LEU O 168 -20.27 -35.03 1.31
N ASP O 169 -20.93 -36.04 0.72
CA ASP O 169 -20.34 -37.04 -0.21
C ASP O 169 -19.75 -36.30 -1.43
N LEU O 170 -20.44 -35.29 -1.96
CA LEU O 170 -20.00 -34.53 -3.17
C LEU O 170 -18.64 -33.88 -2.89
N ILE O 171 -18.54 -33.10 -1.82
CA ILE O 171 -17.35 -32.26 -1.51
C ILE O 171 -16.23 -33.15 -0.98
N MET O 172 -16.57 -34.25 -0.32
CA MET O 172 -15.59 -35.30 0.09
C MET O 172 -14.91 -35.85 -1.18
N LYS O 173 -15.71 -36.11 -2.23
CA LYS O 173 -15.21 -36.51 -3.59
C LYS O 173 -14.29 -35.43 -4.14
N ARG O 174 -14.72 -34.16 -4.12
CA ARG O 174 -13.93 -32.99 -4.59
C ARG O 174 -12.60 -32.95 -3.84
N MET O 175 -12.63 -33.13 -2.50
CA MET O 175 -11.44 -33.13 -1.61
C MET O 175 -10.49 -34.25 -2.04
N GLU O 176 -11.03 -35.46 -2.28
CA GLU O 176 -10.27 -36.68 -2.67
C GLU O 176 -9.65 -36.51 -4.06
N ARG O 177 -10.43 -36.03 -5.04
CA ARG O 177 -9.99 -35.75 -6.45
C ARG O 177 -8.73 -34.87 -6.43
N SER O 178 -8.62 -33.96 -5.47
CA SER O 178 -7.42 -33.13 -5.17
C SER O 178 -6.42 -33.90 -4.31
N TYR P 8 5.14 -13.35 -26.09
CA TYR P 8 6.07 -14.03 -27.05
C TYR P 8 7.27 -13.12 -27.37
N LEU P 9 7.39 -11.99 -26.67
CA LEU P 9 8.69 -11.46 -26.17
C LEU P 9 9.16 -12.45 -25.11
N ILE P 10 10.33 -13.05 -25.31
CA ILE P 10 10.95 -14.00 -24.34
C ILE P 10 12.24 -13.38 -23.83
N LYS P 11 12.37 -13.22 -22.51
CA LYS P 11 13.54 -12.63 -21.83
C LYS P 11 14.23 -13.70 -21.00
N PHE P 12 15.55 -13.87 -21.17
CA PHE P 12 16.41 -14.57 -20.19
C PHE P 12 17.69 -13.77 -19.99
N LEU P 13 18.46 -14.16 -18.97
CA LEU P 13 19.65 -13.44 -18.46
C LEU P 13 20.87 -14.36 -18.51
N ALA P 14 21.97 -13.89 -19.10
CA ALA P 14 23.27 -14.59 -19.12
C ALA P 14 24.11 -14.07 -17.95
N LEU P 15 24.67 -14.97 -17.15
CA LEU P 15 25.46 -14.57 -15.97
C LEU P 15 26.53 -15.62 -15.71
N GLY P 16 27.38 -15.34 -14.71
CA GLY P 16 28.64 -16.07 -14.46
C GLY P 16 29.72 -15.08 -14.08
N ASP P 17 30.98 -15.50 -14.11
CA ASP P 17 32.12 -14.71 -13.61
C ASP P 17 32.66 -13.85 -14.76
N SER P 18 33.48 -12.87 -14.43
CA SER P 18 34.22 -12.01 -15.39
C SER P 18 35.25 -12.88 -16.12
N GLY P 19 35.17 -12.94 -17.46
CA GLY P 19 36.15 -13.61 -18.33
C GLY P 19 35.59 -14.87 -18.97
N VAL P 20 34.45 -15.33 -18.45
CA VAL P 20 33.75 -16.55 -18.92
C VAL P 20 33.56 -16.45 -20.43
N GLY P 21 32.87 -15.39 -20.89
CA GLY P 21 32.66 -15.07 -22.32
C GLY P 21 31.20 -14.91 -22.68
N LYS P 22 30.38 -14.35 -21.78
CA LYS P 22 28.90 -14.30 -21.94
C LYS P 22 28.52 -13.15 -22.89
N THR P 23 29.42 -12.19 -23.11
CA THR P 23 29.24 -11.11 -24.11
C THR P 23 29.59 -11.68 -25.48
N SER P 24 30.68 -12.41 -25.58
CA SER P 24 31.16 -13.04 -26.83
C SER P 24 30.15 -14.10 -27.29
N VAL P 25 29.50 -14.76 -26.34
CA VAL P 25 28.56 -15.89 -26.57
C VAL P 25 27.24 -15.35 -27.12
N LEU P 26 26.72 -14.25 -26.58
CA LEU P 26 25.43 -13.69 -27.07
C LEU P 26 25.62 -13.18 -28.50
N TYR P 27 26.79 -12.61 -28.81
CA TYR P 27 27.11 -12.04 -30.14
C TYR P 27 27.29 -13.17 -31.16
N GLN P 28 27.90 -14.29 -30.78
CA GLN P 28 28.01 -15.47 -31.68
C GLN P 28 26.60 -15.91 -32.08
N TYR P 29 25.64 -15.87 -31.14
CA TYR P 29 24.25 -16.32 -31.37
C TYR P 29 23.48 -15.27 -32.18
N THR P 30 23.38 -14.04 -31.67
CA THR P 30 22.63 -12.93 -32.32
C THR P 30 23.13 -12.77 -33.77
N ASP P 31 24.46 -12.72 -33.98
CA ASP P 31 25.08 -12.22 -35.23
C ASP P 31 25.97 -13.29 -35.92
N GLY P 32 26.12 -14.48 -35.35
CA GLY P 32 26.76 -15.63 -36.03
C GLY P 32 28.24 -15.44 -36.32
N LYS P 33 28.91 -14.58 -35.56
CA LYS P 33 30.37 -14.34 -35.73
C LYS P 33 30.96 -14.02 -34.34
N PHE P 34 32.26 -13.73 -34.29
CA PHE P 34 33.05 -13.61 -33.03
C PHE P 34 33.83 -12.30 -33.01
N ASN P 35 33.42 -11.33 -32.17
CA ASN P 35 34.27 -10.15 -31.79
C ASN P 35 35.17 -10.61 -30.65
N SER P 36 36.47 -10.67 -30.89
CA SER P 36 37.47 -11.03 -29.84
C SER P 36 37.68 -9.84 -28.90
N LYS P 37 37.39 -8.61 -29.36
CA LYS P 37 37.47 -7.37 -28.55
C LYS P 37 36.20 -7.29 -27.70
N PHE P 38 36.36 -7.09 -26.40
CA PHE P 38 35.21 -6.91 -25.48
C PHE P 38 35.75 -6.28 -24.20
N ILE P 39 35.38 -5.02 -23.97
CA ILE P 39 35.63 -4.33 -22.68
C ILE P 39 34.94 -5.20 -21.61
N THR P 40 35.59 -5.43 -20.46
CA THR P 40 34.94 -6.16 -19.34
C THR P 40 33.74 -5.31 -18.95
N THR P 41 32.57 -5.66 -19.49
CA THR P 41 31.22 -5.04 -19.30
C THR P 41 31.08 -4.25 -17.99
N VAL P 42 30.67 -2.98 -18.08
CA VAL P 42 30.47 -2.04 -16.93
C VAL P 42 28.97 -1.83 -16.69
N GLY P 43 28.15 -1.90 -17.74
CA GLY P 43 26.73 -1.50 -17.71
C GLY P 43 25.81 -2.68 -17.54
N ILE P 44 24.65 -2.63 -18.19
CA ILE P 44 23.62 -3.72 -18.25
C ILE P 44 23.01 -3.68 -19.66
N ASP P 45 23.65 -4.36 -20.61
CA ASP P 45 23.25 -4.37 -22.04
C ASP P 45 22.21 -5.48 -22.25
N PHE P 46 21.63 -5.53 -23.46
CA PHE P 46 20.97 -6.73 -24.02
C PHE P 46 20.97 -6.61 -25.54
N ARG P 47 21.06 -7.75 -26.23
CA ARG P 47 20.78 -7.88 -27.68
C ARG P 47 19.39 -8.51 -27.80
N GLU P 48 18.59 -8.06 -28.76
CA GLU P 48 17.30 -8.73 -29.10
C GLU P 48 17.32 -9.09 -30.59
N LYS P 49 16.35 -9.90 -30.99
CA LYS P 49 16.32 -10.67 -32.25
C LYS P 49 15.03 -11.50 -32.26
N THR P 50 14.37 -11.59 -33.42
CA THR P 50 13.10 -12.34 -33.61
C THR P 50 13.46 -13.72 -34.16
N ILE P 51 12.97 -14.78 -33.51
CA ILE P 51 13.21 -16.21 -33.88
C ILE P 51 11.86 -16.88 -34.11
N TYR P 52 11.83 -17.92 -34.96
CA TYR P 52 10.67 -18.82 -35.20
C TYR P 52 11.10 -20.24 -34.78
N ARG P 53 10.57 -20.75 -33.66
CA ARG P 53 10.93 -22.09 -33.10
C ARG P 53 9.81 -23.09 -33.42
N ASN P 54 8.76 -23.15 -32.58
CA ASN P 54 7.58 -24.02 -32.78
C ASN P 54 6.50 -23.21 -33.52
N ASP P 55 6.79 -22.82 -34.78
CA ASP P 55 5.90 -22.07 -35.70
C ASP P 55 5.22 -20.94 -34.93
N LYS P 56 5.99 -20.10 -34.24
CA LYS P 56 5.50 -19.03 -33.33
C LYS P 56 6.37 -17.77 -33.48
N ARG P 57 5.87 -16.65 -32.93
CA ARG P 57 6.57 -15.34 -32.87
C ARG P 57 7.44 -15.30 -31.60
N ILE P 58 8.77 -15.28 -31.73
CA ILE P 58 9.71 -15.13 -30.57
C ILE P 58 10.56 -13.88 -30.81
N LYS P 59 10.27 -12.77 -30.10
CA LYS P 59 11.20 -11.66 -29.85
C LYS P 59 12.09 -12.07 -28.66
N LEU P 60 13.21 -12.75 -28.94
CA LEU P 60 14.17 -13.23 -27.90
C LEU P 60 15.00 -12.02 -27.46
N GLN P 61 15.06 -11.79 -26.15
CA GLN P 61 15.75 -10.65 -25.52
C GLN P 61 16.86 -11.25 -24.64
N LEU P 62 18.12 -11.11 -25.09
CA LEU P 62 19.32 -11.72 -24.47
C LEU P 62 20.01 -10.70 -23.56
N TRP P 63 19.71 -10.71 -22.27
CA TRP P 63 20.26 -9.73 -21.29
C TRP P 63 21.65 -10.17 -20.81
N ASP P 64 22.63 -9.29 -20.97
CA ASP P 64 24.04 -9.48 -20.55
C ASP P 64 24.16 -8.80 -19.19
N THR P 65 25.07 -9.29 -18.34
CA THR P 65 25.35 -8.73 -16.99
C THR P 65 26.85 -8.48 -16.86
N ALA P 66 27.21 -7.64 -15.90
CA ALA P 66 28.60 -7.39 -15.46
C ALA P 66 29.04 -8.59 -14.59
N GLY P 67 30.18 -9.18 -14.94
CA GLY P 67 30.75 -10.35 -14.25
C GLY P 67 31.27 -10.03 -12.86
N LEU P 68 31.44 -8.75 -12.53
CA LEU P 68 32.10 -8.32 -11.28
C LEU P 68 31.04 -8.05 -10.21
N GLU P 69 29.90 -8.74 -10.24
CA GLU P 69 28.90 -8.68 -9.15
C GLU P 69 27.95 -9.89 -9.20
N ARG P 70 27.44 -10.26 -8.03
CA ARG P 70 26.17 -11.02 -7.80
C ARG P 70 25.04 -10.04 -7.45
N PHE P 71 25.34 -8.73 -7.42
CA PHE P 71 24.35 -7.62 -7.32
C PHE P 71 23.38 -7.72 -8.51
N ARG P 72 23.82 -8.31 -9.62
CA ARG P 72 22.92 -8.90 -10.66
C ARG P 72 21.98 -9.86 -9.92
N SER P 73 20.73 -10.02 -10.35
CA SER P 73 19.74 -10.88 -9.64
C SER P 73 19.34 -10.19 -8.32
N LEU P 74 19.94 -9.04 -8.00
CA LEU P 74 19.44 -8.05 -7.02
C LEU P 74 18.81 -6.87 -7.79
N THR P 75 18.81 -6.95 -9.13
CA THR P 75 18.29 -5.91 -10.08
C THR P 75 16.80 -5.70 -9.82
N THR P 76 16.10 -6.74 -9.36
CA THR P 76 14.71 -6.71 -8.79
C THR P 76 13.70 -6.28 -9.86
N ALA P 77 14.17 -6.02 -11.09
CA ALA P 77 13.36 -5.76 -12.29
C ALA P 77 13.96 -6.52 -13.47
N PHE P 78 15.24 -6.28 -13.77
CA PHE P 78 16.01 -6.93 -14.86
C PHE P 78 16.06 -8.45 -14.60
N PHE P 79 16.49 -8.86 -13.41
CA PHE P 79 16.48 -10.28 -12.98
C PHE P 79 15.03 -10.73 -12.79
N ARG P 80 14.22 -9.93 -12.09
CA ARG P 80 12.82 -10.25 -11.73
C ARG P 80 11.99 -10.48 -13.01
N ASP P 81 12.25 -9.72 -14.06
CA ASP P 81 11.46 -9.74 -15.33
C ASP P 81 11.90 -10.91 -16.21
N ALA P 82 13.11 -11.46 -15.99
CA ALA P 82 13.71 -12.55 -16.80
C ALA P 82 12.99 -13.88 -16.50
N MET P 83 12.90 -14.76 -17.51
CA MET P 83 12.06 -15.99 -17.49
C MET P 83 12.94 -17.25 -17.38
N GLY P 84 14.16 -17.19 -17.90
CA GLY P 84 15.18 -18.26 -17.77
C GLY P 84 16.56 -17.68 -17.56
N PHE P 85 17.53 -18.50 -17.21
CA PHE P 85 18.92 -18.08 -16.92
C PHE P 85 19.88 -18.96 -17.75
N LEU P 86 20.96 -18.36 -18.26
CA LEU P 86 22.05 -19.07 -18.99
C LEU P 86 23.37 -18.93 -18.23
N LEU P 87 23.66 -19.84 -17.29
CA LEU P 87 24.88 -19.80 -16.44
C LEU P 87 26.07 -20.32 -17.27
N LEU P 88 27.11 -19.53 -17.42
CA LEU P 88 28.37 -19.97 -18.09
C LEU P 88 29.47 -20.10 -17.05
N PHE P 89 30.53 -20.83 -17.40
CA PHE P 89 31.87 -20.78 -16.76
C PHE P 89 32.94 -21.04 -17.82
N ASP P 90 34.19 -20.72 -17.49
CA ASP P 90 35.35 -20.94 -18.38
C ASP P 90 35.95 -22.29 -18.04
N LEU P 91 36.14 -23.13 -19.05
CA LEU P 91 36.74 -24.50 -18.93
C LEU P 91 38.25 -24.38 -18.72
N THR P 92 38.79 -23.16 -18.67
CA THR P 92 40.24 -22.90 -18.50
C THR P 92 40.51 -22.13 -17.19
N ASN P 93 39.50 -21.85 -16.35
CA ASN P 93 39.79 -21.53 -14.92
C ASN P 93 38.78 -22.24 -14.00
N GLU P 94 39.32 -22.97 -13.00
CA GLU P 94 38.54 -23.85 -12.07
C GLU P 94 37.61 -22.95 -11.23
N GLU P 95 38.14 -21.80 -10.80
CA GLU P 95 37.42 -20.85 -9.90
C GLU P 95 36.02 -20.64 -10.49
N SER P 96 35.92 -20.27 -11.76
CA SER P 96 34.64 -19.98 -12.47
C SER P 96 33.70 -21.17 -12.27
N PHE P 97 34.21 -22.37 -12.54
CA PHE P 97 33.45 -23.64 -12.47
C PHE P 97 32.97 -23.88 -11.03
N LEU P 98 33.85 -23.70 -10.04
CA LEU P 98 33.55 -23.97 -8.61
C LEU P 98 32.39 -23.07 -8.13
N ASN P 99 32.27 -21.87 -8.68
CA ASN P 99 31.25 -20.86 -8.28
C ASN P 99 29.87 -21.28 -8.77
N VAL P 100 29.80 -22.16 -9.77
CA VAL P 100 28.52 -22.56 -10.42
C VAL P 100 27.54 -22.99 -9.33
N ARG P 101 28.01 -23.79 -8.37
CA ARG P 101 27.18 -24.26 -7.23
C ARG P 101 26.58 -23.02 -6.56
N ASN P 102 27.44 -22.07 -6.16
CA ASN P 102 27.03 -20.82 -5.46
C ASN P 102 26.06 -20.05 -6.37
N TRP P 103 26.28 -20.01 -7.69
CA TRP P 103 25.36 -19.35 -8.67
C TRP P 103 24.01 -20.07 -8.68
N ILE P 104 24.01 -21.37 -9.01
CA ILE P 104 22.77 -22.21 -9.12
C ILE P 104 22.02 -22.03 -7.80
N SER P 105 22.74 -22.13 -6.67
CA SER P 105 22.21 -21.91 -5.31
C SER P 105 21.43 -20.59 -5.25
N GLN P 106 22.13 -19.47 -5.43
CA GLN P 106 21.59 -18.09 -5.23
C GLN P 106 20.46 -17.83 -6.23
N LEU P 107 20.48 -18.47 -7.40
CA LEU P 107 19.38 -18.37 -8.41
C LEU P 107 18.09 -18.94 -7.79
N LYS P 108 18.14 -20.22 -7.38
CA LYS P 108 17.00 -20.95 -6.78
C LYS P 108 16.36 -20.10 -5.67
N THR P 109 17.18 -19.50 -4.82
CA THR P 109 16.73 -18.73 -3.62
C THR P 109 16.05 -17.43 -4.07
N HIS P 110 16.76 -16.59 -4.82
CA HIS P 110 16.35 -15.19 -5.15
C HIS P 110 15.41 -15.16 -6.36
N ALA P 111 15.24 -16.28 -7.07
CA ALA P 111 14.35 -16.38 -8.26
C ALA P 111 12.89 -16.52 -7.83
N TYR P 112 11.97 -16.45 -8.80
CA TYR P 112 10.50 -16.64 -8.60
C TYR P 112 10.24 -18.10 -8.20
N SER P 113 10.31 -19.03 -9.17
CA SER P 113 10.01 -20.47 -8.99
C SER P 113 11.10 -21.14 -8.13
N GLU P 114 10.73 -22.18 -7.38
CA GLU P 114 11.66 -23.03 -6.59
C GLU P 114 12.77 -23.54 -7.53
N ASN P 115 12.35 -24.17 -8.64
CA ASN P 115 13.24 -24.65 -9.74
C ASN P 115 12.98 -23.82 -10.99
N PRO P 116 13.79 -22.76 -11.23
CA PRO P 116 13.72 -22.00 -12.49
C PRO P 116 14.54 -22.65 -13.61
N ASP P 117 14.30 -22.19 -14.84
CA ASP P 117 14.79 -22.83 -16.09
C ASP P 117 16.21 -22.33 -16.38
N ILE P 118 17.20 -23.20 -16.22
CA ILE P 118 18.66 -22.88 -16.31
C ILE P 118 19.31 -23.80 -17.33
N VAL P 119 20.27 -23.28 -18.09
CA VAL P 119 21.16 -24.09 -18.98
C VAL P 119 22.62 -23.70 -18.69
N LEU P 120 23.44 -24.66 -18.26
CA LEU P 120 24.86 -24.44 -17.91
C LEU P 120 25.71 -24.62 -19.17
N CYS P 121 26.53 -23.63 -19.52
CA CYS P 121 27.51 -23.72 -20.63
C CYS P 121 28.94 -23.65 -20.06
N GLY P 122 29.80 -24.57 -20.46
CA GLY P 122 31.25 -24.50 -20.25
C GLY P 122 31.93 -23.93 -21.48
N ASN P 123 32.30 -22.66 -21.42
CA ASN P 123 32.72 -21.91 -22.63
C ASN P 123 34.22 -22.08 -22.87
N LYS P 124 34.71 -21.55 -23.99
CA LYS P 124 36.15 -21.47 -24.32
C LYS P 124 36.68 -22.91 -24.53
N SER P 125 35.85 -23.77 -25.13
CA SER P 125 36.17 -25.21 -25.37
C SER P 125 37.27 -25.31 -26.44
N ASP P 126 37.36 -24.32 -27.33
CA ASP P 126 38.40 -24.25 -28.38
C ASP P 126 39.80 -24.22 -27.73
N LEU P 127 39.91 -23.59 -26.56
CA LEU P 127 41.19 -23.51 -25.81
C LEU P 127 41.49 -24.90 -25.23
N GLU P 128 41.67 -25.89 -26.13
CA GLU P 128 41.90 -27.31 -25.78
C GLU P 128 43.16 -27.37 -24.88
N ASP P 129 44.19 -26.59 -25.23
CA ASP P 129 45.53 -26.63 -24.58
C ASP P 129 45.48 -26.09 -23.14
N GLU P 130 44.44 -25.35 -22.75
CA GLU P 130 44.35 -24.71 -21.42
C GLU P 130 43.16 -25.27 -20.64
N ARG P 131 42.56 -26.37 -21.11
CA ARG P 131 41.40 -27.00 -20.44
C ARG P 131 41.84 -27.46 -19.04
N VAL P 132 41.00 -27.19 -18.04
CA VAL P 132 41.31 -27.44 -16.60
C VAL P 132 40.13 -28.20 -15.97
N VAL P 133 38.90 -27.84 -16.32
CA VAL P 133 37.68 -28.58 -15.90
C VAL P 133 37.57 -29.84 -16.77
N ALA P 134 37.44 -30.99 -16.13
CA ALA P 134 37.22 -32.31 -16.79
C ALA P 134 35.72 -32.47 -17.08
N ALA P 135 35.40 -32.96 -18.28
CA ALA P 135 34.04 -32.98 -18.87
C ALA P 135 33.06 -33.78 -17.99
N ALA P 136 33.49 -34.92 -17.45
CA ALA P 136 32.65 -35.81 -16.63
C ALA P 136 32.20 -35.05 -15.38
N GLU P 137 33.17 -34.50 -14.65
CA GLU P 137 32.95 -33.70 -13.42
C GLU P 137 31.89 -32.63 -13.69
N ALA P 138 31.99 -31.95 -14.84
CA ALA P 138 31.00 -30.94 -15.31
C ALA P 138 29.64 -31.61 -15.46
N ARG P 139 29.58 -32.70 -16.25
CA ARG P 139 28.36 -33.49 -16.49
C ARG P 139 27.76 -33.94 -15.14
N GLN P 140 28.60 -34.38 -14.19
CA GLN P 140 28.17 -34.82 -12.84
C GLN P 140 27.46 -33.64 -12.16
N LEU P 141 28.08 -32.46 -12.17
CA LEU P 141 27.52 -31.22 -11.54
C LEU P 141 26.16 -30.93 -12.16
N ALA P 142 26.02 -31.12 -13.47
CA ALA P 142 24.75 -30.98 -14.21
C ALA P 142 23.73 -32.00 -13.69
N GLU P 143 24.19 -33.23 -13.42
CA GLU P 143 23.38 -34.33 -12.84
C GLU P 143 22.79 -33.90 -11.48
N HIS P 144 23.61 -33.55 -10.47
CA HIS P 144 23.13 -33.27 -9.08
C HIS P 144 21.99 -32.24 -9.13
N TYR P 145 21.92 -31.41 -10.17
CA TYR P 145 20.93 -30.31 -10.30
C TYR P 145 19.90 -30.60 -11.40
N GLY P 146 20.18 -31.57 -12.28
CA GLY P 146 19.25 -31.94 -13.37
C GLY P 146 18.95 -30.75 -14.26
N ILE P 147 20.00 -30.15 -14.79
CA ILE P 147 19.91 -29.06 -15.80
C ILE P 147 20.86 -29.39 -16.95
N PRO P 148 20.47 -29.03 -18.19
CA PRO P 148 21.25 -29.39 -19.38
C PRO P 148 22.64 -28.71 -19.35
N TYR P 149 23.63 -29.36 -19.97
CA TYR P 149 25.01 -28.87 -20.04
C TYR P 149 25.51 -28.94 -21.49
N PHE P 150 26.19 -27.88 -21.94
CA PHE P 150 26.85 -27.81 -23.27
C PHE P 150 28.27 -27.25 -23.11
N GLU P 151 29.21 -27.85 -23.84
CA GLU P 151 30.60 -27.34 -23.96
C GLU P 151 30.64 -26.43 -25.20
N THR P 152 30.67 -25.12 -24.95
CA THR P 152 30.45 -24.08 -25.98
C THR P 152 31.80 -23.43 -26.32
N SER P 153 31.83 -22.76 -27.47
CA SER P 153 32.88 -21.81 -27.90
C SER P 153 32.23 -20.67 -28.68
N ALA P 154 32.45 -19.43 -28.25
CA ALA P 154 31.99 -18.21 -28.96
C ALA P 154 32.93 -17.97 -30.14
N ALA P 155 34.12 -18.58 -30.13
CA ALA P 155 35.10 -18.51 -31.22
C ALA P 155 34.67 -19.41 -32.38
N ASN P 156 34.23 -20.65 -32.08
CA ASN P 156 33.83 -21.70 -33.07
C ASN P 156 32.33 -21.58 -33.39
N GLY P 157 31.52 -21.18 -32.42
CA GLY P 157 30.05 -21.28 -32.48
C GLY P 157 29.56 -22.62 -31.96
N THR P 158 30.46 -23.56 -31.68
CA THR P 158 30.11 -24.95 -31.26
C THR P 158 29.07 -24.90 -30.15
N ASN P 159 27.93 -25.54 -30.35
CA ASN P 159 26.90 -25.81 -29.30
C ASN P 159 26.25 -24.51 -28.82
N ILE P 160 26.60 -23.35 -29.38
CA ILE P 160 26.03 -22.05 -28.94
C ILE P 160 24.53 -22.07 -29.19
N SER P 161 24.14 -22.23 -30.46
CA SER P 161 22.73 -22.19 -30.93
C SER P 161 21.92 -23.26 -30.18
N GLN P 162 22.47 -24.48 -30.12
CA GLN P 162 21.88 -25.63 -29.39
C GLN P 162 21.50 -25.16 -27.99
N ALA P 163 22.51 -24.71 -27.24
CA ALA P 163 22.41 -24.25 -25.84
C ALA P 163 21.27 -23.23 -25.68
N ILE P 164 21.28 -22.13 -26.45
CA ILE P 164 20.25 -21.05 -26.32
C ILE P 164 18.88 -21.62 -26.72
N GLU P 165 18.81 -22.42 -27.80
CA GLU P 165 17.56 -23.01 -28.34
C GLU P 165 16.92 -23.90 -27.26
N MET P 166 17.75 -24.64 -26.51
CA MET P 166 17.30 -25.48 -25.36
C MET P 166 16.59 -24.58 -24.34
N LEU P 167 17.25 -23.51 -23.88
CA LEU P 167 16.70 -22.58 -22.87
C LEU P 167 15.36 -22.03 -23.39
N LEU P 168 15.29 -21.67 -24.67
CA LEU P 168 14.04 -21.18 -25.33
C LEU P 168 12.97 -22.28 -25.19
N ASP P 169 13.32 -23.52 -25.56
CA ASP P 169 12.41 -24.69 -25.56
C ASP P 169 11.90 -24.93 -24.13
N LEU P 170 12.77 -24.81 -23.12
CA LEU P 170 12.41 -25.06 -21.69
C LEU P 170 11.28 -24.11 -21.26
N ILE P 171 11.49 -22.81 -21.45
CA ILE P 171 10.56 -21.76 -20.93
C ILE P 171 9.31 -21.70 -21.80
N MET P 172 9.42 -22.04 -23.09
CA MET P 172 8.26 -22.21 -24.00
C MET P 172 7.37 -23.31 -23.43
N LYS P 173 7.96 -24.42 -22.97
CA LYS P 173 7.27 -25.54 -22.27
C LYS P 173 6.58 -25.00 -21.00
N ARG P 174 7.32 -24.26 -20.17
CA ARG P 174 6.80 -23.63 -18.92
C ARG P 174 5.60 -22.75 -19.26
N MET P 175 5.71 -21.93 -20.32
CA MET P 175 4.63 -21.01 -20.79
C MET P 175 3.40 -21.83 -21.19
N GLU P 176 3.61 -22.92 -21.94
CA GLU P 176 2.53 -23.82 -22.46
C GLU P 176 1.85 -24.55 -21.29
N ARG P 177 2.63 -25.12 -20.36
CA ARG P 177 2.15 -25.84 -19.15
C ARG P 177 1.15 -24.95 -18.38
N SER P 178 1.36 -23.63 -18.39
CA SER P 178 0.42 -22.60 -17.85
C SER P 178 -0.65 -22.25 -18.90
#